data_2W55
#
_entry.id   2W55
#
_cell.length_a   92.741
_cell.length_b   140.568
_cell.length_c   157.606
_cell.angle_alpha   109.45
_cell.angle_beta   106.10
_cell.angle_gamma   101.09
#
_symmetry.space_group_name_H-M   'P 1'
#
loop_
_entity.id
_entity.type
_entity.pdbx_description
1 polymer 'XANTHINE DEHYDROGENASE'
2 polymer 'XANTHINE DEHYDROGENASE'
3 non-polymer 'FE2/S2 (INORGANIC) CLUSTER'
4 non-polymer 'FLAVIN-ADENINE DINUCLEOTIDE'
5 non-polymer '{[(5aR,8R,9aR)-2-amino-4-oxo-6,7-di(sulfanyl-kappaS)-3,5,5a,8,9a,10-hexahydro-4H-pyrano[3,2-g]pteridin-8-yl]methyl dihydrogenato(2-) phosphate}(hydroxy)oxo(thioxo)molybdenum'
6 non-polymer 'BARIUM ION'
7 non-polymer HYPOXANTHINE
8 water water
#
loop_
_entity_poly.entity_id
_entity_poly.type
_entity_poly.pdbx_seq_one_letter_code
_entity_poly.pdbx_strand_id
1 'polypeptide(L)'
;MEIAFLLNGETRRVRIEDPTQSLLEWLRAEGLTGTKEGCNEGDCGACTVMIRDAAGSRAVNACLMMLPQIAGKALRTIEG
IAAPDGRLHPVQQAMIDHHGSQCGFCTPGFIVSMAAAHDRDRKDYDDLLAGNLCRCTGYAPILRAAEAAAGEPPADWLQA
DAAFTLAQLSSGVRGQTAPAFLPETSDALADWYLAHPEATLIAGGTDVSLWVTKALRDLPEVAFLSHCKDLAQIRETPDG
YGIGAGVTIAALRAFAEGPHPALAGLLRRFASEQVRQVATIGGNIANGSPIGDGPPALIAMGASLTLRRGQERRRMPLED
FFLEYRKQDRRPGEFVESVTLPKSAPGLRCYKLSKRFDQDISAVCGCLNLTLKGSKIETARIAFGGMAGVPKRAAAFEAA
LIGQDFREDTIAAALPLLAQDFTPLSDMRASAAYRMNAAQAMALRYVRELSGEAVAVLEVMP
;
A,C,E,G
2 'polypeptide(L)'
;MSVGKPLPHDSARAHVTGQARYLDDLPCPANTLHLAFGLSTEASAAITGLDLEPVRESPGVIAVFTAADLPHDNDASPAP
SPEPVLATGEVHFVGQPIFLVAATSHRAARIAARKARITYAPRPAILTLDQALAADSRFEGGPVIWARGDVETALAGAAH
LAEGCFEIGGQEHFYLEGQAALALPAEGGVVIHCSSQHPSEIQHKVAHALGLAFHDVRVEMRRMGGGFGGKQSQGNHLAI
ACAVAARATGRPCKMRYDRDDDMVITGKRHDFRIRYRIGADASGKLLGADFVHLARCGWSADLSLPVCDRAMLHADGSYF
VPALRIESHRLRTNTQSNTAFRGFGGPQGALGMERAIEHLARGMGRDPAELRALNFYDPPERGGLSAPPSPPEPIATKKT
QTTHYGQEVADCVLGELVTRLQKSANFTTRRAEIAAWNSTNRTLARGIALSPVKFGISFTLTHLNQAGALVQIYTDGSVA
LNHGGTEMGQGLHAKMVQVAAAVLGIDPVQVRITATDTSKVPNTSATAASSGADMNGMAVKDACETLRGRLAGFVAAREG
CAARDVIFDAGQVQASGKSWRFAEIVAAAYMARISLSATGFYATPKLSWDRLRGQGRPFLYFAYGAAITEVVIDRLTGEN
RILRTDILHDAGASLNPALDIGQIEGAYVQGAGWLTTEELVWDHCGRLMTHAPSTYKIPAFSDRPRIFNVALWDQPNREE
TIFRSKAVGEPPFLLGISAFLALHDACAACGPHWPDLQAPATPEAVLAAVRRAEGRA
;
B,D,F,H
#
loop_
_chem_comp.id
_chem_comp.type
_chem_comp.name
_chem_comp.formula
BA non-polymer 'BARIUM ION' 'Ba 2'
FAD non-polymer 'FLAVIN-ADENINE DINUCLEOTIDE' 'C27 H33 N9 O15 P2'
FES non-polymer 'FE2/S2 (INORGANIC) CLUSTER' 'Fe2 S2'
HPA non-polymer HYPOXANTHINE 'C5 H4 N4 O'
XAX non-polymer '{[(5aR,8R,9aR)-2-amino-4-oxo-6,7-di(sulfanyl-kappaS)-3,5,5a,8,9a,10-hexahydro-4H-pyrano[3,2-g]pteridin-8-yl]methyl dihydrogenato(2-) phosphate}(hydroxy)oxo(thioxo)molybdenum' 'C10 H13 Mo N5 O8 P S3'
#
# COMPACT_ATOMS: atom_id res chain seq x y z
N MET A 1 45.42 18.65 3.42
CA MET A 1 44.89 19.60 4.45
C MET A 1 45.08 19.02 5.84
N GLU A 2 45.54 19.85 6.78
CA GLU A 2 45.80 19.41 8.15
C GLU A 2 45.01 20.21 9.19
N ILE A 3 44.36 19.51 10.11
CA ILE A 3 43.74 20.15 11.28
C ILE A 3 44.18 19.50 12.59
N ALA A 4 44.28 20.30 13.65
CA ALA A 4 44.70 19.81 14.95
C ALA A 4 43.64 20.08 16.01
N PHE A 5 43.64 19.25 17.05
CA PHE A 5 42.70 19.37 18.18
C PHE A 5 43.21 18.62 19.41
N LEU A 6 42.50 18.79 20.52
CA LEU A 6 42.88 18.15 21.78
C LEU A 6 42.00 16.93 22.10
N LEU A 7 42.50 15.74 21.75
CA LEU A 7 41.78 14.50 22.00
C LEU A 7 42.14 13.91 23.36
N ASN A 8 41.19 14.02 24.29
CA ASN A 8 41.33 13.49 25.64
C ASN A 8 42.69 13.78 26.25
N GLY A 9 43.05 15.07 26.29
CA GLY A 9 44.31 15.51 26.89
C GLY A 9 45.47 15.56 25.94
N GLU A 10 45.65 14.48 25.16
CA GLU A 10 46.71 14.40 24.16
C GLU A 10 46.49 15.45 23.08
N THR A 11 47.58 16.04 22.59
CA THR A 11 47.51 16.94 21.43
C THR A 11 47.61 16.08 20.18
N ARG A 12 46.63 16.22 19.28
CA ARG A 12 46.61 15.42 18.06
C ARG A 12 46.44 16.26 16.79
N ARG A 13 47.24 15.96 15.78
CA ARG A 13 47.07 16.54 14.45
C ARG A 13 46.60 15.46 13.49
N VAL A 14 45.79 15.85 12.50
CA VAL A 14 45.15 14.92 11.55
C VAL A 14 45.18 15.50 10.12
N ARG A 15 45.35 14.62 9.14
CA ARG A 15 45.35 15.02 7.73
C ARG A 15 44.00 14.75 7.05
N ILE A 16 43.27 15.83 6.76
CA ILE A 16 41.98 15.73 6.08
C ILE A 16 42.20 15.47 4.61
N GLU A 17 41.68 14.33 4.14
CA GLU A 17 41.71 13.94 2.73
C GLU A 17 40.29 13.61 2.28
N ASP A 18 39.46 13.22 3.25
CA ASP A 18 38.01 13.14 3.09
C ASP A 18 37.39 14.09 4.12
N PRO A 19 36.76 15.18 3.64
CA PRO A 19 36.23 16.21 4.54
C PRO A 19 34.89 15.85 5.19
N THR A 20 34.22 14.85 4.64
CA THR A 20 32.86 14.53 5.04
C THR A 20 32.76 13.30 5.98
N GLN A 21 33.91 12.75 6.36
CA GLN A 21 33.97 11.66 7.32
C GLN A 21 33.56 12.17 8.70
N SER A 22 32.51 11.59 9.26
CA SER A 22 32.02 12.05 10.56
C SER A 22 33.06 11.81 11.65
N LEU A 23 32.81 12.38 12.82
CA LEU A 23 33.71 12.23 13.96
C LEU A 23 33.52 10.87 14.60
N LEU A 24 32.27 10.37 14.57
CA LEU A 24 31.98 9.02 15.04
C LEU A 24 32.86 8.04 14.28
N GLU A 25 32.87 8.19 12.95
CA GLU A 25 33.72 7.39 12.05
C GLU A 25 35.17 7.42 12.52
N TRP A 26 35.75 8.63 12.54
CA TRP A 26 37.15 8.81 12.87
C TRP A 26 37.52 8.10 14.17
N LEU A 27 36.78 8.38 15.23
CA LEU A 27 37.07 7.79 16.54
C LEU A 27 37.06 6.26 16.52
N ARG A 28 35.95 5.67 16.07
CA ARG A 28 35.87 4.21 16.03
C ARG A 28 36.97 3.63 15.15
N ALA A 29 37.24 4.28 14.01
CA ALA A 29 38.31 3.83 13.10
C ALA A 29 39.67 3.90 13.79
N GLU A 30 39.86 4.95 14.59
CA GLU A 30 41.09 5.15 15.36
C GLU A 30 41.22 4.17 16.52
N GLY A 31 40.08 3.69 17.01
CA GLY A 31 40.08 2.69 18.06
C GLY A 31 39.24 3.05 19.26
N LEU A 32 38.83 4.32 19.32
CA LEU A 32 38.01 4.83 20.43
C LEU A 32 36.61 4.23 20.37
N THR A 33 36.56 2.96 20.74
CA THR A 33 35.39 2.09 20.62
C THR A 33 34.28 2.44 21.62
N GLY A 34 34.62 3.28 22.59
CA GLY A 34 33.68 3.75 23.62
C GLY A 34 32.51 4.58 23.10
N THR A 35 32.75 5.35 22.04
CA THR A 35 31.71 6.04 21.28
C THR A 35 31.00 4.99 20.42
N LYS A 36 29.68 4.90 20.52
CA LYS A 36 28.92 3.83 19.89
C LYS A 36 28.09 4.29 18.69
N GLU A 37 27.51 3.34 17.98
CA GLU A 37 26.57 3.66 16.90
C GLU A 37 25.13 3.25 17.26
N GLY A 38 24.22 4.18 17.02
CA GLY A 38 22.79 3.98 17.27
C GLY A 38 21.92 4.09 16.04
N CYS A 39 22.32 4.95 15.09
CA CYS A 39 21.55 5.16 13.86
C CYS A 39 22.24 6.02 12.80
N ASN A 40 23.11 6.93 13.23
CA ASN A 40 23.63 8.01 12.37
C ASN A 40 22.52 8.88 11.77
N GLU A 41 21.64 9.36 12.65
CA GLU A 41 20.57 10.31 12.32
C GLU A 41 20.43 11.35 13.43
N GLY A 42 21.23 11.19 14.49
CA GLY A 42 21.34 12.17 15.58
C GLY A 42 20.35 12.03 16.73
N ASP A 43 19.47 11.03 16.63
CA ASP A 43 18.28 10.95 17.47
C ASP A 43 18.47 10.32 18.84
N CYS A 44 19.53 9.51 18.99
CA CYS A 44 19.68 8.69 20.20
C CYS A 44 20.91 8.95 21.08
N GLY A 45 21.73 9.94 20.68
CA GLY A 45 22.89 10.38 21.48
C GLY A 45 23.83 9.31 22.03
N ALA A 46 23.82 8.14 21.40
CA ALA A 46 24.70 7.03 21.75
C ALA A 46 26.17 7.39 21.53
N CYS A 47 26.37 8.56 20.93
CA CYS A 47 27.70 9.04 20.54
C CYS A 47 27.95 10.49 20.99
N THR A 48 27.21 10.94 22.01
CA THR A 48 27.44 12.27 22.56
C THR A 48 28.90 12.39 22.99
N VAL A 49 29.63 13.27 22.31
CA VAL A 49 30.99 13.63 22.70
C VAL A 49 31.01 15.00 23.40
N MET A 50 32.16 15.40 23.92
CA MET A 50 32.30 16.72 24.50
C MET A 50 33.37 17.50 23.77
N ILE A 51 32.97 18.66 23.26
CA ILE A 51 33.90 19.61 22.65
C ILE A 51 34.05 20.87 23.53
N ARG A 52 35.12 21.62 23.29
CA ARG A 52 35.41 22.84 24.03
C ARG A 52 36.22 23.81 23.16
N ASP A 53 35.91 25.09 23.32
CA ASP A 53 36.61 26.14 22.60
C ASP A 53 36.55 27.44 23.40
N ALA A 54 36.70 28.57 22.71
CA ALA A 54 36.63 29.89 23.33
C ALA A 54 35.26 30.15 23.97
N ALA A 55 34.23 29.51 23.43
CA ALA A 55 32.86 29.65 23.91
C ALA A 55 32.62 28.96 25.26
N GLY A 56 33.11 27.74 25.38
CA GLY A 56 32.87 26.91 26.57
C GLY A 56 32.70 25.47 26.17
N SER A 57 32.32 24.63 27.11
CA SER A 57 32.18 23.20 26.83
C SER A 57 30.77 22.80 26.42
N ARG A 58 30.67 22.00 25.36
CA ARG A 58 29.40 21.65 24.75
C ARG A 58 29.30 20.16 24.42
N ALA A 59 28.08 19.62 24.43
CA ALA A 59 27.84 18.20 24.16
C ALA A 59 27.17 17.99 22.80
N VAL A 60 27.83 17.24 21.93
CA VAL A 60 27.38 17.10 20.54
C VAL A 60 27.40 15.64 20.09
N ASN A 61 26.62 15.33 19.05
CA ASN A 61 26.64 14.01 18.42
C ASN A 61 27.81 13.92 17.45
N ALA A 62 28.69 12.96 17.69
CA ALA A 62 29.88 12.77 16.86
C ALA A 62 29.53 12.30 15.44
N CYS A 63 28.31 11.81 15.26
CA CYS A 63 27.88 11.26 13.96
C CYS A 63 27.41 12.30 12.96
N LEU A 64 27.11 13.50 13.46
CA LEU A 64 26.73 14.65 12.63
C LEU A 64 27.93 15.56 12.37
N MET A 65 28.97 15.38 13.18
CA MET A 65 30.14 16.24 13.17
C MET A 65 31.22 15.82 12.17
N MET A 66 31.42 16.64 11.15
CA MET A 66 32.52 16.46 10.19
C MET A 66 33.82 16.93 10.82
N LEU A 67 34.90 16.19 10.62
CA LEU A 67 36.21 16.49 11.22
C LEU A 67 36.69 17.95 11.09
N PRO A 68 36.63 18.53 9.86
CA PRO A 68 37.10 19.92 9.72
C PRO A 68 36.33 20.94 10.56
N GLN A 69 35.41 20.47 11.41
CA GLN A 69 34.68 21.34 12.34
C GLN A 69 35.36 21.43 13.71
N ILE A 70 35.96 20.32 14.15
CA ILE A 70 36.63 20.27 15.45
C ILE A 70 38.06 20.83 15.36
N ALA A 71 38.38 21.42 14.21
CA ALA A 71 39.64 22.11 14.00
C ALA A 71 39.84 23.19 15.06
N GLY A 72 40.87 23.02 15.89
CA GLY A 72 41.23 24.00 16.92
C GLY A 72 40.50 23.85 18.24
N LYS A 73 39.58 22.88 18.31
CA LYS A 73 38.73 22.65 19.49
C LYS A 73 39.41 21.76 20.53
N ALA A 74 38.65 21.36 21.55
CA ALA A 74 39.10 20.39 22.54
C ALA A 74 38.03 19.31 22.68
N LEU A 75 38.39 18.10 22.28
CA LEU A 75 37.45 16.97 22.25
C LEU A 75 37.66 16.00 23.41
N ARG A 76 36.56 15.63 24.05
CA ARG A 76 36.60 14.62 25.09
C ARG A 76 35.57 13.54 24.78
N THR A 77 36.05 12.32 24.56
CA THR A 77 35.20 11.15 24.34
C THR A 77 35.04 10.40 25.66
N ILE A 78 34.11 9.45 25.69
CA ILE A 78 33.83 8.66 26.91
C ILE A 78 35.09 8.06 27.56
N GLU A 79 35.95 7.44 26.74
CA GLU A 79 37.20 6.85 27.24
C GLU A 79 38.14 7.89 27.87
N GLY A 80 37.76 9.15 27.79
CA GLY A 80 38.56 10.21 28.38
C GLY A 80 37.83 11.08 29.38
N ILE A 81 36.70 10.60 29.91
CA ILE A 81 35.97 11.36 30.93
C ILE A 81 36.68 11.30 32.28
N ALA A 82 36.98 10.07 32.71
CA ALA A 82 37.69 9.83 33.97
C ALA A 82 39.07 10.51 34.02
N ALA A 83 39.57 10.73 35.23
CA ALA A 83 40.88 11.33 35.46
C ALA A 83 41.99 10.42 34.95
N PRO A 84 43.10 11.01 34.47
CA PRO A 84 44.24 10.25 33.94
C PRO A 84 44.84 9.26 34.95
N ASP A 85 44.77 9.62 36.24
CA ASP A 85 45.24 8.73 37.30
C ASP A 85 44.36 7.50 37.48
N GLY A 86 43.09 7.60 37.06
CA GLY A 86 42.16 6.47 37.09
C GLY A 86 40.86 6.73 37.86
N ARG A 87 40.83 7.85 38.57
CA ARG A 87 39.67 8.22 39.36
C ARG A 87 38.50 8.60 38.45
N LEU A 88 37.31 8.11 38.80
CA LEU A 88 36.10 8.36 38.01
C LEU A 88 35.52 9.75 38.26
N HIS A 89 34.95 10.33 37.21
CA HIS A 89 34.19 11.57 37.30
C HIS A 89 33.02 11.37 38.27
N PRO A 90 32.69 12.39 39.09
CA PRO A 90 31.55 12.32 40.00
C PRO A 90 30.28 11.79 39.34
N VAL A 91 30.17 12.02 38.03
CA VAL A 91 29.09 11.50 37.19
C VAL A 91 29.14 9.97 37.02
N GLN A 92 30.33 9.43 36.78
CA GLN A 92 30.53 7.99 36.61
C GLN A 92 30.18 7.19 37.86
N GLN A 93 30.67 7.64 39.01
CA GLN A 93 30.37 7.03 40.29
C GLN A 93 28.88 7.06 40.64
N ALA A 94 28.29 8.25 40.63
CA ALA A 94 26.86 8.43 40.88
C ALA A 94 26.02 7.51 39.98
N MET A 95 26.47 7.31 38.75
CA MET A 95 25.79 6.42 37.82
C MET A 95 25.99 4.93 38.15
N ILE A 96 27.11 4.61 38.79
CA ILE A 96 27.34 3.25 39.26
C ILE A 96 26.45 3.00 40.48
N ASP A 97 26.46 3.96 41.41
CA ASP A 97 25.72 3.86 42.67
C ASP A 97 24.23 3.78 42.42
N HIS A 98 23.71 4.67 41.59
CA HIS A 98 22.27 4.77 41.40
C HIS A 98 21.78 3.93 40.24
N HIS A 99 22.57 2.91 39.89
CA HIS A 99 22.25 1.94 38.84
C HIS A 99 21.71 2.57 37.55
N GLY A 100 22.47 3.51 37.00
CA GLY A 100 22.09 4.14 35.74
C GLY A 100 22.41 3.25 34.55
N SER A 101 22.77 2.00 34.84
CA SER A 101 23.20 1.06 33.83
C SER A 101 22.37 -0.20 33.84
N GLN A 102 21.99 -0.67 32.66
CA GLN A 102 21.46 -2.01 32.52
C GLN A 102 22.19 -2.75 31.40
N CYS A 103 21.91 -2.39 30.15
CA CYS A 103 22.64 -3.00 29.03
C CYS A 103 23.99 -2.31 28.82
N GLY A 104 24.07 -1.06 29.28
CA GLY A 104 25.31 -0.29 29.23
C GLY A 104 25.57 0.48 27.93
N PHE A 105 24.72 0.27 26.93
CA PHE A 105 24.98 0.87 25.64
C PHE A 105 24.87 2.40 25.63
N CYS A 106 23.73 2.95 26.04
CA CYS A 106 23.56 4.40 26.03
C CYS A 106 24.43 5.10 27.09
N THR A 107 24.96 4.32 28.02
CA THR A 107 25.75 4.84 29.13
C THR A 107 26.90 5.79 28.73
N PRO A 108 27.75 5.39 27.75
CA PRO A 108 28.82 6.32 27.35
C PRO A 108 28.27 7.69 26.96
N GLY A 109 27.16 7.70 26.22
CA GLY A 109 26.51 8.93 25.75
C GLY A 109 26.09 9.83 26.89
N PHE A 110 25.35 9.26 27.84
CA PHE A 110 24.92 9.97 29.05
C PHE A 110 26.09 10.50 29.87
N ILE A 111 27.07 9.64 30.12
CA ILE A 111 28.26 10.01 30.88
C ILE A 111 28.87 11.27 30.31
N VAL A 112 29.17 11.24 29.02
CA VAL A 112 29.70 12.41 28.31
C VAL A 112 28.73 13.57 28.42
N SER A 113 27.45 13.31 28.21
CA SER A 113 26.40 14.33 28.21
C SER A 113 26.23 14.95 29.61
N MET A 114 26.25 14.11 30.64
CA MET A 114 26.16 14.56 32.03
C MET A 114 27.43 15.28 32.46
N ALA A 115 28.58 14.78 32.04
CA ALA A 115 29.87 15.38 32.35
C ALA A 115 29.97 16.83 31.86
N ALA A 116 29.50 17.08 30.63
CA ALA A 116 29.50 18.41 30.04
C ALA A 116 28.52 19.33 30.77
N ALA A 117 27.40 18.76 31.22
CA ALA A 117 26.44 19.48 32.04
C ALA A 117 27.11 19.82 33.36
N HIS A 118 27.73 18.81 33.98
CA HIS A 118 28.45 18.95 35.24
C HIS A 118 29.51 20.04 35.17
N ASP A 119 30.25 20.08 34.06
CA ASP A 119 31.33 21.04 33.84
C ASP A 119 30.81 22.48 33.73
N ARG A 120 29.85 22.70 32.83
CA ARG A 120 29.24 24.02 32.65
C ARG A 120 28.24 24.33 33.77
N ASP A 121 28.21 23.45 34.78
CA ASP A 121 27.29 23.54 35.93
C ASP A 121 25.84 23.74 35.50
N ARG A 122 25.33 22.78 34.73
CA ARG A 122 23.97 22.84 34.23
C ARG A 122 23.14 21.79 34.96
N LYS A 123 21.84 22.05 35.11
CA LYS A 123 20.99 21.18 35.91
C LYS A 123 19.65 20.77 35.28
N ASP A 124 19.30 21.34 34.13
CA ASP A 124 18.03 21.00 33.48
C ASP A 124 18.11 19.68 32.72
N TYR A 125 18.40 18.62 33.47
CA TYR A 125 18.64 17.27 32.95
C TYR A 125 17.54 16.79 32.01
N ASP A 126 16.31 17.21 32.28
CA ASP A 126 15.17 16.93 31.41
C ASP A 126 15.47 17.31 29.97
N ASP A 127 15.83 18.57 29.77
CA ASP A 127 16.15 19.08 28.43
C ASP A 127 17.56 18.67 28.01
N LEU A 128 18.47 18.61 28.99
CA LEU A 128 19.88 18.32 28.77
C LEU A 128 20.16 16.92 28.28
N LEU A 129 19.46 15.94 28.86
CA LEU A 129 19.67 14.54 28.51
C LEU A 129 18.59 13.99 27.58
N ALA A 130 17.77 14.90 27.05
CA ALA A 130 16.71 14.55 26.11
C ALA A 130 17.25 13.99 24.78
N GLY A 131 18.53 14.25 24.51
CA GLY A 131 19.19 13.77 23.29
C GLY A 131 19.45 12.28 23.26
N ASN A 132 20.32 11.82 24.17
CA ASN A 132 20.55 10.39 24.35
C ASN A 132 19.39 9.69 25.04
N LEU A 133 18.82 8.71 24.35
CA LEU A 133 17.70 7.95 24.88
C LEU A 133 18.13 6.55 25.28
N CYS A 134 17.41 5.99 26.26
CA CYS A 134 17.66 4.65 26.77
C CYS A 134 16.37 3.81 26.78
N ARG A 135 16.49 2.57 26.33
CA ARG A 135 15.38 1.64 26.31
C ARG A 135 15.16 1.02 27.71
N CYS A 136 16.24 0.86 28.45
CA CYS A 136 16.34 -0.05 29.60
C CYS A 136 15.79 0.38 30.94
N THR A 137 16.18 1.57 31.43
CA THR A 137 16.03 1.86 32.85
C THR A 137 14.89 2.78 33.26
N GLY A 138 14.35 3.54 32.32
CA GLY A 138 13.26 4.49 32.63
C GLY A 138 13.72 5.84 33.16
N TYR A 139 15.02 6.10 33.01
CA TYR A 139 15.64 7.40 33.27
C TYR A 139 15.68 7.83 34.74
N ALA A 140 14.72 7.37 35.53
CA ALA A 140 14.68 7.66 36.96
C ALA A 140 16.02 7.41 37.69
N PRO A 141 16.69 6.26 37.44
CA PRO A 141 18.00 6.02 38.02
C PRO A 141 19.05 7.03 37.57
N ILE A 142 19.04 7.37 36.28
CA ILE A 142 19.95 8.39 35.74
C ILE A 142 19.69 9.77 36.37
N LEU A 143 18.43 10.10 36.57
CA LEU A 143 18.05 11.39 37.14
C LEU A 143 18.51 11.54 38.60
N ARG A 144 18.37 10.47 39.39
CA ARG A 144 18.90 10.43 40.75
C ARG A 144 20.41 10.62 40.73
N ALA A 145 21.06 9.84 39.87
CA ALA A 145 22.50 9.87 39.71
C ALA A 145 23.01 11.27 39.41
N ALA A 146 22.42 11.90 38.39
CA ALA A 146 22.84 13.24 37.94
C ALA A 146 22.69 14.28 39.05
N GLU A 147 21.70 14.09 39.90
CA GLU A 147 21.45 15.00 41.02
C GLU A 147 22.45 14.79 42.15
N ALA A 148 22.88 13.54 42.34
CA ALA A 148 23.89 13.19 43.33
C ALA A 148 25.27 13.61 42.87
N ALA A 149 25.52 13.49 41.57
CA ALA A 149 26.79 13.87 40.97
C ALA A 149 26.92 15.38 40.88
N ALA A 150 25.79 16.05 40.98
CA ALA A 150 25.72 17.52 40.94
C ALA A 150 26.47 18.16 42.10
N GLY A 151 26.28 17.61 43.30
CA GLY A 151 26.87 18.15 44.53
C GLY A 151 28.38 18.17 44.56
N GLU A 152 28.99 17.22 43.83
CA GLU A 152 30.45 17.10 43.78
C GLU A 152 31.10 18.16 42.87
N PRO A 153 32.27 18.70 43.30
CA PRO A 153 33.02 19.71 42.53
C PRO A 153 33.32 19.26 41.10
N PRO A 154 33.48 20.23 40.17
CA PRO A 154 33.73 19.92 38.76
C PRO A 154 35.03 19.17 38.53
N ALA A 155 35.09 18.37 37.47
CA ALA A 155 36.29 17.63 37.11
C ALA A 155 37.40 18.58 36.67
N ASP A 156 38.40 18.74 37.53
CA ASP A 156 39.48 19.70 37.29
C ASP A 156 40.41 19.32 36.13
N TRP A 157 40.44 18.04 35.79
CA TRP A 157 41.23 17.59 34.64
C TRP A 157 40.55 17.93 33.32
N LEU A 158 39.23 17.78 33.25
CA LEU A 158 38.45 18.20 32.09
C LEU A 158 38.58 19.71 31.87
N GLN A 159 38.62 20.45 32.98
CA GLN A 159 38.80 21.90 32.98
C GLN A 159 40.10 22.31 32.28
N ALA A 160 41.10 21.44 32.33
CA ALA A 160 42.46 21.71 31.83
C ALA A 160 42.53 21.90 30.32
N ASP A 161 41.53 21.40 29.63
CA ASP A 161 41.43 21.50 28.17
C ASP A 161 41.23 22.93 27.66
N ALA A 162 40.75 23.80 28.55
CA ALA A 162 40.45 25.19 28.22
C ALA A 162 41.65 25.95 27.65
N ALA A 163 42.83 25.66 28.18
CA ALA A 163 44.05 26.37 27.82
C ALA A 163 44.57 26.04 26.41
N PHE A 164 43.79 25.28 25.64
CA PHE A 164 44.25 24.79 24.34
C PHE A 164 44.28 25.84 23.22
N THR A 165 45.41 25.87 22.50
CA THR A 165 45.70 26.76 21.35
C THR A 165 45.59 28.27 21.60
N LEU A 166 45.41 28.64 22.87
CA LEU A 166 45.26 30.04 23.26
C LEU A 166 46.64 30.70 23.41
N PRO A 179 41.14 22.22 -0.73
CA PRO A 179 40.75 20.87 -0.31
C PRO A 179 39.31 20.81 0.22
N ALA A 180 38.93 21.82 1.02
CA ALA A 180 37.58 21.95 1.58
C ALA A 180 37.49 23.27 2.35
N PHE A 181 37.14 24.34 1.64
CA PHE A 181 37.16 25.71 2.16
C PHE A 181 36.61 25.90 3.59
N LEU A 182 37.38 26.59 4.41
CA LEU A 182 36.94 27.06 5.73
C LEU A 182 37.16 28.57 5.84
N PRO A 183 36.08 29.38 5.77
CA PRO A 183 36.23 30.82 5.86
C PRO A 183 36.39 31.30 7.29
N GLU A 184 37.01 32.46 7.47
CA GLU A 184 37.23 33.06 8.78
C GLU A 184 36.48 34.38 8.90
N THR A 185 36.24 35.02 7.75
CA THR A 185 35.46 36.26 7.68
C THR A 185 34.31 36.13 6.67
N SER A 186 33.19 36.78 6.96
CA SER A 186 31.99 36.73 6.11
C SER A 186 32.24 37.20 4.68
N ASP A 187 33.10 38.20 4.53
CA ASP A 187 33.58 38.65 3.22
C ASP A 187 34.23 37.48 2.48
N ALA A 188 35.21 36.86 3.13
CA ALA A 188 35.96 35.77 2.54
C ALA A 188 35.06 34.63 2.09
N LEU A 189 33.89 34.52 2.71
CA LEU A 189 32.90 33.53 2.30
C LEU A 189 32.19 33.96 1.02
N ALA A 190 31.62 35.16 1.02
CA ALA A 190 30.95 35.73 -0.15
C ALA A 190 31.92 35.78 -1.33
N ASP A 191 33.17 36.14 -1.01
CA ASP A 191 34.28 36.11 -1.95
C ASP A 191 34.33 34.77 -2.68
N TRP A 192 34.44 33.69 -1.90
CA TRP A 192 34.58 32.33 -2.41
C TRP A 192 33.29 31.79 -3.01
N TYR A 193 32.16 32.11 -2.37
CA TYR A 193 30.87 31.61 -2.81
C TYR A 193 30.35 32.33 -4.05
N LEU A 194 31.01 33.43 -4.40
CA LEU A 194 30.73 34.16 -5.64
C LEU A 194 31.21 33.39 -6.88
N ALA A 195 32.24 32.57 -6.70
CA ALA A 195 32.87 31.82 -7.79
C ALA A 195 32.47 30.34 -7.80
N HIS A 196 31.91 29.88 -6.68
CA HIS A 196 31.50 28.49 -6.54
C HIS A 196 30.03 28.41 -6.16
N PRO A 197 29.14 28.50 -7.18
CA PRO A 197 27.70 28.44 -6.91
C PRO A 197 27.22 27.03 -6.57
N GLU A 198 27.73 26.03 -7.28
CA GLU A 198 27.39 24.61 -7.06
C GLU A 198 28.22 24.00 -5.91
N ALA A 199 28.40 24.77 -4.84
CA ALA A 199 29.20 24.34 -3.69
C ALA A 199 28.31 23.97 -2.51
N THR A 200 28.57 22.79 -1.94
CA THR A 200 27.80 22.31 -0.80
C THR A 200 28.25 22.98 0.50
N LEU A 201 27.39 23.84 1.03
CA LEU A 201 27.68 24.60 2.23
C LEU A 201 27.33 23.80 3.48
N ILE A 202 28.27 23.70 4.43
CA ILE A 202 28.01 23.04 5.71
C ILE A 202 28.17 24.01 6.88
N ALA A 203 27.06 24.31 7.55
CA ALA A 203 27.08 25.09 8.78
C ALA A 203 27.19 24.11 9.94
N GLY A 204 26.06 23.82 10.58
CA GLY A 204 26.01 22.84 11.67
C GLY A 204 26.19 21.42 11.17
N GLY A 205 25.78 21.19 9.92
CA GLY A 205 25.89 19.87 9.28
C GLY A 205 24.86 18.87 9.76
N THR A 206 23.81 19.34 10.42
CA THR A 206 22.79 18.45 10.97
C THR A 206 21.75 18.01 9.94
N ASP A 207 21.85 18.55 8.73
CA ASP A 207 21.02 18.09 7.63
C ASP A 207 21.84 17.62 6.43
N VAL A 208 23.02 18.20 6.25
CA VAL A 208 23.91 17.81 5.17
C VAL A 208 24.56 16.45 5.45
N SER A 209 24.84 16.14 6.73
CA SER A 209 25.49 14.87 7.09
C SER A 209 24.53 13.69 7.02
N LEU A 210 23.23 13.97 7.05
CA LEU A 210 22.23 12.92 6.86
C LEU A 210 22.11 12.53 5.38
N TRP A 211 22.73 13.31 4.51
CA TRP A 211 22.82 12.96 3.10
C TRP A 211 24.01 12.05 2.84
N VAL A 212 25.02 12.13 3.71
CA VAL A 212 26.24 11.35 3.54
C VAL A 212 26.17 10.01 4.29
N THR A 213 25.55 10.02 5.47
CA THR A 213 25.46 8.85 6.34
C THR A 213 24.27 7.95 5.95
N LYS A 214 23.12 8.58 5.71
CA LYS A 214 21.89 7.84 5.39
C LYS A 214 21.66 7.76 3.88
N ALA A 215 21.63 8.91 3.21
CA ALA A 215 21.39 8.97 1.77
C ALA A 215 22.62 8.59 0.93
N LEU A 216 23.77 8.43 1.60
CA LEU A 216 25.05 8.05 0.97
C LEU A 216 25.37 8.86 -0.30
N ARG A 217 25.66 10.15 -0.11
CA ARG A 217 25.94 11.08 -1.22
C ARG A 217 27.34 11.71 -1.18
N ASP A 218 28.00 11.75 -2.34
CA ASP A 218 29.31 12.38 -2.48
C ASP A 218 29.16 13.85 -2.84
N LEU A 219 29.90 14.70 -2.16
CA LEU A 219 29.80 16.13 -2.40
C LEU A 219 31.16 16.84 -2.36
N PRO A 220 31.84 16.93 -3.52
CA PRO A 220 32.97 17.85 -3.65
C PRO A 220 32.52 19.31 -3.56
N GLU A 221 33.48 20.23 -3.45
CA GLU A 221 33.24 21.66 -3.14
C GLU A 221 32.38 21.89 -1.88
N VAL A 222 33.07 21.87 -0.75
CA VAL A 222 32.43 22.01 0.55
C VAL A 222 33.03 23.17 1.32
N ALA A 223 32.20 23.87 2.09
CA ALA A 223 32.65 25.02 2.86
C ALA A 223 32.02 25.09 4.25
N PHE A 224 32.85 25.00 5.28
CA PHE A 224 32.38 25.01 6.65
C PHE A 224 32.22 26.43 7.18
N LEU A 225 30.97 26.86 7.33
CA LEU A 225 30.70 28.21 7.81
C LEU A 225 30.84 28.28 9.33
N SER A 226 31.07 27.13 9.96
CA SER A 226 31.21 27.04 11.41
C SER A 226 32.55 27.60 11.90
N HIS A 227 33.21 28.40 11.08
CA HIS A 227 34.43 29.07 11.48
C HIS A 227 34.42 30.57 11.14
N CYS A 228 33.22 31.11 10.91
CA CYS A 228 33.05 32.54 10.62
C CYS A 228 32.34 33.27 11.75
N LYS A 229 33.11 33.78 12.70
CA LYS A 229 32.55 34.42 13.90
C LYS A 229 31.62 35.58 13.56
N ASP A 230 31.97 36.34 12.51
CA ASP A 230 31.18 37.51 12.10
C ASP A 230 29.84 37.17 11.44
N LEU A 231 29.67 35.89 11.09
CA LEU A 231 28.41 35.38 10.54
C LEU A 231 27.51 34.84 11.66
N ALA A 232 28.13 34.42 12.77
CA ALA A 232 27.42 33.95 13.95
C ALA A 232 27.36 35.05 15.01
N GLN A 233 26.50 36.04 14.79
CA GLN A 233 26.44 37.20 15.68
C GLN A 233 25.05 37.59 16.18
N ILE A 234 25.00 37.93 17.46
CA ILE A 234 23.86 38.63 18.03
C ILE A 234 24.27 40.10 18.06
N ARG A 235 23.49 40.94 17.39
CA ARG A 235 23.75 42.37 17.36
C ARG A 235 22.44 43.16 17.46
N GLU A 236 22.46 44.21 18.29
CA GLU A 236 21.27 45.05 18.43
C GLU A 236 21.30 46.20 17.43
N THR A 237 20.20 46.35 16.69
CA THR A 237 20.02 47.43 15.73
C THR A 237 18.82 48.30 16.15
N PRO A 238 18.82 49.59 15.76
CA PRO A 238 17.68 50.49 16.04
C PRO A 238 16.29 49.85 15.91
N ASP A 239 16.06 49.06 14.87
CA ASP A 239 14.74 48.47 14.61
C ASP A 239 14.41 47.26 15.49
N GLY A 240 15.43 46.49 15.86
CA GLY A 240 15.25 45.30 16.70
C GLY A 240 16.54 44.58 17.03
N TYR A 241 16.65 43.35 16.55
CA TYR A 241 17.82 42.51 16.79
C TYR A 241 18.25 41.80 15.51
N GLY A 242 19.53 41.96 15.17
CA GLY A 242 20.12 41.33 14.00
C GLY A 242 20.85 40.04 14.35
N ILE A 243 20.17 38.92 14.13
CA ILE A 243 20.74 37.60 14.37
C ILE A 243 21.37 37.10 13.08
N GLY A 244 22.67 36.81 13.13
CA GLY A 244 23.42 36.28 12.00
C GLY A 244 23.07 34.82 11.72
N ALA A 245 23.19 34.42 10.45
CA ALA A 245 22.81 33.07 10.00
C ALA A 245 23.62 31.95 10.65
N GLY A 246 24.75 32.31 11.24
CA GLY A 246 25.61 31.36 11.92
C GLY A 246 25.27 31.10 13.37
N VAL A 247 24.34 31.88 13.93
CA VAL A 247 23.94 31.72 15.33
C VAL A 247 23.28 30.36 15.58
N THR A 248 23.77 29.67 16.61
CA THR A 248 23.25 28.34 16.96
C THR A 248 21.96 28.44 17.74
N ILE A 249 21.10 27.44 17.55
CA ILE A 249 19.77 27.42 18.16
C ILE A 249 19.85 27.52 19.68
N ALA A 250 20.78 26.78 20.28
CA ALA A 250 20.99 26.84 21.73
C ALA A 250 21.21 28.27 22.19
N ALA A 251 22.04 29.01 21.47
CA ALA A 251 22.31 30.40 21.77
C ALA A 251 21.11 31.27 21.43
N LEU A 252 20.43 30.97 20.32
CA LEU A 252 19.24 31.71 19.91
C LEU A 252 18.13 31.58 20.95
N ARG A 253 17.98 30.35 21.46
CA ARG A 253 17.07 30.07 22.58
C ARG A 253 17.51 30.83 23.85
N ALA A 254 18.82 30.85 24.09
CA ALA A 254 19.41 31.49 25.26
C ALA A 254 19.25 33.00 25.22
N PHE A 255 19.31 33.57 24.02
CA PHE A 255 19.13 35.00 23.81
C PHE A 255 17.66 35.43 23.89
N ALA A 256 16.77 34.57 23.39
CA ALA A 256 15.33 34.79 23.41
C ALA A 256 14.78 34.89 24.82
N GLU A 257 15.29 34.04 25.72
CA GLU A 257 14.94 34.03 27.15
C GLU A 257 14.41 35.37 27.67
N GLY A 258 15.13 36.44 27.37
CA GLY A 258 14.71 37.78 27.75
C GLY A 258 13.63 38.33 26.83
N PRO A 259 14.03 38.93 25.69
CA PRO A 259 13.13 39.57 24.72
C PRO A 259 11.96 38.72 24.25
N HIS A 260 12.23 37.46 23.90
CA HIS A 260 11.18 36.57 23.35
C HIS A 260 11.03 35.26 24.14
N PRO A 261 10.37 35.33 25.33
CA PRO A 261 10.18 34.13 26.16
C PRO A 261 9.33 33.06 25.45
N ALA A 262 8.57 33.49 24.45
CA ALA A 262 7.73 32.58 23.68
C ALA A 262 8.54 31.80 22.65
N LEU A 263 9.44 32.49 21.94
CA LEU A 263 10.32 31.83 20.97
C LEU A 263 11.25 30.82 21.63
N ALA A 264 11.85 31.22 22.74
CA ALA A 264 12.67 30.33 23.58
C ALA A 264 11.92 29.06 23.95
N GLY A 265 10.67 29.24 24.39
CA GLY A 265 9.75 28.13 24.73
C GLY A 265 9.54 27.12 23.62
N LEU A 266 9.46 27.61 22.39
CA LEU A 266 9.42 26.72 21.21
C LEU A 266 10.79 26.08 20.98
N LEU A 267 11.85 26.90 20.93
CA LEU A 267 13.22 26.41 20.69
C LEU A 267 13.70 25.41 21.75
N ARG A 268 13.03 25.40 22.90
CA ARG A 268 13.25 24.39 23.91
C ARG A 268 13.10 23.03 23.26
N ARG A 269 12.03 22.88 22.48
CA ARG A 269 11.69 21.63 21.82
C ARG A 269 12.19 21.55 20.36
N PHE A 270 13.28 22.26 20.06
CA PHE A 270 13.91 22.17 18.76
C PHE A 270 15.04 21.15 18.84
N ALA A 271 14.83 19.99 18.22
CA ALA A 271 15.78 18.87 18.23
C ALA A 271 16.13 18.44 19.67
N SER A 272 17.43 18.22 19.94
CA SER A 272 17.92 18.02 21.31
C SER A 272 19.00 19.08 21.65
N GLU A 273 19.42 19.10 22.92
CA GLU A 273 20.52 19.98 23.34
C GLU A 273 21.78 19.69 22.55
N GLN A 274 21.99 18.40 22.26
CA GLN A 274 23.08 17.93 21.42
C GLN A 274 23.11 18.63 20.04
N VAL A 275 21.95 18.65 19.38
CA VAL A 275 21.82 19.22 18.03
C VAL A 275 21.71 20.74 18.06
N ARG A 276 21.10 21.27 19.12
CA ARG A 276 20.93 22.72 19.29
C ARG A 276 22.25 23.50 19.42
N GLN A 277 23.29 22.82 19.88
CA GLN A 277 24.61 23.44 20.00
C GLN A 277 25.30 23.68 18.65
N VAL A 278 24.96 22.87 17.64
CA VAL A 278 25.61 22.96 16.34
C VAL A 278 24.68 23.40 15.21
N ALA A 279 23.40 23.04 15.30
CA ALA A 279 22.40 23.46 14.31
C ALA A 279 22.15 24.97 14.41
N THR A 280 22.14 25.64 13.25
CA THR A 280 22.04 27.10 13.20
C THR A 280 20.69 27.58 12.68
N ILE A 281 20.42 28.86 12.90
CA ILE A 281 19.18 29.49 12.45
C ILE A 281 19.13 29.63 10.91
N GLY A 282 20.19 30.20 10.33
CA GLY A 282 20.28 30.41 8.89
C GLY A 282 20.47 29.11 8.13
N GLY A 283 20.94 28.08 8.83
CA GLY A 283 21.01 26.73 8.29
C GLY A 283 19.63 26.15 8.18
N ASN A 284 18.85 26.28 9.25
CA ASN A 284 17.46 25.84 9.29
C ASN A 284 16.60 26.56 8.25
N ILE A 285 16.84 27.86 8.10
CA ILE A 285 16.16 28.67 7.10
C ILE A 285 16.57 28.27 5.68
N ALA A 286 17.88 28.18 5.44
CA ALA A 286 18.43 27.88 4.11
C ALA A 286 18.22 26.41 3.72
N ASN A 287 17.94 25.59 4.72
CA ASN A 287 17.46 24.23 4.51
C ASN A 287 16.12 24.25 3.78
N GLY A 288 15.19 25.09 4.26
CA GLY A 288 13.92 25.36 3.58
C GLY A 288 12.80 24.38 3.86
N SER A 289 12.83 23.78 5.04
CA SER A 289 11.86 22.75 5.44
C SER A 289 10.45 23.31 5.72
N PRO A 290 9.39 22.59 5.29
CA PRO A 290 8.02 22.94 5.66
C PRO A 290 7.68 22.51 7.09
N ILE A 291 8.30 21.40 7.54
CA ILE A 291 8.22 20.94 8.93
C ILE A 291 9.37 21.55 9.76
N GLY A 292 9.98 22.59 9.20
CA GLY A 292 10.99 23.39 9.90
C GLY A 292 10.31 24.28 10.92
N ASP A 293 10.84 24.26 12.15
CA ASP A 293 10.23 24.92 13.30
C ASP A 293 10.74 26.33 13.56
N GLY A 294 11.92 26.64 13.02
CA GLY A 294 12.44 28.00 13.02
C GLY A 294 11.49 28.99 12.35
N PRO A 295 11.29 28.87 11.01
CA PRO A 295 10.51 29.87 10.28
C PRO A 295 9.17 30.30 10.91
N PRO A 296 8.24 29.37 11.21
CA PRO A 296 6.89 29.80 11.62
C PRO A 296 6.89 30.81 12.75
N ALA A 297 7.79 30.63 13.70
CA ALA A 297 7.97 31.59 14.78
C ALA A 297 8.40 32.95 14.22
N LEU A 298 9.51 32.96 13.47
CA LEU A 298 10.04 34.19 12.88
C LEU A 298 9.06 34.88 11.94
N ILE A 299 8.25 34.09 11.24
CA ILE A 299 7.23 34.60 10.30
C ILE A 299 6.01 35.19 11.01
N ALA A 300 5.65 34.59 12.15
CA ALA A 300 4.56 35.13 12.99
C ALA A 300 4.97 36.40 13.75
N MET A 301 6.27 36.62 13.91
CA MET A 301 6.78 37.87 14.48
C MET A 301 7.44 38.79 13.43
N GLY A 302 7.08 38.59 12.17
CA GLY A 302 7.52 39.43 11.05
C GLY A 302 8.98 39.81 11.08
N ALA A 303 9.84 38.82 10.89
CA ALA A 303 11.29 39.03 10.88
C ALA A 303 11.87 38.97 9.47
N SER A 304 12.58 40.03 9.08
CA SER A 304 13.15 40.12 7.75
C SER A 304 14.44 39.31 7.64
N LEU A 305 14.54 38.52 6.58
CA LEU A 305 15.74 37.75 6.28
C LEU A 305 16.77 38.64 5.55
N THR A 306 18.03 38.18 5.46
CA THR A 306 19.06 38.90 4.70
C THR A 306 19.99 37.95 3.92
N LEU A 307 20.15 38.22 2.63
CA LEU A 307 20.92 37.40 1.70
C LEU A 307 22.21 38.09 1.25
N ARG A 308 23.14 37.33 0.70
CA ARG A 308 24.39 37.89 0.14
C ARG A 308 24.84 37.19 -1.13
N ARG A 309 24.88 37.95 -2.23
CA ARG A 309 25.40 37.44 -3.49
C ARG A 309 26.72 38.16 -3.81
N GLY A 310 27.66 38.03 -2.88
CA GLY A 310 28.95 38.73 -2.97
C GLY A 310 28.90 40.00 -2.13
N GLN A 311 28.81 41.14 -2.80
CA GLN A 311 28.65 42.43 -2.12
C GLN A 311 27.19 42.89 -2.14
N GLU A 312 26.30 41.99 -2.60
CA GLU A 312 24.86 42.24 -2.68
C GLU A 312 24.16 41.96 -1.35
N ARG A 313 23.12 42.75 -1.05
CA ARG A 313 22.30 42.54 0.14
C ARG A 313 20.80 42.73 -0.15
N ARG A 314 20.07 41.62 -0.24
CA ARG A 314 18.61 41.65 -0.33
C ARG A 314 18.06 41.52 1.07
N ARG A 315 16.87 42.07 1.31
CA ARG A 315 16.29 42.03 2.66
C ARG A 315 14.76 41.92 2.62
N MET A 316 14.28 40.72 2.35
CA MET A 316 12.84 40.47 2.25
C MET A 316 12.28 39.86 3.53
N PRO A 317 10.96 40.01 3.77
CA PRO A 317 10.32 39.28 4.86
C PRO A 317 10.43 37.76 4.64
N LEU A 318 10.66 37.02 5.72
CA LEU A 318 10.99 35.59 5.64
C LEU A 318 9.97 34.74 4.91
N GLU A 319 8.69 35.07 5.03
CA GLU A 319 7.62 34.38 4.32
C GLU A 319 7.82 34.41 2.80
N ASP A 320 8.37 35.53 2.31
CA ASP A 320 8.67 35.70 0.88
C ASP A 320 9.83 34.82 0.41
N PHE A 321 10.69 34.41 1.34
CA PHE A 321 11.83 33.57 1.00
C PHE A 321 11.40 32.21 0.49
N PHE A 322 10.34 31.66 1.08
CA PHE A 322 9.82 30.35 0.70
C PHE A 322 8.69 30.49 -0.34
N LEU A 323 8.99 30.12 -1.59
CA LEU A 323 7.97 30.16 -2.65
C LEU A 323 7.24 28.82 -2.81
N GLU A 324 7.94 27.83 -3.36
CA GLU A 324 7.36 26.51 -3.56
C GLU A 324 8.07 25.53 -2.63
N TYR A 325 7.63 24.27 -2.62
CA TYR A 325 8.36 23.23 -1.88
C TYR A 325 9.71 22.98 -2.57
N ARG A 326 10.77 22.83 -1.76
CA ARG A 326 12.14 22.60 -2.23
C ARG A 326 12.68 23.72 -3.13
N LYS A 327 11.88 24.75 -3.37
CA LYS A 327 12.25 25.87 -4.23
C LYS A 327 12.22 27.19 -3.46
N GLN A 328 13.38 27.84 -3.36
CA GLN A 328 13.55 29.04 -2.54
C GLN A 328 14.10 30.21 -3.35
N ASP A 329 14.01 31.42 -2.79
CA ASP A 329 14.46 32.64 -3.46
C ASP A 329 15.98 32.82 -3.37
N ARG A 330 16.70 31.71 -3.53
CA ARG A 330 18.16 31.70 -3.56
C ARG A 330 18.64 31.91 -4.98
N ARG A 331 19.62 32.79 -5.14
CA ARG A 331 20.24 33.07 -6.45
C ARG A 331 21.60 32.38 -6.48
N PRO A 332 22.06 31.91 -7.66
CA PRO A 332 23.37 31.24 -7.74
C PRO A 332 24.53 32.10 -7.23
N GLY A 333 25.02 31.79 -6.03
CA GLY A 333 26.06 32.59 -5.37
C GLY A 333 25.57 33.35 -4.14
N GLU A 334 24.26 33.31 -3.94
CA GLU A 334 23.58 33.99 -2.83
C GLU A 334 23.52 33.07 -1.61
N PHE A 335 23.70 33.64 -0.42
CA PHE A 335 23.57 32.86 0.82
C PHE A 335 22.92 33.66 1.95
N VAL A 336 22.32 32.94 2.89
CA VAL A 336 21.70 33.55 4.07
C VAL A 336 22.77 34.10 4.99
N GLU A 337 22.68 35.40 5.26
CA GLU A 337 23.69 36.12 6.03
C GLU A 337 23.20 36.40 7.45
N SER A 338 22.01 36.97 7.57
CA SER A 338 21.43 37.31 8.88
C SER A 338 19.91 37.41 8.84
N VAL A 339 19.30 37.47 10.02
CA VAL A 339 17.87 37.77 10.19
C VAL A 339 17.68 38.94 11.14
N THR A 340 16.55 39.63 11.00
CA THR A 340 16.25 40.80 11.82
C THR A 340 14.86 40.68 12.44
N LEU A 341 14.81 40.59 13.76
CA LEU A 341 13.54 40.48 14.48
C LEU A 341 13.36 41.67 15.41
N PRO A 342 12.20 42.36 15.32
CA PRO A 342 11.98 43.57 16.11
C PRO A 342 12.04 43.32 17.62
N LYS A 343 12.38 44.38 18.37
CA LYS A 343 12.62 44.31 19.82
C LYS A 343 11.64 43.41 20.59
N SER A 344 10.40 43.89 20.74
CA SER A 344 9.38 43.16 21.50
C SER A 344 8.27 42.60 20.60
N ALA A 345 7.68 41.48 21.03
CA ALA A 345 6.54 40.88 20.34
C ALA A 345 5.61 40.17 21.34
N PRO A 346 5.08 40.94 22.33
CA PRO A 346 4.45 40.34 23.51
C PRO A 346 3.28 39.41 23.20
N GLY A 347 2.65 39.59 22.05
CA GLY A 347 1.50 38.78 21.65
C GLY A 347 1.82 37.49 20.93
N LEU A 348 3.10 37.20 20.77
CA LEU A 348 3.48 36.01 20.02
C LEU A 348 3.45 34.77 20.91
N ARG A 349 2.99 33.66 20.30
CA ARG A 349 2.93 32.36 20.95
C ARG A 349 3.29 31.31 19.90
N CYS A 350 3.90 30.21 20.34
CA CYS A 350 4.28 29.13 19.44
C CYS A 350 3.76 27.81 19.97
N TYR A 351 3.07 27.07 19.11
CA TYR A 351 2.54 25.78 19.50
C TYR A 351 3.09 24.64 18.63
N LYS A 352 3.98 23.84 19.21
CA LYS A 352 4.48 22.65 18.54
C LYS A 352 3.63 21.45 18.96
N LEU A 353 3.28 20.62 17.99
CA LEU A 353 2.50 19.41 18.23
C LEU A 353 3.12 18.21 17.51
N SER A 354 3.43 17.19 18.29
CA SER A 354 4.01 15.94 17.78
C SER A 354 3.72 14.78 18.72
N LYS A 355 3.84 13.56 18.21
CA LYS A 355 3.60 12.34 19.00
C LYS A 355 4.20 12.44 20.40
N ARG A 356 5.48 12.80 20.44
CA ARG A 356 6.22 12.97 21.69
C ARG A 356 6.71 14.42 21.77
N PHE A 357 6.81 14.96 22.99
CA PHE A 357 7.24 16.34 23.21
C PHE A 357 8.67 16.62 22.71
N ASP A 358 9.64 16.02 23.38
CA ASP A 358 11.06 16.26 23.11
C ASP A 358 11.58 15.56 21.85
N GLN A 359 12.38 16.30 21.09
CA GLN A 359 13.02 15.82 19.85
C GLN A 359 12.11 14.98 18.95
N ASP A 360 11.24 15.68 18.23
CA ASP A 360 10.36 15.06 17.23
C ASP A 360 10.04 16.09 16.15
N ILE A 361 9.66 15.59 14.99
CA ILE A 361 9.19 16.41 13.90
C ILE A 361 7.73 16.78 14.18
N SER A 362 7.46 18.09 14.24
CA SER A 362 6.11 18.60 14.49
C SER A 362 5.13 18.41 13.31
N ALA A 363 3.96 17.85 13.61
CA ALA A 363 2.94 17.63 12.60
C ALA A 363 2.27 18.94 12.27
N VAL A 364 1.98 19.71 13.32
CA VAL A 364 1.46 21.07 13.18
C VAL A 364 2.24 22.00 14.09
N CYS A 365 2.66 23.13 13.53
CA CYS A 365 3.34 24.14 14.31
C CYS A 365 2.56 25.45 14.20
N GLY A 366 1.89 25.81 15.30
CA GLY A 366 1.00 26.97 15.31
C GLY A 366 1.60 28.20 15.95
N CYS A 367 1.83 29.22 15.12
CA CYS A 367 2.38 30.48 15.61
C CYS A 367 1.40 31.62 15.40
N LEU A 368 0.95 32.20 16.51
CA LEU A 368 -0.06 33.25 16.50
C LEU A 368 0.43 34.48 17.25
N ASN A 369 0.13 35.65 16.69
CA ASN A 369 0.59 36.93 17.22
C ASN A 369 -0.27 38.08 16.71
N LEU A 370 -1.22 38.52 17.54
CA LEU A 370 -2.09 39.64 17.20
C LEU A 370 -1.79 40.84 18.09
N THR A 371 -2.31 42.00 17.69
CA THR A 371 -2.40 43.16 18.59
C THR A 371 -3.87 43.44 18.94
N LEU A 372 -4.08 44.09 20.07
CA LEU A 372 -5.42 44.54 20.45
C LEU A 372 -5.51 46.06 20.34
N LYS A 373 -6.72 46.57 20.37
CA LYS A 373 -6.95 48.00 20.58
C LYS A 373 -8.18 48.14 21.47
N GLY A 374 -8.11 47.49 22.63
CA GLY A 374 -9.25 47.37 23.54
C GLY A 374 -9.78 45.95 23.48
N SER A 375 -10.62 45.69 22.48
CA SER A 375 -11.16 44.34 22.21
C SER A 375 -11.00 43.95 20.74
N LYS A 376 -10.89 44.95 19.87
CA LYS A 376 -10.79 44.75 18.43
C LYS A 376 -9.39 44.27 18.02
N ILE A 377 -9.36 43.25 17.16
CA ILE A 377 -8.12 42.69 16.63
C ILE A 377 -7.50 43.63 15.59
N GLU A 378 -6.25 44.04 15.85
CA GLU A 378 -5.53 44.99 15.00
C GLU A 378 -4.74 44.28 13.89
N THR A 379 -3.55 43.79 14.23
CA THR A 379 -2.68 43.12 13.27
C THR A 379 -2.53 41.66 13.65
N ALA A 380 -3.05 40.79 12.78
CA ALA A 380 -2.95 39.35 12.94
C ALA A 380 -1.77 38.77 12.17
N ARG A 381 -0.94 37.99 12.86
CA ARG A 381 0.15 37.25 12.24
C ARG A 381 0.08 35.79 12.66
N ILE A 382 -0.73 35.02 11.92
CA ILE A 382 -0.92 33.61 12.17
C ILE A 382 -0.16 32.82 11.10
N ALA A 383 0.82 32.04 11.54
CA ALA A 383 1.68 31.26 10.62
C ALA A 383 1.79 29.79 11.04
N PHE A 384 1.94 28.92 10.04
CA PHE A 384 1.95 27.46 10.28
C PHE A 384 3.10 26.67 9.63
N GLY A 385 3.57 25.66 10.37
CA GLY A 385 4.51 24.69 9.84
C GLY A 385 3.82 23.36 9.66
N GLY A 386 4.11 22.70 8.54
CA GLY A 386 3.61 21.36 8.26
C GLY A 386 2.18 21.27 7.74
N MET A 387 1.53 22.41 7.55
CA MET A 387 0.13 22.47 7.10
C MET A 387 -0.02 22.41 5.58
N ALA A 388 0.92 23.04 4.88
CA ALA A 388 1.09 22.90 3.44
C ALA A 388 2.59 22.87 3.16
N GLY A 389 2.99 22.21 2.08
CA GLY A 389 4.41 21.97 1.76
C GLY A 389 5.34 23.17 1.64
N VAL A 390 5.18 24.11 2.57
CA VAL A 390 5.98 25.33 2.67
C VAL A 390 5.47 26.10 3.88
N PRO A 391 6.38 26.65 4.72
CA PRO A 391 5.92 27.43 5.88
C PRO A 391 5.28 28.74 5.44
N LYS A 392 3.95 28.79 5.46
CA LYS A 392 3.23 29.99 5.01
C LYS A 392 2.22 30.52 6.01
N ARG A 393 1.95 31.82 5.89
CA ARG A 393 0.96 32.50 6.71
C ARG A 393 -0.47 32.24 6.21
N ALA A 394 -1.39 32.03 7.15
CA ALA A 394 -2.77 31.67 6.83
C ALA A 394 -3.60 32.91 6.50
N ALA A 395 -3.81 33.16 5.21
CA ALA A 395 -4.40 34.42 4.72
C ALA A 395 -5.91 34.57 4.97
N ALA A 396 -6.70 33.57 4.55
CA ALA A 396 -8.16 33.62 4.66
C ALA A 396 -8.64 33.70 6.12
N PHE A 397 -8.01 32.91 6.99
CA PHE A 397 -8.26 32.98 8.43
C PHE A 397 -7.80 34.33 9.01
N GLU A 398 -6.66 34.81 8.54
CA GLU A 398 -6.04 36.06 9.02
C GLU A 398 -6.87 37.27 8.64
N ALA A 399 -7.35 37.28 7.40
CA ALA A 399 -8.14 38.40 6.88
C ALA A 399 -9.49 38.47 7.57
N ALA A 400 -9.98 37.31 8.03
CA ALA A 400 -11.27 37.25 8.71
C ALA A 400 -11.21 37.81 10.13
N LEU A 401 -10.10 37.53 10.82
CA LEU A 401 -9.91 37.94 12.23
C LEU A 401 -9.71 39.45 12.43
N ILE A 402 -8.98 40.08 11.51
CA ILE A 402 -8.66 41.51 11.60
C ILE A 402 -9.91 42.39 11.63
N GLY A 403 -9.94 43.32 12.58
CA GLY A 403 -11.09 44.21 12.76
C GLY A 403 -12.30 43.49 13.35
N GLN A 404 -12.05 42.60 14.30
CA GLN A 404 -13.12 41.88 14.99
C GLN A 404 -12.83 41.69 16.48
N ASP A 405 -13.85 41.31 17.23
CA ASP A 405 -13.73 41.05 18.66
C ASP A 405 -12.81 39.88 18.97
N PHE A 406 -12.06 40.01 20.06
CA PHE A 406 -11.14 38.96 20.50
C PHE A 406 -11.79 38.06 21.56
N ARG A 407 -12.85 37.37 21.14
CA ARG A 407 -13.57 36.42 22.00
C ARG A 407 -13.50 35.04 21.33
N GLU A 408 -13.74 34.00 22.11
CA GLU A 408 -13.69 32.61 21.61
C GLU A 408 -14.59 32.35 20.39
N ASP A 409 -15.84 32.78 20.49
CA ASP A 409 -16.89 32.49 19.50
C ASP A 409 -16.58 33.04 18.10
N THR A 410 -16.02 34.25 18.05
CA THR A 410 -15.68 34.90 16.80
C THR A 410 -14.49 34.22 16.14
N ILE A 411 -13.53 33.79 16.97
CA ILE A 411 -12.35 33.07 16.50
C ILE A 411 -12.76 31.65 16.06
N ALA A 412 -13.73 31.09 16.78
CA ALA A 412 -14.32 29.80 16.40
C ALA A 412 -15.12 29.91 15.10
N ALA A 413 -15.62 31.11 14.81
CA ALA A 413 -16.45 31.38 13.63
C ALA A 413 -15.67 31.51 12.31
N ALA A 414 -14.34 31.67 12.41
CA ALA A 414 -13.49 31.80 11.23
C ALA A 414 -12.54 30.61 11.05
N LEU A 415 -12.66 29.63 11.96
CA LEU A 415 -11.82 28.42 11.92
C LEU A 415 -11.91 27.60 10.63
N PRO A 416 -13.10 27.55 9.98
CA PRO A 416 -13.20 26.80 8.72
C PRO A 416 -12.40 27.41 7.56
N LEU A 417 -12.02 28.68 7.70
CA LEU A 417 -11.25 29.38 6.66
C LEU A 417 -9.81 28.86 6.53
N LEU A 418 -9.33 28.20 7.57
CA LEU A 418 -8.02 27.55 7.54
C LEU A 418 -8.01 26.36 6.59
N ALA A 419 -9.16 25.69 6.48
CA ALA A 419 -9.35 24.58 5.54
C ALA A 419 -9.36 25.03 4.07
N GLN A 420 -9.32 26.35 3.87
CA GLN A 420 -9.12 26.95 2.56
C GLN A 420 -7.70 27.52 2.46
N ASP A 421 -7.11 27.83 3.62
CA ASP A 421 -5.72 28.28 3.68
C ASP A 421 -4.74 27.14 3.41
N PHE A 422 -5.08 25.94 3.88
CA PHE A 422 -4.27 24.74 3.67
C PHE A 422 -5.14 23.52 3.38
N THR A 423 -4.54 22.47 2.83
CA THR A 423 -5.19 21.18 2.70
C THR A 423 -4.19 20.07 3.04
N PRO A 424 -3.96 19.85 4.35
CA PRO A 424 -2.81 19.13 4.91
C PRO A 424 -2.57 17.74 4.35
N LEU A 425 -1.41 17.18 4.69
CA LEU A 425 -0.96 15.89 4.18
C LEU A 425 -1.16 14.80 5.24
N SER A 426 -1.08 13.54 4.82
CA SER A 426 -1.34 12.40 5.70
C SER A 426 -0.22 11.38 5.70
N ASP A 427 0.84 11.64 6.47
CA ASP A 427 1.95 10.70 6.58
C ASP A 427 1.88 9.86 7.86
N MET A 428 3.00 9.26 8.25
CA MET A 428 3.06 8.46 9.47
C MET A 428 2.95 9.29 10.75
N ARG A 429 3.10 10.60 10.63
CA ARG A 429 3.12 11.48 11.80
C ARG A 429 1.80 12.17 12.17
N ALA A 430 0.86 12.20 11.21
CA ALA A 430 -0.52 12.63 11.48
C ALA A 430 -1.39 12.50 10.24
N SER A 431 -2.67 12.18 10.45
CA SER A 431 -3.66 12.18 9.39
C SER A 431 -4.04 13.61 9.10
N ALA A 432 -4.22 13.95 7.83
CA ALA A 432 -4.58 15.30 7.43
C ALA A 432 -5.71 15.87 8.29
N ALA A 433 -6.75 15.05 8.51
CA ALA A 433 -7.90 15.42 9.32
C ALA A 433 -7.46 16.04 10.65
N TYR A 434 -6.61 15.31 11.38
CA TYR A 434 -6.10 15.73 12.69
C TYR A 434 -5.15 16.91 12.60
N ARG A 435 -4.30 16.90 11.58
CA ARG A 435 -3.37 18.00 11.33
C ARG A 435 -4.15 19.30 11.13
N MET A 436 -5.18 19.21 10.28
CA MET A 436 -6.11 20.31 10.06
C MET A 436 -6.87 20.65 11.34
N ASN A 437 -7.32 19.62 12.05
CA ASN A 437 -8.10 19.79 13.27
C ASN A 437 -7.31 20.50 14.38
N ALA A 438 -6.03 20.12 14.52
CA ALA A 438 -5.16 20.67 15.55
C ALA A 438 -4.78 22.11 15.22
N ALA A 439 -4.69 22.41 13.93
CA ALA A 439 -4.43 23.77 13.46
C ALA A 439 -5.52 24.72 13.96
N GLN A 440 -6.77 24.29 13.80
CA GLN A 440 -7.94 25.03 14.30
C GLN A 440 -7.93 25.09 15.82
N ALA A 441 -7.54 23.98 16.44
CA ALA A 441 -7.47 23.88 17.90
C ALA A 441 -6.48 24.87 18.52
N MET A 442 -5.41 25.19 17.78
CA MET A 442 -4.38 26.12 18.25
C MET A 442 -4.87 27.56 18.34
N ALA A 443 -5.87 27.89 17.53
CA ALA A 443 -6.46 29.24 17.54
C ALA A 443 -7.35 29.45 18.76
N LEU A 444 -8.15 28.43 19.12
CA LEU A 444 -8.97 28.45 20.33
C LEU A 444 -8.06 28.51 21.56
N ARG A 445 -6.98 27.73 21.50
CA ARG A 445 -5.91 27.72 22.52
C ARG A 445 -5.35 29.12 22.74
N TYR A 446 -5.04 29.80 21.65
CA TYR A 446 -4.49 31.15 21.70
C TYR A 446 -5.42 32.14 22.40
N VAL A 447 -6.72 32.05 22.12
CA VAL A 447 -7.71 32.93 22.74
C VAL A 447 -7.88 32.58 24.22
N ARG A 448 -7.79 31.29 24.54
CA ARG A 448 -7.93 30.82 25.92
C ARG A 448 -6.70 31.18 26.77
N GLU A 449 -5.51 30.85 26.28
CA GLU A 449 -4.27 31.12 26.98
C GLU A 449 -4.15 32.62 27.29
N LEU A 450 -4.45 33.45 26.29
CA LEU A 450 -4.35 34.90 26.43
C LEU A 450 -5.37 35.47 27.41
N SER A 451 -6.55 34.86 27.46
CA SER A 451 -7.57 35.24 28.44
C SER A 451 -7.22 34.76 29.84
N GLY A 452 -6.18 33.93 29.93
CA GLY A 452 -5.64 33.47 31.20
C GLY A 452 -6.02 32.05 31.59
N GLU A 453 -6.44 31.25 30.60
CA GLU A 453 -6.84 29.87 30.85
C GLU A 453 -5.65 28.94 31.00
N ALA A 454 -5.88 27.82 31.70
CA ALA A 454 -4.90 26.76 31.81
C ALA A 454 -5.03 25.88 30.58
N VAL A 455 -4.09 26.04 29.65
CA VAL A 455 -4.14 25.32 28.38
C VAL A 455 -2.95 24.38 28.20
N ALA A 456 -1.79 24.78 28.71
CA ALA A 456 -0.55 24.02 28.52
C ALA A 456 -0.52 22.74 29.35
N VAL A 457 -0.29 21.62 28.67
CA VAL A 457 -0.28 20.28 29.29
C VAL A 457 1.04 20.01 30.01
N LEU A 458 2.11 20.60 29.48
CA LEU A 458 3.45 20.49 30.03
C LEU A 458 3.67 21.24 31.34
N GLU A 459 2.85 22.26 31.58
CA GLU A 459 3.01 23.12 32.76
C GLU A 459 2.31 22.58 34.02
N VAL A 460 1.56 21.48 33.88
CA VAL A 460 0.79 20.90 34.98
C VAL A 460 1.67 20.18 36.02
N MET A 461 1.44 20.52 37.29
CA MET A 461 2.22 19.94 38.39
C MET A 461 1.54 18.71 39.00
N PRO A 462 2.30 17.62 39.16
CA PRO A 462 1.81 16.37 39.78
C PRO A 462 1.36 16.56 41.23
N SER B 2 25.39 -13.52 49.57
CA SER B 2 25.29 -12.37 48.62
C SER B 2 23.85 -12.16 48.17
N VAL B 3 23.11 -13.25 48.02
CA VAL B 3 21.72 -13.20 47.54
C VAL B 3 20.90 -12.28 48.42
N GLY B 4 20.10 -11.42 47.79
CA GLY B 4 19.20 -10.54 48.52
C GLY B 4 19.81 -9.20 48.85
N LYS B 5 21.04 -8.98 48.39
CA LYS B 5 21.71 -7.69 48.54
C LYS B 5 21.44 -6.82 47.32
N PRO B 6 21.39 -5.49 47.51
CA PRO B 6 21.26 -4.60 46.36
C PRO B 6 22.64 -4.27 45.76
N LEU B 7 23.31 -5.30 45.24
CA LEU B 7 24.62 -5.15 44.60
C LEU B 7 24.46 -4.65 43.16
N PRO B 8 25.52 -4.05 42.58
CA PRO B 8 25.43 -3.42 41.27
C PRO B 8 25.64 -4.37 40.09
N HIS B 9 25.23 -3.96 38.90
CA HIS B 9 25.37 -4.76 37.67
C HIS B 9 26.80 -5.24 37.41
N ASP B 10 26.91 -6.44 36.85
CA ASP B 10 28.21 -7.15 36.67
C ASP B 10 29.29 -6.38 35.92
N SER B 11 28.90 -5.31 35.25
CA SER B 11 29.81 -4.52 34.43
C SER B 11 29.60 -3.00 34.62
N ALA B 12 28.82 -2.63 35.63
CA ALA B 12 28.47 -1.23 35.91
C ALA B 12 29.62 -0.21 35.83
N ARG B 13 30.83 -0.62 36.25
CA ARG B 13 31.97 0.25 36.12
C ARG B 13 32.51 0.20 34.70
N ALA B 14 32.73 -1.02 34.18
CA ALA B 14 33.14 -1.22 32.79
C ALA B 14 32.16 -0.60 31.79
N HIS B 15 30.88 -0.54 32.21
CA HIS B 15 29.80 0.15 31.48
C HIS B 15 30.07 1.64 31.42
N VAL B 16 30.23 2.22 32.61
CA VAL B 16 30.28 3.66 32.83
C VAL B 16 31.59 4.31 32.35
N THR B 17 32.58 3.47 32.07
CA THR B 17 33.89 3.91 31.55
C THR B 17 34.11 3.62 30.06
N GLY B 18 33.13 2.99 29.40
CA GLY B 18 33.17 2.76 27.96
C GLY B 18 33.91 1.51 27.52
N GLN B 19 34.60 0.88 28.47
CA GLN B 19 35.42 -0.31 28.19
C GLN B 19 34.64 -1.64 28.08
N ALA B 20 33.34 -1.60 28.40
CA ALA B 20 32.45 -2.72 28.08
C ALA B 20 32.38 -2.79 26.56
N ARG B 21 32.66 -3.97 26.03
CA ARG B 21 32.79 -4.13 24.59
C ARG B 21 31.73 -5.07 24.02
N TYR B 22 30.97 -4.53 23.05
CA TYR B 22 29.90 -5.26 22.37
C TYR B 22 30.43 -5.72 21.03
N LEU B 23 29.63 -6.47 20.26
CA LEU B 23 30.16 -7.12 19.06
C LEU B 23 30.95 -6.20 18.14
N ASP B 24 30.36 -5.07 17.77
CA ASP B 24 31.04 -4.14 16.87
C ASP B 24 32.27 -3.50 17.51
N ASP B 25 32.31 -3.47 18.84
CA ASP B 25 33.48 -2.96 19.57
C ASP B 25 34.69 -3.88 19.44
N LEU B 26 34.43 -5.17 19.24
CA LEU B 26 35.46 -6.21 19.31
C LEU B 26 36.53 -6.10 18.24
N PRO B 27 37.80 -6.29 18.64
CA PRO B 27 38.92 -6.32 17.68
C PRO B 27 38.86 -7.56 16.80
N CYS B 28 39.46 -7.49 15.61
CA CYS B 28 39.50 -8.63 14.69
C CYS B 28 40.47 -8.41 13.52
N PRO B 29 40.74 -9.48 12.73
CA PRO B 29 41.78 -9.47 11.69
C PRO B 29 41.65 -8.36 10.67
N ALA B 30 42.80 -7.93 10.15
CA ALA B 30 42.90 -6.87 9.16
C ALA B 30 42.10 -7.13 7.89
N ASN B 31 41.70 -8.38 7.66
CA ASN B 31 40.99 -8.73 6.44
C ASN B 31 39.48 -8.94 6.62
N THR B 32 38.97 -8.64 7.81
CA THR B 32 37.55 -8.79 8.11
C THR B 32 36.67 -8.00 7.12
N LEU B 33 35.86 -8.73 6.36
CA LEU B 33 34.89 -8.16 5.43
C LEU B 33 33.57 -7.90 6.14
N HIS B 34 32.85 -6.88 5.70
CA HIS B 34 31.56 -6.53 6.29
C HIS B 34 30.41 -6.77 5.32
N LEU B 35 29.28 -7.22 5.85
CA LEU B 35 28.18 -7.66 5.00
C LEU B 35 26.98 -6.73 5.07
N ALA B 36 26.20 -6.72 3.99
CA ALA B 36 24.96 -5.95 3.89
C ALA B 36 23.95 -6.74 3.06
N PHE B 37 22.69 -6.69 3.49
CA PHE B 37 21.61 -7.34 2.75
C PHE B 37 21.09 -6.41 1.67
N GLY B 38 20.73 -6.99 0.53
CA GLY B 38 19.98 -6.28 -0.50
C GLY B 38 18.51 -6.58 -0.27
N LEU B 39 17.72 -5.53 -0.05
CA LEU B 39 16.32 -5.69 0.39
C LEU B 39 15.29 -5.51 -0.72
N SER B 40 14.32 -6.42 -0.75
CA SER B 40 13.17 -6.35 -1.65
C SER B 40 12.32 -5.11 -1.41
N THR B 41 11.94 -4.43 -2.50
CA THR B 41 11.08 -3.26 -2.41
C THR B 41 9.63 -3.59 -2.75
N GLU B 42 9.35 -4.88 -3.01
CA GLU B 42 8.02 -5.34 -3.39
C GLU B 42 7.42 -6.26 -2.32
N ALA B 43 6.12 -6.11 -2.07
CA ALA B 43 5.46 -6.76 -0.94
C ALA B 43 5.06 -8.20 -1.19
N SER B 44 4.84 -8.55 -2.47
CA SER B 44 4.40 -9.88 -2.87
C SER B 44 4.63 -10.02 -4.35
N ALA B 45 5.81 -10.48 -4.72
CA ALA B 45 6.19 -10.53 -6.11
C ALA B 45 7.06 -11.74 -6.41
N ALA B 46 7.04 -12.14 -7.68
CA ALA B 46 8.01 -13.08 -8.19
C ALA B 46 9.19 -12.29 -8.76
N ILE B 47 10.38 -12.57 -8.26
CA ILE B 47 11.59 -11.94 -8.81
C ILE B 47 11.89 -12.61 -10.15
N THR B 48 11.65 -11.87 -11.23
CA THR B 48 11.82 -12.40 -12.58
C THR B 48 13.07 -11.83 -13.26
N GLY B 49 13.71 -10.88 -12.56
CA GLY B 49 14.97 -10.30 -12.99
C GLY B 49 15.83 -9.91 -11.82
N LEU B 50 17.08 -10.37 -11.83
CA LEU B 50 18.05 -10.06 -10.79
C LEU B 50 19.41 -9.89 -11.45
N ASP B 51 19.76 -8.64 -11.75
CA ASP B 51 21.07 -8.34 -12.28
C ASP B 51 21.90 -7.69 -11.19
N LEU B 52 22.82 -8.48 -10.63
CA LEU B 52 23.70 -8.03 -9.56
C LEU B 52 25.06 -7.64 -10.13
N GLU B 53 25.07 -7.25 -11.41
CA GLU B 53 26.29 -6.86 -12.10
C GLU B 53 26.90 -5.57 -11.54
N PRO B 54 26.07 -4.50 -11.40
CA PRO B 54 26.58 -3.25 -10.83
C PRO B 54 26.97 -3.38 -9.36
N VAL B 55 26.34 -4.35 -8.67
CA VAL B 55 26.64 -4.65 -7.26
C VAL B 55 28.06 -5.20 -7.12
N ARG B 56 28.37 -6.21 -7.93
CA ARG B 56 29.69 -6.85 -7.92
C ARG B 56 30.78 -5.87 -8.35
N GLU B 57 30.45 -5.02 -9.32
CA GLU B 57 31.40 -4.03 -9.83
C GLU B 57 31.62 -2.83 -8.91
N SER B 58 30.71 -2.62 -7.95
CA SER B 58 30.88 -1.59 -6.93
C SER B 58 32.18 -1.86 -6.19
N PRO B 59 32.91 -0.80 -5.82
CA PRO B 59 34.25 -0.97 -5.25
C PRO B 59 34.20 -1.40 -3.78
N GLY B 60 35.23 -2.11 -3.34
CA GLY B 60 35.27 -2.69 -2.00
C GLY B 60 34.62 -4.06 -1.93
N VAL B 61 33.72 -4.35 -2.86
CA VAL B 61 32.98 -5.63 -2.93
C VAL B 61 33.88 -6.82 -3.27
N ILE B 62 33.90 -7.80 -2.36
CA ILE B 62 34.72 -9.01 -2.51
C ILE B 62 33.86 -10.22 -2.90
N ALA B 63 32.60 -10.21 -2.45
CA ALA B 63 31.66 -11.30 -2.73
C ALA B 63 30.22 -10.80 -2.66
N VAL B 64 29.37 -11.37 -3.52
CA VAL B 64 27.94 -11.02 -3.55
C VAL B 64 27.08 -12.28 -3.77
N PHE B 65 26.11 -12.52 -2.87
CA PHE B 65 25.46 -13.84 -2.74
C PHE B 65 23.97 -13.96 -3.10
N THR B 66 23.63 -15.03 -3.81
CA THR B 66 22.24 -15.40 -4.15
C THR B 66 21.85 -16.57 -3.27
N ALA B 67 20.55 -16.78 -3.11
CA ALA B 67 20.04 -17.97 -2.44
C ALA B 67 20.61 -19.22 -3.10
N ALA B 68 20.79 -19.18 -4.41
CA ALA B 68 21.35 -20.29 -5.18
C ALA B 68 22.79 -20.62 -4.77
N ASP B 69 23.50 -19.63 -4.25
CA ASP B 69 24.90 -19.81 -3.83
C ASP B 69 25.01 -20.53 -2.49
N LEU B 70 23.98 -20.44 -1.66
CA LEU B 70 24.01 -21.02 -0.31
C LEU B 70 24.19 -22.53 -0.36
N PRO B 71 25.30 -23.04 0.22
CA PRO B 71 25.68 -24.46 0.16
C PRO B 71 24.66 -25.39 0.80
N HIS B 72 24.04 -24.93 1.89
CA HIS B 72 23.07 -25.75 2.62
C HIS B 72 21.87 -24.92 3.13
N ASP B 73 21.00 -25.60 3.88
CA ASP B 73 19.77 -25.03 4.48
C ASP B 73 19.57 -23.50 4.44
N ASN B 74 18.74 -23.03 3.51
CA ASN B 74 18.35 -21.64 3.44
C ASN B 74 17.13 -21.44 4.36
N ASP B 75 17.39 -21.40 5.65
CA ASP B 75 16.35 -21.27 6.67
C ASP B 75 16.91 -20.64 7.93
N ALA B 76 16.14 -19.72 8.50
CA ALA B 76 16.52 -19.06 9.75
C ALA B 76 15.40 -19.17 10.78
N SER B 77 14.19 -19.45 10.31
CA SER B 77 12.99 -19.60 11.14
C SER B 77 13.22 -20.37 12.44
N PRO B 78 12.69 -19.87 13.57
CA PRO B 78 12.68 -20.64 14.80
C PRO B 78 11.68 -21.79 14.70
N ALA B 79 10.66 -21.62 13.87
CA ALA B 79 9.66 -22.67 13.62
C ALA B 79 10.21 -23.78 12.72
N PRO B 80 9.65 -25.01 12.87
CA PRO B 80 9.83 -26.06 11.85
C PRO B 80 9.33 -25.61 10.46
N SER B 81 8.51 -24.55 10.46
CA SER B 81 8.13 -23.83 9.24
C SER B 81 9.34 -23.07 8.69
N PRO B 82 9.66 -23.30 7.41
CA PRO B 82 10.76 -22.62 6.71
C PRO B 82 10.61 -21.10 6.55
N GLU B 83 11.72 -20.39 6.78
CA GLU B 83 11.84 -18.98 6.45
C GLU B 83 13.22 -18.82 5.82
N PRO B 84 13.29 -18.50 4.51
CA PRO B 84 14.60 -18.33 3.88
C PRO B 84 15.41 -17.14 4.48
N VAL B 85 16.71 -17.10 4.20
CA VAL B 85 17.54 -15.98 4.60
C VAL B 85 17.66 -15.09 3.38
N LEU B 86 18.07 -15.68 2.27
CA LEU B 86 18.04 -15.01 0.99
C LEU B 86 16.83 -15.51 0.20
N ALA B 87 16.04 -14.56 -0.28
CA ALA B 87 14.80 -14.83 -1.04
C ALA B 87 14.95 -15.91 -2.11
N THR B 88 13.96 -16.79 -2.17
CA THR B 88 14.00 -17.91 -3.10
C THR B 88 12.90 -17.75 -4.15
N GLY B 89 13.27 -17.19 -5.30
CA GLY B 89 12.34 -17.06 -6.43
C GLY B 89 11.27 -16.00 -6.31
N GLU B 90 10.90 -15.66 -5.08
CA GLU B 90 9.86 -14.67 -4.81
C GLU B 90 10.06 -13.94 -3.47
N VAL B 91 9.41 -12.79 -3.35
CA VAL B 91 9.51 -11.97 -2.15
C VAL B 91 8.16 -11.82 -1.46
N HIS B 92 8.17 -11.70 -0.13
CA HIS B 92 6.95 -11.75 0.66
C HIS B 92 6.65 -10.54 1.53
N PHE B 93 7.61 -9.63 1.64
CA PHE B 93 7.37 -8.37 2.34
C PHE B 93 8.42 -7.37 1.93
N VAL B 94 8.09 -6.08 2.00
CA VAL B 94 9.05 -5.06 1.66
C VAL B 94 10.12 -4.96 2.74
N GLY B 95 11.31 -5.43 2.40
CA GLY B 95 12.45 -5.46 3.30
C GLY B 95 13.07 -6.83 3.41
N GLN B 96 12.60 -7.78 2.58
CA GLN B 96 13.14 -9.14 2.56
C GLN B 96 14.48 -9.20 1.84
N PRO B 97 15.51 -9.66 2.55
CA PRO B 97 16.82 -9.78 1.93
C PRO B 97 16.79 -10.78 0.78
N ILE B 98 17.03 -10.26 -0.43
CA ILE B 98 17.16 -11.07 -1.63
C ILE B 98 18.61 -11.53 -1.79
N PHE B 99 19.56 -10.63 -1.55
CA PHE B 99 20.97 -10.98 -1.67
C PHE B 99 21.86 -10.50 -0.52
N LEU B 100 23.17 -10.76 -0.64
CA LEU B 100 24.13 -10.42 0.41
C LEU B 100 25.46 -9.95 -0.18
N VAL B 101 25.82 -8.71 0.11
CA VAL B 101 27.12 -8.15 -0.30
C VAL B 101 28.14 -8.44 0.78
N ALA B 102 29.39 -8.65 0.36
CA ALA B 102 30.54 -8.74 1.27
C ALA B 102 31.62 -7.81 0.75
N ALA B 103 31.92 -6.78 1.52
CA ALA B 103 32.83 -5.72 1.08
C ALA B 103 33.90 -5.47 2.10
N THR B 104 34.98 -4.81 1.65
CA THR B 104 36.13 -4.51 2.51
C THR B 104 35.80 -3.52 3.63
N SER B 105 34.70 -2.78 3.49
CA SER B 105 34.20 -1.92 4.55
C SER B 105 32.68 -2.04 4.67
N HIS B 106 32.17 -1.80 5.86
CA HIS B 106 30.72 -1.78 6.10
C HIS B 106 30.06 -0.75 5.19
N ARG B 107 30.61 0.46 5.17
CA ARG B 107 30.12 1.52 4.30
C ARG B 107 29.95 1.03 2.87
N ALA B 108 31.02 0.42 2.34
CA ALA B 108 31.07 -0.01 0.95
C ALA B 108 29.97 -0.99 0.59
N ALA B 109 29.72 -1.94 1.47
CA ALA B 109 28.69 -2.96 1.23
C ALA B 109 27.28 -2.37 1.21
N ARG B 110 27.00 -1.44 2.14
CA ARG B 110 25.72 -0.74 2.20
C ARG B 110 25.45 0.05 0.91
N ILE B 111 26.51 0.59 0.33
CA ILE B 111 26.44 1.32 -0.93
C ILE B 111 26.10 0.39 -2.09
N ALA B 112 26.79 -0.75 -2.13
CA ALA B 112 26.63 -1.74 -3.18
C ALA B 112 25.28 -2.46 -3.11
N ALA B 113 24.73 -2.55 -1.90
CA ALA B 113 23.44 -3.19 -1.68
C ALA B 113 22.35 -2.54 -2.52
N ARG B 114 22.42 -1.22 -2.66
CA ARG B 114 21.42 -0.48 -3.43
C ARG B 114 21.62 -0.61 -4.94
N LYS B 115 22.85 -0.81 -5.39
CA LYS B 115 23.18 -0.85 -6.83
C LYS B 115 22.62 -2.06 -7.61
N ALA B 116 21.63 -2.75 -7.04
CA ALA B 116 21.06 -3.96 -7.66
C ALA B 116 20.01 -3.62 -8.69
N ARG B 117 19.92 -4.44 -9.74
CA ARG B 117 18.94 -4.26 -10.80
C ARG B 117 17.92 -5.40 -10.80
N ILE B 118 16.82 -5.19 -10.08
CA ILE B 118 15.85 -6.25 -9.83
C ILE B 118 14.51 -5.93 -10.49
N THR B 119 14.02 -6.87 -11.31
CA THR B 119 12.70 -6.74 -11.93
C THR B 119 11.69 -7.74 -11.32
N TYR B 120 10.69 -7.20 -10.62
CA TYR B 120 9.66 -8.00 -9.94
C TYR B 120 8.40 -8.15 -10.80
N ALA B 121 7.75 -9.31 -10.67
CA ALA B 121 6.45 -9.55 -11.28
C ALA B 121 5.39 -9.59 -10.16
N PRO B 122 4.88 -8.40 -9.76
CA PRO B 122 4.10 -8.25 -8.52
C PRO B 122 2.72 -8.92 -8.55
N ARG B 123 2.37 -9.56 -7.44
CA ARG B 123 1.05 -10.15 -7.22
C ARG B 123 0.31 -9.30 -6.18
N PRO B 124 -1.02 -9.52 -6.04
CA PRO B 124 -1.75 -8.91 -4.92
C PRO B 124 -1.08 -9.22 -3.58
N ALA B 125 -1.26 -8.34 -2.60
CA ALA B 125 -0.56 -8.44 -1.33
C ALA B 125 -1.50 -8.33 -0.13
N ILE B 126 -1.33 -9.24 0.83
CA ILE B 126 -2.12 -9.22 2.05
C ILE B 126 -1.47 -8.28 3.07
N LEU B 127 -2.15 -7.19 3.41
CA LEU B 127 -1.57 -6.17 4.28
C LEU B 127 -2.34 -5.92 5.57
N THR B 128 -3.67 -5.81 5.49
CA THR B 128 -4.49 -5.69 6.71
C THR B 128 -5.06 -7.05 7.17
N LEU B 129 -5.37 -7.11 8.47
CA LEU B 129 -5.94 -8.31 9.09
C LEU B 129 -7.24 -8.69 8.39
N ASP B 130 -8.06 -7.68 8.09
CA ASP B 130 -9.32 -7.84 7.37
C ASP B 130 -9.13 -8.56 6.04
N GLN B 131 -8.05 -8.22 5.32
CA GLN B 131 -7.68 -8.89 4.09
C GLN B 131 -7.23 -10.33 4.36
N ALA B 132 -6.22 -10.47 5.22
CA ALA B 132 -5.70 -11.77 5.64
C ALA B 132 -6.81 -12.75 5.99
N LEU B 133 -7.71 -12.29 6.84
CA LEU B 133 -8.84 -13.08 7.33
C LEU B 133 -9.83 -13.41 6.21
N ALA B 134 -10.04 -12.45 5.30
CA ALA B 134 -10.95 -12.62 4.18
C ALA B 134 -10.32 -13.45 3.08
N ALA B 135 -9.00 -13.42 2.96
CA ALA B 135 -8.27 -14.19 1.96
C ALA B 135 -7.73 -15.49 2.53
N ASP B 136 -8.06 -15.75 3.80
CA ASP B 136 -7.62 -16.95 4.54
C ASP B 136 -6.09 -17.03 4.68
N SER B 137 -5.47 -15.87 4.73
CA SER B 137 -4.03 -15.73 4.89
C SER B 137 -3.69 -15.83 6.38
N ARG B 138 -3.50 -17.07 6.85
CA ARG B 138 -3.32 -17.35 8.27
C ARG B 138 -2.39 -18.54 8.51
N PHE B 139 -1.96 -18.70 9.76
CA PHE B 139 -1.06 -19.77 10.13
C PHE B 139 -1.76 -20.87 10.92
N GLU B 140 -1.13 -22.05 10.97
CA GLU B 140 -1.60 -23.21 11.72
C GLU B 140 -2.84 -23.91 11.15
N GLY B 141 -3.40 -23.34 10.08
CA GLY B 141 -4.56 -23.92 9.39
C GLY B 141 -5.85 -23.80 10.18
N GLY B 142 -6.28 -22.57 10.42
CA GLY B 142 -7.47 -22.28 11.24
C GLY B 142 -7.10 -21.53 12.51
N PRO B 143 -8.10 -21.00 13.25
CA PRO B 143 -7.81 -20.40 14.55
C PRO B 143 -7.69 -21.45 15.66
N VAL B 144 -7.11 -21.07 16.79
CA VAL B 144 -7.09 -21.92 17.98
C VAL B 144 -8.29 -21.51 18.83
N ILE B 145 -9.05 -22.50 19.32
CA ILE B 145 -10.25 -22.22 20.10
C ILE B 145 -10.28 -22.97 21.43
N TRP B 146 -10.17 -22.22 22.53
CA TRP B 146 -10.25 -22.73 23.90
C TRP B 146 -11.48 -22.21 24.63
N ALA B 147 -12.21 -23.11 25.26
CA ALA B 147 -13.43 -22.76 25.98
C ALA B 147 -13.50 -23.40 27.37
N ARG B 148 -13.76 -22.57 28.37
CA ARG B 148 -14.07 -23.06 29.71
C ARG B 148 -15.54 -22.77 30.00
N GLY B 149 -16.32 -23.83 30.17
CA GLY B 149 -17.77 -23.70 30.35
C GLY B 149 -18.48 -23.17 29.11
N ASP B 150 -19.68 -22.63 29.32
CA ASP B 150 -20.44 -22.06 28.21
C ASP B 150 -20.69 -20.56 28.36
N VAL B 151 -19.83 -19.78 27.69
CA VAL B 151 -19.91 -18.32 27.65
C VAL B 151 -21.27 -17.86 27.13
N GLU B 152 -21.61 -18.33 25.93
CA GLU B 152 -22.87 -18.03 25.26
C GLU B 152 -24.06 -18.06 26.23
N THR B 153 -24.09 -19.08 27.08
CA THR B 153 -25.18 -19.28 28.04
C THR B 153 -25.13 -18.30 29.21
N ALA B 154 -23.92 -17.92 29.63
CA ALA B 154 -23.73 -16.94 30.70
C ALA B 154 -24.18 -15.56 30.25
N LEU B 155 -23.76 -15.19 29.04
CA LEU B 155 -24.07 -13.88 28.45
C LEU B 155 -25.54 -13.75 28.10
N ALA B 156 -26.17 -14.88 27.77
CA ALA B 156 -27.61 -14.94 27.54
C ALA B 156 -28.36 -14.26 28.68
N GLY B 157 -28.05 -14.68 29.91
CA GLY B 157 -28.71 -14.16 31.10
C GLY B 157 -27.75 -13.56 32.11
N ALA B 158 -26.83 -12.74 31.63
CA ALA B 158 -25.99 -11.92 32.49
C ALA B 158 -26.74 -10.62 32.81
N ALA B 159 -26.73 -10.23 34.08
CA ALA B 159 -27.40 -8.99 34.49
C ALA B 159 -26.79 -7.75 33.81
N HIS B 160 -25.46 -7.72 33.70
CA HIS B 160 -24.74 -6.66 32.98
C HIS B 160 -23.74 -7.24 31.98
N LEU B 161 -23.80 -6.75 30.75
CA LEU B 161 -22.97 -7.22 29.66
C LEU B 161 -22.46 -6.04 28.85
N ALA B 162 -21.17 -6.07 28.52
CA ALA B 162 -20.56 -5.01 27.72
C ALA B 162 -19.73 -5.56 26.56
N GLU B 163 -20.04 -5.08 25.35
CA GLU B 163 -19.38 -5.54 24.13
C GLU B 163 -18.57 -4.41 23.50
N GLY B 164 -17.41 -4.77 22.96
CA GLY B 164 -16.54 -3.79 22.32
C GLY B 164 -15.55 -4.42 21.35
N CYS B 165 -14.84 -3.56 20.63
CA CYS B 165 -13.90 -3.98 19.60
C CYS B 165 -12.83 -2.90 19.44
N PHE B 166 -11.58 -3.22 19.79
CA PHE B 166 -10.51 -2.22 19.77
C PHE B 166 -9.17 -2.72 19.23
N GLU B 167 -8.41 -1.79 18.65
CA GLU B 167 -7.15 -2.08 18.00
C GLU B 167 -6.00 -1.98 19.00
N ILE B 168 -5.02 -2.87 18.86
CA ILE B 168 -3.78 -2.79 19.62
C ILE B 168 -2.60 -2.88 18.64
N GLY B 169 -1.91 -1.76 18.45
CA GLY B 169 -0.77 -1.65 17.53
C GLY B 169 0.43 -2.52 17.89
N GLY B 170 1.45 -2.50 17.04
CA GLY B 170 2.66 -3.30 17.24
C GLY B 170 3.65 -2.65 18.21
N GLN B 171 4.91 -3.06 18.13
CA GLN B 171 5.98 -2.42 18.89
C GLN B 171 7.35 -2.84 18.38
N GLU B 172 8.12 -1.87 17.91
CA GLU B 172 9.52 -2.07 17.55
C GLU B 172 10.36 -2.18 18.82
N HIS B 173 11.42 -2.98 18.77
CA HIS B 173 12.26 -3.22 19.95
C HIS B 173 13.10 -2.03 20.41
N PHE B 174 13.80 -1.42 19.46
CA PHE B 174 14.69 -0.27 19.73
C PHE B 174 15.72 -0.55 20.82
N TYR B 175 16.33 -1.73 20.73
CA TYR B 175 17.55 -2.05 21.48
C TYR B 175 18.65 -1.13 20.94
N LEU B 176 19.43 -0.54 21.83
CA LEU B 176 20.39 0.46 21.42
C LEU B 176 21.53 -0.16 20.59
N GLU B 177 21.94 -1.38 20.91
CA GLU B 177 22.84 -2.14 20.05
C GLU B 177 21.99 -2.94 19.08
N GLY B 178 22.15 -2.64 17.78
CA GLY B 178 21.41 -3.32 16.72
C GLY B 178 21.86 -4.75 16.57
N GLN B 179 21.14 -5.52 15.73
CA GLN B 179 21.47 -6.92 15.46
C GLN B 179 22.89 -7.04 14.87
N ALA B 180 23.69 -7.97 15.39
CA ALA B 180 25.11 -8.04 15.04
C ALA B 180 25.69 -9.43 15.22
N ALA B 181 26.64 -9.78 14.34
CA ALA B 181 27.34 -11.06 14.37
C ALA B 181 28.70 -10.99 13.67
N LEU B 182 29.62 -11.82 14.14
CA LEU B 182 30.94 -11.99 13.55
C LEU B 182 31.22 -13.48 13.42
N ALA B 183 31.66 -13.90 12.24
CA ALA B 183 32.06 -15.29 12.01
C ALA B 183 33.57 -15.35 11.86
N LEU B 184 34.17 -16.37 12.47
CA LEU B 184 35.60 -16.57 12.42
C LEU B 184 35.87 -18.02 11.98
N PRO B 185 36.45 -18.19 10.78
CA PRO B 185 36.72 -19.54 10.27
C PRO B 185 37.90 -20.22 10.97
N ALA B 186 37.68 -20.63 12.21
CA ALA B 186 38.66 -21.42 12.95
C ALA B 186 38.67 -22.84 12.38
N GLU B 187 39.73 -23.12 11.63
CA GLU B 187 39.89 -24.30 10.75
C GLU B 187 39.01 -25.52 11.07
N GLY B 188 38.39 -26.06 10.02
CA GLY B 188 37.41 -27.13 10.17
C GLY B 188 36.04 -26.49 10.32
N GLY B 189 35.74 -26.01 11.53
CA GLY B 189 34.47 -25.35 11.80
C GLY B 189 34.55 -23.83 11.87
N VAL B 190 33.55 -23.21 12.49
CA VAL B 190 33.53 -21.75 12.70
C VAL B 190 33.32 -21.36 14.14
N VAL B 191 33.61 -20.09 14.42
CA VAL B 191 33.32 -19.49 15.71
C VAL B 191 32.46 -18.25 15.46
N ILE B 192 31.32 -18.18 16.13
CA ILE B 192 30.40 -17.06 15.95
C ILE B 192 30.33 -16.22 17.21
N HIS B 193 30.54 -14.92 17.05
CA HIS B 193 30.31 -13.94 18.10
C HIS B 193 29.10 -13.14 17.67
N CYS B 194 28.10 -13.01 18.54
CA CYS B 194 26.89 -12.30 18.13
C CYS B 194 26.10 -11.73 19.28
N SER B 195 25.47 -10.58 19.02
CA SER B 195 24.56 -9.96 19.96
C SER B 195 23.23 -10.75 20.02
N SER B 196 23.26 -11.97 20.56
CA SER B 196 22.09 -12.85 20.52
C SER B 196 21.56 -13.32 21.88
N GLN B 197 20.24 -13.30 22.04
CA GLN B 197 19.56 -13.82 23.24
C GLN B 197 19.66 -15.33 23.37
N HIS B 198 20.03 -15.99 22.28
CA HIS B 198 19.94 -17.45 22.19
C HIS B 198 21.09 -18.06 21.41
N PRO B 199 22.28 -18.20 22.03
CA PRO B 199 23.45 -18.73 21.33
C PRO B 199 23.25 -20.11 20.71
N SER B 200 22.50 -20.99 21.39
CA SER B 200 22.37 -22.39 20.93
C SER B 200 21.57 -22.59 19.65
N GLU B 201 20.67 -21.66 19.35
CA GLU B 201 19.92 -21.69 18.09
C GLU B 201 20.77 -21.09 16.98
N ILE B 202 21.58 -20.10 17.34
CA ILE B 202 22.56 -19.54 16.42
C ILE B 202 23.47 -20.66 15.95
N GLN B 203 23.97 -21.45 16.90
CA GLN B 203 24.76 -22.66 16.62
C GLN B 203 24.03 -23.59 15.64
N HIS B 204 22.85 -24.03 16.04
CA HIS B 204 21.95 -24.87 15.24
C HIS B 204 21.77 -24.34 13.82
N LYS B 205 21.41 -23.06 13.69
CA LYS B 205 21.15 -22.44 12.39
C LYS B 205 22.38 -22.29 11.49
N VAL B 206 23.51 -21.90 12.10
CA VAL B 206 24.78 -21.77 11.38
C VAL B 206 25.22 -23.15 10.92
N ALA B 207 25.23 -24.10 11.85
CA ALA B 207 25.59 -25.48 11.57
C ALA B 207 24.91 -25.97 10.30
N HIS B 208 23.59 -25.84 10.27
CA HIS B 208 22.77 -26.30 9.14
C HIS B 208 23.08 -25.62 7.81
N ALA B 209 23.33 -24.30 7.88
CA ALA B 209 23.63 -23.49 6.70
C ALA B 209 24.98 -23.85 6.09
N LEU B 210 25.92 -24.26 6.93
CA LEU B 210 27.27 -24.65 6.50
C LEU B 210 27.38 -26.15 6.21
N GLY B 211 26.54 -26.93 6.89
CA GLY B 211 26.49 -28.38 6.70
C GLY B 211 27.54 -29.15 7.48
N LEU B 212 27.83 -28.70 8.69
CA LEU B 212 28.74 -29.39 9.60
C LEU B 212 28.05 -29.71 10.91
N ALA B 213 28.39 -30.85 11.50
CA ALA B 213 27.76 -31.30 12.73
C ALA B 213 27.97 -30.28 13.83
N PHE B 214 27.06 -30.24 14.80
CA PHE B 214 26.99 -29.19 15.82
C PHE B 214 28.29 -28.95 16.58
N HIS B 215 29.12 -29.98 16.71
CA HIS B 215 30.37 -29.87 17.46
C HIS B 215 31.43 -29.00 16.77
N ASP B 216 31.13 -28.54 15.57
CA ASP B 216 32.04 -27.70 14.79
C ASP B 216 31.67 -26.22 14.76
N VAL B 217 30.53 -25.88 15.36
CA VAL B 217 30.10 -24.49 15.43
C VAL B 217 30.04 -24.06 16.90
N ARG B 218 30.82 -23.03 17.23
CA ARG B 218 30.91 -22.53 18.60
C ARG B 218 30.46 -21.08 18.68
N VAL B 219 29.55 -20.79 19.59
CA VAL B 219 28.97 -19.47 19.70
C VAL B 219 29.30 -18.84 21.04
N GLU B 220 29.96 -17.70 20.99
CA GLU B 220 30.30 -16.94 22.19
C GLU B 220 29.46 -15.68 22.24
N MET B 221 29.10 -15.25 23.45
CA MET B 221 28.19 -14.15 23.63
C MET B 221 28.43 -13.53 25.00
N ARG B 222 29.06 -12.37 25.04
CA ARG B 222 29.35 -11.71 26.31
C ARG B 222 28.19 -10.84 26.77
N ARG B 223 27.65 -10.02 25.87
CA ARG B 223 26.56 -9.10 26.20
C ARG B 223 25.75 -8.62 24.99
N MET B 224 24.69 -7.87 25.26
CA MET B 224 23.88 -7.21 24.23
C MET B 224 23.55 -5.80 24.71
N GLY B 225 23.22 -4.92 23.79
CA GLY B 225 22.78 -3.56 24.15
C GLY B 225 21.27 -3.48 24.29
N GLY B 226 20.66 -4.56 24.77
CA GLY B 226 19.20 -4.71 24.79
C GLY B 226 18.79 -5.92 23.96
N GLY B 227 17.71 -6.58 24.37
CA GLY B 227 17.23 -7.78 23.67
C GLY B 227 15.74 -7.74 23.46
N PHE B 228 15.01 -7.71 24.59
CA PHE B 228 13.56 -7.47 24.62
C PHE B 228 12.70 -8.40 23.75
N GLY B 229 13.30 -9.49 23.26
CA GLY B 229 12.60 -10.44 22.38
C GLY B 229 13.09 -10.41 20.95
N GLY B 230 13.67 -9.28 20.55
CA GLY B 230 14.16 -9.10 19.19
C GLY B 230 15.32 -10.01 18.89
N LYS B 231 16.21 -10.16 19.87
CA LYS B 231 17.45 -10.94 19.72
C LYS B 231 17.20 -12.42 20.03
N GLN B 232 15.94 -12.78 20.28
CA GLN B 232 15.58 -14.17 20.62
C GLN B 232 15.51 -15.11 19.40
N SER B 233 15.62 -14.53 18.21
CA SER B 233 15.59 -15.31 16.98
C SER B 233 16.21 -14.55 15.81
N GLN B 234 15.82 -13.29 15.63
CA GLN B 234 16.30 -12.51 14.49
C GLN B 234 17.82 -12.30 14.46
N GLY B 235 18.53 -13.06 15.27
CA GLY B 235 19.97 -13.18 15.13
C GLY B 235 20.33 -14.11 13.98
N ASN B 236 19.57 -15.19 13.83
CA ASN B 236 19.87 -16.24 12.85
C ASN B 236 20.30 -15.73 11.49
N HIS B 237 19.58 -14.74 10.98
CA HIS B 237 19.87 -14.16 9.66
C HIS B 237 21.30 -13.64 9.43
N LEU B 238 21.81 -12.86 10.38
CA LEU B 238 23.16 -12.29 10.27
C LEU B 238 24.23 -13.34 10.53
N ALA B 239 23.96 -14.21 11.51
CA ALA B 239 24.87 -15.28 11.88
C ALA B 239 24.99 -16.35 10.80
N ILE B 240 23.91 -16.59 10.05
CA ILE B 240 23.97 -17.42 8.84
C ILE B 240 24.77 -16.68 7.76
N ALA B 241 24.38 -15.43 7.50
CA ALA B 241 25.02 -14.61 6.49
C ALA B 241 26.52 -14.52 6.70
N CYS B 242 26.93 -14.34 7.96
CA CYS B 242 28.34 -14.27 8.30
C CYS B 242 29.10 -15.56 8.04
N ALA B 243 28.55 -16.68 8.50
CA ALA B 243 29.22 -17.98 8.39
C ALA B 243 29.27 -18.50 6.96
N VAL B 244 28.25 -18.18 6.18
CA VAL B 244 28.18 -18.59 4.77
C VAL B 244 29.20 -17.82 3.91
N ALA B 245 29.33 -16.52 4.19
CA ALA B 245 30.32 -15.67 3.51
C ALA B 245 31.73 -15.96 3.99
N ALA B 246 31.87 -16.24 5.29
CA ALA B 246 33.15 -16.62 5.85
C ALA B 246 33.66 -17.87 5.16
N ARG B 247 32.82 -18.91 5.15
CA ARG B 247 33.13 -20.17 4.47
C ARG B 247 33.63 -19.94 3.05
N ALA B 248 32.89 -19.13 2.30
CA ALA B 248 33.15 -18.87 0.89
C ALA B 248 34.38 -17.98 0.65
N THR B 249 34.47 -16.87 1.38
CA THR B 249 35.57 -15.91 1.14
C THR B 249 36.84 -16.26 1.92
N GLY B 250 36.77 -17.29 2.74
CA GLY B 250 37.93 -17.70 3.53
C GLY B 250 38.35 -16.68 4.59
N ARG B 251 37.72 -15.51 4.55
CA ARG B 251 38.01 -14.44 5.51
C ARG B 251 37.01 -14.42 6.66
N PRO B 252 37.34 -13.75 7.78
CA PRO B 252 36.34 -13.50 8.81
C PRO B 252 35.32 -12.45 8.37
N CYS B 253 34.04 -12.76 8.52
CA CYS B 253 32.98 -11.87 8.05
C CYS B 253 32.12 -11.42 9.21
N LYS B 254 31.96 -10.11 9.33
CA LYS B 254 31.14 -9.49 10.36
C LYS B 254 29.92 -8.83 9.69
N MET B 255 28.79 -8.82 10.37
CA MET B 255 27.60 -8.13 9.86
C MET B 255 26.77 -7.46 10.95
N ARG B 256 26.42 -6.20 10.73
CA ARG B 256 25.53 -5.48 11.62
C ARG B 256 24.57 -4.62 10.81
N TYR B 257 23.29 -4.68 11.13
CA TYR B 257 22.30 -3.79 10.53
C TYR B 257 22.52 -2.34 10.98
N ASP B 258 22.16 -1.41 10.10
CA ASP B 258 21.93 -0.03 10.51
C ASP B 258 20.47 0.07 10.96
N ARG B 259 20.15 1.07 11.78
CA ARG B 259 18.77 1.26 12.28
C ARG B 259 17.71 1.17 11.18
N ASP B 260 18.02 1.76 10.03
CA ASP B 260 17.16 1.74 8.85
C ASP B 260 16.90 0.33 8.32
N ASP B 261 17.96 -0.46 8.23
CA ASP B 261 17.86 -1.89 7.89
C ASP B 261 17.06 -2.63 8.95
N ASP B 262 17.49 -2.46 10.19
CA ASP B 262 16.98 -3.18 11.35
C ASP B 262 15.44 -3.20 11.39
N MET B 263 14.82 -2.02 11.36
CA MET B 263 13.37 -1.92 11.45
C MET B 263 12.65 -2.44 10.20
N VAL B 264 13.28 -2.26 9.04
CA VAL B 264 12.71 -2.71 7.78
C VAL B 264 12.78 -4.24 7.68
N ILE B 265 13.96 -4.80 7.94
CA ILE B 265 14.20 -6.25 7.81
C ILE B 265 13.49 -7.10 8.87
N THR B 266 13.70 -6.75 10.14
CA THR B 266 13.34 -7.65 11.24
C THR B 266 12.01 -7.33 11.93
N GLY B 267 11.39 -8.34 12.54
CA GLY B 267 10.00 -8.27 13.03
C GLY B 267 9.79 -7.68 14.41
N LYS B 268 8.57 -7.18 14.66
CA LYS B 268 8.27 -6.46 15.90
C LYS B 268 7.24 -7.20 16.76
N ARG B 269 6.59 -6.48 17.68
CA ARG B 269 5.53 -7.05 18.50
C ARG B 269 4.24 -7.21 17.68
N HIS B 270 3.70 -8.42 17.71
CA HIS B 270 2.44 -8.75 17.06
C HIS B 270 1.37 -7.74 17.44
N ASP B 271 0.91 -6.93 16.49
CA ASP B 271 -0.27 -6.09 16.73
C ASP B 271 -1.51 -6.98 16.71
N PHE B 272 -2.43 -6.66 17.61
CA PHE B 272 -3.62 -7.47 17.80
C PHE B 272 -4.88 -6.63 17.55
N ARG B 273 -5.98 -7.33 17.25
CA ARG B 273 -7.30 -6.75 17.35
C ARG B 273 -8.10 -7.63 18.29
N ILE B 274 -8.78 -7.02 19.25
CA ILE B 274 -9.55 -7.75 20.25
C ILE B 274 -11.03 -7.36 20.27
N ARG B 275 -11.87 -8.37 20.04
CA ARG B 275 -13.30 -8.25 20.20
C ARG B 275 -13.64 -8.89 21.54
N TYR B 276 -14.38 -8.17 22.37
CA TYR B 276 -14.73 -8.68 23.70
C TYR B 276 -16.23 -8.66 23.98
N ARG B 277 -16.71 -9.74 24.58
CA ARG B 277 -18.07 -9.83 25.08
C ARG B 277 -17.97 -10.27 26.53
N ILE B 278 -18.06 -9.30 27.45
CA ILE B 278 -17.90 -9.58 28.87
C ILE B 278 -19.21 -9.35 29.64
N GLY B 279 -19.55 -10.29 30.52
CA GLY B 279 -20.78 -10.24 31.30
C GLY B 279 -20.60 -10.47 32.78
N ALA B 280 -21.44 -9.84 33.60
CA ALA B 280 -21.44 -10.00 35.05
C ALA B 280 -22.87 -10.15 35.56
N ASP B 281 -23.03 -10.30 36.88
CA ASP B 281 -24.35 -10.30 37.53
C ASP B 281 -24.63 -8.95 38.21
N ALA B 282 -25.69 -8.89 39.02
CA ALA B 282 -26.07 -7.65 39.71
C ALA B 282 -25.12 -7.30 40.86
N SER B 283 -24.43 -8.31 41.41
CA SER B 283 -23.46 -8.10 42.47
C SER B 283 -22.12 -7.57 41.96
N GLY B 284 -21.75 -7.98 40.74
CA GLY B 284 -20.50 -7.54 40.13
C GLY B 284 -19.60 -8.68 39.69
N LYS B 285 -19.85 -9.87 40.21
CA LYS B 285 -19.08 -11.08 39.85
C LYS B 285 -19.31 -11.48 38.40
N LEU B 286 -18.21 -11.56 37.66
CA LEU B 286 -18.23 -11.90 36.24
C LEU B 286 -18.89 -13.23 35.97
N LEU B 287 -19.75 -13.27 34.95
CA LEU B 287 -20.40 -14.49 34.53
C LEU B 287 -19.64 -15.17 33.39
N GLY B 288 -18.74 -14.44 32.75
CA GLY B 288 -17.96 -14.99 31.66
C GLY B 288 -17.60 -13.98 30.59
N ALA B 289 -16.46 -14.21 29.94
CA ALA B 289 -15.96 -13.32 28.90
C ALA B 289 -15.68 -14.08 27.61
N ASP B 290 -16.02 -13.47 26.48
CA ASP B 290 -15.82 -14.08 25.17
C ASP B 290 -14.87 -13.25 24.32
N PHE B 291 -13.73 -13.85 23.96
CA PHE B 291 -12.65 -13.14 23.28
C PHE B 291 -12.38 -13.65 21.89
N VAL B 292 -12.03 -12.73 20.99
CA VAL B 292 -11.48 -13.08 19.68
C VAL B 292 -10.18 -12.29 19.42
N HIS B 293 -9.09 -13.02 19.18
CA HIS B 293 -7.81 -12.41 18.86
C HIS B 293 -7.52 -12.48 17.37
N LEU B 294 -7.15 -11.34 16.79
CA LEU B 294 -6.66 -11.29 15.42
C LEU B 294 -5.21 -10.81 15.48
N ALA B 295 -4.28 -11.70 15.17
CA ALA B 295 -2.85 -11.44 15.39
C ALA B 295 -2.08 -11.25 14.09
N ARG B 296 -1.21 -10.23 14.07
CA ARG B 296 -0.49 -9.82 12.87
C ARG B 296 0.89 -10.46 12.78
N CYS B 297 0.93 -11.75 12.45
CA CYS B 297 2.15 -12.56 12.49
C CYS B 297 3.19 -12.26 11.44
N GLY B 298 2.77 -11.69 10.32
CA GLY B 298 3.69 -11.34 9.25
C GLY B 298 3.90 -12.45 8.24
N TRP B 299 4.83 -12.19 7.33
CA TRP B 299 5.06 -13.05 6.17
C TRP B 299 5.61 -14.41 6.55
N SER B 300 6.01 -14.57 7.81
CA SER B 300 6.66 -15.80 8.27
C SER B 300 6.33 -16.15 9.72
N ALA B 301 6.35 -17.46 10.02
CA ALA B 301 6.03 -17.98 11.36
C ALA B 301 6.80 -17.32 12.49
N ASP B 302 8.13 -17.35 12.40
CA ASP B 302 8.98 -16.95 13.52
C ASP B 302 8.49 -17.63 14.82
N LEU B 303 8.15 -16.83 15.83
CA LEU B 303 7.67 -17.33 17.12
C LEU B 303 6.18 -17.02 17.32
N SER B 304 5.46 -16.90 16.21
CA SER B 304 4.04 -16.53 16.20
C SER B 304 3.16 -17.56 16.92
N LEU B 305 3.49 -18.84 16.76
CA LEU B 305 2.74 -19.92 17.40
C LEU B 305 2.71 -19.74 18.92
N PRO B 306 3.89 -19.83 19.59
CA PRO B 306 3.87 -19.76 21.05
C PRO B 306 3.43 -18.39 21.57
N VAL B 307 3.69 -17.33 20.80
CA VAL B 307 3.29 -15.97 21.17
C VAL B 307 1.78 -15.87 21.42
N CYS B 308 0.99 -16.39 20.49
CA CYS B 308 -0.47 -16.28 20.59
C CYS B 308 -1.06 -17.27 21.59
N ASP B 309 -0.27 -18.28 21.95
CA ASP B 309 -0.65 -19.21 23.00
C ASP B 309 -0.57 -18.53 24.36
N ARG B 310 0.43 -17.65 24.52
CA ARG B 310 0.61 -16.89 25.75
C ARG B 310 -0.45 -15.82 25.87
N ALA B 311 -0.84 -15.25 24.73
CA ALA B 311 -1.90 -14.25 24.67
C ALA B 311 -3.22 -14.83 25.20
N MET B 312 -3.51 -16.06 24.78
CA MET B 312 -4.73 -16.76 25.18
C MET B 312 -4.66 -17.18 26.64
N LEU B 313 -3.48 -17.60 27.09
CA LEU B 313 -3.23 -17.99 28.48
C LEU B 313 -3.46 -16.82 29.47
N HIS B 314 -3.09 -15.61 29.04
CA HIS B 314 -3.24 -14.44 29.88
C HIS B 314 -4.53 -13.67 29.61
N ALA B 315 -5.45 -14.32 28.91
CA ALA B 315 -6.74 -13.72 28.58
C ALA B 315 -7.64 -13.58 29.81
N ASP B 316 -7.18 -14.11 30.95
CA ASP B 316 -7.89 -13.99 32.23
C ASP B 316 -7.53 -12.71 32.98
N GLY B 317 -6.59 -11.95 32.43
CA GLY B 317 -6.10 -10.73 33.05
C GLY B 317 -5.54 -11.03 34.42
N SER B 318 -6.36 -10.80 35.45
CA SER B 318 -6.00 -11.08 36.84
C SER B 318 -7.21 -11.67 37.58
N TYR B 319 -8.25 -12.02 36.83
CA TYR B 319 -9.57 -12.26 37.41
C TYR B 319 -10.04 -13.68 37.23
N PHE B 320 -10.84 -14.16 38.19
CA PHE B 320 -11.52 -15.45 38.05
C PHE B 320 -12.75 -15.30 37.16
N VAL B 321 -12.79 -16.09 36.10
CA VAL B 321 -13.93 -16.12 35.20
C VAL B 321 -14.45 -17.56 35.12
N PRO B 322 -15.76 -17.76 35.41
CA PRO B 322 -16.34 -19.10 35.39
C PRO B 322 -16.46 -19.68 33.99
N ALA B 323 -16.72 -18.82 33.00
CA ALA B 323 -16.83 -19.24 31.61
C ALA B 323 -16.05 -18.33 30.65
N LEU B 324 -14.96 -18.84 30.10
CA LEU B 324 -14.08 -18.05 29.23
C LEU B 324 -13.75 -18.75 27.92
N ARG B 325 -13.86 -18.01 26.81
CA ARG B 325 -13.59 -18.54 25.47
C ARG B 325 -12.74 -17.59 24.63
N ILE B 326 -11.58 -18.08 24.17
CA ILE B 326 -10.78 -17.32 23.21
C ILE B 326 -10.79 -18.01 21.86
N GLU B 327 -10.89 -17.22 20.80
CA GLU B 327 -10.77 -17.69 19.43
C GLU B 327 -9.65 -16.90 18.77
N SER B 328 -8.45 -17.47 18.78
CA SER B 328 -7.22 -16.75 18.42
C SER B 328 -6.80 -17.00 16.98
N HIS B 329 -6.75 -15.94 16.18
CA HIS B 329 -6.39 -16.06 14.77
C HIS B 329 -4.93 -15.72 14.50
N ARG B 330 -4.24 -16.68 13.89
CA ARG B 330 -2.83 -16.54 13.56
C ARG B 330 -2.70 -16.05 12.12
N LEU B 331 -2.99 -14.77 11.89
CA LEU B 331 -3.06 -14.28 10.51
C LEU B 331 -1.70 -14.00 9.89
N ARG B 332 -1.57 -14.29 8.59
CA ARG B 332 -0.38 -14.00 7.80
C ARG B 332 -0.60 -12.75 6.96
N THR B 333 0.38 -11.85 6.97
CA THR B 333 0.37 -10.69 6.08
C THR B 333 1.74 -10.50 5.47
N ASN B 334 1.77 -9.88 4.29
CA ASN B 334 3.01 -9.55 3.60
C ASN B 334 3.76 -8.38 4.25
N THR B 335 3.88 -8.44 5.57
CA THR B 335 4.65 -7.48 6.35
C THR B 335 5.70 -8.26 7.13
N GLN B 336 6.45 -7.56 7.99
CA GLN B 336 7.55 -8.18 8.74
C GLN B 336 7.05 -9.33 9.59
N SER B 337 7.86 -10.39 9.68
CA SER B 337 7.52 -11.56 10.50
C SER B 337 7.67 -11.24 11.97
N ASN B 338 6.57 -10.83 12.58
CA ASN B 338 6.57 -10.48 13.99
C ASN B 338 7.16 -11.60 14.85
N THR B 339 7.80 -11.19 15.92
CA THR B 339 8.56 -12.08 16.76
C THR B 339 8.20 -11.88 18.23
N ALA B 340 9.10 -12.34 19.09
CA ALA B 340 9.00 -12.20 20.53
C ALA B 340 9.24 -10.75 20.96
N PHE B 341 8.61 -10.36 22.06
CA PHE B 341 8.81 -9.08 22.72
C PHE B 341 8.36 -9.16 24.17
N ARG B 342 9.23 -8.76 25.09
CA ARG B 342 8.94 -8.65 26.52
C ARG B 342 7.45 -8.80 26.82
N GLY B 343 7.09 -9.95 27.40
CA GLY B 343 5.69 -10.28 27.66
C GLY B 343 5.16 -11.38 26.75
N PHE B 344 5.79 -11.50 25.58
CA PHE B 344 5.61 -12.62 24.66
C PHE B 344 4.13 -12.91 24.32
N GLY B 345 3.32 -11.86 24.28
CA GLY B 345 1.91 -11.98 23.93
C GLY B 345 1.01 -11.76 25.12
N GLY B 346 1.57 -11.96 26.32
CA GLY B 346 0.86 -11.74 27.57
C GLY B 346 0.20 -10.38 27.67
N PRO B 347 0.99 -9.30 27.47
CA PRO B 347 0.46 -7.95 27.37
C PRO B 347 -0.80 -7.84 26.48
N GLN B 348 -0.79 -8.47 25.31
CA GLN B 348 -1.92 -8.37 24.37
C GLN B 348 -3.23 -8.99 24.87
N GLY B 349 -3.18 -10.26 25.29
CA GLY B 349 -4.35 -10.93 25.85
C GLY B 349 -4.86 -10.29 27.12
N ALA B 350 -3.93 -9.86 27.98
CA ALA B 350 -4.25 -9.23 29.27
C ALA B 350 -4.91 -7.88 29.11
N LEU B 351 -4.49 -7.11 28.09
CA LEU B 351 -5.07 -5.81 27.79
C LEU B 351 -6.52 -5.93 27.33
N GLY B 352 -6.83 -7.00 26.62
CA GLY B 352 -8.20 -7.29 26.16
C GLY B 352 -9.13 -7.61 27.32
N MET B 353 -8.57 -8.20 28.36
CA MET B 353 -9.31 -8.45 29.60
C MET B 353 -9.45 -7.16 30.40
N GLU B 354 -8.42 -6.32 30.37
CA GLU B 354 -8.45 -5.04 31.07
C GLU B 354 -9.32 -4.01 30.38
N ARG B 355 -9.46 -4.12 29.06
CA ARG B 355 -10.39 -3.28 28.30
C ARG B 355 -11.84 -3.73 28.48
N ALA B 356 -12.05 -5.04 28.54
CA ALA B 356 -13.36 -5.61 28.78
C ALA B 356 -13.89 -5.27 30.18
N ILE B 357 -13.07 -5.52 31.20
CA ILE B 357 -13.43 -5.26 32.60
C ILE B 357 -13.74 -3.77 32.84
N GLU B 358 -12.95 -2.90 32.22
CA GLU B 358 -13.14 -1.45 32.31
C GLU B 358 -14.42 -1.00 31.62
N HIS B 359 -14.67 -1.52 30.42
CA HIS B 359 -15.87 -1.18 29.64
C HIS B 359 -17.14 -1.64 30.34
N LEU B 360 -17.05 -2.75 31.06
CA LEU B 360 -18.15 -3.26 31.87
C LEU B 360 -18.41 -2.34 33.06
N ALA B 361 -17.34 -1.92 33.73
CA ALA B 361 -17.40 -1.02 34.87
C ALA B 361 -18.09 0.29 34.54
N ARG B 362 -17.65 0.94 33.47
CA ARG B 362 -18.22 2.20 33.01
C ARG B 362 -19.69 2.02 32.66
N GLY B 363 -19.98 0.90 31.99
CA GLY B 363 -21.32 0.56 31.55
C GLY B 363 -22.33 0.46 32.68
N MET B 364 -22.03 -0.39 33.67
CA MET B 364 -22.90 -0.55 34.83
C MET B 364 -22.70 0.58 35.85
N GLY B 365 -21.83 1.53 35.52
CA GLY B 365 -21.58 2.70 36.36
C GLY B 365 -20.98 2.37 37.71
N ARG B 366 -20.03 1.43 37.72
CA ARG B 366 -19.33 1.02 38.92
C ARG B 366 -17.87 1.40 38.83
N ASP B 367 -17.23 1.64 39.98
CA ASP B 367 -15.81 1.98 40.01
C ASP B 367 -14.97 0.76 39.62
N PRO B 368 -14.14 0.90 38.56
CA PRO B 368 -13.42 -0.25 38.02
C PRO B 368 -12.56 -0.93 39.09
N ALA B 369 -11.88 -0.13 39.91
CA ALA B 369 -11.04 -0.66 40.98
C ALA B 369 -11.84 -1.58 41.91
N GLU B 370 -13.06 -1.17 42.25
CA GLU B 370 -13.95 -1.97 43.10
C GLU B 370 -14.41 -3.23 42.40
N LEU B 371 -14.71 -3.12 41.10
CA LEU B 371 -15.13 -4.24 40.27
C LEU B 371 -14.00 -5.25 40.04
N ARG B 372 -12.77 -4.74 39.95
CA ARG B 372 -11.58 -5.59 39.81
C ARG B 372 -11.24 -6.28 41.13
N ALA B 373 -11.31 -5.51 42.21
CA ALA B 373 -11.08 -6.02 43.56
C ALA B 373 -12.07 -7.14 43.83
N LEU B 374 -13.33 -6.90 43.49
CA LEU B 374 -14.42 -7.87 43.68
C LEU B 374 -14.21 -9.16 42.86
N ASN B 375 -13.38 -9.09 41.82
CA ASN B 375 -13.23 -10.20 40.88
C ASN B 375 -11.82 -10.77 40.73
N PHE B 376 -10.98 -10.58 41.74
CA PHE B 376 -9.65 -11.18 41.75
C PHE B 376 -9.73 -12.69 42.03
N TYR B 377 -8.61 -13.39 41.87
CA TYR B 377 -8.48 -14.76 42.37
C TYR B 377 -8.36 -14.75 43.89
N ASP B 378 -8.90 -15.77 44.54
CA ASP B 378 -8.89 -15.86 45.99
C ASP B 378 -7.46 -16.05 46.53
N PRO B 379 -7.15 -15.40 47.67
CA PRO B 379 -5.84 -15.57 48.31
C PRO B 379 -5.68 -16.97 48.92
N PRO B 380 -4.46 -17.54 48.87
CA PRO B 380 -4.20 -18.89 49.40
C PRO B 380 -4.50 -19.07 50.89
N GLU B 381 -4.75 -20.33 51.28
CA GLU B 381 -5.04 -20.74 52.67
C GLU B 381 -6.47 -20.42 53.10
N LYS B 398 -12.70 -26.97 49.88
CA LYS B 398 -11.36 -27.50 49.61
C LYS B 398 -10.92 -27.27 48.15
N LYS B 399 -11.76 -26.61 47.36
CA LYS B 399 -11.48 -26.42 45.94
C LYS B 399 -10.90 -25.05 45.58
N THR B 400 -9.63 -25.06 45.17
CA THR B 400 -8.96 -23.84 44.69
C THR B 400 -9.47 -23.51 43.29
N GLN B 401 -9.67 -22.22 43.04
CA GLN B 401 -10.08 -21.73 41.73
C GLN B 401 -9.07 -22.11 40.66
N THR B 402 -9.53 -22.17 39.42
CA THR B 402 -8.64 -22.45 38.31
C THR B 402 -8.72 -21.33 37.28
N THR B 403 -7.81 -21.38 36.30
CA THR B 403 -7.87 -20.49 35.16
C THR B 403 -8.72 -21.14 34.06
N HIS B 404 -8.81 -20.48 32.91
CA HIS B 404 -9.56 -21.00 31.78
C HIS B 404 -8.86 -22.20 31.13
N TYR B 405 -7.56 -22.31 31.36
CA TYR B 405 -6.84 -23.52 30.98
C TYR B 405 -6.81 -24.54 32.11
N GLY B 406 -7.38 -24.16 33.25
CA GLY B 406 -7.56 -25.08 34.37
C GLY B 406 -6.32 -25.30 35.23
N GLN B 407 -5.52 -24.26 35.40
CA GLN B 407 -4.40 -24.33 36.33
C GLN B 407 -4.82 -23.71 37.66
N GLU B 408 -4.63 -24.46 38.74
CA GLU B 408 -4.94 -23.95 40.07
C GLU B 408 -4.15 -22.68 40.37
N VAL B 409 -4.84 -21.66 40.85
CA VAL B 409 -4.20 -20.40 41.26
C VAL B 409 -4.25 -20.27 42.77
N ALA B 410 -3.19 -20.71 43.44
CA ALA B 410 -3.12 -20.67 44.89
C ALA B 410 -1.90 -19.91 45.38
N ASP B 411 -1.44 -18.96 44.57
CA ASP B 411 -0.29 -18.11 44.92
C ASP B 411 -0.61 -16.64 44.70
N CYS B 412 -1.90 -16.34 44.62
CA CYS B 412 -2.37 -15.00 44.30
C CYS B 412 -2.45 -14.07 45.51
N VAL B 413 -1.58 -13.07 45.55
CA VAL B 413 -1.56 -12.11 46.65
C VAL B 413 -2.20 -10.77 46.29
N LEU B 414 -2.88 -10.72 45.14
CA LEU B 414 -3.45 -9.46 44.61
C LEU B 414 -4.48 -8.78 45.53
N GLY B 415 -5.10 -9.55 46.41
CA GLY B 415 -6.00 -8.98 47.40
C GLY B 415 -5.24 -7.99 48.27
N GLU B 416 -4.22 -8.50 48.96
CA GLU B 416 -3.37 -7.71 49.84
C GLU B 416 -2.62 -6.59 49.11
N LEU B 417 -1.97 -6.95 48.01
CA LEU B 417 -1.11 -6.05 47.23
C LEU B 417 -1.81 -4.75 46.83
N VAL B 418 -2.96 -4.87 46.15
CA VAL B 418 -3.76 -3.71 45.75
C VAL B 418 -4.16 -2.85 46.97
N THR B 419 -4.59 -3.51 48.05
CA THR B 419 -4.92 -2.84 49.31
C THR B 419 -3.70 -2.12 49.88
N ARG B 420 -2.53 -2.76 49.76
CA ARG B 420 -1.28 -2.19 50.22
C ARG B 420 -0.92 -0.95 49.40
N LEU B 421 -1.05 -1.07 48.07
CA LEU B 421 -0.67 0.00 47.15
C LEU B 421 -1.57 1.23 47.25
N GLN B 422 -2.88 1.01 47.17
CA GLN B 422 -3.87 2.09 47.19
C GLN B 422 -3.79 2.96 48.45
N LYS B 423 -3.43 2.34 49.56
CA LYS B 423 -3.21 3.05 50.83
C LYS B 423 -1.96 3.92 50.77
N SER B 424 -0.86 3.33 50.30
CA SER B 424 0.43 4.03 50.19
C SER B 424 0.42 5.09 49.09
N ALA B 425 -0.34 4.84 48.03
CA ALA B 425 -0.47 5.77 46.90
C ALA B 425 -1.53 6.84 47.13
N ASN B 426 -2.21 6.76 48.27
CA ASN B 426 -3.25 7.71 48.63
C ASN B 426 -4.30 7.76 47.53
N PHE B 427 -4.84 6.58 47.18
CA PHE B 427 -5.63 6.40 45.96
C PHE B 427 -6.99 7.10 45.97
N THR B 428 -7.69 7.06 47.09
CA THR B 428 -9.04 7.60 47.14
C THR B 428 -9.03 9.11 47.14
N THR B 429 -8.15 9.70 47.95
CA THR B 429 -8.06 11.15 48.05
C THR B 429 -7.74 11.78 46.70
N ARG B 430 -6.74 11.23 46.02
CA ARG B 430 -6.29 11.75 44.72
C ARG B 430 -7.37 11.66 43.63
N ARG B 431 -8.15 10.59 43.64
CA ARG B 431 -9.22 10.40 42.65
C ARG B 431 -10.36 11.39 42.87
N ALA B 432 -10.62 11.71 44.14
CA ALA B 432 -11.59 12.74 44.49
C ALA B 432 -11.00 14.12 44.22
N GLU B 433 -9.69 14.26 44.43
CA GLU B 433 -8.97 15.50 44.22
C GLU B 433 -8.99 15.90 42.74
N ILE B 434 -9.00 14.89 41.87
CA ILE B 434 -9.09 15.11 40.43
C ILE B 434 -10.51 15.51 40.04
N ALA B 435 -11.51 14.87 40.63
CA ALA B 435 -12.91 15.20 40.36
C ALA B 435 -13.14 16.71 40.40
N ALA B 436 -12.58 17.34 41.43
CA ALA B 436 -12.67 18.80 41.62
C ALA B 436 -11.83 19.56 40.59
N TRP B 437 -10.62 19.06 40.32
CA TRP B 437 -9.71 19.64 39.35
C TRP B 437 -10.33 19.62 37.95
N ASN B 438 -11.08 18.58 37.65
CA ASN B 438 -11.74 18.43 36.37
C ASN B 438 -12.81 19.49 36.17
N SER B 439 -13.62 19.72 37.20
CA SER B 439 -14.72 20.70 37.17
C SER B 439 -14.24 22.16 37.17
N THR B 440 -12.97 22.38 37.53
CA THR B 440 -12.34 23.69 37.47
C THR B 440 -11.76 23.94 36.07
N ASN B 441 -11.39 22.86 35.36
CA ASN B 441 -10.80 22.95 34.03
C ASN B 441 -11.77 22.73 32.88
N ARG B 442 -11.42 23.26 31.70
CA ARG B 442 -12.23 23.11 30.49
C ARG B 442 -11.38 22.79 29.25
N THR B 443 -10.05 22.82 29.44
CA THR B 443 -9.08 22.56 28.38
C THR B 443 -8.22 21.35 28.75
N LEU B 444 -7.89 21.24 30.02
CA LEU B 444 -7.07 20.14 30.50
C LEU B 444 -7.88 19.19 31.37
N ALA B 445 -7.65 17.89 31.20
CA ALA B 445 -8.30 16.88 32.03
C ALA B 445 -7.27 15.92 32.65
N ARG B 446 -7.51 15.55 33.91
CA ARG B 446 -6.67 14.57 34.58
C ARG B 446 -7.34 13.21 34.60
N GLY B 447 -6.52 12.17 34.66
CA GLY B 447 -7.00 10.80 34.74
C GLY B 447 -6.17 10.00 35.70
N ILE B 448 -6.76 8.93 36.23
CA ILE B 448 -6.06 8.04 37.16
C ILE B 448 -6.67 6.65 37.09
N ALA B 449 -5.82 5.63 37.01
CA ALA B 449 -6.29 4.25 36.99
C ALA B 449 -5.33 3.29 37.65
N LEU B 450 -5.88 2.23 38.23
CA LEU B 450 -5.12 1.12 38.77
C LEU B 450 -5.20 -0.06 37.82
N SER B 451 -4.09 -0.78 37.67
CA SER B 451 -4.07 -1.97 36.82
C SER B 451 -3.35 -3.11 37.54
N PRO B 452 -3.96 -4.31 37.56
CA PRO B 452 -3.30 -5.45 38.19
C PRO B 452 -2.45 -6.24 37.19
N VAL B 453 -1.54 -7.06 37.72
CA VAL B 453 -0.74 -7.96 36.89
C VAL B 453 -0.81 -9.36 37.46
N LYS B 454 -1.19 -10.32 36.62
CA LYS B 454 -0.99 -11.74 36.88
C LYS B 454 -0.33 -12.30 35.63
N PHE B 455 0.91 -12.76 35.78
CA PHE B 455 1.71 -13.24 34.65
C PHE B 455 2.36 -14.58 34.99
N GLY B 456 2.02 -15.63 34.23
CA GLY B 456 2.58 -16.96 34.44
C GLY B 456 4.05 -17.07 34.11
N ILE B 457 4.82 -17.71 34.99
CA ILE B 457 6.27 -17.84 34.78
C ILE B 457 6.65 -19.24 34.33
N SER B 458 7.27 -19.30 33.15
CA SER B 458 7.84 -20.53 32.58
C SER B 458 7.66 -20.52 31.07
N PHE B 459 8.28 -21.46 30.37
CA PHE B 459 8.16 -21.55 28.91
C PHE B 459 6.86 -22.25 28.51
N THR B 460 6.12 -21.61 27.60
CA THR B 460 4.88 -22.19 27.04
C THR B 460 5.16 -23.60 26.54
N LEU B 461 6.14 -23.69 25.63
CA LEU B 461 6.70 -24.95 25.17
C LEU B 461 7.62 -25.48 26.28
N THR B 462 7.17 -26.54 26.97
CA THR B 462 7.72 -26.86 28.29
C THR B 462 9.07 -27.57 28.39
N HIS B 463 9.55 -28.15 27.29
CA HIS B 463 10.86 -28.80 27.35
C HIS B 463 12.03 -27.82 27.32
N LEU B 464 11.74 -26.56 26.97
CA LEU B 464 12.75 -25.48 27.01
C LEU B 464 13.08 -25.08 28.45
N ASN B 465 12.34 -25.64 29.40
CA ASN B 465 12.51 -25.31 30.80
C ASN B 465 13.65 -26.07 31.48
N GLN B 466 14.86 -25.86 30.97
CA GLN B 466 16.08 -26.47 31.52
C GLN B 466 17.23 -25.50 31.42
N ALA B 467 18.05 -25.40 32.47
CA ALA B 467 19.22 -24.53 32.43
C ALA B 467 20.47 -25.20 32.95
N GLY B 468 21.63 -24.82 32.39
CA GLY B 468 22.90 -25.46 32.73
C GLY B 468 24.01 -24.49 33.11
N ALA B 469 24.90 -24.95 33.99
CA ALA B 469 26.04 -24.16 34.45
C ALA B 469 27.35 -24.98 34.45
N LEU B 470 28.48 -24.30 34.66
CA LEU B 470 29.80 -24.91 34.73
C LEU B 470 30.73 -24.02 35.56
N VAL B 471 31.12 -24.50 36.75
CA VAL B 471 31.94 -23.72 37.68
C VAL B 471 33.33 -24.32 37.89
N GLN B 472 34.35 -23.47 37.77
CA GLN B 472 35.75 -23.83 38.05
C GLN B 472 36.17 -23.21 39.37
N ILE B 473 36.94 -23.96 40.17
CA ILE B 473 37.56 -23.40 41.34
C ILE B 473 39.08 -23.52 41.19
N TYR B 474 39.75 -22.37 41.11
CA TYR B 474 41.20 -22.35 40.88
C TYR B 474 41.97 -22.41 42.20
N THR B 475 43.25 -22.78 42.14
CA THR B 475 44.06 -23.03 43.34
C THR B 475 44.27 -21.82 44.24
N ASP B 476 44.09 -20.61 43.69
CA ASP B 476 44.19 -19.41 44.50
C ASP B 476 42.86 -19.06 45.17
N GLY B 477 41.89 -19.96 45.08
CA GLY B 477 40.59 -19.75 45.66
C GLY B 477 39.57 -19.21 44.67
N SER B 478 39.99 -18.28 43.82
CA SER B 478 39.10 -17.61 42.88
C SER B 478 38.38 -18.53 41.88
N VAL B 479 37.05 -18.36 41.79
CA VAL B 479 36.22 -19.20 40.92
C VAL B 479 35.81 -18.52 39.62
N ALA B 480 35.50 -19.34 38.63
CA ALA B 480 35.06 -18.90 37.32
C ALA B 480 33.65 -19.42 37.07
N LEU B 481 32.72 -18.51 36.86
CA LEU B 481 31.31 -18.86 36.65
C LEU B 481 30.95 -18.90 35.16
N ASN B 482 30.19 -19.92 34.76
CA ASN B 482 29.69 -20.02 33.39
C ASN B 482 28.35 -20.76 33.32
N HIS B 483 27.31 -20.05 32.88
CA HIS B 483 25.99 -20.64 32.67
C HIS B 483 25.50 -20.45 31.23
N GLY B 484 24.23 -20.73 30.98
CA GLY B 484 23.68 -20.70 29.63
C GLY B 484 22.95 -19.42 29.31
N GLY B 485 22.62 -18.65 30.36
CA GLY B 485 21.88 -17.40 30.22
C GLY B 485 22.75 -16.31 29.64
N THR B 486 22.12 -15.34 28.98
CA THR B 486 22.85 -14.29 28.27
C THR B 486 22.48 -12.91 28.76
N GLU B 487 23.48 -12.04 28.83
CA GLU B 487 23.32 -10.70 29.38
C GLU B 487 22.83 -9.64 28.38
N MET B 488 21.64 -9.10 28.62
CA MET B 488 21.08 -8.02 27.80
C MET B 488 20.84 -6.79 28.67
N GLY B 489 21.25 -6.87 29.93
CA GLY B 489 21.10 -5.76 30.86
C GLY B 489 20.22 -6.02 32.08
N GLN B 490 19.52 -7.16 32.06
CA GLN B 490 18.63 -7.52 33.16
C GLN B 490 19.39 -7.81 34.45
N GLY B 491 20.72 -7.77 34.38
CA GLY B 491 21.59 -8.09 35.50
C GLY B 491 21.54 -9.56 35.86
N LEU B 492 21.64 -10.42 34.86
CA LEU B 492 21.51 -11.85 35.06
C LEU B 492 22.74 -12.42 35.76
N HIS B 493 23.91 -12.00 35.29
CA HIS B 493 25.21 -12.47 35.81
C HIS B 493 25.43 -12.04 37.25
N ALA B 494 24.96 -10.85 37.59
CA ALA B 494 25.01 -10.36 38.95
C ALA B 494 24.29 -11.32 39.88
N LYS B 495 23.06 -11.70 39.50
CA LYS B 495 22.28 -12.64 40.28
C LYS B 495 22.97 -13.99 40.35
N MET B 496 23.52 -14.44 39.22
CA MET B 496 24.26 -15.70 39.19
C MET B 496 25.50 -15.65 40.10
N VAL B 497 26.25 -14.55 40.01
CA VAL B 497 27.40 -14.33 40.91
C VAL B 497 26.98 -14.30 42.39
N GLN B 498 25.85 -13.64 42.67
CA GLN B 498 25.32 -13.57 44.03
C GLN B 498 24.85 -14.93 44.56
N VAL B 499 24.34 -15.78 43.66
CA VAL B 499 23.96 -17.14 44.02
C VAL B 499 25.21 -17.99 44.21
N ALA B 500 26.17 -17.84 43.30
CA ALA B 500 27.37 -18.66 43.32
C ALA B 500 28.17 -18.40 44.58
N ALA B 501 28.35 -17.12 44.89
CA ALA B 501 29.04 -16.70 46.11
C ALA B 501 28.25 -17.08 47.38
N ALA B 502 26.92 -17.04 47.28
CA ALA B 502 26.05 -17.45 48.37
C ALA B 502 26.26 -18.90 48.74
N VAL B 503 26.29 -19.77 47.73
CA VAL B 503 26.37 -21.22 47.95
C VAL B 503 27.73 -21.71 48.47
N LEU B 504 28.80 -21.16 47.92
CA LEU B 504 30.15 -21.56 48.32
C LEU B 504 30.59 -20.91 49.63
N GLY B 505 29.86 -19.88 50.05
CA GLY B 505 30.17 -19.14 51.28
C GLY B 505 31.36 -18.22 51.11
N ILE B 506 31.45 -17.60 49.94
CA ILE B 506 32.58 -16.75 49.56
C ILE B 506 32.14 -15.37 49.07
N ASP B 507 33.05 -14.40 49.12
CA ASP B 507 32.77 -13.05 48.64
C ASP B 507 32.45 -13.09 47.14
N PRO B 508 31.43 -12.34 46.70
CA PRO B 508 31.10 -12.25 45.28
C PRO B 508 32.24 -11.74 44.40
N VAL B 509 33.22 -11.06 45.02
CA VAL B 509 34.44 -10.67 44.33
C VAL B 509 35.14 -11.90 43.79
N GLN B 510 35.28 -12.91 44.65
CA GLN B 510 35.94 -14.15 44.29
C GLN B 510 35.29 -14.88 43.10
N VAL B 511 34.05 -14.51 42.77
CA VAL B 511 33.37 -15.11 41.62
C VAL B 511 33.53 -14.25 40.38
N ARG B 512 34.11 -14.84 39.33
CA ARG B 512 34.24 -14.20 38.02
C ARG B 512 33.31 -14.83 36.98
N ILE B 513 32.67 -13.99 36.17
CA ILE B 513 31.73 -14.46 35.15
C ILE B 513 32.41 -14.59 33.78
N THR B 514 32.14 -15.70 33.09
CA THR B 514 32.67 -15.93 31.75
C THR B 514 31.62 -15.49 30.76
N ALA B 515 32.02 -15.28 29.51
CA ALA B 515 31.08 -15.05 28.43
C ALA B 515 30.31 -16.35 28.17
N THR B 516 29.06 -16.21 27.73
CA THR B 516 28.20 -17.37 27.45
C THR B 516 28.76 -18.14 26.29
N ASP B 517 28.91 -19.45 26.47
CA ASP B 517 29.54 -20.30 25.47
C ASP B 517 28.73 -21.56 25.25
N THR B 518 28.59 -21.96 24.00
CA THR B 518 27.92 -23.20 23.67
C THR B 518 28.82 -24.40 23.96
N SER B 519 30.13 -24.15 23.98
CA SER B 519 31.11 -25.18 24.31
C SER B 519 31.32 -25.36 25.82
N LYS B 520 30.97 -24.33 26.60
CA LYS B 520 30.98 -24.46 28.05
C LYS B 520 29.68 -25.09 28.55
N VAL B 521 28.55 -24.43 28.29
CA VAL B 521 27.23 -25.01 28.61
C VAL B 521 26.40 -25.27 27.34
N PRO B 522 26.26 -26.54 26.96
CA PRO B 522 25.63 -26.89 25.69
C PRO B 522 24.11 -27.01 25.77
N ASN B 523 23.46 -26.97 24.62
CA ASN B 523 22.01 -27.16 24.49
C ASN B 523 21.21 -26.20 25.39
N THR B 524 21.64 -24.94 25.41
CA THR B 524 20.91 -23.89 26.09
C THR B 524 19.55 -23.66 25.40
N SER B 525 18.61 -23.07 26.14
CA SER B 525 17.40 -22.50 25.53
C SER B 525 17.66 -21.02 25.27
N ALA B 526 16.67 -20.32 24.75
CA ALA B 526 16.78 -18.87 24.64
C ALA B 526 16.74 -18.29 26.06
N THR B 527 17.38 -17.14 26.27
CA THR B 527 17.27 -16.44 27.56
C THR B 527 15.95 -15.66 27.55
N ALA B 528 14.86 -16.38 27.76
CA ALA B 528 13.52 -15.88 27.53
C ALA B 528 12.51 -16.32 28.60
N ALA B 529 11.27 -15.86 28.47
CA ALA B 529 10.15 -16.19 29.37
C ALA B 529 10.41 -15.85 30.84
N SER B 530 11.29 -14.89 31.08
CA SER B 530 11.68 -14.47 32.44
C SER B 530 12.33 -15.61 33.27
N SER B 531 12.55 -16.75 32.63
CA SER B 531 13.07 -17.97 33.28
C SER B 531 14.56 -17.90 33.58
N GLY B 532 15.29 -17.17 32.73
CA GLY B 532 16.75 -17.03 32.82
C GLY B 532 17.33 -17.09 34.22
N ALA B 533 16.92 -16.15 35.07
CA ALA B 533 17.42 -16.06 36.45
C ALA B 533 16.98 -17.22 37.34
N ASP B 534 15.74 -17.68 37.17
CA ASP B 534 15.19 -18.80 37.96
C ASP B 534 15.95 -20.10 37.75
N MET B 535 16.08 -20.52 36.49
CA MET B 535 16.59 -21.86 36.16
C MET B 535 18.10 -21.91 36.21
N ASN B 536 18.76 -20.87 35.70
CA ASN B 536 20.21 -20.78 35.73
C ASN B 536 20.68 -20.62 37.16
N GLY B 537 19.96 -19.81 37.94
CA GLY B 537 20.18 -19.70 39.37
C GLY B 537 20.29 -21.08 40.01
N MET B 538 19.31 -21.92 39.72
CA MET B 538 19.30 -23.33 40.12
C MET B 538 20.48 -24.11 39.53
N ALA B 539 20.76 -23.90 38.24
CA ALA B 539 21.89 -24.54 37.58
C ALA B 539 23.20 -24.22 38.31
N VAL B 540 23.46 -22.93 38.50
CA VAL B 540 24.63 -22.44 39.22
C VAL B 540 24.73 -23.10 40.59
N LYS B 541 23.63 -23.02 41.34
CA LYS B 541 23.51 -23.59 42.69
C LYS B 541 23.85 -25.08 42.75
N ASP B 542 23.51 -25.82 41.70
CA ASP B 542 23.80 -27.25 41.62
C ASP B 542 25.30 -27.53 41.56
N ALA B 543 25.98 -26.88 40.62
CA ALA B 543 27.42 -27.03 40.45
C ALA B 543 28.16 -26.54 41.69
N CYS B 544 27.66 -25.44 42.26
CA CYS B 544 28.27 -24.85 43.46
C CYS B 544 28.12 -25.76 44.67
N GLU B 545 26.93 -26.34 44.82
CA GLU B 545 26.67 -27.29 45.90
C GLU B 545 27.53 -28.53 45.77
N THR B 546 27.75 -28.98 44.54
CA THR B 546 28.57 -30.15 44.27
C THR B 546 29.99 -29.87 44.72
N LEU B 547 30.52 -28.75 44.24
CA LEU B 547 31.86 -28.34 44.62
C LEU B 547 31.98 -28.13 46.13
N ARG B 548 30.99 -27.46 46.72
CA ARG B 548 30.99 -27.19 48.16
C ARG B 548 30.93 -28.49 48.95
N GLY B 549 30.21 -29.46 48.41
CA GLY B 549 30.14 -30.80 48.98
C GLY B 549 31.49 -31.49 48.96
N ARG B 550 32.16 -31.44 47.81
CA ARG B 550 33.50 -32.00 47.65
C ARG B 550 34.47 -31.48 48.70
N LEU B 551 34.51 -30.16 48.86
CA LEU B 551 35.38 -29.51 49.83
C LEU B 551 35.01 -29.90 51.26
N ALA B 552 33.71 -30.02 51.55
CA ALA B 552 33.22 -30.37 52.88
C ALA B 552 33.58 -31.82 53.23
N GLY B 553 33.31 -32.73 52.30
CA GLY B 553 33.66 -34.13 52.48
C GLY B 553 35.13 -34.30 52.80
N PHE B 554 35.97 -33.70 51.96
CA PHE B 554 37.42 -33.72 52.14
C PHE B 554 37.86 -33.24 53.51
N VAL B 555 37.32 -32.09 53.94
CA VAL B 555 37.63 -31.51 55.25
C VAL B 555 37.29 -32.48 56.36
N ALA B 556 36.02 -32.88 56.41
CA ALA B 556 35.48 -33.74 57.47
C ALA B 556 36.21 -35.08 57.54
N ALA B 557 36.84 -35.48 56.45
CA ALA B 557 37.72 -36.62 56.47
C ALA B 557 39.01 -36.19 57.12
N ARG B 558 39.60 -35.11 56.60
CA ARG B 558 40.90 -34.61 57.03
C ARG B 558 40.86 -34.15 58.48
N GLU B 559 39.69 -33.68 58.91
CA GLU B 559 39.51 -33.13 60.25
C GLU B 559 38.77 -34.07 61.20
N GLY B 560 38.33 -35.21 60.69
CA GLY B 560 37.60 -36.21 61.47
C GLY B 560 36.23 -35.73 61.94
N CYS B 561 35.21 -36.00 61.13
CA CYS B 561 33.80 -35.69 61.48
C CYS B 561 32.87 -35.81 60.27
N ALA B 562 31.62 -35.39 60.46
CA ALA B 562 30.61 -35.43 59.40
C ALA B 562 30.66 -34.15 58.58
N ALA B 563 30.59 -34.31 57.25
CA ALA B 563 30.67 -33.18 56.31
C ALA B 563 29.65 -32.08 56.60
N ARG B 564 28.45 -32.50 57.02
CA ARG B 564 27.38 -31.58 57.42
C ARG B 564 27.85 -30.48 58.37
N ASP B 565 28.88 -30.79 59.16
CA ASP B 565 29.36 -29.86 60.19
C ASP B 565 30.54 -28.99 59.73
N VAL B 566 30.78 -28.96 58.43
CA VAL B 566 31.81 -28.10 57.86
C VAL B 566 31.09 -26.89 57.30
N ILE B 567 31.19 -25.75 57.98
CA ILE B 567 30.47 -24.56 57.54
C ILE B 567 31.29 -23.60 56.66
N PHE B 568 30.74 -23.30 55.49
CA PHE B 568 31.38 -22.44 54.50
C PHE B 568 30.72 -21.07 54.54
N ASP B 569 31.42 -20.06 55.04
CA ASP B 569 30.83 -18.74 55.20
C ASP B 569 31.84 -17.60 55.24
N ALA B 570 31.48 -16.47 54.63
CA ALA B 570 32.29 -15.24 54.68
C ALA B 570 33.73 -15.42 54.19
N GLY B 571 33.93 -16.32 53.23
CA GLY B 571 35.24 -16.62 52.67
C GLY B 571 36.09 -17.45 53.63
N GLN B 572 35.44 -17.96 54.68
CA GLN B 572 36.10 -18.74 55.71
C GLN B 572 35.40 -20.09 55.85
N VAL B 573 36.19 -21.13 56.09
CA VAL B 573 35.67 -22.48 56.31
C VAL B 573 35.87 -22.78 57.78
N GLN B 574 34.90 -23.42 58.40
CA GLN B 574 35.02 -23.79 59.80
C GLN B 574 34.60 -25.24 60.05
N ALA B 575 35.47 -25.97 60.75
CA ALA B 575 35.29 -27.40 61.04
C ALA B 575 36.23 -27.83 62.16
N SER B 576 35.74 -28.69 63.06
CA SER B 576 36.49 -29.12 64.24
C SER B 576 36.80 -27.98 65.23
N GLY B 577 36.10 -26.87 65.11
CA GLY B 577 36.39 -25.67 65.90
C GLY B 577 37.66 -24.96 65.45
N LYS B 578 38.11 -25.29 64.24
CA LYS B 578 39.24 -24.64 63.60
C LYS B 578 38.73 -23.89 62.37
N SER B 579 39.50 -22.91 61.91
CA SER B 579 39.09 -22.16 60.73
C SER B 579 40.24 -21.90 59.75
N TRP B 580 39.91 -21.98 58.47
CA TRP B 580 40.83 -21.65 57.38
C TRP B 580 40.13 -20.67 56.47
N ARG B 581 40.90 -20.05 55.60
CA ARG B 581 40.35 -19.26 54.53
C ARG B 581 39.93 -20.23 53.44
N PHE B 582 38.89 -19.87 52.71
CA PHE B 582 38.41 -20.65 51.57
C PHE B 582 39.57 -21.05 50.66
N ALA B 583 40.49 -20.11 50.47
CA ALA B 583 41.70 -20.31 49.69
C ALA B 583 42.49 -21.51 50.19
N GLU B 584 42.71 -21.55 51.50
CA GLU B 584 43.52 -22.59 52.14
C GLU B 584 42.94 -23.98 51.98
N ILE B 585 41.62 -24.07 51.96
CA ILE B 585 40.92 -25.34 51.89
C ILE B 585 40.97 -25.92 50.47
N VAL B 586 40.84 -25.05 49.47
CA VAL B 586 40.90 -25.47 48.06
C VAL B 586 42.29 -26.00 47.70
N ALA B 587 43.32 -25.23 48.01
CA ALA B 587 44.69 -25.66 47.71
C ALA B 587 44.98 -27.04 48.30
N ALA B 588 44.52 -27.28 49.52
CA ALA B 588 44.72 -28.56 50.17
C ALA B 588 43.95 -29.67 49.45
N ALA B 589 42.71 -29.39 49.06
CA ALA B 589 41.89 -30.36 48.30
C ALA B 589 42.43 -30.54 46.90
N TYR B 590 43.14 -29.53 46.40
CA TYR B 590 43.93 -29.69 45.20
C TYR B 590 45.04 -30.69 45.48
N MET B 591 45.80 -30.44 46.54
CA MET B 591 46.88 -31.33 46.94
C MET B 591 46.38 -32.74 47.24
N ALA B 592 45.11 -32.83 47.66
CA ALA B 592 44.49 -34.11 47.97
C ALA B 592 44.00 -34.82 46.71
N ARG B 593 43.92 -34.06 45.62
CA ARG B 593 43.40 -34.51 44.31
C ARG B 593 41.89 -34.75 44.32
N ILE B 594 41.17 -33.74 44.81
CA ILE B 594 39.72 -33.66 44.75
C ILE B 594 39.36 -32.67 43.62
N SER B 595 38.48 -33.06 42.72
CA SER B 595 38.16 -32.24 41.54
C SER B 595 37.46 -30.95 41.90
N LEU B 596 37.99 -29.84 41.39
CA LEU B 596 37.41 -28.52 41.67
C LEU B 596 36.67 -27.93 40.47
N SER B 597 36.08 -28.80 39.65
CA SER B 597 35.31 -28.40 38.50
C SER B 597 34.02 -29.20 38.50
N ALA B 598 32.89 -28.51 38.40
CA ALA B 598 31.60 -29.20 38.39
C ALA B 598 30.61 -28.54 37.44
N THR B 599 29.76 -29.38 36.83
CA THR B 599 28.60 -28.88 36.08
C THR B 599 27.37 -28.89 36.98
N GLY B 600 26.39 -28.05 36.62
CA GLY B 600 25.14 -27.91 37.33
C GLY B 600 23.97 -27.77 36.36
N PHE B 601 22.89 -28.47 36.63
CA PHE B 601 21.77 -28.54 35.71
C PHE B 601 20.45 -28.35 36.45
N TYR B 602 19.44 -27.82 35.77
CA TYR B 602 18.11 -27.70 36.37
C TYR B 602 16.99 -27.69 35.33
N ALA B 603 15.93 -28.44 35.62
CA ALA B 603 14.73 -28.50 34.78
C ALA B 603 13.49 -28.25 35.62
N THR B 604 12.69 -27.27 35.22
CA THR B 604 11.55 -26.80 36.01
C THR B 604 10.50 -27.90 36.25
N PRO B 605 10.14 -28.13 37.53
CA PRO B 605 9.19 -29.18 37.91
C PRO B 605 7.71 -28.78 37.81
N LYS B 606 6.84 -29.79 37.80
CA LYS B 606 5.37 -29.64 37.87
C LYS B 606 4.68 -29.25 36.55
N LEU B 607 5.46 -29.08 35.49
CA LEU B 607 4.94 -28.53 34.24
C LEU B 607 4.41 -29.59 33.28
N SER B 608 3.15 -29.44 32.89
CA SER B 608 2.48 -30.38 32.00
C SER B 608 1.16 -29.81 31.50
N TRP B 609 1.09 -29.55 30.18
CA TRP B 609 -0.14 -29.05 29.56
C TRP B 609 -0.28 -29.38 28.06
N ASP B 610 -1.52 -29.50 27.61
CA ASP B 610 -1.85 -29.83 26.24
C ASP B 610 -2.27 -28.57 25.51
N ARG B 611 -1.36 -28.05 24.68
CA ARG B 611 -1.59 -26.82 23.91
C ARG B 611 -2.86 -26.85 23.07
N LEU B 612 -3.05 -27.93 22.30
CA LEU B 612 -4.19 -28.08 21.39
C LEU B 612 -5.50 -28.27 22.16
N ARG B 613 -5.40 -28.87 23.34
CA ARG B 613 -6.54 -29.02 24.23
C ARG B 613 -6.84 -27.72 24.97
N GLY B 614 -5.78 -27.00 25.35
CA GLY B 614 -5.88 -25.82 26.19
C GLY B 614 -6.13 -26.18 27.65
N GLN B 615 -5.49 -27.26 28.09
CA GLN B 615 -5.65 -27.74 29.46
C GLN B 615 -4.30 -28.13 30.08
N GLY B 616 -4.22 -28.05 31.40
CA GLY B 616 -3.03 -28.43 32.16
C GLY B 616 -2.41 -27.30 32.96
N ARG B 617 -1.17 -27.52 33.40
CA ARG B 617 -0.38 -26.51 34.10
C ARG B 617 0.87 -26.21 33.26
N PRO B 618 0.83 -25.11 32.48
CA PRO B 618 2.00 -24.64 31.75
C PRO B 618 3.02 -23.97 32.66
N PHE B 619 2.53 -23.26 33.68
CA PHE B 619 3.37 -22.43 34.53
C PHE B 619 3.68 -23.07 35.87
N LEU B 620 4.86 -22.76 36.41
CA LEU B 620 5.20 -23.15 37.79
C LEU B 620 4.51 -22.22 38.79
N TYR B 621 4.42 -20.93 38.45
CA TYR B 621 3.80 -19.92 39.30
C TYR B 621 3.51 -18.64 38.51
N PHE B 622 2.92 -17.66 39.18
CA PHE B 622 2.60 -16.37 38.56
C PHE B 622 3.30 -15.24 39.30
N ALA B 623 3.64 -14.18 38.58
CA ALA B 623 4.20 -12.97 39.21
C ALA B 623 3.17 -11.85 39.23
N TYR B 624 2.97 -11.27 40.41
CA TYR B 624 1.93 -10.25 40.60
C TYR B 624 2.47 -8.84 40.81
N GLY B 625 1.61 -7.86 40.60
CA GLY B 625 1.94 -6.47 40.85
C GLY B 625 0.73 -5.58 40.61
N ALA B 626 0.86 -4.30 40.95
CA ALA B 626 -0.18 -3.31 40.65
C ALA B 626 0.42 -1.93 40.46
N ALA B 627 -0.23 -1.15 39.58
CA ALA B 627 0.23 0.19 39.23
C ALA B 627 -0.93 1.18 39.20
N ILE B 628 -0.73 2.32 39.86
CA ILE B 628 -1.65 3.43 39.82
C ILE B 628 -0.97 4.57 39.05
N THR B 629 -1.59 5.01 37.96
CA THR B 629 -1.02 6.06 37.11
C THR B 629 -1.93 7.29 37.03
N GLU B 630 -1.33 8.47 37.13
CA GLU B 630 -2.01 9.74 36.89
C GLU B 630 -1.48 10.40 35.61
N VAL B 631 -2.38 10.95 34.80
CA VAL B 631 -2.03 11.58 33.53
C VAL B 631 -2.80 12.88 33.29
N VAL B 632 -2.28 13.72 32.41
CA VAL B 632 -3.03 14.89 31.90
C VAL B 632 -3.20 14.84 30.39
N ILE B 633 -4.33 15.35 29.93
CA ILE B 633 -4.61 15.46 28.50
C ILE B 633 -5.10 16.86 28.13
N ASP B 634 -4.55 17.39 27.05
CA ASP B 634 -5.05 18.63 26.47
C ASP B 634 -6.21 18.28 25.54
N ARG B 635 -7.39 18.84 25.84
CA ARG B 635 -8.61 18.54 25.10
C ARG B 635 -8.57 19.02 23.65
N LEU B 636 -7.82 20.09 23.40
CA LEU B 636 -7.76 20.73 22.09
C LEU B 636 -6.98 19.94 21.04
N THR B 637 -5.82 19.41 21.42
CA THR B 637 -4.90 18.73 20.50
C THR B 637 -4.72 17.24 20.79
N GLY B 638 -4.86 16.86 22.05
CA GLY B 638 -4.71 15.47 22.47
C GLY B 638 -3.38 15.18 23.13
N GLU B 639 -2.55 16.22 23.28
CA GLU B 639 -1.26 16.10 23.95
C GLU B 639 -1.40 15.53 25.36
N ASN B 640 -0.45 14.67 25.74
CA ASN B 640 -0.58 13.91 26.99
C ASN B 640 0.75 13.65 27.70
N ARG B 641 0.68 13.40 29.01
CA ARG B 641 1.85 12.98 29.79
C ARG B 641 1.50 12.42 31.18
N ILE B 642 2.25 11.41 31.60
CA ILE B 642 2.14 10.84 32.94
C ILE B 642 2.62 11.87 33.96
N LEU B 643 1.92 11.96 35.09
CA LEU B 643 2.32 12.84 36.19
C LEU B 643 2.89 12.07 37.38
N ARG B 644 2.34 10.89 37.63
CA ARG B 644 2.76 10.04 38.75
C ARG B 644 2.50 8.57 38.47
N THR B 645 3.30 7.71 39.11
CA THR B 645 3.14 6.26 39.01
C THR B 645 3.49 5.58 40.33
N ASP B 646 2.60 4.71 40.79
CA ASP B 646 2.82 3.96 42.03
C ASP B 646 2.76 2.46 41.82
N ILE B 647 3.92 1.80 41.88
CA ILE B 647 4.02 0.37 41.62
C ILE B 647 4.37 -0.40 42.89
N LEU B 648 3.75 -1.57 43.07
CA LEU B 648 4.07 -2.46 44.18
C LEU B 648 4.24 -3.90 43.70
N HIS B 649 5.28 -4.15 42.92
CA HIS B 649 5.45 -5.44 42.24
C HIS B 649 5.97 -6.54 43.17
N ASP B 650 5.46 -7.75 42.97
CA ASP B 650 5.86 -8.92 43.76
C ASP B 650 7.01 -9.67 43.09
N ALA B 651 8.18 -9.60 43.74
CA ALA B 651 9.39 -10.26 43.22
C ALA B 651 9.75 -11.49 44.06
N GLY B 652 8.81 -11.91 44.90
CA GLY B 652 9.07 -12.96 45.87
C GLY B 652 10.14 -12.47 46.83
N ALA B 653 11.05 -13.35 47.19
CA ALA B 653 12.26 -12.95 47.89
C ALA B 653 13.29 -12.59 46.84
N SER B 654 13.42 -11.29 46.55
CA SER B 654 14.26 -10.77 45.47
C SER B 654 15.73 -11.18 45.57
N LEU B 655 16.30 -11.63 44.45
CA LEU B 655 17.72 -11.98 44.40
C LEU B 655 18.60 -10.73 44.54
N ASN B 656 18.16 -9.64 43.91
CA ASN B 656 18.82 -8.35 44.03
C ASN B 656 17.74 -7.25 44.04
N PRO B 657 17.39 -6.73 45.24
CA PRO B 657 16.39 -5.70 45.43
C PRO B 657 16.55 -4.54 44.46
N ALA B 658 17.76 -3.99 44.40
CA ALA B 658 18.06 -2.85 43.54
C ALA B 658 17.85 -3.18 42.07
N LEU B 659 18.51 -4.25 41.59
CA LEU B 659 18.35 -4.69 40.21
C LEU B 659 16.88 -4.90 39.84
N ASP B 660 16.12 -5.57 40.71
CA ASP B 660 14.70 -5.79 40.47
C ASP B 660 13.93 -4.49 40.33
N ILE B 661 14.05 -3.62 41.33
CA ILE B 661 13.39 -2.31 41.30
C ILE B 661 13.64 -1.61 39.97
N GLY B 662 14.89 -1.65 39.51
CA GLY B 662 15.25 -1.08 38.22
C GLY B 662 14.47 -1.69 37.07
N GLN B 663 14.54 -3.02 36.95
CA GLN B 663 13.78 -3.77 35.94
C GLN B 663 12.32 -3.30 35.87
N ILE B 664 11.68 -3.26 37.03
CA ILE B 664 10.29 -2.83 37.17
C ILE B 664 10.05 -1.39 36.71
N GLU B 665 11.02 -0.51 36.98
CA GLU B 665 10.94 0.89 36.54
C GLU B 665 10.89 0.95 35.03
N GLY B 666 11.92 0.37 34.42
CA GLY B 666 12.10 0.38 32.97
C GLY B 666 11.05 -0.42 32.22
N ALA B 667 10.67 -1.57 32.78
CA ALA B 667 9.63 -2.40 32.20
C ALA B 667 8.32 -1.62 32.09
N TYR B 668 8.03 -0.82 33.11
CA TYR B 668 6.83 0.02 33.13
C TYR B 668 6.92 1.15 32.09
N VAL B 669 8.07 1.81 32.04
CA VAL B 669 8.30 2.91 31.11
C VAL B 669 8.19 2.41 29.66
N GLN B 670 8.70 1.21 29.40
CA GLN B 670 8.60 0.56 28.10
C GLN B 670 7.18 0.06 27.83
N GLY B 671 6.53 -0.42 28.88
CA GLY B 671 5.14 -0.88 28.81
C GLY B 671 4.24 0.25 28.34
N ALA B 672 4.29 1.35 29.08
CA ALA B 672 3.54 2.56 28.75
C ALA B 672 3.92 3.12 27.37
N GLY B 673 5.21 3.04 27.05
CA GLY B 673 5.72 3.52 25.77
C GLY B 673 5.05 2.84 24.59
N TRP B 674 4.68 1.58 24.80
CA TRP B 674 4.02 0.80 23.78
C TRP B 674 2.58 1.26 23.56
N LEU B 675 1.93 1.68 24.65
CA LEU B 675 0.53 2.07 24.59
C LEU B 675 0.35 3.58 24.41
N THR B 676 1.45 4.31 24.26
CA THR B 676 1.40 5.77 24.08
C THR B 676 1.96 6.27 22.74
N THR B 677 3.25 6.61 22.72
CA THR B 677 3.84 7.31 21.58
C THR B 677 4.49 6.41 20.53
N GLU B 678 4.72 5.15 20.86
CA GLU B 678 5.29 4.21 19.90
C GLU B 678 4.20 3.74 18.94
N GLU B 679 4.39 4.00 17.65
CA GLU B 679 3.38 3.62 16.67
C GLU B 679 4.00 3.15 15.35
N LEU B 680 3.58 1.96 14.91
CA LEU B 680 4.05 1.42 13.64
C LEU B 680 3.06 1.68 12.52
N VAL B 681 3.57 2.18 11.41
CA VAL B 681 2.74 2.64 10.29
C VAL B 681 3.30 2.12 8.97
N TRP B 682 2.42 1.50 8.18
CA TRP B 682 2.75 1.07 6.83
C TRP B 682 1.93 1.84 5.80
N ASP B 683 2.51 2.06 4.62
CA ASP B 683 1.78 2.67 3.50
C ASP B 683 0.91 1.63 2.81
N HIS B 684 0.33 2.01 1.66
CA HIS B 684 -0.56 1.12 0.92
C HIS B 684 0.17 0.05 0.10
N CYS B 685 1.47 -0.11 0.37
CA CYS B 685 2.30 -1.06 -0.39
C CYS B 685 3.09 -2.00 0.50
N GLY B 686 2.86 -1.92 1.82
CA GLY B 686 3.60 -2.72 2.78
C GLY B 686 4.97 -2.12 3.08
N ARG B 687 5.09 -0.81 2.91
CA ARG B 687 6.32 -0.10 3.24
C ARG B 687 6.24 0.50 4.63
N LEU B 688 7.15 0.09 5.50
CA LEU B 688 7.23 0.64 6.85
C LEU B 688 7.67 2.11 6.82
N MET B 689 6.72 3.00 7.03
CA MET B 689 6.96 4.44 7.02
C MET B 689 7.70 4.93 8.27
N THR B 690 7.55 4.18 9.36
CA THR B 690 8.24 4.45 10.62
C THR B 690 9.41 3.48 10.79
N HIS B 691 10.52 3.80 10.11
CA HIS B 691 11.69 2.91 10.08
C HIS B 691 12.98 3.56 10.59
N ALA B 692 12.83 4.63 11.36
CA ALA B 692 13.97 5.31 11.95
C ALA B 692 13.55 5.84 13.33
N PRO B 693 14.52 6.30 14.14
CA PRO B 693 14.20 7.00 15.39
C PRO B 693 13.44 8.33 15.19
N SER B 694 13.56 8.93 14.01
CA SER B 694 12.88 10.19 13.70
C SER B 694 11.37 10.00 13.72
N THR B 695 10.92 8.81 13.30
CA THR B 695 9.49 8.53 13.13
C THR B 695 8.91 7.48 14.09
N TYR B 696 9.80 6.77 14.81
CA TYR B 696 9.36 5.88 15.90
C TYR B 696 9.78 6.42 17.27
N LYS B 697 8.79 6.77 18.08
CA LYS B 697 9.04 7.56 19.29
C LYS B 697 8.90 6.75 20.58
N ILE B 698 10.00 6.15 21.01
CA ILE B 698 10.09 5.48 22.30
C ILE B 698 10.09 6.54 23.40
N PRO B 699 9.87 6.13 24.68
CA PRO B 699 9.85 7.14 25.74
C PRO B 699 11.21 7.79 25.95
N ALA B 700 11.24 9.12 25.82
CA ALA B 700 12.47 9.90 26.00
C ALA B 700 12.57 10.47 27.41
N PHE B 701 13.78 10.83 27.84
CA PHE B 701 14.05 11.17 29.24
C PHE B 701 12.89 11.86 29.97
N SER B 702 12.50 13.05 29.51
CA SER B 702 11.49 13.85 30.18
C SER B 702 10.12 13.18 30.29
N ASP B 703 9.97 12.00 29.68
CA ASP B 703 8.70 11.26 29.72
C ASP B 703 8.49 10.46 31.02
N ARG B 704 9.60 10.17 31.72
CA ARG B 704 9.55 9.52 33.03
C ARG B 704 8.46 10.07 33.95
N PRO B 705 7.67 9.18 34.59
CA PRO B 705 6.69 9.58 35.60
C PRO B 705 7.30 10.55 36.61
N ARG B 706 6.91 11.82 36.55
CA ARG B 706 7.48 12.89 37.38
C ARG B 706 7.57 12.51 38.86
N ILE B 707 6.61 11.73 39.34
CA ILE B 707 6.70 11.09 40.64
C ILE B 707 6.59 9.59 40.41
N PHE B 708 7.69 8.87 40.68
CA PHE B 708 7.85 7.48 40.29
C PHE B 708 8.13 6.62 41.53
N ASN B 709 7.09 6.02 42.08
CA ASN B 709 7.24 5.18 43.25
C ASN B 709 7.15 3.70 42.92
N VAL B 710 8.30 3.05 42.85
CA VAL B 710 8.32 1.61 42.66
C VAL B 710 8.71 0.97 43.97
N ALA B 711 7.84 0.11 44.48
CA ALA B 711 8.07 -0.61 45.73
C ALA B 711 7.93 -2.10 45.50
N LEU B 712 8.67 -2.90 46.25
CA LEU B 712 8.58 -4.34 46.14
C LEU B 712 7.54 -4.95 47.08
N TRP B 713 7.00 -6.09 46.68
CA TRP B 713 6.19 -6.93 47.56
C TRP B 713 7.10 -8.06 48.00
N ASP B 714 7.49 -8.04 49.28
CA ASP B 714 8.44 -9.01 49.77
C ASP B 714 7.75 -10.13 50.54
N GLN B 715 7.58 -11.25 49.85
CA GLN B 715 7.02 -12.48 50.42
C GLN B 715 7.54 -13.65 49.60
N PRO B 716 8.25 -14.58 50.27
CA PRO B 716 8.85 -15.77 49.65
C PRO B 716 7.91 -16.52 48.71
N ASN B 717 8.44 -17.00 47.59
CA ASN B 717 7.66 -17.79 46.61
C ASN B 717 7.15 -19.11 47.20
N ARG B 718 5.87 -19.39 46.97
CA ARG B 718 5.25 -20.63 47.41
C ARG B 718 5.94 -21.87 46.84
N GLU B 719 6.47 -21.73 45.63
CA GLU B 719 7.17 -22.81 44.92
C GLU B 719 8.66 -22.79 45.26
N GLU B 720 9.31 -23.93 45.08
CA GLU B 720 10.75 -24.05 45.37
C GLU B 720 11.63 -23.50 44.24
N THR B 721 11.63 -22.17 44.10
CA THR B 721 12.48 -21.47 43.14
C THR B 721 13.76 -20.99 43.84
N ILE B 722 14.73 -20.52 43.05
CA ILE B 722 16.05 -20.12 43.58
C ILE B 722 15.97 -19.06 44.69
N PHE B 723 16.22 -19.49 45.93
CA PHE B 723 16.15 -18.63 47.12
C PHE B 723 14.82 -17.87 47.24
N ARG B 724 13.71 -18.60 47.05
CA ARG B 724 12.35 -18.05 47.13
C ARG B 724 12.08 -16.86 46.21
N SER B 725 12.94 -16.65 45.21
CA SER B 725 12.81 -15.52 44.29
C SER B 725 11.60 -15.66 43.35
N LYS B 726 11.41 -14.66 42.50
CA LYS B 726 10.33 -14.63 41.52
C LYS B 726 10.79 -13.90 40.26
N ALA B 727 10.82 -14.62 39.14
CA ALA B 727 11.23 -14.09 37.83
C ALA B 727 10.58 -12.74 37.49
N VAL B 728 11.42 -11.70 37.40
CA VAL B 728 10.93 -10.32 37.37
C VAL B 728 11.17 -9.62 36.01
N GLY B 729 11.52 -10.40 34.99
CA GLY B 729 11.79 -9.86 33.64
C GLY B 729 10.60 -9.30 32.88
N GLU B 730 9.71 -10.18 32.41
CA GLU B 730 8.52 -9.79 31.63
C GLU B 730 7.36 -9.18 32.45
N PRO B 731 6.97 -9.83 33.58
CA PRO B 731 5.79 -9.36 34.33
C PRO B 731 5.60 -7.84 34.45
N PRO B 732 6.63 -7.10 34.91
CA PRO B 732 6.35 -5.67 35.20
C PRO B 732 6.19 -4.82 33.95
N PHE B 733 6.26 -5.43 32.79
CA PHE B 733 5.96 -4.73 31.55
C PHE B 733 4.46 -4.40 31.49
N LEU B 734 3.64 -5.36 31.95
CA LEU B 734 2.18 -5.24 31.93
C LEU B 734 1.63 -4.15 32.86
N LEU B 735 2.51 -3.52 33.63
CA LEU B 735 2.12 -2.40 34.47
C LEU B 735 1.77 -1.17 33.64
N GLY B 736 2.31 -1.10 32.42
CA GLY B 736 2.06 0.02 31.50
C GLY B 736 0.58 0.23 31.15
N ILE B 737 -0.18 -0.86 31.18
CA ILE B 737 -1.64 -0.82 31.01
C ILE B 737 -2.23 0.30 31.86
N SER B 738 -1.83 0.34 33.12
CA SER B 738 -2.16 1.40 34.06
C SER B 738 -2.25 2.79 33.40
N ALA B 739 -1.22 3.15 32.63
CA ALA B 739 -1.16 4.47 32.00
C ALA B 739 -2.19 4.62 30.88
N PHE B 740 -2.39 3.54 30.12
CA PHE B 740 -3.38 3.54 29.04
C PHE B 740 -4.78 3.70 29.61
N LEU B 741 -5.04 3.05 30.74
CA LEU B 741 -6.32 3.11 31.42
C LEU B 741 -6.58 4.48 32.05
N ALA B 742 -5.53 5.06 32.63
CA ALA B 742 -5.60 6.40 33.22
C ALA B 742 -5.87 7.44 32.15
N LEU B 743 -5.26 7.25 30.98
CA LEU B 743 -5.46 8.10 29.83
C LEU B 743 -6.93 8.02 29.36
N HIS B 744 -7.49 6.81 29.40
CA HIS B 744 -8.91 6.60 29.11
C HIS B 744 -9.80 7.21 30.19
N ASP B 745 -9.34 7.14 31.44
CA ASP B 745 -10.03 7.73 32.58
C ASP B 745 -10.08 9.26 32.47
N ALA B 746 -9.04 9.83 31.85
CA ALA B 746 -9.00 11.25 31.51
C ALA B 746 -10.05 11.61 30.45
N CYS B 747 -10.12 10.81 29.38
CA CYS B 747 -11.11 10.98 28.32
C CYS B 747 -12.55 10.81 28.79
N ALA B 748 -12.77 9.84 29.67
CA ALA B 748 -14.07 9.60 30.27
C ALA B 748 -14.60 10.84 31.00
N ALA B 749 -13.68 11.65 31.51
CA ALA B 749 -14.02 12.85 32.27
C ALA B 749 -14.55 14.00 31.41
N CYS B 750 -14.46 13.86 30.09
CA CYS B 750 -14.87 14.93 29.16
C CYS B 750 -16.36 14.95 28.93
N GLY B 751 -16.88 13.87 28.36
CA GLY B 751 -18.31 13.78 28.09
C GLY B 751 -18.93 12.56 28.73
N PRO B 752 -20.26 12.39 28.54
CA PRO B 752 -21.01 11.27 29.10
C PRO B 752 -20.87 9.99 28.28
N HIS B 753 -20.22 10.09 27.12
CA HIS B 753 -20.10 8.98 26.18
C HIS B 753 -18.85 8.13 26.41
N TRP B 754 -18.90 6.91 25.88
CA TRP B 754 -17.78 5.96 25.90
C TRP B 754 -16.75 6.36 24.85
N PRO B 755 -15.53 6.69 25.30
CA PRO B 755 -14.47 7.26 24.45
C PRO B 755 -13.99 6.33 23.33
N ASP B 756 -13.87 5.03 23.63
CA ASP B 756 -13.28 4.02 22.74
C ASP B 756 -11.84 4.38 22.33
N LEU B 757 -10.98 4.53 23.34
CA LEU B 757 -9.57 4.83 23.13
C LEU B 757 -8.83 3.61 22.60
N GLN B 758 -7.97 3.84 21.60
CA GLN B 758 -7.22 2.77 20.93
C GLN B 758 -5.74 2.75 21.31
N ALA B 759 -5.13 1.57 21.23
CA ALA B 759 -3.69 1.41 21.43
C ALA B 759 -2.97 1.41 20.07
N PRO B 760 -1.98 2.30 19.89
CA PRO B 760 -1.42 3.19 20.89
C PRO B 760 -2.23 4.47 21.07
N ALA B 761 -2.18 5.03 22.27
CA ALA B 761 -2.87 6.28 22.57
C ALA B 761 -1.99 7.50 22.28
N THR B 762 -1.68 7.67 20.99
CA THR B 762 -0.96 8.85 20.51
C THR B 762 -1.85 10.08 20.68
N PRO B 763 -1.26 11.31 20.71
CA PRO B 763 -2.06 12.53 20.83
C PRO B 763 -3.30 12.56 19.92
N GLU B 764 -3.15 12.03 18.71
CA GLU B 764 -4.25 11.95 17.74
C GLU B 764 -5.34 10.98 18.19
N ALA B 765 -4.93 9.78 18.62
CA ALA B 765 -5.85 8.75 19.09
C ALA B 765 -6.52 9.12 20.42
N VAL B 766 -5.82 9.96 21.20
CA VAL B 766 -6.36 10.48 22.46
C VAL B 766 -7.46 11.51 22.15
N LEU B 767 -7.14 12.47 21.27
CA LEU B 767 -8.11 13.46 20.84
C LEU B 767 -9.38 12.79 20.31
N ALA B 768 -9.20 11.71 19.56
CA ALA B 768 -10.30 10.98 18.94
C ALA B 768 -11.23 10.32 19.96
N ALA B 769 -10.73 10.15 21.18
CA ALA B 769 -11.52 9.58 22.28
C ALA B 769 -12.24 10.66 23.07
N VAL B 770 -11.53 11.76 23.36
CA VAL B 770 -12.14 12.97 23.91
C VAL B 770 -13.32 13.32 23.03
N ARG B 771 -13.03 13.42 21.73
CA ARG B 771 -14.00 13.73 20.69
C ARG B 771 -15.27 12.86 20.74
N ARG B 772 -15.11 11.56 21.01
CA ARG B 772 -16.24 10.63 21.11
C ARG B 772 -17.07 10.91 22.37
N ALA B 773 -16.38 11.02 23.50
CA ALA B 773 -17.01 11.33 24.78
C ALA B 773 -17.81 12.63 24.68
N GLU B 774 -17.23 13.62 24.01
CA GLU B 774 -17.88 14.90 23.76
C GLU B 774 -19.06 14.78 22.78
N GLY B 775 -19.04 13.75 21.93
CA GLY B 775 -20.07 13.57 20.91
C GLY B 775 -19.82 14.46 19.71
N ARG B 776 -18.78 14.14 18.95
CA ARG B 776 -18.39 14.89 17.76
C ARG B 776 -17.98 13.94 16.64
N ALA B 777 -18.45 14.23 15.42
CA ALA B 777 -18.14 13.45 14.20
C ALA B 777 -18.39 11.95 14.33
N MET C 1 59.69 -0.91 -9.47
CA MET C 1 59.85 -2.25 -10.08
C MET C 1 58.64 -3.12 -9.81
N GLU C 2 58.09 -3.73 -10.85
CA GLU C 2 56.90 -4.60 -10.71
C GLU C 2 57.08 -5.94 -11.42
N ILE C 3 57.47 -6.96 -10.66
CA ILE C 3 57.61 -8.31 -11.19
C ILE C 3 56.25 -9.00 -11.27
N ALA C 4 56.18 -10.09 -12.03
CA ALA C 4 54.97 -10.91 -12.11
C ALA C 4 55.35 -12.37 -11.97
N PHE C 5 54.56 -13.10 -11.18
CA PHE C 5 54.78 -14.53 -10.98
C PHE C 5 53.47 -15.25 -10.70
N LEU C 6 53.43 -16.52 -11.04
CA LEU C 6 52.26 -17.35 -10.82
C LEU C 6 52.30 -17.94 -9.41
N LEU C 7 51.27 -17.64 -8.62
CA LEU C 7 51.16 -18.11 -7.24
C LEU C 7 50.04 -19.16 -7.13
N ASN C 8 50.44 -20.41 -6.84
CA ASN C 8 49.51 -21.55 -6.78
C ASN C 8 48.59 -21.66 -8.00
N GLY C 9 49.12 -21.26 -9.16
CA GLY C 9 48.35 -21.30 -10.39
C GLY C 9 47.59 -20.03 -10.72
N GLU C 10 47.69 -19.03 -9.85
CA GLU C 10 47.09 -17.72 -10.11
C GLU C 10 48.14 -16.66 -10.46
N THR C 11 47.87 -15.91 -11.51
CA THR C 11 48.75 -14.82 -11.92
C THR C 11 48.71 -13.68 -10.90
N ARG C 12 49.89 -13.27 -10.43
CA ARG C 12 50.02 -12.22 -9.42
C ARG C 12 51.19 -11.28 -9.71
N ARG C 13 50.93 -9.98 -9.64
CA ARG C 13 51.95 -8.94 -9.81
C ARG C 13 52.18 -8.23 -8.49
N VAL C 14 53.45 -8.01 -8.15
CA VAL C 14 53.82 -7.33 -6.92
C VAL C 14 54.71 -6.14 -7.23
N ARG C 15 54.48 -5.01 -6.57
CA ARG C 15 55.39 -3.86 -6.69
C ARG C 15 56.52 -3.95 -5.66
N ILE C 16 57.72 -4.19 -6.16
CA ILE C 16 58.94 -4.29 -5.34
C ILE C 16 59.39 -2.89 -4.96
N GLU C 17 59.45 -2.63 -3.66
CA GLU C 17 60.00 -1.38 -3.14
C GLU C 17 61.18 -1.70 -2.22
N ASP C 18 61.25 -2.98 -1.84
CA ASP C 18 62.39 -3.54 -1.12
C ASP C 18 62.82 -4.82 -1.85
N PRO C 19 63.98 -4.78 -2.53
CA PRO C 19 64.41 -5.93 -3.31
C PRO C 19 64.85 -7.10 -2.43
N THR C 20 65.41 -6.77 -1.27
CA THR C 20 66.09 -7.75 -0.41
C THR C 20 65.13 -8.63 0.41
N GLN C 21 63.87 -8.22 0.47
CA GLN C 21 62.84 -8.92 1.27
C GLN C 21 62.56 -10.32 0.72
N SER C 22 62.49 -11.29 1.62
CA SER C 22 62.41 -12.70 1.24
C SER C 22 60.99 -13.20 1.02
N LEU C 23 60.88 -14.32 0.32
CA LEU C 23 59.61 -14.97 0.01
C LEU C 23 58.84 -15.37 1.29
N LEU C 24 59.58 -15.85 2.30
CA LEU C 24 59.01 -16.20 3.60
C LEU C 24 58.32 -15.00 4.23
N GLU C 25 59.00 -13.86 4.21
CA GLU C 25 58.46 -12.61 4.75
C GLU C 25 57.20 -12.18 4.01
N TRP C 26 57.19 -12.39 2.70
CA TRP C 26 56.09 -11.93 1.85
C TRP C 26 54.85 -12.83 1.86
N LEU C 27 55.05 -14.14 1.85
CA LEU C 27 53.91 -15.08 1.88
C LEU C 27 53.15 -14.98 3.20
N ARG C 28 53.90 -14.87 4.29
CA ARG C 28 53.31 -14.69 5.60
C ARG C 28 52.77 -13.27 5.77
N ALA C 29 53.39 -12.30 5.09
CA ALA C 29 52.81 -10.97 5.00
C ALA C 29 51.45 -11.07 4.31
N GLU C 30 51.42 -11.79 3.19
CA GLU C 30 50.20 -12.00 2.43
C GLU C 30 49.12 -12.73 3.22
N GLY C 31 49.54 -13.72 4.00
CA GLY C 31 48.61 -14.49 4.78
C GLY C 31 48.61 -15.96 4.41
N LEU C 32 49.51 -16.36 3.51
CA LEU C 32 49.70 -17.77 3.15
C LEU C 32 50.51 -18.45 4.25
N THR C 33 49.83 -18.75 5.35
CA THR C 33 50.50 -19.08 6.60
C THR C 33 50.92 -20.55 6.78
N GLY C 34 50.83 -21.33 5.70
CA GLY C 34 51.24 -22.74 5.71
C GLY C 34 52.74 -22.90 5.65
N THR C 35 53.42 -21.84 5.19
CA THR C 35 54.88 -21.77 5.14
C THR C 35 55.38 -21.24 6.49
N LYS C 36 56.28 -21.99 7.10
CA LYS C 36 56.69 -21.76 8.49
C LYS C 36 58.03 -21.03 8.60
N GLU C 37 58.55 -20.89 9.83
CA GLU C 37 59.87 -20.29 10.05
C GLU C 37 60.66 -21.16 11.03
N GLY C 38 61.89 -21.51 10.66
CA GLY C 38 62.68 -22.49 11.43
C GLY C 38 64.07 -22.04 11.86
N CYS C 39 64.50 -20.89 11.33
CA CYS C 39 65.71 -20.16 11.78
C CYS C 39 66.06 -19.02 10.82
N ASN C 40 65.34 -18.95 9.69
CA ASN C 40 65.70 -18.08 8.56
C ASN C 40 67.17 -18.24 8.11
N GLU C 41 67.62 -19.50 8.02
CA GLU C 41 68.98 -19.81 7.57
C GLU C 41 69.01 -20.94 6.55
N GLY C 42 67.84 -21.34 6.07
CA GLY C 42 67.69 -22.41 5.08
C GLY C 42 68.10 -23.77 5.62
N ASP C 43 68.16 -23.89 6.94
CA ASP C 43 68.81 -25.02 7.60
C ASP C 43 67.90 -26.18 7.99
N CYS C 44 66.58 -25.95 8.00
CA CYS C 44 65.63 -27.02 8.34
C CYS C 44 64.50 -27.25 7.34
N GLY C 45 64.36 -26.33 6.37
CA GLY C 45 63.38 -26.45 5.30
C GLY C 45 61.91 -26.48 5.76
N ALA C 46 61.64 -25.88 6.92
CA ALA C 46 60.26 -25.76 7.42
C ALA C 46 59.43 -24.83 6.52
N CYS C 47 60.06 -24.32 5.48
CA CYS C 47 59.44 -23.41 4.54
C CYS C 47 59.94 -23.64 3.11
N THR C 48 60.25 -24.89 2.82
CA THR C 48 60.48 -25.33 1.46
C THR C 48 59.30 -24.88 0.59
N VAL C 49 59.61 -24.16 -0.48
CA VAL C 49 58.62 -23.84 -1.52
C VAL C 49 59.06 -24.45 -2.85
N MET C 50 58.11 -24.54 -3.79
CA MET C 50 58.38 -25.14 -5.08
C MET C 50 58.23 -24.12 -6.21
N ILE C 51 59.32 -23.86 -6.92
CA ILE C 51 59.27 -22.94 -8.06
C ILE C 51 59.41 -23.67 -9.40
N ARG C 52 58.79 -23.14 -10.43
CA ARG C 52 58.89 -23.70 -11.76
C ARG C 52 59.18 -22.60 -12.77
N ASP C 53 59.75 -22.99 -13.90
CA ASP C 53 60.06 -22.09 -15.01
C ASP C 53 60.43 -22.93 -16.23
N ALA C 54 61.13 -22.33 -17.18
CA ALA C 54 61.62 -23.04 -18.37
C ALA C 54 62.49 -24.24 -17.99
N ALA C 55 63.22 -24.12 -16.89
CA ALA C 55 64.15 -25.16 -16.43
C ALA C 55 63.45 -26.42 -15.95
N GLY C 56 62.29 -26.25 -15.33
CA GLY C 56 61.57 -27.37 -14.71
C GLY C 56 61.27 -27.07 -13.25
N SER C 57 60.72 -28.06 -12.54
CA SER C 57 60.33 -27.86 -11.15
C SER C 57 61.53 -28.01 -10.23
N ARG C 58 61.60 -27.13 -9.23
CA ARG C 58 62.65 -27.16 -8.22
C ARG C 58 62.09 -26.77 -6.85
N ALA C 59 62.50 -27.50 -5.82
CA ALA C 59 62.10 -27.19 -4.46
C ALA C 59 63.22 -26.40 -3.78
N VAL C 60 62.87 -25.20 -3.30
CA VAL C 60 63.87 -24.31 -2.70
C VAL C 60 63.36 -23.66 -1.40
N ASN C 61 64.30 -23.10 -0.61
CA ASN C 61 63.94 -22.35 0.58
C ASN C 61 63.39 -20.99 0.19
N ALA C 62 62.28 -20.64 0.84
CA ALA C 62 61.68 -19.32 0.66
C ALA C 62 62.41 -18.25 1.47
N CYS C 63 63.06 -18.65 2.56
CA CYS C 63 63.68 -17.68 3.48
C CYS C 63 65.02 -17.13 2.99
N LEU C 64 65.64 -17.85 2.06
CA LEU C 64 66.89 -17.42 1.41
C LEU C 64 66.62 -16.80 0.03
N MET C 65 65.39 -16.94 -0.44
CA MET C 65 64.99 -16.45 -1.77
C MET C 65 64.39 -15.06 -1.74
N MET C 66 65.07 -14.12 -2.40
CA MET C 66 64.57 -12.75 -2.57
C MET C 66 63.38 -12.77 -3.51
N LEU C 67 62.55 -11.73 -3.47
CA LEU C 67 61.36 -11.64 -4.33
C LEU C 67 61.66 -11.48 -5.83
N PRO C 68 62.59 -10.55 -6.21
CA PRO C 68 62.93 -10.36 -7.62
C PRO C 68 63.43 -11.60 -8.35
N GLN C 69 63.69 -12.68 -7.61
CA GLN C 69 64.18 -13.92 -8.20
C GLN C 69 63.07 -14.80 -8.78
N ILE C 70 61.94 -14.87 -8.09
CA ILE C 70 60.78 -15.64 -8.58
C ILE C 70 60.04 -14.91 -9.70
N ALA C 71 60.67 -13.90 -10.28
CA ALA C 71 60.11 -13.14 -11.41
C ALA C 71 60.01 -14.00 -12.66
N GLY C 72 58.81 -14.03 -13.25
CA GLY C 72 58.54 -14.83 -14.44
C GLY C 72 58.37 -16.32 -14.18
N LYS C 73 58.51 -16.71 -12.92
CA LYS C 73 58.49 -18.12 -12.52
C LYS C 73 57.07 -18.58 -12.14
N ALA C 74 56.98 -19.82 -11.65
CA ALA C 74 55.70 -20.40 -11.21
C ALA C 74 55.82 -20.94 -9.77
N LEU C 75 55.30 -20.15 -8.83
CA LEU C 75 55.47 -20.40 -7.40
C LEU C 75 54.35 -21.21 -6.77
N ARG C 76 54.73 -22.32 -6.15
CA ARG C 76 53.80 -23.18 -5.47
C ARG C 76 54.21 -23.30 -4.01
N THR C 77 53.30 -22.97 -3.11
CA THR C 77 53.51 -23.16 -1.67
C THR C 77 52.73 -24.39 -1.20
N ILE C 78 52.76 -24.67 0.10
CA ILE C 78 52.01 -25.79 0.67
C ILE C 78 50.52 -25.71 0.33
N GLU C 79 49.92 -24.52 0.54
CA GLU C 79 48.49 -24.32 0.28
C GLU C 79 48.08 -24.55 -1.16
N GLY C 80 49.05 -24.53 -2.08
CA GLY C 80 48.77 -24.78 -3.48
C GLY C 80 48.98 -26.20 -3.96
N ILE C 81 49.42 -27.08 -3.08
CA ILE C 81 49.81 -28.45 -3.48
C ILE C 81 48.62 -29.35 -3.81
N ALA C 82 47.59 -29.32 -2.96
CA ALA C 82 46.36 -30.07 -3.22
C ALA C 82 45.62 -29.52 -4.44
N ALA C 83 44.99 -30.41 -5.18
CA ALA C 83 44.24 -30.08 -6.41
C ALA C 83 43.22 -28.95 -6.23
N PRO C 84 42.86 -28.26 -7.34
CA PRO C 84 41.90 -27.14 -7.32
C PRO C 84 40.52 -27.55 -6.81
N ASP C 85 40.12 -28.77 -7.12
CA ASP C 85 38.85 -29.34 -6.67
C ASP C 85 38.99 -29.95 -5.27
N GLY C 86 39.97 -29.46 -4.51
CA GLY C 86 40.14 -29.86 -3.12
C GLY C 86 40.73 -31.24 -2.87
N ARG C 87 40.95 -32.00 -3.93
CA ARG C 87 41.53 -33.33 -3.83
C ARG C 87 43.00 -33.26 -3.37
N LEU C 88 43.39 -34.19 -2.51
CA LEU C 88 44.76 -34.24 -2.01
C LEU C 88 45.76 -34.72 -3.07
N HIS C 89 47.02 -34.37 -2.89
CA HIS C 89 48.11 -34.82 -3.76
C HIS C 89 48.48 -36.24 -3.36
N PRO C 90 48.85 -37.10 -4.34
CA PRO C 90 49.29 -38.47 -4.04
C PRO C 90 50.29 -38.56 -2.89
N VAL C 91 51.04 -37.48 -2.68
CA VAL C 91 52.01 -37.36 -1.59
C VAL C 91 51.34 -37.00 -0.25
N GLN C 92 50.34 -36.12 -0.28
CA GLN C 92 49.58 -35.74 0.92
C GLN C 92 48.79 -36.89 1.53
N GLN C 93 48.18 -37.69 0.67
CA GLN C 93 47.54 -38.92 1.09
C GLN C 93 48.55 -39.83 1.76
N ALA C 94 49.65 -40.10 1.07
CA ALA C 94 50.73 -40.92 1.62
C ALA C 94 51.06 -40.58 3.07
N MET C 95 51.19 -39.28 3.36
CA MET C 95 51.58 -38.80 4.67
C MET C 95 50.51 -38.96 5.75
N ILE C 96 49.26 -39.13 5.31
CA ILE C 96 48.16 -39.44 6.23
C ILE C 96 48.06 -40.95 6.45
N ASP C 97 48.34 -41.70 5.39
CA ASP C 97 48.26 -43.17 5.41
C ASP C 97 49.45 -43.80 6.12
N HIS C 98 50.59 -43.12 6.10
CA HIS C 98 51.80 -43.69 6.64
C HIS C 98 52.35 -42.90 7.82
N HIS C 99 51.44 -42.16 8.47
CA HIS C 99 51.74 -41.45 9.71
C HIS C 99 53.11 -40.73 9.70
N GLY C 100 53.35 -39.93 8.67
CA GLY C 100 54.59 -39.15 8.55
C GLY C 100 54.44 -37.75 9.12
N SER C 101 53.52 -37.63 10.07
CA SER C 101 53.16 -36.36 10.67
C SER C 101 52.90 -36.57 12.16
N GLN C 102 53.68 -35.91 13.01
CA GLN C 102 53.40 -35.96 14.44
C GLN C 102 52.91 -34.62 15.00
N CYS C 103 53.80 -33.65 15.14
CA CYS C 103 53.35 -32.32 15.61
C CYS C 103 52.80 -31.49 14.45
N GLY C 104 53.19 -31.86 13.24
CA GLY C 104 52.63 -31.29 12.01
C GLY C 104 53.40 -30.16 11.37
N PHE C 105 54.23 -29.50 12.18
CA PHE C 105 54.95 -28.27 11.81
C PHE C 105 55.92 -28.42 10.61
N CYS C 106 56.62 -29.54 10.56
CA CYS C 106 57.59 -29.77 9.50
C CYS C 106 56.96 -30.32 8.21
N THR C 107 55.69 -30.72 8.32
CA THR C 107 54.98 -31.41 7.26
C THR C 107 54.73 -30.62 5.96
N PRO C 108 54.41 -29.30 6.07
CA PRO C 108 54.41 -28.50 4.84
C PRO C 108 55.76 -28.56 4.15
N GLY C 109 56.82 -28.33 4.94
CA GLY C 109 58.19 -28.47 4.46
C GLY C 109 58.43 -29.75 3.68
N PHE C 110 58.03 -30.89 4.25
CA PHE C 110 58.18 -32.20 3.62
C PHE C 110 57.29 -32.38 2.40
N ILE C 111 56.00 -32.04 2.53
CA ILE C 111 55.05 -32.20 1.43
C ILE C 111 55.57 -31.51 0.17
N VAL C 112 55.82 -30.21 0.27
CA VAL C 112 56.33 -29.42 -0.85
C VAL C 112 57.59 -30.05 -1.46
N SER C 113 58.56 -30.38 -0.61
CA SER C 113 59.78 -31.06 -1.03
C SER C 113 59.47 -32.37 -1.80
N MET C 114 58.62 -33.20 -1.20
CA MET C 114 58.22 -34.48 -1.79
C MET C 114 57.49 -34.32 -3.11
N ALA C 115 56.53 -33.38 -3.14
CA ALA C 115 55.73 -33.14 -4.32
C ALA C 115 56.62 -32.77 -5.51
N ALA C 116 57.59 -31.91 -5.27
CA ALA C 116 58.52 -31.48 -6.30
C ALA C 116 59.35 -32.65 -6.82
N ALA C 117 59.76 -33.52 -5.90
CA ALA C 117 60.47 -34.74 -6.27
C ALA C 117 59.56 -35.72 -7.01
N HIS C 118 58.28 -35.74 -6.64
CA HIS C 118 57.28 -36.61 -7.28
C HIS C 118 56.93 -36.13 -8.70
N ASP C 119 56.92 -34.81 -8.88
CA ASP C 119 56.63 -34.19 -10.17
C ASP C 119 57.73 -34.51 -11.18
N ARG C 120 58.98 -34.48 -10.73
CA ARG C 120 60.12 -34.86 -11.56
C ARG C 120 60.58 -36.27 -11.23
N ASP C 121 59.63 -37.20 -11.14
CA ASP C 121 59.89 -38.60 -10.76
C ASP C 121 61.30 -38.83 -10.20
N ARG C 122 61.57 -38.23 -9.05
CA ARG C 122 62.86 -38.32 -8.40
C ARG C 122 62.75 -39.22 -7.16
N LYS C 123 63.76 -40.08 -6.96
CA LYS C 123 63.66 -41.15 -5.97
C LYS C 123 64.76 -41.22 -4.90
N ASP C 124 65.76 -40.35 -4.97
CA ASP C 124 66.85 -40.33 -3.99
C ASP C 124 66.45 -39.51 -2.75
N TYR C 125 65.53 -40.06 -1.98
CA TYR C 125 64.88 -39.34 -0.88
C TYR C 125 65.82 -38.90 0.22
N ASP C 126 66.78 -39.77 0.56
CA ASP C 126 67.79 -39.46 1.57
C ASP C 126 68.50 -38.13 1.33
N ASP C 127 68.45 -37.68 0.07
CA ASP C 127 69.14 -36.48 -0.35
C ASP C 127 68.18 -35.35 -0.64
N LEU C 128 67.11 -35.67 -1.36
CA LEU C 128 66.08 -34.70 -1.67
C LEU C 128 65.58 -34.05 -0.39
N LEU C 129 65.37 -34.89 0.61
CA LEU C 129 64.77 -34.49 1.88
C LEU C 129 65.79 -34.19 2.99
N ALA C 130 67.08 -34.39 2.70
CA ALA C 130 68.15 -34.12 3.69
C ALA C 130 68.01 -32.73 4.31
N GLY C 131 67.52 -31.78 3.52
CA GLY C 131 67.29 -30.41 3.98
C GLY C 131 66.12 -30.24 4.94
N ASN C 132 65.05 -31.00 4.71
CA ASN C 132 63.91 -31.03 5.62
C ASN C 132 64.25 -31.90 6.83
N LEU C 133 64.13 -31.34 8.03
CA LEU C 133 64.37 -32.14 9.24
C LEU C 133 63.21 -32.15 10.23
N CYS C 134 62.79 -33.36 10.59
CA CYS C 134 61.71 -33.59 11.55
C CYS C 134 62.31 -34.07 12.86
N ARG C 135 61.78 -33.55 13.97
CA ARG C 135 62.24 -33.96 15.29
C ARG C 135 61.46 -35.17 15.80
N CYS C 136 60.24 -35.32 15.29
CA CYS C 136 59.23 -36.22 15.86
C CYS C 136 59.24 -37.66 15.40
N THR C 137 59.28 -37.86 14.08
CA THR C 137 58.90 -39.14 13.49
C THR C 137 60.01 -40.17 13.44
N GLY C 138 61.22 -39.73 13.16
CA GLY C 138 62.33 -40.65 12.94
C GLY C 138 62.51 -40.98 11.46
N TYR C 139 61.75 -40.28 10.62
CA TYR C 139 61.92 -40.27 9.17
C TYR C 139 61.39 -41.49 8.43
N ALA C 140 61.51 -42.66 9.04
CA ALA C 140 61.04 -43.90 8.41
C ALA C 140 59.58 -43.85 7.92
N PRO C 141 58.68 -43.17 8.66
CA PRO C 141 57.33 -43.01 8.13
C PRO C 141 57.29 -42.21 6.84
N ILE C 142 58.01 -41.08 6.79
CA ILE C 142 58.07 -40.22 5.61
C ILE C 142 58.63 -40.98 4.41
N LEU C 143 59.70 -41.74 4.64
CA LEU C 143 60.29 -42.57 3.60
C LEU C 143 59.29 -43.60 3.08
N ARG C 144 58.49 -44.18 3.99
CA ARG C 144 57.42 -45.10 3.60
C ARG C 144 56.40 -44.38 2.73
N ALA C 145 55.98 -43.20 3.19
CA ALA C 145 55.00 -42.37 2.50
C ALA C 145 55.49 -41.96 1.12
N ALA C 146 56.75 -41.55 1.04
CA ALA C 146 57.36 -41.17 -0.22
C ALA C 146 57.36 -42.32 -1.23
N GLU C 147 57.73 -43.51 -0.77
CA GLU C 147 57.83 -44.71 -1.60
C GLU C 147 56.46 -45.14 -2.13
N ALA C 148 55.44 -44.99 -1.30
CA ALA C 148 54.07 -45.31 -1.69
C ALA C 148 53.57 -44.34 -2.74
N ALA C 149 53.79 -43.04 -2.49
CA ALA C 149 53.31 -41.97 -3.37
C ALA C 149 53.92 -42.02 -4.77
N ALA C 150 55.18 -42.46 -4.83
CA ALA C 150 55.91 -42.60 -6.10
C ALA C 150 55.23 -43.54 -7.09
N GLY C 151 54.34 -44.40 -6.58
CA GLY C 151 53.59 -45.32 -7.43
C GLY C 151 52.36 -44.71 -8.07
N GLU C 152 52.07 -43.46 -7.72
CA GLU C 152 50.88 -42.77 -8.21
C GLU C 152 51.22 -41.83 -9.36
N PRO C 153 50.30 -41.68 -10.34
CA PRO C 153 50.44 -40.72 -11.43
C PRO C 153 50.66 -39.27 -10.95
N PRO C 154 51.61 -38.54 -11.58
CA PRO C 154 51.93 -37.16 -11.22
C PRO C 154 50.74 -36.21 -11.29
N ALA C 155 50.74 -35.19 -10.44
CA ALA C 155 49.65 -34.22 -10.39
C ALA C 155 49.66 -33.35 -11.64
N ASP C 156 48.56 -33.42 -12.40
CA ASP C 156 48.41 -32.64 -13.63
C ASP C 156 48.17 -31.15 -13.39
N TRP C 157 47.66 -30.80 -12.21
CA TRP C 157 47.41 -29.41 -11.87
C TRP C 157 48.70 -28.64 -11.56
N LEU C 158 49.65 -29.32 -10.92
CA LEU C 158 51.00 -28.78 -10.72
C LEU C 158 51.76 -28.78 -12.03
N GLN C 159 51.39 -29.70 -12.91
CA GLN C 159 51.90 -29.74 -14.28
C GLN C 159 51.42 -28.52 -15.07
N ALA C 160 50.24 -28.02 -14.70
CA ALA C 160 49.58 -26.90 -15.40
C ALA C 160 50.35 -25.59 -15.33
N ASP C 161 51.19 -25.43 -14.30
CA ASP C 161 51.98 -24.22 -14.14
C ASP C 161 53.01 -24.01 -15.24
N ALA C 162 53.35 -25.10 -15.94
CA ALA C 162 54.38 -25.09 -16.98
C ALA C 162 54.13 -24.02 -18.05
N ALA C 163 52.89 -23.88 -18.49
CA ALA C 163 52.53 -22.99 -19.58
C ALA C 163 52.62 -21.49 -19.23
N PHE C 164 53.35 -21.17 -18.17
CA PHE C 164 53.49 -19.79 -17.73
C PHE C 164 54.61 -19.04 -18.45
N THR C 165 54.34 -17.75 -18.71
CA THR C 165 55.24 -16.79 -19.39
C THR C 165 55.67 -17.17 -20.81
N LEU C 166 55.13 -18.30 -21.30
CA LEU C 166 55.46 -18.83 -22.62
C LEU C 166 54.43 -18.40 -23.66
N PRO C 179 65.90 0.67 -9.58
CA PRO C 179 65.21 0.13 -8.42
C PRO C 179 66.03 -0.99 -7.75
N ALA C 180 66.54 -1.90 -8.56
CA ALA C 180 67.46 -3.00 -8.16
C ALA C 180 67.75 -3.85 -9.40
N PHE C 181 68.97 -3.77 -9.90
CA PHE C 181 69.33 -4.27 -11.23
C PHE C 181 69.14 -5.78 -11.47
N LEU C 182 68.68 -6.12 -12.67
CA LEU C 182 68.51 -7.51 -13.10
C LEU C 182 69.04 -7.68 -14.53
N PRO C 183 70.31 -8.08 -14.69
CA PRO C 183 70.87 -8.27 -16.02
C PRO C 183 70.43 -9.60 -16.66
N GLU C 184 70.39 -9.63 -17.99
CA GLU C 184 69.96 -10.81 -18.71
C GLU C 184 71.05 -11.39 -19.62
N THR C 185 72.12 -10.63 -19.84
CA THR C 185 73.31 -11.11 -20.53
C THR C 185 74.57 -10.64 -19.82
N SER C 186 75.60 -11.49 -19.81
CA SER C 186 76.89 -11.18 -19.19
C SER C 186 77.38 -9.76 -19.50
N ASP C 187 77.12 -9.32 -20.73
CA ASP C 187 77.45 -7.96 -21.16
C ASP C 187 76.71 -6.93 -20.32
N ALA C 188 75.37 -6.96 -20.38
CA ALA C 188 74.51 -6.06 -19.62
C ALA C 188 74.92 -5.99 -18.15
N LEU C 189 75.49 -7.09 -17.65
CA LEU C 189 76.02 -7.16 -16.29
C LEU C 189 77.39 -6.48 -16.17
N ALA C 190 78.36 -6.93 -16.97
CA ALA C 190 79.72 -6.42 -16.93
C ALA C 190 79.75 -4.91 -17.04
N ASP C 191 78.82 -4.37 -17.81
CA ASP C 191 78.64 -2.94 -17.99
C ASP C 191 78.23 -2.24 -16.69
N TRP C 192 77.13 -2.71 -16.09
CA TRP C 192 76.56 -2.06 -14.91
C TRP C 192 77.49 -2.09 -13.69
N TYR C 193 78.10 -3.25 -13.44
CA TYR C 193 79.00 -3.43 -12.30
C TYR C 193 80.29 -2.62 -12.46
N LEU C 194 80.72 -2.44 -13.71
CA LEU C 194 81.86 -1.58 -14.03
C LEU C 194 81.56 -0.13 -13.66
N ALA C 195 80.30 0.26 -13.84
CA ALA C 195 79.83 1.59 -13.46
C ALA C 195 79.56 1.70 -11.97
N HIS C 196 79.25 0.56 -11.35
CA HIS C 196 78.90 0.53 -9.93
C HIS C 196 79.73 -0.54 -9.21
N PRO C 197 80.97 -0.19 -8.82
CA PRO C 197 81.88 -1.15 -8.20
C PRO C 197 81.43 -1.59 -6.80
N GLU C 198 80.89 -0.65 -6.02
CA GLU C 198 80.50 -0.87 -4.63
C GLU C 198 79.11 -1.51 -4.51
N ALA C 199 78.74 -2.32 -5.52
CA ALA C 199 77.42 -2.93 -5.58
C ALA C 199 77.40 -4.36 -5.08
N THR C 200 76.34 -4.69 -4.34
CA THR C 200 76.10 -6.04 -3.86
C THR C 200 75.54 -6.86 -5.01
N LEU C 201 76.30 -7.87 -5.41
CA LEU C 201 75.84 -8.86 -6.38
C LEU C 201 75.13 -9.99 -5.64
N ILE C 202 74.05 -10.51 -6.22
CA ILE C 202 73.30 -11.60 -5.61
C ILE C 202 73.02 -12.68 -6.64
N ALA C 203 73.72 -13.79 -6.51
CA ALA C 203 73.47 -14.97 -7.33
C ALA C 203 72.39 -15.80 -6.64
N GLY C 204 72.79 -16.83 -5.91
CA GLY C 204 71.85 -17.66 -5.16
C GLY C 204 71.31 -16.96 -3.94
N GLY C 205 72.14 -16.13 -3.31
CA GLY C 205 71.73 -15.40 -2.12
C GLY C 205 71.57 -16.31 -0.91
N THR C 206 72.37 -17.38 -0.88
CA THR C 206 72.39 -18.31 0.24
C THR C 206 73.48 -17.92 1.25
N ASP C 207 74.10 -16.76 0.99
CA ASP C 207 75.10 -16.17 1.87
C ASP C 207 74.77 -14.71 2.13
N VAL C 208 74.29 -14.03 1.09
CA VAL C 208 73.94 -12.62 1.17
C VAL C 208 72.71 -12.40 2.07
N SER C 209 71.69 -13.22 1.88
CA SER C 209 70.44 -13.11 2.64
C SER C 209 70.65 -13.37 4.11
N LEU C 210 71.77 -14.01 4.45
CA LEU C 210 72.13 -14.23 5.85
C LEU C 210 72.79 -13.00 6.48
N TRP C 211 73.01 -11.97 5.66
CA TRP C 211 73.41 -10.64 6.16
C TRP C 211 72.19 -9.75 6.40
N VAL C 212 71.11 -10.02 5.68
CA VAL C 212 69.86 -9.27 5.84
C VAL C 212 68.91 -9.89 6.88
N THR C 213 68.95 -11.22 7.01
CA THR C 213 68.12 -11.92 8.00
C THR C 213 68.80 -12.02 9.36
N LYS C 214 69.93 -12.74 9.39
CA LYS C 214 70.66 -13.00 10.63
C LYS C 214 71.40 -11.74 11.13
N ALA C 215 72.22 -11.17 10.25
CA ALA C 215 73.04 -10.00 10.56
C ALA C 215 72.26 -8.67 10.57
N LEU C 216 71.18 -8.62 9.77
CA LEU C 216 70.30 -7.45 9.67
C LEU C 216 71.01 -6.21 9.07
N ARG C 217 71.98 -6.45 8.19
CA ARG C 217 72.79 -5.39 7.57
C ARG C 217 72.14 -4.84 6.28
N ASP C 218 72.06 -3.51 6.19
CA ASP C 218 71.46 -2.83 5.03
C ASP C 218 72.40 -2.74 3.84
N LEU C 219 71.89 -3.13 2.66
CA LEU C 219 72.69 -3.17 1.44
C LEU C 219 71.99 -2.57 0.21
N PRO C 220 72.00 -1.21 0.09
CA PRO C 220 71.49 -0.54 -1.12
C PRO C 220 72.34 -0.81 -2.38
N GLU C 221 71.72 -0.60 -3.56
CA GLU C 221 72.34 -0.81 -4.89
C GLU C 221 72.77 -2.26 -5.17
N VAL C 222 71.80 -3.08 -5.59
CA VAL C 222 71.97 -4.53 -5.73
C VAL C 222 71.63 -5.04 -7.14
N ALA C 223 72.12 -6.24 -7.47
CA ALA C 223 71.88 -6.84 -8.79
C ALA C 223 71.74 -8.37 -8.77
N PHE C 224 70.72 -8.87 -9.45
CA PHE C 224 70.42 -10.31 -9.45
C PHE C 224 70.92 -11.04 -10.70
N LEU C 225 71.97 -11.84 -10.49
CA LEU C 225 72.59 -12.59 -11.58
C LEU C 225 71.78 -13.81 -12.03
N SER C 226 70.88 -14.29 -11.17
CA SER C 226 70.11 -15.49 -11.46
C SER C 226 69.09 -15.33 -12.60
N HIS C 227 69.38 -14.40 -13.51
CA HIS C 227 68.58 -14.19 -14.73
C HIS C 227 69.47 -14.00 -15.97
N CYS C 228 70.77 -14.28 -15.82
CA CYS C 228 71.75 -14.17 -16.91
C CYS C 228 72.09 -15.51 -17.53
N LYS C 229 71.27 -15.98 -18.47
CA LYS C 229 71.39 -17.33 -19.00
C LYS C 229 72.80 -17.73 -19.49
N ASP C 230 73.44 -16.82 -20.22
CA ASP C 230 74.79 -17.08 -20.76
C ASP C 230 75.91 -17.08 -19.70
N LEU C 231 75.57 -16.70 -18.47
CA LEU C 231 76.49 -16.74 -17.34
C LEU C 231 76.45 -18.12 -16.68
N ALA C 232 75.32 -18.81 -16.84
CA ALA C 232 75.08 -20.10 -16.19
C ALA C 232 75.15 -21.23 -17.20
N GLN C 233 76.33 -21.47 -17.74
CA GLN C 233 76.47 -22.37 -18.88
C GLN C 233 77.54 -23.44 -18.70
N ILE C 234 77.18 -24.68 -19.03
CA ILE C 234 78.18 -25.74 -19.15
C ILE C 234 78.53 -25.82 -20.63
N ARG C 235 79.71 -25.31 -20.97
CA ARG C 235 80.20 -25.30 -22.35
C ARG C 235 81.44 -26.17 -22.48
N GLU C 236 81.57 -26.84 -23.61
CA GLU C 236 82.70 -27.71 -23.87
C GLU C 236 83.81 -26.89 -24.54
N THR C 237 85.06 -27.14 -24.14
CA THR C 237 86.20 -26.34 -24.58
C THR C 237 87.41 -27.24 -24.89
N PRO C 238 88.28 -26.81 -25.84
CA PRO C 238 89.56 -27.44 -26.18
C PRO C 238 90.28 -28.17 -25.03
N ASP C 239 90.45 -27.50 -23.90
CA ASP C 239 91.18 -28.06 -22.77
C ASP C 239 90.30 -28.83 -21.76
N GLY C 240 89.02 -28.46 -21.66
CA GLY C 240 88.12 -29.13 -20.73
C GLY C 240 86.67 -28.70 -20.79
N TYR C 241 86.18 -28.17 -19.67
CA TYR C 241 84.79 -27.73 -19.54
C TYR C 241 84.73 -26.33 -18.94
N GLY C 242 83.98 -25.44 -19.58
CA GLY C 242 83.82 -24.06 -19.13
C GLY C 242 82.56 -23.82 -18.34
N ILE C 243 82.60 -24.11 -17.05
CA ILE C 243 81.47 -23.93 -16.12
C ILE C 243 81.33 -22.46 -15.74
N GLY C 244 80.19 -21.86 -16.12
CA GLY C 244 79.92 -20.46 -15.85
C GLY C 244 79.60 -20.23 -14.39
N ALA C 245 79.77 -18.97 -13.94
CA ALA C 245 79.61 -18.65 -12.53
C ALA C 245 78.17 -18.76 -12.03
N GLY C 246 77.21 -18.78 -12.96
CA GLY C 246 75.79 -18.86 -12.61
C GLY C 246 75.23 -20.27 -12.53
N VAL C 247 76.06 -21.25 -12.90
CA VAL C 247 75.70 -22.66 -12.84
C VAL C 247 75.52 -23.08 -11.39
N THR C 248 74.33 -23.59 -11.05
CA THR C 248 74.01 -23.97 -9.67
C THR C 248 74.72 -25.26 -9.26
N ILE C 249 74.96 -25.43 -7.97
CA ILE C 249 75.67 -26.61 -7.45
C ILE C 249 74.97 -27.91 -7.85
N ALA C 250 73.65 -27.96 -7.68
CA ALA C 250 72.87 -29.12 -8.13
C ALA C 250 73.16 -29.42 -9.60
N ALA C 251 73.19 -28.36 -10.41
CA ALA C 251 73.47 -28.46 -11.84
C ALA C 251 74.90 -28.90 -12.09
N LEU C 252 75.84 -28.32 -11.34
CA LEU C 252 77.26 -28.68 -11.47
C LEU C 252 77.47 -30.15 -11.15
N ARG C 253 76.86 -30.59 -10.06
CA ARG C 253 76.90 -31.97 -9.62
C ARG C 253 76.27 -32.92 -10.63
N ALA C 254 75.13 -32.51 -11.19
CA ALA C 254 74.42 -33.31 -12.17
C ALA C 254 75.25 -33.55 -13.41
N PHE C 255 76.02 -32.54 -13.80
CA PHE C 255 76.96 -32.66 -14.92
C PHE C 255 78.21 -33.46 -14.53
N ALA C 256 78.70 -33.22 -13.31
CA ALA C 256 79.94 -33.85 -12.83
C ALA C 256 79.84 -35.36 -12.71
N GLU C 257 78.62 -35.86 -12.50
CA GLU C 257 78.38 -37.30 -12.39
C GLU C 257 79.09 -38.13 -13.48
N GLY C 258 79.27 -37.52 -14.66
CA GLY C 258 79.92 -38.20 -15.77
C GLY C 258 81.44 -38.11 -15.82
N PRO C 259 81.97 -36.96 -16.30
CA PRO C 259 83.41 -36.72 -16.41
C PRO C 259 84.17 -36.61 -15.08
N HIS C 260 83.47 -36.21 -14.02
CA HIS C 260 84.10 -36.03 -12.70
C HIS C 260 83.27 -36.62 -11.54
N PRO C 261 83.15 -37.96 -11.46
CA PRO C 261 82.39 -38.59 -10.37
C PRO C 261 82.94 -38.18 -9.01
N ALA C 262 84.23 -37.86 -8.98
CA ALA C 262 84.88 -37.39 -7.76
C ALA C 262 84.25 -36.11 -7.25
N LEU C 263 84.01 -35.16 -8.16
CA LEU C 263 83.37 -33.89 -7.80
C LEU C 263 81.90 -34.12 -7.43
N ALA C 264 81.21 -34.93 -8.24
CA ALA C 264 79.79 -35.22 -8.02
C ALA C 264 79.55 -35.74 -6.62
N GLY C 265 80.31 -36.78 -6.23
CA GLY C 265 80.24 -37.37 -4.90
C GLY C 265 80.25 -36.34 -3.79
N LEU C 266 81.32 -35.54 -3.74
CA LEU C 266 81.46 -34.47 -2.75
C LEU C 266 80.25 -33.53 -2.75
N LEU C 267 79.88 -33.05 -3.93
CA LEU C 267 78.80 -32.07 -4.07
C LEU C 267 77.44 -32.56 -3.60
N ARG C 268 77.28 -33.88 -3.48
CA ARG C 268 76.08 -34.45 -2.89
C ARG C 268 75.96 -34.01 -1.44
N ARG C 269 77.11 -33.87 -0.78
CA ARG C 269 77.16 -33.41 0.61
C ARG C 269 77.48 -31.90 0.74
N PHE C 270 77.26 -31.16 -0.34
CA PHE C 270 77.30 -29.71 -0.31
C PHE C 270 75.89 -29.22 0.02
N ALA C 271 75.72 -28.66 1.22
CA ALA C 271 74.42 -28.14 1.69
C ALA C 271 73.24 -29.11 1.54
N SER C 272 72.05 -28.55 1.35
CA SER C 272 70.85 -29.34 1.12
C SER C 272 70.49 -29.38 -0.36
N GLU C 273 69.52 -30.22 -0.72
CA GLU C 273 69.00 -30.25 -2.08
C GLU C 273 68.38 -28.90 -2.48
N GLN C 274 67.74 -28.24 -1.53
CA GLN C 274 67.05 -26.97 -1.79
C GLN C 274 67.99 -25.75 -1.89
N VAL C 275 69.16 -25.84 -1.26
CA VAL C 275 70.18 -24.79 -1.38
C VAL C 275 71.01 -25.08 -2.62
N ARG C 276 71.27 -26.35 -2.90
CA ARG C 276 71.93 -26.75 -4.13
C ARG C 276 71.20 -26.27 -5.38
N GLN C 277 69.88 -26.17 -5.32
CA GLN C 277 69.10 -25.73 -6.47
C GLN C 277 69.12 -24.22 -6.72
N VAL C 278 69.83 -23.46 -5.90
CA VAL C 278 69.90 -22.01 -6.06
C VAL C 278 71.30 -21.43 -5.93
N ALA C 279 72.10 -21.99 -5.02
CA ALA C 279 73.46 -21.54 -4.79
C ALA C 279 74.34 -21.90 -5.97
N THR C 280 75.15 -20.94 -6.41
CA THR C 280 76.00 -21.10 -7.59
C THR C 280 77.47 -21.33 -7.23
N ILE C 281 78.17 -22.04 -8.11
CA ILE C 281 79.61 -22.29 -7.98
C ILE C 281 80.41 -20.99 -7.92
N GLY C 282 80.03 -20.02 -8.75
CA GLY C 282 80.66 -18.70 -8.81
C GLY C 282 80.54 -17.94 -7.51
N GLY C 283 79.31 -17.85 -6.99
CA GLY C 283 79.06 -17.24 -5.68
C GLY C 283 79.71 -17.97 -4.52
N ASN C 284 80.02 -19.26 -4.74
CA ASN C 284 80.74 -20.07 -3.77
C ASN C 284 82.22 -19.71 -3.74
N ILE C 285 82.83 -19.64 -4.93
CA ILE C 285 84.20 -19.17 -5.08
C ILE C 285 84.30 -17.70 -4.65
N ALA C 286 83.32 -16.90 -5.06
CA ALA C 286 83.27 -15.48 -4.74
C ALA C 286 83.02 -15.21 -3.26
N ASN C 287 82.41 -16.18 -2.57
CA ASN C 287 82.22 -16.07 -1.14
C ASN C 287 83.56 -16.12 -0.41
N GLY C 288 84.47 -16.95 -0.94
CA GLY C 288 85.83 -17.06 -0.42
C GLY C 288 85.97 -17.63 0.98
N SER C 289 84.98 -18.40 1.43
CA SER C 289 85.04 -19.03 2.75
C SER C 289 86.07 -20.16 2.79
N PRO C 290 86.92 -20.19 3.83
CA PRO C 290 87.89 -21.28 3.97
C PRO C 290 87.23 -22.66 4.15
N ILE C 291 86.04 -22.68 4.74
CA ILE C 291 85.28 -23.91 4.90
C ILE C 291 84.29 -24.14 3.76
N GLY C 292 84.53 -23.46 2.63
CA GLY C 292 83.77 -23.68 1.40
C GLY C 292 84.18 -24.98 0.73
N ASP C 293 83.19 -25.72 0.21
CA ASP C 293 83.43 -27.04 -0.36
C ASP C 293 83.72 -27.06 -1.85
N GLY C 294 83.46 -25.93 -2.51
CA GLY C 294 83.81 -25.78 -3.91
C GLY C 294 85.32 -25.82 -4.12
N PRO C 295 86.02 -24.73 -3.77
CA PRO C 295 87.43 -24.52 -4.07
C PRO C 295 88.33 -25.77 -3.95
N PRO C 296 88.49 -26.36 -2.74
CA PRO C 296 89.53 -27.39 -2.63
C PRO C 296 89.36 -28.47 -3.68
N ALA C 297 88.10 -28.84 -3.96
CA ALA C 297 87.76 -29.84 -4.97
C ALA C 297 88.26 -29.44 -6.34
N LEU C 298 87.98 -28.20 -6.73
CA LEU C 298 88.45 -27.66 -8.01
C LEU C 298 89.98 -27.57 -8.03
N ILE C 299 90.55 -27.01 -6.96
CA ILE C 299 91.99 -26.83 -6.80
C ILE C 299 92.76 -28.14 -7.01
N ALA C 300 92.21 -29.24 -6.50
CA ALA C 300 92.86 -30.53 -6.62
C ALA C 300 92.85 -31.09 -8.05
N MET C 301 91.78 -30.84 -8.79
CA MET C 301 91.75 -31.29 -10.19
C MET C 301 92.34 -30.27 -11.17
N GLY C 302 92.69 -29.09 -10.64
CA GLY C 302 93.42 -28.06 -11.40
C GLY C 302 92.56 -27.16 -12.24
N ALA C 303 91.49 -26.63 -11.65
CA ALA C 303 90.59 -25.75 -12.38
C ALA C 303 91.15 -24.34 -12.45
N SER C 304 90.91 -23.68 -13.59
CA SER C 304 91.28 -22.27 -13.76
C SER C 304 90.03 -21.39 -13.64
N LEU C 305 90.23 -20.19 -13.11
CA LEU C 305 89.16 -19.21 -12.91
C LEU C 305 89.26 -18.07 -13.92
N THR C 306 88.13 -17.62 -14.43
CA THR C 306 88.09 -16.46 -15.33
C THR C 306 87.31 -15.33 -14.69
N LEU C 307 87.91 -14.14 -14.69
CA LEU C 307 87.30 -12.94 -14.13
C LEU C 307 87.03 -11.92 -15.23
N ARG C 308 86.02 -11.09 -15.04
CA ARG C 308 85.70 -10.02 -15.99
C ARG C 308 85.56 -8.66 -15.32
N ARG C 309 86.19 -7.66 -15.91
CA ARG C 309 86.17 -6.30 -15.38
C ARG C 309 85.47 -5.33 -16.34
N GLY C 310 84.50 -5.83 -17.11
CA GLY C 310 83.76 -5.01 -18.07
C GLY C 310 83.94 -5.52 -19.49
N GLN C 311 85.19 -5.55 -19.94
CA GLN C 311 85.54 -6.15 -21.21
C GLN C 311 86.87 -6.88 -21.09
N GLU C 312 87.50 -6.74 -19.92
CA GLU C 312 88.76 -7.42 -19.63
C GLU C 312 88.50 -8.86 -19.17
N ARG C 313 89.51 -9.71 -19.35
CA ARG C 313 89.48 -11.07 -18.81
C ARG C 313 90.81 -11.47 -18.19
N ARG C 314 90.75 -11.92 -16.95
CA ARG C 314 91.90 -12.48 -16.26
C ARG C 314 91.69 -13.97 -16.09
N ARG C 315 92.79 -14.71 -15.95
CA ARG C 315 92.69 -16.15 -15.78
C ARG C 315 93.86 -16.67 -14.95
N MET C 316 93.54 -17.23 -13.79
CA MET C 316 94.52 -17.91 -12.96
C MET C 316 93.97 -19.24 -12.50
N PRO C 317 94.85 -20.18 -12.11
CA PRO C 317 94.39 -21.37 -11.40
C PRO C 317 93.74 -20.96 -10.07
N LEU C 318 92.61 -21.58 -9.73
CA LEU C 318 91.72 -21.13 -8.65
C LEU C 318 92.39 -20.76 -7.33
N GLU C 319 93.34 -21.57 -6.89
CA GLU C 319 94.02 -21.36 -5.61
C GLU C 319 94.66 -19.98 -5.50
N ASP C 320 95.04 -19.37 -6.63
CA ASP C 320 95.68 -18.06 -6.65
C ASP C 320 94.73 -16.89 -6.34
N PHE C 321 93.43 -17.14 -6.45
CA PHE C 321 92.38 -16.14 -6.20
C PHE C 321 92.21 -15.87 -4.71
N PHE C 322 92.62 -16.82 -3.90
CA PHE C 322 92.49 -16.75 -2.46
C PHE C 322 93.80 -16.31 -1.81
N LEU C 323 93.90 -15.02 -1.50
CA LEU C 323 95.14 -14.45 -0.95
C LEU C 323 95.23 -14.65 0.57
N GLU C 324 94.48 -13.84 1.31
CA GLU C 324 94.41 -13.92 2.76
C GLU C 324 93.02 -14.46 3.13
N TYR C 325 92.72 -14.55 4.43
CA TYR C 325 91.36 -14.81 4.90
C TYR C 325 90.56 -13.54 4.67
N ARG C 326 89.35 -13.70 4.13
CA ARG C 326 88.48 -12.58 3.74
C ARG C 326 89.15 -11.54 2.83
N LYS C 327 90.19 -11.96 2.11
CA LYS C 327 90.78 -11.16 1.04
C LYS C 327 90.97 -12.00 -0.22
N GLN C 328 90.45 -11.48 -1.34
CA GLN C 328 90.50 -12.17 -2.63
C GLN C 328 91.20 -11.30 -3.66
N ASP C 329 91.60 -11.92 -4.78
CA ASP C 329 92.20 -11.17 -5.87
C ASP C 329 91.09 -10.69 -6.81
N ARG C 330 90.26 -9.80 -6.27
CA ARG C 330 89.11 -9.28 -6.97
C ARG C 330 89.24 -7.76 -7.07
N ARG C 331 89.44 -7.30 -8.31
CA ARG C 331 89.59 -5.88 -8.59
C ARG C 331 88.27 -5.14 -8.39
N PRO C 332 88.32 -3.85 -7.97
CA PRO C 332 87.10 -3.02 -7.94
C PRO C 332 86.41 -2.97 -9.30
N GLY C 333 85.22 -3.57 -9.37
CA GLY C 333 84.48 -3.67 -10.63
C GLY C 333 84.74 -4.95 -11.41
N GLU C 334 85.39 -5.91 -10.76
CA GLU C 334 85.66 -7.21 -11.36
C GLU C 334 84.75 -8.27 -10.72
N PHE C 335 84.20 -9.15 -11.55
CA PHE C 335 83.35 -10.24 -11.07
C PHE C 335 83.80 -11.60 -11.60
N VAL C 336 83.35 -12.68 -10.94
CA VAL C 336 83.64 -14.04 -11.38
C VAL C 336 82.72 -14.39 -12.55
N GLU C 337 83.31 -14.83 -13.66
CA GLU C 337 82.54 -15.15 -14.86
C GLU C 337 82.35 -16.65 -15.06
N SER C 338 83.44 -17.40 -14.87
CA SER C 338 83.42 -18.86 -15.05
C SER C 338 84.64 -19.55 -14.43
N VAL C 339 84.55 -20.87 -14.32
CA VAL C 339 85.72 -21.71 -14.09
C VAL C 339 85.82 -22.79 -15.15
N THR C 340 87.04 -23.05 -15.59
CA THR C 340 87.30 -24.16 -16.50
C THR C 340 87.97 -25.30 -15.76
N LEU C 341 87.48 -26.51 -15.99
CA LEU C 341 88.09 -27.72 -15.43
C LEU C 341 88.46 -28.66 -16.56
N PRO C 342 89.52 -29.48 -16.38
CA PRO C 342 89.98 -30.38 -17.46
C PRO C 342 88.92 -31.42 -17.80
N LYS C 343 89.06 -32.06 -18.97
CA LYS C 343 88.14 -33.12 -19.39
C LYS C 343 88.11 -34.28 -18.39
N SER C 344 89.27 -34.59 -17.82
CA SER C 344 89.45 -35.77 -16.98
C SER C 344 90.34 -35.51 -15.78
N ALA C 345 90.01 -36.17 -14.67
CA ALA C 345 90.83 -36.14 -13.45
C ALA C 345 90.59 -37.39 -12.60
N PRO C 346 90.89 -38.59 -13.17
CA PRO C 346 90.51 -39.85 -12.53
C PRO C 346 91.23 -40.13 -11.22
N GLY C 347 92.29 -39.37 -10.95
CA GLY C 347 93.04 -39.50 -9.70
C GLY C 347 92.42 -38.74 -8.55
N LEU C 348 91.42 -37.91 -8.85
CA LEU C 348 90.80 -37.05 -7.84
C LEU C 348 90.00 -37.85 -6.82
N ARG C 349 90.17 -37.50 -5.56
CA ARG C 349 89.39 -38.10 -4.49
C ARG C 349 89.09 -37.01 -3.50
N CYS C 350 87.82 -36.82 -3.19
CA CYS C 350 87.36 -35.73 -2.33
C CYS C 350 86.69 -36.25 -1.06
N TYR C 351 87.22 -35.84 0.08
CA TYR C 351 86.69 -36.26 1.36
C TYR C 351 86.16 -35.05 2.14
N LYS C 352 84.92 -35.16 2.63
CA LYS C 352 84.38 -34.17 3.56
C LYS C 352 84.31 -34.77 4.95
N LEU C 353 84.68 -33.97 5.97
CA LEU C 353 84.58 -34.43 7.34
C LEU C 353 83.92 -33.39 8.26
N SER C 354 82.77 -33.78 8.81
CA SER C 354 81.96 -32.90 9.68
C SER C 354 81.11 -33.74 10.62
N LYS C 355 80.86 -33.24 11.84
CA LYS C 355 80.04 -33.95 12.85
C LYS C 355 78.99 -34.90 12.26
N ARG C 356 78.15 -34.35 11.39
CA ARG C 356 77.07 -35.08 10.74
C ARG C 356 77.38 -35.18 9.24
N PHE C 357 76.86 -36.22 8.59
CA PHE C 357 77.12 -36.43 7.16
C PHE C 357 76.45 -35.38 6.28
N ASP C 358 75.13 -35.27 6.37
CA ASP C 358 74.34 -34.45 5.44
C ASP C 358 74.05 -33.03 5.96
N GLN C 359 74.02 -32.08 5.02
CA GLN C 359 73.88 -30.64 5.30
C GLN C 359 74.61 -30.17 6.55
N ASP C 360 75.93 -30.15 6.47
CA ASP C 360 76.78 -29.68 7.57
C ASP C 360 78.05 -29.08 6.98
N ILE C 361 78.61 -28.12 7.70
CA ILE C 361 79.80 -27.40 7.26
C ILE C 361 81.05 -28.13 7.74
N SER C 362 81.93 -28.48 6.80
CA SER C 362 83.10 -29.30 7.09
C SER C 362 84.10 -28.70 8.09
N ALA C 363 84.79 -29.58 8.80
CA ALA C 363 85.87 -29.22 9.71
C ALA C 363 87.21 -29.43 8.98
N VAL C 364 87.30 -30.56 8.29
CA VAL C 364 88.41 -30.84 7.37
C VAL C 364 87.79 -31.25 6.05
N CYS C 365 88.50 -30.96 4.98
CA CYS C 365 88.03 -31.23 3.64
C CYS C 365 89.22 -31.50 2.73
N GLY C 366 89.47 -32.78 2.48
CA GLY C 366 90.67 -33.17 1.75
C GLY C 366 90.41 -33.63 0.34
N CYS C 367 91.09 -32.99 -0.60
CA CYS C 367 91.03 -33.40 -1.99
C CYS C 367 92.41 -33.77 -2.48
N LEU C 368 92.53 -35.01 -2.92
CA LEU C 368 93.81 -35.54 -3.36
C LEU C 368 93.71 -36.00 -4.81
N ASN C 369 94.60 -35.46 -5.64
CA ASN C 369 94.72 -35.89 -7.03
C ASN C 369 96.18 -36.17 -7.37
N LEU C 370 96.50 -37.45 -7.55
CA LEU C 370 97.86 -37.84 -7.90
C LEU C 370 97.93 -38.48 -9.28
N THR C 371 99.02 -38.18 -9.99
CA THR C 371 99.33 -38.79 -11.28
C THR C 371 100.45 -39.78 -11.05
N LEU C 372 100.32 -40.95 -11.68
CA LEU C 372 101.28 -42.04 -11.46
C LEU C 372 102.16 -42.28 -12.68
N LYS C 373 103.43 -42.58 -12.42
CA LYS C 373 104.27 -43.20 -13.42
C LYS C 373 104.50 -44.63 -12.95
N GLY C 374 103.51 -45.48 -13.20
CA GLY C 374 103.56 -46.87 -12.76
C GLY C 374 103.47 -46.97 -11.25
N SER C 375 104.63 -47.09 -10.61
CA SER C 375 104.71 -47.25 -9.16
C SER C 375 105.10 -45.95 -8.45
N LYS C 376 105.43 -44.93 -9.23
CA LYS C 376 105.94 -43.67 -8.66
C LYS C 376 105.00 -42.49 -8.86
N ILE C 377 104.88 -41.67 -7.81
CA ILE C 377 104.10 -40.44 -7.85
C ILE C 377 104.78 -39.43 -8.77
N GLU C 378 104.05 -38.99 -9.80
CA GLU C 378 104.53 -37.97 -10.72
C GLU C 378 104.10 -36.57 -10.28
N THR C 379 102.80 -36.37 -10.14
CA THR C 379 102.25 -35.09 -9.74
C THR C 379 101.37 -35.25 -8.50
N ALA C 380 101.41 -34.25 -7.63
CA ALA C 380 100.60 -34.26 -6.41
C ALA C 380 99.80 -32.98 -6.27
N ARG C 381 98.47 -33.09 -6.43
CA ARG C 381 97.58 -31.97 -6.12
C ARG C 381 96.74 -32.29 -4.89
N ILE C 382 97.18 -31.77 -3.75
CA ILE C 382 96.52 -31.99 -2.46
C ILE C 382 96.11 -30.65 -1.86
N ALA C 383 94.80 -30.42 -1.75
CA ALA C 383 94.27 -29.12 -1.32
C ALA C 383 93.23 -29.25 -0.20
N PHE C 384 93.34 -28.36 0.79
CA PHE C 384 92.56 -28.46 2.03
C PHE C 384 91.64 -27.28 2.38
N GLY C 385 90.36 -27.59 2.57
CA GLY C 385 89.39 -26.63 3.08
C GLY C 385 89.27 -26.77 4.59
N GLY C 386 89.01 -25.65 5.26
CA GLY C 386 88.84 -25.64 6.71
C GLY C 386 90.11 -25.77 7.54
N MET C 387 91.23 -26.08 6.87
CA MET C 387 92.52 -26.28 7.53
C MET C 387 93.28 -24.98 7.76
N ALA C 388 93.14 -24.03 6.83
CA ALA C 388 93.79 -22.73 6.92
C ALA C 388 92.81 -21.59 6.63
N GLY C 389 93.23 -20.35 6.86
CA GLY C 389 92.38 -19.17 6.63
C GLY C 389 91.96 -18.98 5.19
N VAL C 390 92.32 -19.94 4.34
CA VAL C 390 92.06 -19.89 2.91
C VAL C 390 92.32 -21.28 2.30
N PRO C 391 91.50 -21.70 1.33
CA PRO C 391 91.71 -23.01 0.70
C PRO C 391 93.05 -23.07 -0.02
N LYS C 392 93.93 -23.96 0.42
CA LYS C 392 95.29 -23.99 -0.13
C LYS C 392 95.91 -25.39 -0.18
N ARG C 393 96.85 -25.54 -1.10
CA ARG C 393 97.49 -26.82 -1.38
C ARG C 393 98.62 -27.10 -0.39
N ALA C 394 98.83 -28.38 -0.08
CA ALA C 394 99.85 -28.79 0.89
C ALA C 394 101.22 -28.85 0.26
N ALA C 395 101.80 -27.67 0.05
CA ALA C 395 103.07 -27.49 -0.66
C ALA C 395 104.18 -28.44 -0.21
N ALA C 396 104.44 -28.49 1.10
CA ALA C 396 105.53 -29.30 1.65
C ALA C 396 105.24 -30.80 1.60
N PHE C 397 103.97 -31.16 1.76
CA PHE C 397 103.54 -32.55 1.68
C PHE C 397 103.58 -33.03 0.23
N GLU C 398 103.04 -32.22 -0.67
CA GLU C 398 103.08 -32.51 -2.11
C GLU C 398 104.49 -32.76 -2.60
N ALA C 399 105.38 -31.82 -2.29
CA ALA C 399 106.77 -31.88 -2.73
C ALA C 399 107.49 -33.14 -2.20
N ALA C 400 107.14 -33.55 -0.99
CA ALA C 400 107.71 -34.75 -0.37
C ALA C 400 107.33 -36.01 -1.16
N LEU C 401 106.07 -36.06 -1.57
CA LEU C 401 105.51 -37.21 -2.28
C LEU C 401 106.10 -37.46 -3.66
N ILE C 402 106.21 -36.38 -4.45
CA ILE C 402 106.56 -36.49 -5.87
C ILE C 402 107.93 -37.13 -6.11
N GLY C 403 107.96 -38.10 -7.03
CA GLY C 403 109.16 -38.87 -7.34
C GLY C 403 109.32 -40.15 -6.56
N GLN C 404 108.45 -40.38 -5.58
CA GLN C 404 108.54 -41.54 -4.71
C GLN C 404 107.41 -42.53 -4.93
N ASP C 405 107.58 -43.74 -4.40
CA ASP C 405 106.60 -44.81 -4.53
C ASP C 405 105.27 -44.51 -3.87
N PHE C 406 104.20 -44.90 -4.55
CA PHE C 406 102.84 -44.75 -4.05
C PHE C 406 102.48 -45.97 -3.20
N ARG C 407 103.08 -46.03 -2.02
CA ARG C 407 102.77 -47.07 -1.03
C ARG C 407 102.31 -46.35 0.22
N GLU C 408 101.75 -47.09 1.17
CA GLU C 408 101.32 -46.48 2.41
C GLU C 408 102.50 -46.10 3.30
N ASP C 409 103.49 -46.99 3.37
CA ASP C 409 104.71 -46.75 4.16
C ASP C 409 105.41 -45.44 3.76
N THR C 410 105.49 -45.18 2.46
CA THR C 410 106.09 -43.95 1.94
C THR C 410 105.22 -42.71 2.22
N ILE C 411 103.90 -42.86 2.08
CA ILE C 411 102.96 -41.77 2.36
C ILE C 411 102.97 -41.41 3.84
N ALA C 412 102.93 -42.45 4.69
CA ALA C 412 102.88 -42.30 6.15
C ALA C 412 104.09 -41.57 6.72
N ALA C 413 105.25 -41.78 6.09
CA ALA C 413 106.48 -41.12 6.48
C ALA C 413 106.43 -39.61 6.18
N ALA C 414 105.73 -39.26 5.11
CA ALA C 414 105.62 -37.86 4.67
C ALA C 414 104.61 -37.05 5.47
N LEU C 415 103.81 -37.75 6.27
CA LEU C 415 102.67 -37.14 6.99
C LEU C 415 102.97 -35.93 7.89
N PRO C 416 104.07 -35.96 8.66
CA PRO C 416 104.31 -34.84 9.58
C PRO C 416 104.47 -33.49 8.90
N LEU C 417 104.74 -33.49 7.60
CA LEU C 417 104.94 -32.25 6.84
C LEU C 417 103.66 -31.43 6.71
N LEU C 418 102.52 -32.10 6.77
CA LEU C 418 101.21 -31.45 6.78
C LEU C 418 101.04 -30.57 8.01
N ALA C 419 101.75 -30.91 9.09
CA ALA C 419 101.79 -30.07 10.30
C ALA C 419 102.60 -28.81 10.05
N GLN C 420 103.43 -28.84 9.00
CA GLN C 420 104.22 -27.70 8.58
C GLN C 420 103.48 -26.88 7.53
N ASP C 421 102.50 -27.50 6.87
CA ASP C 421 101.67 -26.80 5.87
C ASP C 421 100.52 -26.06 6.54
N PHE C 422 99.93 -26.68 7.55
CA PHE C 422 98.78 -26.12 8.25
C PHE C 422 98.96 -26.18 9.76
N THR C 423 98.45 -25.17 10.45
CA THR C 423 98.31 -25.18 11.89
C THR C 423 96.88 -24.75 12.17
N PRO C 424 95.94 -25.72 12.21
CA PRO C 424 94.51 -25.41 12.22
C PRO C 424 93.99 -24.93 13.58
N LEU C 425 92.81 -24.34 13.56
CA LEU C 425 92.19 -23.77 14.75
C LEU C 425 91.18 -24.74 15.38
N SER C 426 90.84 -24.47 16.63
CA SER C 426 89.81 -25.23 17.31
C SER C 426 88.55 -24.38 17.36
N ASP C 427 87.40 -25.03 17.23
CA ASP C 427 86.11 -24.36 17.39
C ASP C 427 85.06 -25.42 17.68
N MET C 428 83.82 -24.99 17.93
CA MET C 428 82.73 -25.88 18.31
C MET C 428 82.53 -27.05 17.34
N ARG C 429 83.00 -26.91 16.10
CA ARG C 429 82.87 -27.98 15.12
C ARG C 429 83.92 -29.06 15.30
N ALA C 430 85.10 -28.67 15.78
CA ALA C 430 86.22 -29.60 15.99
C ALA C 430 87.43 -28.91 16.60
N SER C 431 88.18 -29.66 17.40
CA SER C 431 89.43 -29.19 17.95
C SER C 431 90.47 -29.14 16.83
N ALA C 432 91.54 -28.36 17.05
CA ALA C 432 92.66 -28.29 16.12
C ALA C 432 93.33 -29.64 15.95
N ALA C 433 93.60 -30.29 17.09
CA ALA C 433 94.19 -31.62 17.11
C ALA C 433 93.45 -32.56 16.15
N TYR C 434 92.12 -32.57 16.25
CA TYR C 434 91.30 -33.42 15.41
C TYR C 434 91.42 -33.08 13.92
N ARG C 435 91.43 -31.80 13.61
CA ARG C 435 91.62 -31.34 12.24
C ARG C 435 92.92 -31.93 11.66
N MET C 436 94.02 -31.66 12.36
CA MET C 436 95.34 -32.11 11.93
C MET C 436 95.42 -33.62 11.75
N ASN C 437 94.84 -34.35 12.69
CA ASN C 437 94.77 -35.81 12.61
C ASN C 437 94.00 -36.29 11.39
N ALA C 438 92.90 -35.62 11.10
CA ALA C 438 92.00 -36.04 10.02
C ALA C 438 92.61 -35.73 8.68
N ALA C 439 93.28 -34.58 8.60
CA ALA C 439 93.97 -34.16 7.39
C ALA C 439 94.98 -35.20 6.96
N GLN C 440 95.69 -35.76 7.94
CA GLN C 440 96.68 -36.79 7.70
C GLN C 440 96.05 -38.12 7.38
N ALA C 441 94.95 -38.43 8.06
CA ALA C 441 94.23 -39.68 7.84
C ALA C 441 93.68 -39.74 6.43
N MET C 442 93.31 -38.58 5.90
CA MET C 442 92.80 -38.47 4.52
C MET C 442 93.85 -38.84 3.48
N ALA C 443 95.12 -38.64 3.82
CA ALA C 443 96.22 -39.09 2.98
C ALA C 443 96.26 -40.61 3.00
N LEU C 444 96.38 -41.17 4.19
CA LEU C 444 96.39 -42.62 4.38
C LEU C 444 95.16 -43.28 3.77
N ARG C 445 94.04 -42.55 3.79
CA ARG C 445 92.79 -43.00 3.20
C ARG C 445 92.89 -43.08 1.67
N TYR C 446 93.57 -42.10 1.08
CA TYR C 446 93.73 -42.01 -0.37
C TYR C 446 94.52 -43.17 -0.98
N VAL C 447 95.58 -43.61 -0.29
CA VAL C 447 96.37 -44.76 -0.72
C VAL C 447 95.47 -46.00 -0.75
N ARG C 448 94.80 -46.24 0.38
CA ARG C 448 93.96 -47.43 0.58
C ARG C 448 92.77 -47.43 -0.37
N GLU C 449 92.15 -46.26 -0.52
CA GLU C 449 91.08 -46.06 -1.50
C GLU C 449 91.52 -46.58 -2.85
N LEU C 450 92.61 -46.00 -3.36
CA LEU C 450 93.11 -46.29 -4.70
C LEU C 450 93.67 -47.70 -4.85
N SER C 451 94.26 -48.23 -3.78
CA SER C 451 94.76 -49.60 -3.80
C SER C 451 93.61 -50.61 -3.74
N GLY C 452 92.43 -50.13 -3.38
CA GLY C 452 91.19 -50.91 -3.49
C GLY C 452 90.52 -51.33 -2.20
N GLU C 453 90.98 -50.82 -1.07
CA GLU C 453 90.42 -51.18 0.24
C GLU C 453 89.06 -50.57 0.51
N ALA C 454 88.34 -51.17 1.43
CA ALA C 454 87.10 -50.61 1.94
C ALA C 454 87.46 -49.54 2.96
N VAL C 455 86.94 -48.34 2.74
CA VAL C 455 87.30 -47.20 3.56
C VAL C 455 86.08 -46.35 3.91
N ALA C 456 85.27 -46.05 2.91
CA ALA C 456 84.09 -45.20 3.09
C ALA C 456 82.99 -45.91 3.89
N VAL C 457 82.70 -45.37 5.07
CA VAL C 457 81.65 -45.87 5.95
C VAL C 457 80.28 -45.84 5.27
N LEU C 458 80.05 -44.79 4.48
CA LEU C 458 78.79 -44.56 3.79
C LEU C 458 78.53 -45.50 2.60
N GLU C 459 79.43 -46.44 2.37
CA GLU C 459 79.26 -47.40 1.29
C GLU C 459 78.91 -48.80 1.81
N VAL C 460 79.08 -48.99 3.12
CA VAL C 460 78.77 -50.26 3.77
C VAL C 460 77.26 -50.45 3.83
N MET C 461 76.80 -51.62 3.36
CA MET C 461 75.38 -51.97 3.38
C MET C 461 74.99 -52.63 4.72
N PRO C 462 73.75 -52.41 5.17
CA PRO C 462 73.28 -53.07 6.39
C PRO C 462 73.15 -54.58 6.24
N SER D 2 37.35 -48.45 18.75
CA SER D 2 38.20 -47.30 18.34
C SER D 2 39.55 -47.43 19.01
N VAL D 3 39.53 -47.71 20.31
CA VAL D 3 40.73 -47.95 21.10
C VAL D 3 41.41 -49.22 20.60
N GLY D 4 42.70 -49.13 20.29
CA GLY D 4 43.45 -50.27 19.79
C GLY D 4 43.47 -50.42 18.29
N LYS D 5 42.76 -49.52 17.61
CA LYS D 5 42.82 -49.42 16.15
C LYS D 5 44.02 -48.55 15.81
N PRO D 6 44.63 -48.78 14.63
CA PRO D 6 45.79 -47.98 14.23
C PRO D 6 45.40 -46.69 13.49
N LEU D 7 44.45 -45.94 14.07
CA LEU D 7 43.90 -44.72 13.46
C LEU D 7 44.90 -43.56 13.39
N PRO D 8 44.71 -42.64 12.41
CA PRO D 8 45.70 -41.59 12.12
C PRO D 8 45.66 -40.45 13.13
N HIS D 9 46.65 -39.55 13.06
CA HIS D 9 46.74 -38.46 14.04
C HIS D 9 45.58 -37.47 14.00
N ASP D 10 45.17 -37.04 15.20
CA ASP D 10 44.17 -35.98 15.43
C ASP D 10 43.90 -35.11 14.20
N SER D 11 44.91 -34.36 13.78
CA SER D 11 44.78 -33.48 12.63
C SER D 11 45.86 -33.76 11.60
N ALA D 12 45.92 -35.01 11.15
CA ALA D 12 46.90 -35.45 10.16
C ALA D 12 46.65 -34.79 8.81
N ARG D 13 45.37 -34.64 8.45
CA ARG D 13 45.02 -34.01 7.17
C ARG D 13 45.34 -32.52 7.22
N ALA D 14 45.04 -31.88 8.34
CA ALA D 14 45.32 -30.45 8.49
C ALA D 14 46.82 -30.14 8.39
N HIS D 15 47.65 -30.99 8.99
CA HIS D 15 49.12 -30.89 8.90
C HIS D 15 49.61 -30.96 7.47
N VAL D 16 49.09 -31.96 6.76
CA VAL D 16 49.56 -32.33 5.43
C VAL D 16 49.21 -31.27 4.34
N THR D 17 48.26 -30.40 4.66
CA THR D 17 47.81 -29.35 3.72
C THR D 17 48.00 -27.94 4.27
N GLY D 18 48.85 -27.79 5.28
CA GLY D 18 49.20 -26.48 5.83
C GLY D 18 48.05 -25.75 6.49
N GLN D 19 46.89 -26.41 6.54
CA GLN D 19 45.68 -25.91 7.23
C GLN D 19 45.90 -25.68 8.72
N ALA D 20 46.63 -26.60 9.35
CA ALA D 20 46.95 -26.54 10.76
C ALA D 20 47.67 -25.24 11.12
N ARG D 21 47.16 -24.57 12.16
CA ARG D 21 47.64 -23.24 12.53
C ARG D 21 48.19 -23.20 13.96
N TYR D 22 49.45 -22.76 14.05
CA TYR D 22 50.19 -22.65 15.31
C TYR D 22 50.18 -21.20 15.78
N LEU D 23 50.60 -20.95 17.01
CA LEU D 23 50.48 -19.60 17.60
C LEU D 23 50.69 -18.44 16.62
N ASP D 24 51.76 -18.51 15.84
CA ASP D 24 52.15 -17.42 14.92
C ASP D 24 51.22 -17.32 13.72
N ASP D 25 50.59 -18.43 13.37
CA ASP D 25 49.70 -18.51 12.21
C ASP D 25 48.37 -17.83 12.46
N LEU D 26 47.97 -17.79 13.72
CA LEU D 26 46.70 -17.22 14.15
C LEU D 26 46.58 -15.75 13.74
N PRO D 27 45.39 -15.36 13.23
CA PRO D 27 45.20 -13.94 12.89
C PRO D 27 45.04 -13.13 14.16
N CYS D 28 45.41 -11.86 14.13
CA CYS D 28 45.20 -10.98 15.29
C CYS D 28 45.23 -9.51 14.89
N PRO D 29 44.51 -8.66 15.66
CA PRO D 29 44.07 -7.35 15.18
C PRO D 29 45.20 -6.41 14.76
N ALA D 30 44.89 -5.50 13.85
CA ALA D 30 45.87 -4.63 13.23
C ALA D 30 47.00 -4.24 14.19
N ASN D 31 46.60 -3.79 15.37
CA ASN D 31 47.49 -3.20 16.37
C ASN D 31 48.57 -4.10 16.96
N THR D 32 48.32 -5.42 16.95
CA THR D 32 49.16 -6.40 17.63
C THR D 32 50.65 -6.07 17.55
N LEU D 33 51.27 -5.96 18.72
CA LEU D 33 52.67 -5.62 18.81
C LEU D 33 53.52 -6.86 18.96
N HIS D 34 54.81 -6.70 18.71
CA HIS D 34 55.74 -7.79 18.73
C HIS D 34 56.91 -7.47 19.66
N LEU D 35 57.20 -8.43 20.53
CA LEU D 35 58.20 -8.23 21.59
C LEU D 35 59.50 -8.99 21.32
N ALA D 36 60.58 -8.46 21.89
CA ALA D 36 61.86 -9.14 21.96
C ALA D 36 62.60 -8.75 23.26
N PHE D 37 63.29 -9.73 23.85
CA PHE D 37 64.14 -9.48 25.00
C PHE D 37 65.46 -8.85 24.58
N GLY D 38 66.04 -8.06 25.47
CA GLY D 38 67.43 -7.64 25.34
C GLY D 38 68.21 -8.47 26.33
N LEU D 39 69.11 -9.31 25.82
CA LEU D 39 69.82 -10.28 26.66
C LEU D 39 71.11 -9.74 27.28
N SER D 40 71.68 -10.51 28.20
CA SER D 40 72.98 -10.16 28.77
C SER D 40 74.07 -10.73 27.88
N THR D 41 75.25 -10.14 27.98
CA THR D 41 76.43 -10.67 27.34
C THR D 41 77.41 -11.14 28.41
N GLU D 42 77.00 -10.99 29.67
CA GLU D 42 77.84 -11.36 30.80
C GLU D 42 77.38 -12.62 31.52
N ALA D 43 78.33 -13.53 31.73
CA ALA D 43 78.10 -14.82 32.37
C ALA D 43 77.75 -14.67 33.85
N SER D 44 78.38 -13.69 34.49
CA SER D 44 78.03 -13.27 35.85
C SER D 44 78.57 -11.88 36.09
N ALA D 45 77.67 -10.92 36.31
CA ALA D 45 78.03 -9.52 36.51
C ALA D 45 76.88 -8.76 37.14
N ALA D 46 77.17 -7.60 37.70
CA ALA D 46 76.13 -6.68 38.16
C ALA D 46 75.95 -5.57 37.14
N ILE D 47 74.70 -5.30 36.76
CA ILE D 47 74.40 -4.26 35.79
C ILE D 47 74.52 -2.89 36.43
N THR D 48 75.61 -2.18 36.11
CA THR D 48 75.88 -0.88 36.70
C THR D 48 75.39 0.30 35.88
N GLY D 49 74.82 0.02 34.71
CA GLY D 49 74.29 1.07 33.84
C GLY D 49 73.41 0.54 32.73
N LEU D 50 72.30 1.23 32.49
CA LEU D 50 71.31 0.76 31.52
C LEU D 50 70.73 1.88 30.64
N ASP D 51 71.43 2.20 29.55
CA ASP D 51 70.94 3.16 28.56
C ASP D 51 70.03 2.46 27.57
N LEU D 52 68.73 2.71 27.73
CA LEU D 52 67.72 2.17 26.84
C LEU D 52 67.10 3.31 26.07
N GLU D 53 67.95 4.23 25.61
CA GLU D 53 67.52 5.31 24.75
C GLU D 53 67.68 4.96 23.28
N PRO D 54 68.87 4.44 22.87
CA PRO D 54 69.02 4.01 21.48
C PRO D 54 68.04 2.91 21.14
N VAL D 55 67.52 2.26 22.17
CA VAL D 55 66.47 1.26 22.01
C VAL D 55 65.11 1.93 21.75
N ARG D 56 64.77 2.93 22.57
CA ARG D 56 63.47 3.61 22.47
C ARG D 56 63.30 4.33 21.15
N GLU D 57 64.37 4.96 20.69
CA GLU D 57 64.36 5.73 19.46
C GLU D 57 64.30 4.83 18.22
N SER D 58 65.00 3.70 18.27
CA SER D 58 65.02 2.73 17.17
C SER D 58 63.61 2.58 16.61
N PRO D 59 63.46 2.78 15.29
CA PRO D 59 62.14 2.88 14.69
C PRO D 59 61.25 1.65 14.92
N GLY D 60 59.96 1.89 15.12
CA GLY D 60 59.00 0.81 15.32
C GLY D 60 58.63 0.58 16.77
N VAL D 61 59.51 1.03 17.69
CA VAL D 61 59.34 0.80 19.13
C VAL D 61 58.17 1.57 19.72
N ILE D 62 57.39 0.88 20.53
CA ILE D 62 56.18 1.41 21.14
C ILE D 62 56.36 1.47 22.65
N ALA D 63 57.09 0.49 23.19
CA ALA D 63 57.38 0.39 24.61
C ALA D 63 58.67 -0.37 24.85
N VAL D 64 59.36 -0.03 25.94
CA VAL D 64 60.54 -0.77 26.38
C VAL D 64 60.33 -1.11 27.86
N PHE D 65 60.66 -2.33 28.25
CA PHE D 65 60.37 -2.78 29.62
C PHE D 65 61.54 -3.26 30.44
N THR D 66 61.65 -2.72 31.66
CA THR D 66 62.66 -3.10 32.64
C THR D 66 62.00 -3.91 33.74
N ALA D 67 62.79 -4.62 34.52
CA ALA D 67 62.28 -5.30 35.71
C ALA D 67 61.71 -4.28 36.69
N ALA D 68 62.18 -3.04 36.58
CA ALA D 68 61.65 -1.92 37.34
C ALA D 68 60.29 -1.49 36.81
N ASP D 69 59.93 -1.98 35.63
CA ASP D 69 58.63 -1.67 35.02
C ASP D 69 57.56 -2.69 35.40
N LEU D 70 57.98 -3.85 35.88
CA LEU D 70 57.03 -4.92 36.19
C LEU D 70 56.21 -4.57 37.42
N PRO D 71 54.87 -4.60 37.29
CA PRO D 71 53.93 -4.20 38.36
C PRO D 71 54.00 -5.09 39.60
N HIS D 72 54.15 -6.41 39.39
CA HIS D 72 54.06 -7.40 40.47
C HIS D 72 55.18 -8.44 40.35
N ASP D 73 54.83 -9.72 40.39
CA ASP D 73 55.81 -10.82 40.35
C ASP D 73 56.72 -10.84 39.11
N ASN D 74 58.01 -10.59 39.35
CA ASN D 74 59.07 -10.85 38.38
C ASN D 74 59.64 -12.25 38.64
N ASP D 75 58.83 -13.25 38.36
CA ASP D 75 59.15 -14.63 38.72
C ASP D 75 58.37 -15.51 37.78
N ALA D 76 59.12 -16.31 37.00
CA ALA D 76 58.54 -17.22 36.04
C ALA D 76 58.80 -18.68 36.44
N SER D 77 59.84 -18.90 37.24
CA SER D 77 60.30 -20.26 37.60
C SER D 77 59.19 -21.20 38.08
N PRO D 78 59.23 -22.46 37.60
CA PRO D 78 58.32 -23.51 38.08
C PRO D 78 58.54 -23.84 39.57
N ALA D 79 59.79 -23.80 40.01
CA ALA D 79 60.15 -24.08 41.41
C ALA D 79 59.58 -23.02 42.35
N PRO D 80 59.50 -23.33 43.66
CA PRO D 80 59.14 -22.31 44.66
C PRO D 80 60.22 -21.23 44.78
N SER D 81 61.40 -21.52 44.21
CA SER D 81 62.49 -20.55 44.07
C SER D 81 62.20 -19.50 42.98
N PRO D 82 62.57 -18.23 43.24
CA PRO D 82 62.38 -17.18 42.23
C PRO D 82 63.37 -17.24 41.07
N GLU D 83 62.86 -17.00 39.86
CA GLU D 83 63.68 -16.81 38.66
C GLU D 83 63.04 -15.68 37.84
N PRO D 84 63.75 -14.53 37.70
CA PRO D 84 63.12 -13.36 37.08
C PRO D 84 62.99 -13.48 35.58
N VAL D 85 61.91 -12.92 35.05
CA VAL D 85 61.70 -12.86 33.61
C VAL D 85 62.62 -11.79 33.03
N LEU D 86 62.73 -10.68 33.76
CA LEU D 86 63.68 -9.62 33.41
C LEU D 86 64.67 -9.42 34.55
N ALA D 87 65.96 -9.45 34.20
CA ALA D 87 67.05 -9.36 35.18
C ALA D 87 66.84 -8.25 36.19
N THR D 88 67.09 -8.57 37.45
CA THR D 88 66.91 -7.63 38.56
C THR D 88 68.24 -7.19 39.18
N GLY D 89 69.01 -6.39 38.44
CA GLY D 89 70.25 -5.80 38.94
C GLY D 89 71.53 -6.51 38.54
N GLU D 90 71.44 -7.83 38.37
CA GLU D 90 72.59 -8.63 37.95
C GLU D 90 72.24 -9.62 36.85
N VAL D 91 73.27 -10.20 36.25
CA VAL D 91 73.06 -11.23 35.25
C VAL D 91 73.75 -12.52 35.69
N HIS D 92 73.12 -13.65 35.38
CA HIS D 92 73.59 -14.93 35.88
C HIS D 92 74.03 -15.91 34.80
N PHE D 93 73.76 -15.57 33.54
CA PHE D 93 74.26 -16.33 32.40
C PHE D 93 74.17 -15.52 31.11
N VAL D 94 75.04 -15.83 30.15
CA VAL D 94 74.99 -15.19 28.84
C VAL D 94 73.68 -15.57 28.15
N GLY D 95 72.77 -14.59 28.08
CA GLY D 95 71.46 -14.80 27.47
C GLY D 95 70.30 -14.58 28.42
N GLN D 96 70.59 -14.00 29.59
CA GLN D 96 69.53 -13.69 30.54
C GLN D 96 68.89 -12.40 30.12
N PRO D 97 67.56 -12.43 29.86
CA PRO D 97 66.81 -11.24 29.46
C PRO D 97 66.91 -10.13 30.50
N ILE D 98 67.39 -8.97 30.05
CA ILE D 98 67.52 -7.79 30.90
C ILE D 98 66.31 -6.87 30.71
N PHE D 99 65.96 -6.60 29.45
CA PHE D 99 64.80 -5.76 29.16
C PHE D 99 63.84 -6.40 28.15
N LEU D 100 62.85 -5.63 27.71
CA LEU D 100 61.85 -6.12 26.78
C LEU D 100 61.39 -5.00 25.84
N VAL D 101 61.45 -5.26 24.53
CA VAL D 101 61.02 -4.28 23.53
C VAL D 101 59.73 -4.69 22.84
N ALA D 102 58.76 -3.77 22.84
CA ALA D 102 57.50 -3.96 22.16
C ALA D 102 57.46 -3.04 20.93
N ALA D 103 57.57 -3.62 19.75
CA ALA D 103 57.63 -2.84 18.52
C ALA D 103 56.44 -3.13 17.61
N THR D 104 56.34 -2.40 16.50
CA THR D 104 55.24 -2.58 15.55
C THR D 104 55.46 -3.74 14.58
N SER D 105 56.67 -4.29 14.59
CA SER D 105 57.03 -5.45 13.76
C SER D 105 58.00 -6.33 14.52
N HIS D 106 58.13 -7.58 14.12
CA HIS D 106 59.03 -8.50 14.80
C HIS D 106 60.49 -8.02 14.68
N ARG D 107 60.87 -7.61 13.47
CA ARG D 107 62.25 -7.22 13.24
C ARG D 107 62.56 -5.97 14.01
N ALA D 108 61.63 -5.02 14.00
CA ALA D 108 61.80 -3.75 14.69
C ALA D 108 62.19 -3.95 16.14
N ALA D 109 61.55 -4.93 16.79
CA ALA D 109 61.84 -5.27 18.18
C ALA D 109 63.20 -5.95 18.30
N ARG D 110 63.45 -6.93 17.43
CA ARG D 110 64.73 -7.65 17.37
C ARG D 110 65.93 -6.73 17.13
N ILE D 111 65.80 -5.84 16.16
CA ILE D 111 66.85 -4.87 15.85
C ILE D 111 67.04 -3.91 17.03
N ALA D 112 65.93 -3.47 17.61
CA ALA D 112 65.97 -2.49 18.71
C ALA D 112 66.53 -3.06 20.01
N ALA D 113 66.43 -4.37 20.18
CA ALA D 113 66.96 -5.06 21.35
C ALA D 113 68.49 -4.91 21.43
N ARG D 114 69.12 -4.88 20.26
CA ARG D 114 70.58 -4.80 20.16
C ARG D 114 71.14 -3.44 20.51
N LYS D 115 70.33 -2.39 20.34
CA LYS D 115 70.78 -1.00 20.49
C LYS D 115 70.97 -0.52 21.95
N ALA D 116 70.93 -1.45 22.89
CA ALA D 116 71.07 -1.11 24.30
C ALA D 116 72.52 -0.78 24.63
N ARG D 117 72.71 0.23 25.47
CA ARG D 117 74.02 0.49 26.06
C ARG D 117 74.04 0.09 27.52
N ILE D 118 74.44 -1.16 27.76
CA ILE D 118 74.45 -1.74 29.09
C ILE D 118 75.90 -1.83 29.55
N THR D 119 76.20 -1.25 30.71
CA THR D 119 77.51 -1.44 31.32
C THR D 119 77.39 -2.36 32.52
N TYR D 120 78.17 -3.42 32.51
CA TYR D 120 78.21 -4.40 33.59
C TYR D 120 79.41 -4.13 34.48
N ALA D 121 79.34 -4.61 35.72
CA ALA D 121 80.53 -4.76 36.56
C ALA D 121 80.70 -6.26 36.78
N PRO D 122 81.56 -6.89 35.96
CA PRO D 122 81.69 -8.35 35.91
C PRO D 122 82.25 -8.99 37.18
N ARG D 123 81.82 -10.23 37.42
CA ARG D 123 82.34 -11.07 38.49
C ARG D 123 82.85 -12.37 37.87
N PRO D 124 83.69 -13.14 38.60
CA PRO D 124 84.09 -14.44 38.08
C PRO D 124 82.88 -15.35 37.99
N ALA D 125 82.79 -16.10 36.90
CA ALA D 125 81.64 -16.96 36.66
C ALA D 125 81.99 -18.37 37.11
N ILE D 126 80.95 -19.17 37.36
CA ILE D 126 81.10 -20.59 37.65
C ILE D 126 80.52 -21.37 36.47
N LEU D 127 81.37 -21.70 35.50
CA LEU D 127 80.87 -22.29 34.27
C LEU D 127 80.90 -23.80 34.24
N THR D 128 82.00 -24.40 34.66
CA THR D 128 82.14 -25.86 34.60
C THR D 128 81.76 -26.63 35.88
N LEU D 129 81.29 -27.86 35.68
CA LEU D 129 80.98 -28.83 36.74
C LEU D 129 81.98 -28.77 37.87
N ASP D 130 83.27 -28.88 37.53
CA ASP D 130 84.34 -28.80 38.51
C ASP D 130 84.29 -27.51 39.30
N GLN D 131 84.20 -26.39 38.59
CA GLN D 131 84.14 -25.09 39.22
C GLN D 131 83.01 -25.08 40.23
N ALA D 132 81.80 -25.40 39.76
CA ALA D 132 80.59 -25.39 40.58
C ALA D 132 80.73 -26.27 41.82
N LEU D 133 81.26 -27.47 41.60
CA LEU D 133 81.47 -28.45 42.65
C LEU D 133 82.51 -27.97 43.67
N ALA D 134 83.71 -27.64 43.18
CA ALA D 134 84.81 -27.23 44.03
C ALA D 134 84.69 -25.78 44.50
N ALA D 135 83.59 -25.13 44.15
CA ALA D 135 83.25 -23.81 44.69
C ALA D 135 82.02 -23.91 45.59
N ASP D 136 81.47 -25.12 45.67
CA ASP D 136 80.22 -25.42 46.39
C ASP D 136 79.00 -24.59 45.94
N SER D 137 78.95 -24.31 44.63
CA SER D 137 77.78 -23.71 44.01
C SER D 137 76.84 -24.82 43.59
N ARG D 138 75.72 -24.94 44.31
CA ARG D 138 74.78 -26.01 44.08
C ARG D 138 73.37 -25.64 44.50
N PHE D 139 72.44 -26.55 44.29
CA PHE D 139 71.07 -26.38 44.72
C PHE D 139 70.71 -27.35 45.84
N GLU D 140 69.63 -27.02 46.55
CA GLU D 140 69.12 -27.80 47.69
C GLU D 140 70.05 -27.79 48.91
N GLY D 141 71.31 -27.41 48.68
CA GLY D 141 72.34 -27.47 49.71
C GLY D 141 72.70 -28.91 49.96
N GLY D 142 73.99 -29.22 49.85
CA GLY D 142 74.46 -30.60 49.98
C GLY D 142 73.97 -31.50 48.84
N PRO D 143 74.69 -32.60 48.58
CA PRO D 143 74.20 -33.58 47.62
C PRO D 143 73.01 -34.36 48.19
N VAL D 144 72.33 -35.11 47.32
CA VAL D 144 71.29 -36.06 47.73
C VAL D 144 71.95 -37.45 47.77
N ILE D 145 71.71 -38.21 48.85
CA ILE D 145 72.29 -39.53 49.00
C ILE D 145 71.25 -40.61 49.34
N TRP D 146 71.14 -41.62 48.47
CA TRP D 146 70.32 -42.81 48.72
C TRP D 146 71.22 -44.04 48.86
N ALA D 147 70.84 -44.95 49.76
CA ALA D 147 71.62 -46.18 49.97
C ALA D 147 70.72 -47.36 50.34
N ARG D 148 70.90 -48.46 49.60
CA ARG D 148 70.23 -49.72 49.92
C ARG D 148 71.29 -50.75 50.28
N GLY D 149 71.22 -51.23 51.52
CA GLY D 149 72.20 -52.19 52.02
C GLY D 149 73.57 -51.56 52.06
N ASP D 150 74.59 -52.39 52.28
CA ASP D 150 75.97 -51.88 52.32
C ASP D 150 76.72 -52.12 51.01
N VAL D 151 77.00 -51.02 50.31
CA VAL D 151 77.76 -51.04 49.07
C VAL D 151 79.24 -51.33 49.33
N GLU D 152 79.83 -50.62 50.29
CA GLU D 152 81.22 -50.83 50.69
C GLU D 152 81.47 -52.31 50.86
N THR D 153 80.73 -52.90 51.81
CA THR D 153 80.76 -54.33 52.10
C THR D 153 80.78 -55.17 50.82
N ALA D 154 79.78 -54.94 49.96
CA ALA D 154 79.63 -55.67 48.72
C ALA D 154 80.90 -55.61 47.87
N LEU D 155 81.30 -54.39 47.51
CA LEU D 155 82.46 -54.14 46.67
C LEU D 155 83.75 -54.70 47.25
N ALA D 156 84.05 -54.33 48.49
CA ALA D 156 85.28 -54.76 49.16
C ALA D 156 85.57 -56.23 48.92
N GLY D 157 84.52 -57.06 48.95
CA GLY D 157 84.66 -58.50 48.80
C GLY D 157 84.09 -59.06 47.50
N ALA D 158 83.71 -58.18 46.58
CA ALA D 158 83.15 -58.59 45.29
C ALA D 158 84.19 -59.32 44.44
N ALA D 159 83.80 -60.47 43.89
CA ALA D 159 84.68 -61.30 43.04
C ALA D 159 85.03 -60.61 41.72
N HIS D 160 84.24 -59.58 41.38
CA HIS D 160 84.49 -58.74 40.22
C HIS D 160 84.05 -57.31 40.51
N LEU D 161 84.90 -56.35 40.15
CA LEU D 161 84.51 -54.93 40.21
C LEU D 161 85.10 -54.12 39.06
N ALA D 162 84.43 -53.03 38.71
CA ALA D 162 84.90 -52.12 37.66
C ALA D 162 84.54 -50.67 38.01
N GLU D 163 85.57 -49.84 38.17
CA GLU D 163 85.41 -48.42 38.45
C GLU D 163 85.61 -47.64 37.16
N GLY D 164 84.88 -46.54 37.02
CA GLY D 164 84.95 -45.73 35.81
C GLY D 164 84.33 -44.36 35.98
N CYS D 165 84.46 -43.54 34.95
CA CYS D 165 84.10 -42.13 35.04
C CYS D 165 83.94 -41.55 33.64
N PHE D 166 82.69 -41.32 33.24
CA PHE D 166 82.38 -40.85 31.88
C PHE D 166 81.38 -39.68 31.81
N GLU D 167 81.69 -38.71 30.96
CA GLU D 167 80.88 -37.51 30.77
C GLU D 167 79.65 -37.80 29.92
N ILE D 168 78.54 -37.16 30.26
CA ILE D 168 77.30 -37.27 29.48
C ILE D 168 76.82 -35.89 29.04
N GLY D 169 76.70 -35.73 27.73
CA GLY D 169 76.41 -34.42 27.14
C GLY D 169 74.99 -33.93 27.39
N GLY D 170 74.78 -32.63 27.18
CA GLY D 170 73.46 -32.05 27.30
C GLY D 170 72.64 -32.39 26.08
N GLN D 171 71.51 -31.73 25.91
CA GLN D 171 70.72 -31.84 24.68
C GLN D 171 69.79 -30.65 24.55
N GLU D 172 69.84 -30.03 23.38
CA GLU D 172 68.90 -28.98 22.98
C GLU D 172 67.67 -29.60 22.34
N HIS D 173 66.49 -29.08 22.72
CA HIS D 173 65.21 -29.67 22.33
C HIS D 173 65.00 -29.69 20.83
N PHE D 174 65.15 -28.53 20.19
CA PHE D 174 64.99 -28.39 18.74
C PHE D 174 63.60 -28.83 18.25
N TYR D 175 62.58 -28.38 18.98
CA TYR D 175 61.21 -28.39 18.52
C TYR D 175 61.12 -27.42 17.34
N LEU D 176 60.53 -27.86 16.23
CA LEU D 176 60.55 -27.05 15.02
C LEU D 176 59.76 -25.73 15.13
N GLU D 177 58.65 -25.74 15.88
CA GLU D 177 58.00 -24.48 16.28
C GLU D 177 58.63 -24.02 17.57
N GLY D 178 59.13 -22.80 17.57
CA GLY D 178 59.85 -22.27 18.71
C GLY D 178 58.92 -21.92 19.86
N GLN D 179 59.48 -21.24 20.85
CA GLN D 179 58.69 -20.74 21.96
C GLN D 179 57.85 -19.60 21.44
N ALA D 180 56.59 -19.54 21.86
CA ALA D 180 55.63 -18.57 21.33
C ALA D 180 54.39 -18.36 22.18
N ALA D 181 54.16 -17.10 22.58
CA ALA D 181 52.95 -16.69 23.30
C ALA D 181 52.30 -15.46 22.68
N LEU D 182 50.99 -15.35 22.82
CA LEU D 182 50.23 -14.21 22.31
C LEU D 182 49.18 -13.83 23.35
N ALA D 183 49.37 -12.67 23.98
CA ALA D 183 48.43 -12.18 25.00
C ALA D 183 47.38 -11.28 24.37
N LEU D 184 46.15 -11.40 24.84
CA LEU D 184 45.04 -10.59 24.36
C LEU D 184 44.27 -10.00 25.56
N PRO D 185 44.21 -8.67 25.67
CA PRO D 185 43.56 -8.10 26.83
C PRO D 185 42.05 -8.11 26.67
N ALA D 186 41.38 -8.71 27.66
CA ALA D 186 39.93 -8.85 27.64
C ALA D 186 39.30 -8.14 28.83
N GLU D 187 39.36 -6.81 28.77
CA GLU D 187 38.72 -5.90 29.72
C GLU D 187 38.56 -6.46 31.14
N GLY D 188 39.53 -6.12 31.99
CA GLY D 188 39.58 -6.67 33.34
C GLY D 188 40.74 -7.64 33.49
N GLY D 189 40.78 -8.65 32.61
CA GLY D 189 41.82 -9.67 32.62
C GLY D 189 42.41 -9.90 31.24
N VAL D 190 43.18 -10.99 31.10
CA VAL D 190 43.80 -11.34 29.80
C VAL D 190 43.46 -12.75 29.28
N VAL D 191 43.51 -12.90 27.96
CA VAL D 191 43.40 -14.20 27.32
C VAL D 191 44.74 -14.57 26.68
N ILE D 192 45.34 -15.64 27.20
CA ILE D 192 46.65 -16.12 26.74
C ILE D 192 46.50 -17.23 25.71
N HIS D 193 47.19 -17.06 24.59
CA HIS D 193 47.43 -18.15 23.66
C HIS D 193 48.93 -18.37 23.72
N CYS D 194 49.36 -19.62 23.64
CA CYS D 194 50.80 -19.95 23.59
C CYS D 194 51.06 -21.38 23.12
N SER D 195 52.31 -21.64 22.78
CA SER D 195 52.74 -22.96 22.39
C SER D 195 53.39 -23.62 23.60
N SER D 196 52.58 -24.20 24.48
CA SER D 196 53.07 -24.66 25.79
C SER D 196 52.40 -25.93 26.28
N GLN D 197 53.19 -26.80 26.91
CA GLN D 197 52.66 -28.05 27.43
C GLN D 197 52.13 -27.96 28.87
N HIS D 198 52.02 -26.73 29.38
CA HIS D 198 51.45 -26.46 30.71
C HIS D 198 50.68 -25.14 30.74
N PRO D 199 49.43 -25.17 30.25
CA PRO D 199 48.64 -23.95 30.20
C PRO D 199 48.18 -23.48 31.58
N SER D 200 48.05 -24.40 32.53
CA SER D 200 47.67 -23.99 33.87
C SER D 200 48.78 -23.22 34.61
N GLU D 201 50.03 -23.61 34.38
CA GLU D 201 51.16 -22.85 34.94
C GLU D 201 51.28 -21.48 34.28
N ILE D 202 51.02 -21.43 32.97
CA ILE D 202 51.04 -20.17 32.25
C ILE D 202 49.96 -19.27 32.82
N GLN D 203 48.82 -19.85 33.17
CA GLN D 203 47.74 -19.12 33.84
C GLN D 203 48.21 -18.55 35.17
N HIS D 204 48.73 -19.44 36.02
CA HIS D 204 49.29 -19.08 37.32
C HIS D 204 50.27 -17.90 37.20
N LYS D 205 51.32 -18.11 36.39
CA LYS D 205 52.44 -17.15 36.26
C LYS D 205 52.01 -15.77 35.80
N VAL D 206 51.19 -15.73 34.74
CA VAL D 206 50.70 -14.48 34.17
C VAL D 206 49.83 -13.78 35.20
N ALA D 207 48.90 -14.53 35.80
CA ALA D 207 48.04 -13.99 36.85
C ALA D 207 48.84 -13.28 37.93
N HIS D 208 49.94 -13.88 38.34
CA HIS D 208 50.78 -13.30 39.37
C HIS D 208 51.56 -12.09 38.89
N ALA D 209 52.09 -12.17 37.68
CA ALA D 209 52.91 -11.09 37.13
C ALA D 209 52.04 -9.87 36.84
N LEU D 210 50.77 -10.12 36.53
CA LEU D 210 49.80 -9.06 36.31
C LEU D 210 49.21 -8.56 37.61
N GLY D 211 49.01 -9.48 38.56
CA GLY D 211 48.48 -9.14 39.87
C GLY D 211 46.98 -9.28 39.94
N LEU D 212 46.42 -10.14 39.11
CA LEU D 212 44.98 -10.45 39.14
C LEU D 212 44.78 -11.92 39.53
N ALA D 213 43.55 -12.30 39.85
CA ALA D 213 43.24 -13.67 40.26
C ALA D 213 43.31 -14.65 39.08
N PHE D 214 43.41 -15.94 39.39
CA PHE D 214 43.54 -16.99 38.37
C PHE D 214 42.36 -17.00 37.39
N HIS D 215 41.19 -16.61 37.88
CA HIS D 215 39.99 -16.57 37.04
C HIS D 215 39.98 -15.42 36.03
N ASP D 216 40.92 -14.49 36.15
CA ASP D 216 41.03 -13.37 35.23
C ASP D 216 42.02 -13.65 34.12
N VAL D 217 42.63 -14.83 34.18
CA VAL D 217 43.60 -15.28 33.18
C VAL D 217 43.13 -16.58 32.56
N ARG D 218 42.66 -16.48 31.31
CA ARG D 218 42.25 -17.65 30.54
C ARG D 218 43.41 -17.98 29.61
N VAL D 219 43.67 -19.26 29.40
CA VAL D 219 44.83 -19.72 28.60
C VAL D 219 44.43 -20.81 27.63
N GLU D 220 44.50 -20.51 26.34
CA GLU D 220 44.20 -21.50 25.30
C GLU D 220 45.44 -22.04 24.65
N MET D 221 45.50 -23.35 24.55
CA MET D 221 46.59 -24.05 23.90
C MET D 221 45.93 -25.04 22.95
N ARG D 222 46.14 -24.87 21.65
CA ARG D 222 45.60 -25.80 20.67
C ARG D 222 46.60 -26.90 20.40
N ARG D 223 47.74 -26.54 19.83
CA ARG D 223 48.78 -27.51 19.49
C ARG D 223 50.19 -26.93 19.59
N MET D 224 51.19 -27.80 19.55
CA MET D 224 52.60 -27.39 19.57
C MET D 224 53.40 -27.96 18.41
N GLY D 225 54.51 -27.31 18.07
CA GLY D 225 55.43 -27.81 17.06
C GLY D 225 56.48 -28.70 17.69
N GLY D 226 56.07 -29.43 18.73
CA GLY D 226 57.00 -30.17 19.57
C GLY D 226 57.22 -29.43 20.88
N GLY D 227 57.57 -30.20 21.91
CA GLY D 227 57.90 -29.66 23.22
C GLY D 227 59.00 -30.50 23.82
N PHE D 228 58.79 -31.81 23.82
CA PHE D 228 59.78 -32.77 24.33
C PHE D 228 60.30 -32.46 25.74
N GLY D 229 59.63 -31.54 26.43
CA GLY D 229 60.03 -31.11 27.77
C GLY D 229 60.41 -29.64 27.77
N GLY D 230 60.68 -29.12 26.59
CA GLY D 230 61.18 -27.75 26.45
C GLY D 230 60.13 -26.66 26.43
N LYS D 231 58.89 -27.03 26.72
CA LYS D 231 57.81 -26.05 26.86
C LYS D 231 57.10 -26.15 28.23
N GLN D 232 57.60 -27.05 29.08
CA GLN D 232 57.02 -27.33 30.41
C GLN D 232 57.02 -26.11 31.33
N SER D 233 58.06 -25.30 31.26
CA SER D 233 58.22 -24.16 32.16
C SER D 233 58.84 -22.97 31.45
N GLN D 234 59.23 -23.18 30.20
CA GLN D 234 59.92 -22.14 29.45
C GLN D 234 58.92 -21.15 28.84
N GLY D 235 57.67 -21.59 28.65
CA GLY D 235 56.65 -20.74 28.06
C GLY D 235 56.35 -19.56 28.95
N ASN D 236 56.53 -19.77 30.25
CA ASN D 236 56.30 -18.77 31.29
C ASN D 236 56.86 -17.40 30.92
N HIS D 237 58.12 -17.38 30.48
CA HIS D 237 58.81 -16.16 30.11
C HIS D 237 58.14 -15.34 29.01
N LEU D 238 57.68 -16.01 27.96
CA LEU D 238 57.09 -15.35 26.81
C LEU D 238 55.68 -14.87 27.14
N ALA D 239 54.94 -15.71 27.86
CA ALA D 239 53.61 -15.35 28.32
C ALA D 239 53.61 -14.17 29.32
N ILE D 240 54.50 -14.20 30.32
CA ILE D 240 54.60 -13.08 31.26
C ILE D 240 54.92 -11.79 30.50
N ALA D 241 56.02 -11.80 29.74
CA ALA D 241 56.41 -10.66 28.92
C ALA D 241 55.22 -10.10 28.15
N CYS D 242 54.52 -10.99 27.42
CA CYS D 242 53.35 -10.63 26.61
C CYS D 242 52.25 -9.94 27.37
N ALA D 243 51.78 -10.57 28.45
CA ALA D 243 50.69 -10.01 29.24
C ALA D 243 51.07 -8.67 29.86
N VAL D 244 52.32 -8.54 30.28
CA VAL D 244 52.83 -7.30 30.89
C VAL D 244 52.78 -6.15 29.88
N ALA D 245 53.26 -6.42 28.67
CA ALA D 245 53.24 -5.42 27.60
C ALA D 245 51.82 -5.19 27.10
N ALA D 246 51.04 -6.26 27.03
CA ALA D 246 49.65 -6.16 26.60
C ALA D 246 48.86 -5.31 27.59
N ARG D 247 49.05 -5.58 28.88
CA ARG D 247 48.45 -4.76 29.93
C ARG D 247 48.89 -3.31 29.79
N ALA D 248 50.19 -3.09 29.75
CA ALA D 248 50.76 -1.75 29.70
C ALA D 248 50.38 -0.96 28.44
N THR D 249 50.48 -1.59 27.28
CA THR D 249 50.29 -0.86 26.01
C THR D 249 48.83 -0.75 25.59
N GLY D 250 47.98 -1.60 26.15
CA GLY D 250 46.57 -1.66 25.74
C GLY D 250 46.39 -2.46 24.45
N ARG D 251 47.49 -2.60 23.71
CA ARG D 251 47.52 -3.38 22.48
C ARG D 251 47.71 -4.86 22.80
N PRO D 252 47.24 -5.75 21.91
CA PRO D 252 47.54 -7.18 22.04
C PRO D 252 49.01 -7.42 21.77
N CYS D 253 49.61 -8.38 22.48
CA CYS D 253 51.05 -8.60 22.40
C CYS D 253 51.45 -10.04 22.13
N LYS D 254 52.15 -10.24 21.01
CA LYS D 254 52.66 -11.55 20.58
C LYS D 254 54.18 -11.58 20.62
N MET D 255 54.75 -12.61 21.20
CA MET D 255 56.21 -12.78 21.20
C MET D 255 56.62 -14.21 20.86
N ARG D 256 57.45 -14.35 19.86
CA ARG D 256 58.00 -15.65 19.55
C ARG D 256 59.52 -15.58 19.41
N TYR D 257 60.21 -16.58 19.94
CA TYR D 257 61.66 -16.66 19.87
C TYR D 257 62.09 -17.06 18.47
N ASP D 258 63.20 -16.48 18.02
CA ASP D 258 63.93 -17.02 16.88
C ASP D 258 64.80 -18.15 17.41
N ARG D 259 65.11 -19.11 16.55
CA ARG D 259 66.02 -20.21 16.90
C ARG D 259 67.23 -19.73 17.71
N ASP D 260 67.70 -18.51 17.42
CA ASP D 260 68.84 -17.86 18.10
C ASP D 260 68.60 -17.71 19.58
N ASP D 261 67.61 -16.88 19.91
CA ASP D 261 67.23 -16.60 21.27
C ASP D 261 66.78 -17.89 21.94
N ASP D 262 66.14 -18.76 21.16
CA ASP D 262 65.66 -20.04 21.66
C ASP D 262 66.76 -20.83 22.37
N MET D 263 67.88 -21.05 21.70
CA MET D 263 68.98 -21.83 22.29
C MET D 263 69.78 -21.03 23.31
N VAL D 264 69.80 -19.72 23.11
CA VAL D 264 70.54 -18.82 23.99
C VAL D 264 69.78 -18.56 25.31
N ILE D 265 68.47 -18.32 25.22
CA ILE D 265 67.67 -17.96 26.41
C ILE D 265 67.25 -19.20 27.19
N THR D 266 66.67 -20.17 26.52
CA THR D 266 66.10 -21.32 27.24
C THR D 266 67.07 -22.49 27.37
N GLY D 267 66.84 -23.31 28.42
CA GLY D 267 67.79 -24.32 28.86
C GLY D 267 67.62 -25.70 28.23
N LYS D 268 68.53 -26.60 28.56
CA LYS D 268 68.62 -27.90 27.87
C LYS D 268 68.53 -29.07 28.85
N ARG D 269 68.76 -30.26 28.32
CA ARG D 269 68.87 -31.47 29.12
C ARG D 269 70.10 -31.35 30.00
N HIS D 270 69.96 -31.72 31.27
CA HIS D 270 71.04 -31.69 32.25
C HIS D 270 72.19 -32.60 31.86
N ASP D 271 73.33 -32.01 31.46
CA ASP D 271 74.51 -32.81 31.14
C ASP D 271 75.12 -33.37 32.41
N PHE D 272 75.62 -34.60 32.32
CA PHE D 272 76.02 -35.33 33.52
C PHE D 272 77.50 -35.71 33.54
N ARG D 273 77.98 -36.00 34.75
CA ARG D 273 79.20 -36.78 34.94
C ARG D 273 78.90 -37.86 35.95
N ILE D 274 79.16 -39.11 35.55
CA ILE D 274 78.80 -40.25 36.36
C ILE D 274 80.03 -41.10 36.71
N ARG D 275 80.33 -41.17 38.00
CA ARG D 275 81.37 -42.01 38.55
C ARG D 275 80.70 -43.29 39.04
N TYR D 276 81.13 -44.43 38.51
CA TYR D 276 80.52 -45.71 38.85
C TYR D 276 81.51 -46.72 39.40
N ARG D 277 81.11 -47.37 40.49
CA ARG D 277 81.87 -48.47 41.05
C ARG D 277 80.91 -49.65 41.22
N ILE D 278 80.90 -50.54 40.22
CA ILE D 278 80.01 -51.70 40.23
C ILE D 278 80.76 -53.01 40.52
N GLY D 279 80.12 -53.90 41.28
CA GLY D 279 80.69 -55.19 41.62
C GLY D 279 79.72 -56.33 41.41
N ALA D 280 80.24 -57.49 41.03
CA ALA D 280 79.45 -58.71 40.89
C ALA D 280 80.14 -59.87 41.61
N ASP D 281 79.47 -61.03 41.68
CA ASP D 281 80.10 -62.25 42.18
C ASP D 281 80.76 -63.02 41.04
N ALA D 282 81.34 -64.17 41.36
CA ALA D 282 82.05 -64.97 40.37
C ALA D 282 81.13 -65.44 39.24
N SER D 283 79.90 -65.80 39.58
CA SER D 283 78.96 -66.39 38.61
C SER D 283 78.23 -65.37 37.71
N GLY D 284 78.20 -64.11 38.15
CA GLY D 284 77.56 -63.07 37.35
C GLY D 284 76.73 -62.05 38.11
N LYS D 285 75.90 -62.54 39.04
CA LYS D 285 74.96 -61.68 39.79
C LYS D 285 75.62 -60.50 40.48
N LEU D 286 75.02 -59.32 40.27
CA LEU D 286 75.51 -58.09 40.87
C LEU D 286 75.51 -58.18 42.37
N LEU D 287 76.52 -57.57 42.99
CA LEU D 287 76.59 -57.45 44.44
C LEU D 287 76.26 -56.05 44.91
N GLY D 288 76.69 -55.06 44.14
CA GLY D 288 76.52 -53.67 44.53
C GLY D 288 76.97 -52.70 43.47
N ALA D 289 76.39 -51.51 43.51
CA ALA D 289 76.74 -50.45 42.58
C ALA D 289 76.80 -49.11 43.31
N ASP D 290 77.91 -48.41 43.14
CA ASP D 290 78.06 -47.09 43.71
C ASP D 290 78.13 -46.04 42.61
N PHE D 291 77.15 -45.12 42.62
CA PHE D 291 77.02 -44.10 41.59
C PHE D 291 77.12 -42.69 42.14
N VAL D 292 77.90 -41.85 41.47
CA VAL D 292 77.92 -40.42 41.77
C VAL D 292 77.44 -39.63 40.55
N HIS D 293 76.31 -38.95 40.71
CA HIS D 293 75.81 -38.09 39.66
C HIS D 293 76.25 -36.64 39.89
N LEU D 294 76.68 -36.00 38.80
CA LEU D 294 76.99 -34.58 38.79
C LEU D 294 76.20 -33.89 37.68
N ALA D 295 75.13 -33.19 38.04
CA ALA D 295 74.25 -32.59 37.05
C ALA D 295 74.48 -31.09 36.90
N ARG D 296 74.65 -30.66 35.65
CA ARG D 296 74.80 -29.26 35.31
C ARG D 296 73.43 -28.61 35.21
N CYS D 297 73.05 -27.88 36.26
CA CYS D 297 71.69 -27.39 36.42
C CYS D 297 71.43 -26.03 35.78
N GLY D 298 72.45 -25.18 35.78
CA GLY D 298 72.30 -23.82 35.31
C GLY D 298 72.12 -22.85 36.45
N TRP D 299 71.96 -21.57 36.10
CA TRP D 299 71.89 -20.46 37.05
C TRP D 299 70.66 -20.50 37.95
N SER D 300 69.65 -21.28 37.55
CA SER D 300 68.37 -21.29 38.26
C SER D 300 67.75 -22.68 38.41
N ALA D 301 67.21 -22.91 39.61
CA ALA D 301 66.56 -24.16 39.99
C ALA D 301 65.75 -24.78 38.85
N ASP D 302 64.66 -24.08 38.48
CA ASP D 302 63.72 -24.54 37.46
C ASP D 302 63.22 -25.96 37.74
N LEU D 303 63.39 -26.87 36.80
CA LEU D 303 62.96 -28.27 36.97
C LEU D 303 64.07 -29.25 37.37
N SER D 304 65.18 -28.70 37.89
CA SER D 304 66.36 -29.51 38.23
C SER D 304 66.09 -30.51 39.35
N LEU D 305 65.45 -30.07 40.42
CA LEU D 305 65.18 -30.92 41.59
C LEU D 305 64.48 -32.21 41.19
N PRO D 306 63.30 -32.13 40.54
CA PRO D 306 62.60 -33.35 40.15
C PRO D 306 63.35 -34.21 39.12
N VAL D 307 64.07 -33.57 38.19
CA VAL D 307 64.86 -34.27 37.16
C VAL D 307 65.87 -35.21 37.83
N CYS D 308 66.71 -34.64 38.68
CA CYS D 308 67.80 -35.36 39.33
C CYS D 308 67.34 -36.58 40.12
N ASP D 309 66.14 -36.50 40.67
CA ASP D 309 65.55 -37.63 41.38
C ASP D 309 65.20 -38.73 40.38
N ARG D 310 64.56 -38.34 39.29
CA ARG D 310 64.21 -39.28 38.23
C ARG D 310 65.46 -40.00 37.72
N ALA D 311 66.61 -39.33 37.81
CA ALA D 311 67.91 -39.93 37.50
C ALA D 311 68.29 -40.97 38.55
N MET D 312 68.31 -40.56 39.82
CA MET D 312 68.61 -41.45 40.94
C MET D 312 67.66 -42.63 40.96
N LEU D 313 66.42 -42.35 40.59
CA LEU D 313 65.32 -43.31 40.60
C LEU D 313 65.54 -44.40 39.56
N HIS D 314 66.06 -44.02 38.40
CA HIS D 314 66.31 -44.99 37.33
C HIS D 314 67.77 -45.42 37.29
N ALA D 315 68.52 -45.09 38.35
CA ALA D 315 69.95 -45.43 38.47
C ALA D 315 70.20 -46.92 38.67
N ASP D 316 69.11 -47.70 38.79
CA ASP D 316 69.17 -49.16 38.81
C ASP D 316 69.22 -49.74 37.39
N GLY D 317 69.07 -48.87 36.39
CA GLY D 317 68.94 -49.31 35.01
C GLY D 317 67.76 -50.26 34.89
N SER D 318 68.03 -51.48 34.43
CA SER D 318 67.01 -52.52 34.28
C SER D 318 67.35 -53.70 35.18
N TYR D 319 68.23 -53.45 36.16
CA TYR D 319 68.86 -54.53 36.92
C TYR D 319 68.62 -54.48 38.43
N PHE D 320 68.19 -55.61 38.96
CA PHE D 320 68.07 -55.80 40.41
C PHE D 320 69.45 -55.83 41.07
N VAL D 321 69.72 -54.82 41.89
CA VAL D 321 70.98 -54.73 42.61
C VAL D 321 70.74 -54.86 44.11
N PRO D 322 71.44 -55.81 44.76
CA PRO D 322 71.38 -55.96 46.20
C PRO D 322 71.79 -54.68 46.93
N ALA D 323 72.96 -54.13 46.59
CA ALA D 323 73.44 -52.91 47.22
C ALA D 323 73.61 -51.80 46.21
N LEU D 324 72.98 -50.65 46.47
CA LEU D 324 72.97 -49.56 45.49
C LEU D 324 72.96 -48.16 46.14
N ARG D 325 74.06 -47.43 45.97
CA ARG D 325 74.19 -46.08 46.53
C ARG D 325 74.36 -45.02 45.45
N ILE D 326 73.47 -44.02 45.43
CA ILE D 326 73.62 -42.85 44.54
C ILE D 326 73.88 -41.55 45.30
N GLU D 327 74.99 -40.89 44.96
CA GLU D 327 75.31 -39.56 45.48
C GLU D 327 75.12 -38.55 44.35
N SER D 328 74.07 -37.74 44.45
CA SER D 328 73.61 -36.89 43.36
C SER D 328 73.82 -35.40 43.67
N HIS D 329 74.79 -34.79 42.98
CA HIS D 329 75.06 -33.36 43.19
C HIS D 329 74.39 -32.55 42.10
N ARG D 330 73.44 -31.69 42.48
CA ARG D 330 72.82 -30.75 41.53
C ARG D 330 73.49 -29.39 41.62
N LEU D 331 74.50 -29.21 40.76
CA LEU D 331 75.43 -28.08 40.85
C LEU D 331 74.97 -26.88 40.05
N ARG D 332 74.94 -25.73 40.70
CA ARG D 332 74.59 -24.49 40.02
C ARG D 332 75.77 -24.01 39.17
N THR D 333 75.50 -23.78 37.89
CA THR D 333 76.48 -23.19 36.95
C THR D 333 75.92 -21.91 36.34
N ASN D 334 76.80 -21.01 35.87
CA ASN D 334 76.39 -19.75 35.22
C ASN D 334 76.03 -19.93 33.74
N THR D 335 75.15 -20.88 33.49
CA THR D 335 74.69 -21.20 32.15
C THR D 335 73.18 -21.27 32.14
N GLN D 336 72.63 -21.62 30.98
CA GLN D 336 71.20 -21.78 30.78
C GLN D 336 70.60 -22.67 31.88
N SER D 337 69.56 -22.17 32.54
CA SER D 337 68.81 -22.92 33.56
C SER D 337 68.20 -24.16 32.92
N ASN D 338 68.74 -25.33 33.26
CA ASN D 338 68.32 -26.58 32.62
C ASN D 338 66.94 -27.03 33.11
N THR D 339 66.17 -27.57 32.18
CA THR D 339 64.76 -27.90 32.39
C THR D 339 64.47 -29.32 31.94
N ALA D 340 63.18 -29.66 31.88
CA ALA D 340 62.74 -30.99 31.47
C ALA D 340 63.12 -31.31 30.04
N PHE D 341 63.34 -32.60 29.77
CA PHE D 341 63.57 -33.11 28.43
C PHE D 341 63.18 -34.58 28.43
N ARG D 342 62.63 -35.05 27.32
CA ARG D 342 62.14 -36.42 27.15
C ARG D 342 62.94 -37.44 27.96
N GLY D 343 62.27 -38.05 28.92
CA GLY D 343 62.94 -38.97 29.85
C GLY D 343 63.26 -38.32 31.20
N PHE D 344 63.20 -36.98 31.24
CA PHE D 344 63.28 -36.20 32.49
C PHE D 344 64.45 -36.59 33.42
N GLY D 345 65.58 -36.98 32.83
CA GLY D 345 66.76 -37.42 33.59
C GLY D 345 66.88 -38.93 33.72
N GLY D 346 65.82 -39.64 33.34
CA GLY D 346 65.81 -41.09 33.33
C GLY D 346 66.94 -41.66 32.49
N PRO D 347 67.07 -41.21 31.23
CA PRO D 347 68.17 -41.59 30.34
C PRO D 347 69.53 -41.47 31.01
N GLN D 348 69.84 -40.30 31.57
CA GLN D 348 71.06 -40.08 32.35
C GLN D 348 71.26 -41.19 33.39
N GLY D 349 70.30 -41.32 34.29
CA GLY D 349 70.36 -42.29 35.38
C GLY D 349 70.66 -43.70 34.91
N ALA D 350 70.04 -44.09 33.81
CA ALA D 350 70.19 -45.44 33.28
C ALA D 350 71.52 -45.61 32.57
N LEU D 351 71.90 -44.62 31.77
CA LEU D 351 73.15 -44.67 31.01
C LEU D 351 74.33 -44.92 31.95
N GLY D 352 74.21 -44.42 33.19
CA GLY D 352 75.21 -44.68 34.21
C GLY D 352 75.28 -46.16 34.52
N MET D 353 74.12 -46.77 34.68
CA MET D 353 74.04 -48.20 35.02
C MET D 353 74.44 -49.08 33.85
N GLU D 354 74.12 -48.62 32.63
CA GLU D 354 74.45 -49.37 31.41
C GLU D 354 75.94 -49.34 31.11
N ARG D 355 76.59 -48.20 31.35
CA ARG D 355 78.05 -48.12 31.21
C ARG D 355 78.74 -48.99 32.23
N ALA D 356 78.23 -48.97 33.46
CA ALA D 356 78.79 -49.74 34.56
C ALA D 356 78.74 -51.25 34.31
N ILE D 357 77.57 -51.73 33.90
CA ILE D 357 77.37 -53.13 33.55
C ILE D 357 78.21 -53.51 32.33
N GLU D 358 78.42 -52.55 31.42
CA GLU D 358 79.24 -52.75 30.24
C GLU D 358 80.71 -52.86 30.63
N HIS D 359 81.22 -51.86 31.34
CA HIS D 359 82.59 -51.82 31.85
C HIS D 359 82.89 -53.02 32.75
N LEU D 360 81.88 -53.49 33.47
CA LEU D 360 82.01 -54.70 34.28
C LEU D 360 82.14 -55.95 33.39
N ALA D 361 81.33 -56.02 32.33
CA ALA D 361 81.35 -57.16 31.41
C ALA D 361 82.70 -57.26 30.71
N ARG D 362 83.08 -56.18 30.03
CA ARG D 362 84.36 -56.11 29.31
C ARG D 362 85.53 -56.44 30.23
N GLY D 363 85.46 -55.91 31.46
CA GLY D 363 86.46 -56.18 32.49
C GLY D 363 86.63 -57.66 32.76
N MET D 364 85.52 -58.40 32.83
CA MET D 364 85.57 -59.81 33.18
C MET D 364 85.47 -60.75 31.96
N GLY D 365 85.83 -60.23 30.79
CA GLY D 365 85.83 -61.00 29.54
C GLY D 365 84.56 -61.80 29.36
N ARG D 366 83.43 -61.11 29.35
CA ARG D 366 82.11 -61.71 29.26
C ARG D 366 81.24 -60.89 28.32
N ASP D 367 80.38 -61.58 27.56
CA ASP D 367 79.43 -60.91 26.65
C ASP D 367 78.33 -60.20 27.45
N PRO D 368 78.18 -58.88 27.21
CA PRO D 368 77.24 -58.07 27.97
C PRO D 368 75.77 -58.48 27.79
N ALA D 369 75.46 -59.20 26.72
CA ALA D 369 74.10 -59.71 26.49
C ALA D 369 73.70 -60.77 27.52
N GLU D 370 74.70 -61.30 28.21
CA GLU D 370 74.48 -62.37 29.18
C GLU D 370 74.67 -61.88 30.61
N LEU D 371 75.36 -60.76 30.77
CA LEU D 371 75.45 -60.11 32.08
C LEU D 371 74.13 -59.42 32.39
N ARG D 372 73.54 -58.81 31.37
CA ARG D 372 72.23 -58.18 31.47
C ARG D 372 71.10 -59.20 31.61
N ALA D 373 71.14 -60.23 30.76
CA ALA D 373 70.13 -61.31 30.80
C ALA D 373 70.09 -61.89 32.20
N LEU D 374 71.26 -62.17 32.77
CA LEU D 374 71.42 -62.72 34.13
C LEU D 374 71.00 -61.78 35.26
N ASN D 375 70.93 -60.47 34.99
CA ASN D 375 70.72 -59.48 36.06
C ASN D 375 69.46 -58.63 36.02
N PHE D 376 68.49 -58.99 35.17
CA PHE D 376 67.18 -58.33 35.19
C PHE D 376 66.44 -58.65 36.49
N TYR D 377 65.40 -57.89 36.77
CA TYR D 377 64.42 -58.28 37.80
C TYR D 377 63.69 -59.57 37.37
N ASP D 378 63.14 -60.29 38.35
CA ASP D 378 62.38 -61.51 38.08
C ASP D 378 61.03 -61.20 37.44
N PRO D 379 60.57 -62.07 36.53
CA PRO D 379 59.20 -61.99 36.02
C PRO D 379 58.20 -62.30 37.13
N PRO D 380 56.99 -61.72 37.08
CA PRO D 380 55.93 -62.04 38.05
C PRO D 380 55.62 -63.55 38.14
N GLU D 381 55.28 -64.03 39.35
CA GLU D 381 55.06 -65.46 39.64
C GLU D 381 56.28 -66.35 39.35
N LYS D 398 57.61 -66.59 47.04
CA LYS D 398 56.68 -65.56 47.51
C LYS D 398 57.37 -64.18 47.64
N LYS D 399 58.67 -64.22 47.93
CA LYS D 399 59.49 -63.01 48.06
C LYS D 399 59.60 -62.28 46.71
N THR D 400 59.10 -61.05 46.66
CA THR D 400 59.20 -60.22 45.45
C THR D 400 60.23 -59.10 45.65
N GLN D 401 61.09 -58.91 44.63
CA GLN D 401 62.19 -57.95 44.68
C GLN D 401 61.74 -56.50 44.73
N THR D 402 62.62 -55.63 45.21
CA THR D 402 62.34 -54.20 45.20
C THR D 402 63.47 -53.49 44.48
N THR D 403 63.19 -52.28 44.03
CA THR D 403 64.20 -51.39 43.49
C THR D 403 64.99 -50.83 44.67
N HIS D 404 66.04 -50.08 44.37
CA HIS D 404 66.85 -49.44 45.41
C HIS D 404 66.03 -48.44 46.20
N TYR D 405 64.95 -47.93 45.60
CA TYR D 405 64.01 -47.08 46.32
C TYR D 405 62.93 -47.87 47.03
N GLY D 406 63.17 -49.17 47.18
CA GLY D 406 62.30 -50.06 47.94
C GLY D 406 60.90 -50.17 47.37
N GLN D 407 60.80 -50.41 46.06
CA GLN D 407 59.51 -50.60 45.42
C GLN D 407 59.46 -51.92 44.65
N GLU D 408 58.43 -52.73 44.94
CA GLU D 408 58.22 -54.02 44.28
C GLU D 408 58.17 -53.90 42.75
N VAL D 409 58.61 -54.97 42.07
CA VAL D 409 58.57 -55.00 40.59
C VAL D 409 57.96 -56.31 40.07
N ALA D 410 56.63 -56.40 40.15
CA ALA D 410 55.91 -57.55 39.58
C ALA D 410 55.49 -57.23 38.16
N ASP D 411 56.27 -56.37 37.51
CA ASP D 411 55.95 -55.85 36.19
C ASP D 411 56.87 -56.47 35.14
N CYS D 412 58.07 -56.83 35.56
CA CYS D 412 59.17 -57.10 34.64
C CYS D 412 58.91 -58.17 33.60
N VAL D 413 58.94 -57.75 32.33
CA VAL D 413 58.71 -58.65 31.21
C VAL D 413 59.96 -58.83 30.35
N LEU D 414 61.06 -58.20 30.77
CA LEU D 414 62.33 -58.18 30.04
C LEU D 414 62.94 -59.54 29.71
N GLY D 415 62.72 -60.54 30.57
CA GLY D 415 63.23 -61.89 30.35
C GLY D 415 62.84 -62.44 28.98
N GLU D 416 61.54 -62.63 28.77
CA GLU D 416 61.00 -63.02 27.46
C GLU D 416 61.34 -62.00 26.39
N LEU D 417 60.73 -60.81 26.49
CA LEU D 417 60.92 -59.71 25.55
C LEU D 417 62.29 -59.68 24.86
N VAL D 418 63.36 -59.72 25.67
CA VAL D 418 64.73 -59.67 25.15
C VAL D 418 65.11 -60.95 24.40
N THR D 419 64.76 -62.10 24.96
CA THR D 419 64.97 -63.39 24.28
C THR D 419 64.25 -63.41 22.94
N ARG D 420 62.97 -63.01 22.96
CA ARG D 420 62.18 -62.92 21.74
C ARG D 420 62.80 -61.96 20.73
N LEU D 421 63.33 -60.83 21.23
CA LEU D 421 63.96 -59.84 20.36
C LEU D 421 65.24 -60.36 19.73
N GLN D 422 66.14 -60.88 20.55
CA GLN D 422 67.43 -61.37 20.08
C GLN D 422 67.31 -62.41 18.96
N LYS D 423 66.38 -63.35 19.11
CA LYS D 423 66.13 -64.36 18.08
C LYS D 423 65.57 -63.74 16.80
N SER D 424 64.61 -62.84 16.96
CA SER D 424 63.98 -62.17 15.82
C SER D 424 64.92 -61.18 15.15
N ALA D 425 65.90 -60.69 15.90
CA ALA D 425 66.89 -59.77 15.37
C ALA D 425 68.11 -60.52 14.87
N ASN D 426 68.13 -61.83 15.07
CA ASN D 426 69.21 -62.69 14.60
C ASN D 426 70.52 -62.31 15.32
N PHE D 427 70.43 -62.14 16.63
CA PHE D 427 71.48 -61.46 17.39
C PHE D 427 72.81 -62.19 17.55
N THR D 428 72.76 -63.49 17.76
CA THR D 428 73.99 -64.27 17.94
C THR D 428 74.65 -64.59 16.60
N THR D 429 73.83 -64.79 15.57
CA THR D 429 74.33 -65.06 14.23
C THR D 429 74.98 -63.81 13.64
N ARG D 430 74.30 -62.68 13.74
CA ARG D 430 74.85 -61.41 13.26
C ARG D 430 76.17 -61.07 13.95
N ARG D 431 76.23 -61.32 15.25
CA ARG D 431 77.41 -61.00 16.05
C ARG D 431 78.64 -61.82 15.64
N ALA D 432 78.40 -63.06 15.24
CA ALA D 432 79.46 -63.96 14.76
C ALA D 432 79.99 -63.52 13.39
N GLU D 433 79.07 -63.06 12.54
CA GLU D 433 79.40 -62.53 11.22
C GLU D 433 80.22 -61.25 11.31
N ILE D 434 79.91 -60.41 12.30
CA ILE D 434 80.63 -59.14 12.52
C ILE D 434 82.09 -59.38 12.90
N ALA D 435 82.30 -60.28 13.86
CA ALA D 435 83.63 -60.65 14.30
C ALA D 435 84.49 -61.05 13.11
N ALA D 436 83.92 -61.84 12.21
CA ALA D 436 84.56 -62.23 10.95
C ALA D 436 84.85 -61.00 10.07
N TRP D 437 83.80 -60.28 9.70
CA TRP D 437 83.91 -59.06 8.89
C TRP D 437 84.96 -58.09 9.45
N ASN D 438 85.00 -57.96 10.78
CA ASN D 438 85.96 -57.09 11.45
C ASN D 438 87.43 -57.45 11.24
N SER D 439 87.72 -58.75 11.07
CA SER D 439 89.09 -59.21 10.84
C SER D 439 89.56 -58.97 9.41
N THR D 440 88.60 -58.90 8.47
CA THR D 440 88.89 -58.61 7.06
C THR D 440 89.30 -57.14 6.88
N ASN D 441 88.62 -56.26 7.61
CA ASN D 441 88.87 -54.82 7.49
C ASN D 441 89.88 -54.31 8.49
N ARG D 442 90.47 -53.16 8.15
CA ARG D 442 91.48 -52.50 8.98
C ARG D 442 91.17 -51.00 9.07
N THR D 443 90.24 -50.56 8.23
CA THR D 443 89.81 -49.17 8.15
C THR D 443 88.38 -49.03 8.68
N LEU D 444 87.59 -50.10 8.58
CA LEU D 444 86.21 -50.06 9.03
C LEU D 444 85.91 -51.15 10.07
N ALA D 445 85.31 -50.75 11.19
CA ALA D 445 84.97 -51.67 12.27
C ALA D 445 83.49 -51.57 12.63
N ARG D 446 82.83 -52.72 12.68
CA ARG D 446 81.41 -52.78 13.04
C ARG D 446 81.23 -53.06 14.52
N GLY D 447 80.07 -52.63 15.03
CA GLY D 447 79.68 -52.90 16.41
C GLY D 447 78.19 -53.19 16.47
N ILE D 448 77.82 -54.02 17.43
CA ILE D 448 76.40 -54.30 17.72
C ILE D 448 76.22 -54.39 19.25
N ALA D 449 75.03 -54.04 19.73
CA ALA D 449 74.74 -54.18 21.15
C ALA D 449 73.25 -54.20 21.45
N LEU D 450 72.90 -54.70 22.64
CA LEU D 450 71.52 -54.71 23.12
C LEU D 450 71.36 -53.81 24.35
N SER D 451 70.43 -52.89 24.27
CA SER D 451 70.06 -52.07 25.42
C SER D 451 68.63 -52.37 25.84
N PRO D 452 68.41 -52.56 27.16
CA PRO D 452 67.07 -52.76 27.70
C PRO D 452 66.52 -51.51 28.37
N VAL D 453 65.19 -51.35 28.34
CA VAL D 453 64.52 -50.22 28.99
C VAL D 453 63.65 -50.70 30.15
N LYS D 454 63.82 -50.06 31.30
CA LYS D 454 62.85 -50.12 32.38
C LYS D 454 62.63 -48.68 32.76
N PHE D 455 61.39 -48.22 32.60
CA PHE D 455 61.06 -46.82 32.87
C PHE D 455 59.80 -46.70 33.72
N GLY D 456 59.91 -46.08 34.90
CA GLY D 456 58.77 -45.86 35.78
C GLY D 456 57.81 -44.82 35.25
N ILE D 457 56.51 -45.01 35.52
CA ILE D 457 55.48 -44.10 35.02
C ILE D 457 54.74 -43.40 36.16
N SER D 458 54.66 -42.08 36.07
CA SER D 458 53.96 -41.19 37.01
C SER D 458 54.79 -39.95 37.31
N PHE D 459 54.16 -38.95 37.93
CA PHE D 459 54.85 -37.75 38.41
C PHE D 459 55.49 -38.03 39.76
N THR D 460 56.74 -37.59 39.90
CA THR D 460 57.54 -37.86 41.10
C THR D 460 57.02 -37.08 42.30
N LEU D 461 56.59 -35.84 42.05
CA LEU D 461 55.81 -35.09 43.04
C LEU D 461 54.37 -35.55 42.81
N THR D 462 53.96 -36.54 43.58
CA THR D 462 52.83 -37.39 43.23
C THR D 462 51.47 -36.72 43.13
N HIS D 463 51.25 -35.65 43.88
CA HIS D 463 49.96 -34.95 43.83
C HIS D 463 49.66 -34.35 42.43
N LEU D 464 50.66 -34.36 41.55
CA LEU D 464 50.53 -33.94 40.14
C LEU D 464 49.72 -34.92 39.31
N ASN D 465 49.55 -36.14 39.82
CA ASN D 465 48.81 -37.18 39.11
C ASN D 465 47.31 -37.01 39.22
N GLN D 466 46.82 -35.96 38.57
CA GLN D 466 45.38 -35.72 38.41
C GLN D 466 45.07 -35.26 36.98
N ALA D 467 43.92 -35.68 36.45
CA ALA D 467 43.52 -35.28 35.09
C ALA D 467 42.02 -34.96 35.03
N GLY D 468 41.63 -34.10 34.10
CA GLY D 468 40.24 -33.67 34.00
C GLY D 468 39.72 -33.50 32.59
N ALA D 469 38.46 -33.87 32.39
CA ALA D 469 37.82 -33.80 31.07
C ALA D 469 36.46 -33.09 31.11
N LEU D 470 36.07 -32.50 29.98
CA LEU D 470 34.77 -31.85 29.83
C LEU D 470 34.14 -32.23 28.47
N VAL D 471 33.06 -32.99 28.53
CA VAL D 471 32.42 -33.55 27.34
C VAL D 471 31.04 -32.95 27.07
N GLN D 472 30.84 -32.49 25.85
CA GLN D 472 29.56 -31.94 25.42
C GLN D 472 28.96 -32.89 24.41
N ILE D 473 27.69 -33.26 24.61
CA ILE D 473 26.93 -33.96 23.58
C ILE D 473 25.85 -33.01 23.08
N TYR D 474 25.84 -32.74 21.77
CA TYR D 474 24.86 -31.81 21.21
C TYR D 474 23.61 -32.53 20.69
N THR D 475 22.52 -31.77 20.53
CA THR D 475 21.20 -32.35 20.23
C THR D 475 21.08 -32.95 18.85
N ASP D 476 22.16 -32.95 18.09
CA ASP D 476 22.18 -33.62 16.79
C ASP D 476 22.89 -34.95 16.91
N GLY D 477 23.63 -35.13 17.99
CA GLY D 477 24.32 -36.40 18.26
C GLY D 477 25.81 -36.25 18.32
N SER D 478 26.31 -35.11 17.81
CA SER D 478 27.75 -34.85 17.80
C SER D 478 28.25 -34.43 19.17
N VAL D 479 29.38 -35.01 19.57
CA VAL D 479 30.00 -34.67 20.85
C VAL D 479 31.28 -33.87 20.61
N ALA D 480 31.59 -33.02 21.57
CA ALA D 480 32.77 -32.18 21.52
C ALA D 480 33.53 -32.37 22.81
N LEU D 481 34.67 -33.06 22.69
CA LEU D 481 35.51 -33.43 23.83
C LEU D 481 36.55 -32.38 24.22
N ASN D 482 36.74 -32.24 25.52
CA ASN D 482 37.81 -31.41 26.04
C ASN D 482 38.52 -32.12 27.18
N HIS D 483 39.83 -31.97 27.27
CA HIS D 483 40.58 -32.51 28.41
C HIS D 483 41.76 -31.61 28.74
N GLY D 484 42.48 -31.94 29.81
CA GLY D 484 43.52 -31.07 30.36
C GLY D 484 44.83 -31.15 29.61
N GLY D 485 45.00 -32.23 28.88
CA GLY D 485 46.24 -32.54 28.14
C GLY D 485 46.44 -31.76 26.86
N THR D 486 47.71 -31.51 26.55
CA THR D 486 48.08 -30.72 25.39
C THR D 486 48.71 -31.57 24.29
N GLU D 487 48.27 -31.32 23.05
CA GLU D 487 48.85 -31.97 21.89
C GLU D 487 50.14 -31.27 21.49
N MET D 488 51.22 -32.04 21.41
CA MET D 488 52.51 -31.54 20.94
C MET D 488 53.11 -32.51 19.92
N GLY D 489 52.27 -33.40 19.40
CA GLY D 489 52.69 -34.35 18.38
C GLY D 489 52.46 -35.81 18.71
N GLN D 490 52.51 -36.12 20.01
CA GLN D 490 52.42 -37.49 20.51
C GLN D 490 51.10 -38.21 20.18
N GLY D 491 50.18 -37.50 19.53
CA GLY D 491 48.89 -38.08 19.16
C GLY D 491 47.97 -38.26 20.36
N LEU D 492 48.09 -37.34 21.30
CA LEU D 492 47.28 -37.38 22.52
C LEU D 492 45.80 -37.27 22.21
N HIS D 493 45.42 -36.32 21.34
CA HIS D 493 44.02 -36.06 21.04
C HIS D 493 43.36 -37.22 20.32
N ALA D 494 44.07 -37.80 19.36
CA ALA D 494 43.58 -38.98 18.65
C ALA D 494 43.15 -40.03 19.67
N LYS D 495 44.04 -40.33 20.61
CA LYS D 495 43.82 -41.33 21.65
C LYS D 495 42.66 -40.98 22.59
N MET D 496 42.47 -39.70 22.89
CA MET D 496 41.38 -39.26 23.75
C MET D 496 40.03 -39.26 23.01
N VAL D 497 40.08 -39.03 21.71
CA VAL D 497 38.94 -39.18 20.83
C VAL D 497 38.61 -40.67 20.64
N GLN D 498 39.64 -41.51 20.50
CA GLN D 498 39.46 -42.97 20.43
C GLN D 498 38.78 -43.55 21.68
N VAL D 499 39.23 -43.10 22.85
CA VAL D 499 38.69 -43.52 24.14
C VAL D 499 37.25 -43.05 24.33
N ALA D 500 37.04 -41.75 24.17
CA ALA D 500 35.71 -41.13 24.25
C ALA D 500 34.67 -41.84 23.37
N ALA D 501 35.01 -42.00 22.10
CA ALA D 501 34.10 -42.61 21.14
C ALA D 501 33.78 -44.05 21.52
N ALA D 502 34.78 -44.76 22.05
CA ALA D 502 34.63 -46.15 22.47
C ALA D 502 33.66 -46.28 23.65
N VAL D 503 33.83 -45.44 24.66
CA VAL D 503 32.95 -45.42 25.84
C VAL D 503 31.50 -45.12 25.47
N LEU D 504 31.29 -44.26 24.47
CA LEU D 504 29.96 -43.89 24.01
C LEU D 504 29.38 -44.87 22.99
N GLY D 505 30.24 -45.63 22.32
CA GLY D 505 29.81 -46.62 21.32
C GLY D 505 29.50 -46.03 19.96
N ILE D 506 30.03 -44.83 19.71
CA ILE D 506 29.79 -44.09 18.46
C ILE D 506 31.00 -44.17 17.53
N ASP D 507 30.88 -43.55 16.35
CA ASP D 507 31.99 -43.43 15.44
C ASP D 507 32.89 -42.30 15.94
N PRO D 508 34.23 -42.52 15.96
CA PRO D 508 35.17 -41.45 16.38
C PRO D 508 35.08 -40.20 15.52
N VAL D 509 34.31 -40.29 14.44
CA VAL D 509 34.04 -39.16 13.56
C VAL D 509 33.12 -38.17 14.29
N GLN D 510 32.13 -38.70 14.98
CA GLN D 510 31.17 -37.91 15.75
C GLN D 510 31.79 -37.12 16.92
N VAL D 511 33.08 -37.34 17.19
CA VAL D 511 33.77 -36.72 18.32
C VAL D 511 34.74 -35.63 17.88
N ARG D 512 34.45 -34.38 18.23
CA ARG D 512 35.35 -33.25 17.98
C ARG D 512 36.17 -32.94 19.21
N ILE D 513 37.41 -32.52 19.00
CA ILE D 513 38.33 -32.13 20.08
C ILE D 513 38.39 -30.62 20.20
N THR D 514 38.35 -30.10 21.41
CA THR D 514 38.51 -28.66 21.62
C THR D 514 39.94 -28.37 22.01
N ALA D 515 40.32 -27.09 21.86
CA ALA D 515 41.61 -26.62 22.33
C ALA D 515 41.69 -26.73 23.85
N THR D 516 42.85 -27.12 24.36
CA THR D 516 43.09 -27.13 25.80
C THR D 516 42.78 -25.73 26.30
N ASP D 517 41.91 -25.65 27.31
CA ASP D 517 41.55 -24.37 27.89
C ASP D 517 41.49 -24.43 29.41
N THR D 518 42.10 -23.44 30.05
CA THR D 518 42.12 -23.31 31.50
C THR D 518 40.74 -23.11 32.11
N SER D 519 39.83 -22.47 31.36
CA SER D 519 38.48 -22.21 31.87
C SER D 519 37.45 -23.27 31.44
N LYS D 520 37.94 -24.36 30.84
CA LYS D 520 37.14 -25.56 30.60
C LYS D 520 37.52 -26.67 31.57
N VAL D 521 38.77 -27.11 31.50
CA VAL D 521 39.33 -28.01 32.52
C VAL D 521 40.43 -27.28 33.28
N PRO D 522 40.20 -27.05 34.58
CA PRO D 522 41.07 -26.22 35.43
C PRO D 522 42.07 -27.02 36.26
N ASN D 523 43.14 -26.35 36.69
CA ASN D 523 44.12 -26.92 37.63
C ASN D 523 44.88 -28.12 37.06
N THR D 524 45.08 -28.08 35.75
CA THR D 524 45.81 -29.12 35.03
C THR D 524 47.31 -29.11 35.38
N SER D 525 47.91 -30.31 35.38
CA SER D 525 49.37 -30.43 35.46
C SER D 525 49.93 -30.30 34.05
N ALA D 526 51.24 -30.09 33.93
CA ALA D 526 51.90 -30.13 32.63
C ALA D 526 51.67 -31.48 31.94
N THR D 527 51.50 -31.46 30.62
CA THR D 527 51.49 -32.71 29.85
C THR D 527 52.92 -33.23 29.86
N ALA D 528 53.16 -34.22 30.73
CA ALA D 528 54.51 -34.69 31.01
C ALA D 528 54.53 -36.04 31.74
N ALA D 529 55.74 -36.56 31.97
CA ALA D 529 55.95 -37.83 32.64
C ALA D 529 55.30 -39.00 31.90
N SER D 530 55.05 -38.80 30.61
CA SER D 530 54.35 -39.77 29.76
C SER D 530 52.96 -40.12 30.31
N SER D 531 52.43 -39.23 31.14
CA SER D 531 51.10 -39.43 31.72
C SER D 531 50.00 -39.21 30.67
N GLY D 532 49.98 -38.02 30.06
CA GLY D 532 48.97 -37.62 29.07
C GLY D 532 47.78 -38.53 28.85
N ALA D 533 48.01 -39.65 28.17
CA ALA D 533 46.95 -40.57 27.78
C ALA D 533 46.45 -41.39 28.94
N ASP D 534 47.36 -41.81 29.80
CA ASP D 534 47.03 -42.57 31.01
C ASP D 534 45.92 -41.83 31.76
N MET D 535 46.25 -40.61 32.18
CA MET D 535 45.43 -39.86 33.14
C MET D 535 44.20 -39.22 32.51
N ASN D 536 44.39 -38.48 31.43
CA ASN D 536 43.27 -37.89 30.71
C ASN D 536 42.40 -38.96 30.01
N GLY D 537 43.02 -40.06 29.62
CA GLY D 537 42.27 -41.21 29.10
C GLY D 537 41.23 -41.68 30.10
N MET D 538 41.64 -41.76 31.37
CA MET D 538 40.76 -42.15 32.47
C MET D 538 39.74 -41.07 32.78
N ALA D 539 40.19 -39.82 32.77
CA ALA D 539 39.34 -38.67 33.07
C ALA D 539 38.23 -38.52 32.06
N VAL D 540 38.57 -38.66 30.78
CA VAL D 540 37.60 -38.61 29.68
C VAL D 540 36.59 -39.74 29.78
N LYS D 541 37.09 -40.95 30.04
CA LYS D 541 36.26 -42.13 30.23
C LYS D 541 35.28 -41.96 31.40
N ASP D 542 35.74 -41.30 32.47
CA ASP D 542 34.89 -40.97 33.63
C ASP D 542 33.72 -40.07 33.24
N ALA D 543 34.02 -39.01 32.49
CA ALA D 543 33.01 -38.10 31.95
C ALA D 543 32.03 -38.82 31.03
N CYS D 544 32.57 -39.67 30.16
CA CYS D 544 31.78 -40.37 29.14
C CYS D 544 30.87 -41.45 29.72
N GLU D 545 31.35 -42.14 30.75
CA GLU D 545 30.56 -43.16 31.44
C GLU D 545 29.41 -42.56 32.22
N THR D 546 29.62 -41.33 32.73
CA THR D 546 28.56 -40.54 33.37
C THR D 546 27.48 -40.20 32.36
N LEU D 547 27.92 -39.66 31.22
CA LEU D 547 27.01 -39.27 30.16
C LEU D 547 26.24 -40.46 29.55
N ARG D 548 26.94 -41.53 29.23
CA ARG D 548 26.30 -42.75 28.72
C ARG D 548 25.40 -43.37 29.81
N GLY D 549 25.79 -43.14 31.07
CA GLY D 549 24.96 -43.50 32.20
C GLY D 549 23.64 -42.76 32.12
N ARG D 550 23.70 -41.43 32.20
CA ARG D 550 22.52 -40.56 32.05
C ARG D 550 21.58 -41.01 30.92
N LEU D 551 22.16 -41.37 29.77
CA LEU D 551 21.40 -41.80 28.60
C LEU D 551 20.69 -43.13 28.78
N ALA D 552 21.41 -44.15 29.26
CA ALA D 552 20.86 -45.50 29.46
C ALA D 552 19.78 -45.52 30.53
N GLY D 553 19.96 -44.69 31.56
CA GLY D 553 18.97 -44.50 32.62
C GLY D 553 17.69 -43.86 32.11
N PHE D 554 17.82 -42.94 31.17
CA PHE D 554 16.67 -42.40 30.46
C PHE D 554 15.99 -43.47 29.59
N VAL D 555 16.79 -44.30 28.93
CA VAL D 555 16.26 -45.34 28.06
C VAL D 555 15.54 -46.40 28.88
N ALA D 556 16.18 -46.84 29.97
CA ALA D 556 15.64 -47.88 30.84
C ALA D 556 14.31 -47.49 31.49
N ALA D 557 14.07 -46.19 31.65
CA ALA D 557 12.82 -45.69 32.19
C ALA D 557 11.76 -45.72 31.09
N ARG D 558 11.95 -44.91 30.05
CA ARG D 558 11.04 -44.82 28.90
C ARG D 558 10.61 -46.20 28.41
N GLU D 559 11.60 -47.06 28.19
CA GLU D 559 11.37 -48.40 27.68
C GLU D 559 11.06 -49.39 28.80
N GLY D 560 11.16 -48.93 30.05
CA GLY D 560 10.82 -49.74 31.20
C GLY D 560 11.60 -51.04 31.30
N CYS D 561 12.87 -50.94 31.66
CA CYS D 561 13.74 -52.11 31.82
C CYS D 561 14.96 -51.70 32.61
N ALA D 562 15.83 -52.67 32.86
CA ALA D 562 17.09 -52.42 33.57
C ALA D 562 17.99 -51.47 32.77
N ALA D 563 18.66 -50.57 33.47
CA ALA D 563 19.60 -49.64 32.84
C ALA D 563 20.77 -50.38 32.23
N ARG D 564 21.26 -51.39 32.95
CA ARG D 564 22.36 -52.27 32.52
C ARG D 564 22.07 -52.94 31.18
N ASP D 565 20.80 -52.90 30.75
CA ASP D 565 20.35 -53.59 29.54
C ASP D 565 20.23 -52.71 28.31
N VAL D 566 20.70 -51.47 28.42
CA VAL D 566 20.76 -50.56 27.29
C VAL D 566 22.17 -50.57 26.72
N ILE D 567 22.34 -51.16 25.53
CA ILE D 567 23.66 -51.29 24.93
C ILE D 567 23.98 -50.28 23.83
N PHE D 568 25.04 -49.51 24.07
CA PHE D 568 25.54 -48.48 23.17
C PHE D 568 26.70 -49.03 22.35
N ASP D 569 26.51 -49.13 21.05
CA ASP D 569 27.52 -49.68 20.16
C ASP D 569 27.29 -49.27 18.70
N ALA D 570 28.38 -49.02 17.99
CA ALA D 570 28.35 -48.78 16.55
C ALA D 570 27.20 -47.84 16.15
N GLY D 571 27.19 -46.65 16.75
CA GLY D 571 26.20 -45.62 16.41
C GLY D 571 24.74 -45.97 16.68
N GLN D 572 24.49 -47.19 17.15
CA GLN D 572 23.15 -47.66 17.48
C GLN D 572 22.97 -47.72 18.99
N VAL D 573 21.75 -47.51 19.46
CA VAL D 573 21.44 -47.67 20.87
C VAL D 573 20.34 -48.71 20.95
N GLN D 574 20.48 -49.68 21.85
CA GLN D 574 19.58 -50.82 21.88
C GLN D 574 19.09 -51.17 23.28
N ALA D 575 17.83 -51.57 23.36
CA ALA D 575 17.15 -52.00 24.60
C ALA D 575 15.75 -52.53 24.27
N SER D 576 15.23 -53.43 25.11
CA SER D 576 13.86 -53.98 24.96
C SER D 576 13.61 -54.73 23.65
N GLY D 577 14.67 -55.19 22.99
CA GLY D 577 14.55 -55.80 21.65
C GLY D 577 14.17 -54.79 20.57
N LYS D 578 14.66 -53.56 20.74
CA LYS D 578 14.41 -52.44 19.84
C LYS D 578 15.70 -51.65 19.66
N SER D 579 15.94 -51.10 18.48
CA SER D 579 17.11 -50.25 18.29
C SER D 579 16.73 -48.90 17.68
N TRP D 580 17.47 -47.87 18.08
CA TRP D 580 17.26 -46.53 17.60
C TRP D 580 18.56 -46.10 16.97
N ARG D 581 18.82 -44.80 16.98
CA ARG D 581 20.15 -44.29 16.66
C ARG D 581 20.60 -43.36 17.80
N PHE D 582 21.91 -43.26 17.97
CA PHE D 582 22.46 -42.46 19.05
C PHE D 582 21.88 -41.06 19.02
N ALA D 583 22.00 -40.40 17.87
CA ALA D 583 21.45 -39.06 17.64
C ALA D 583 19.98 -38.97 18.04
N GLU D 584 19.23 -40.04 17.79
CA GLU D 584 17.82 -40.12 18.17
C GLU D 584 17.65 -40.17 19.68
N ILE D 585 18.45 -41.05 20.31
CA ILE D 585 18.35 -41.27 21.75
C ILE D 585 18.74 -40.00 22.51
N VAL D 586 19.76 -39.31 22.02
CA VAL D 586 20.24 -38.06 22.61
C VAL D 586 19.15 -36.99 22.55
N ALA D 587 18.55 -36.84 21.37
CA ALA D 587 17.54 -35.82 21.11
C ALA D 587 16.32 -36.03 22.00
N ALA D 588 15.92 -37.29 22.15
CA ALA D 588 14.74 -37.65 22.93
C ALA D 588 15.00 -37.42 24.41
N ALA D 589 16.26 -37.58 24.80
CA ALA D 589 16.71 -37.32 26.16
C ALA D 589 16.78 -35.80 26.44
N TYR D 590 17.14 -35.02 25.41
CA TYR D 590 17.06 -33.56 25.48
C TYR D 590 15.62 -33.11 25.65
N MET D 591 14.70 -33.77 24.94
CA MET D 591 13.27 -33.52 25.11
C MET D 591 12.85 -33.85 26.53
N ALA D 592 13.38 -34.96 27.04
CA ALA D 592 13.13 -35.41 28.41
C ALA D 592 13.91 -34.59 29.45
N ARG D 593 14.66 -33.60 28.98
CA ARG D 593 15.46 -32.70 29.83
C ARG D 593 16.50 -33.39 30.72
N ILE D 594 17.27 -34.30 30.12
CA ILE D 594 18.40 -34.98 30.78
C ILE D 594 19.76 -34.36 30.40
N SER D 595 20.36 -33.59 31.31
CA SER D 595 21.67 -32.96 31.12
C SER D 595 22.68 -33.83 30.36
N LEU D 596 23.30 -33.26 29.33
CA LEU D 596 24.30 -33.96 28.51
C LEU D 596 25.65 -33.26 28.57
N SER D 597 26.13 -33.04 29.78
CA SER D 597 27.35 -32.28 30.00
C SER D 597 28.02 -32.76 31.29
N ALA D 598 29.04 -33.59 31.14
CA ALA D 598 29.72 -34.18 32.28
C ALA D 598 31.20 -33.79 32.38
N THR D 599 31.65 -33.57 33.60
CA THR D 599 33.07 -33.39 33.86
C THR D 599 33.66 -34.77 34.15
N GLY D 600 34.99 -34.84 34.17
CA GLY D 600 35.69 -36.11 34.39
C GLY D 600 37.00 -35.94 35.13
N PHE D 601 37.27 -36.84 36.07
CA PHE D 601 38.42 -36.70 36.92
C PHE D 601 39.06 -38.03 37.22
N TYR D 602 40.39 -38.04 37.21
CA TYR D 602 41.15 -39.22 37.59
C TYR D 602 42.37 -38.81 38.39
N ALA D 603 42.62 -39.54 39.47
CA ALA D 603 43.84 -39.39 40.26
C ALA D 603 44.44 -40.77 40.42
N THR D 604 45.74 -40.88 40.13
CA THR D 604 46.42 -42.17 40.06
C THR D 604 46.60 -42.76 41.47
N PRO D 605 46.08 -43.98 41.70
CA PRO D 605 46.15 -44.62 43.02
C PRO D 605 47.49 -45.35 43.27
N LYS D 606 47.63 -45.91 44.47
CA LYS D 606 48.80 -46.71 44.88
C LYS D 606 50.12 -45.95 45.10
N LEU D 607 50.17 -44.68 44.70
CA LEU D 607 51.41 -43.89 44.80
C LEU D 607 51.59 -43.27 46.18
N SER D 608 52.81 -43.38 46.72
CA SER D 608 53.21 -42.74 47.97
C SER D 608 54.70 -42.97 48.20
N TRP D 609 55.48 -41.91 48.34
CA TRP D 609 56.92 -42.05 48.55
C TRP D 609 57.61 -40.77 49.05
N ASP D 610 58.65 -40.95 49.87
CA ASP D 610 59.38 -39.86 50.52
C ASP D 610 60.69 -39.58 49.79
N ARG D 611 60.71 -38.51 48.98
CA ARG D 611 61.90 -38.08 48.20
C ARG D 611 63.19 -38.09 49.03
N LEU D 612 63.12 -37.56 50.25
CA LEU D 612 64.28 -37.45 51.12
C LEU D 612 64.77 -38.82 51.59
N ARG D 613 63.84 -39.62 52.12
CA ARG D 613 64.15 -40.98 52.58
C ARG D 613 64.67 -41.84 51.44
N GLY D 614 64.16 -41.60 50.23
CA GLY D 614 64.46 -42.43 49.06
C GLY D 614 63.74 -43.76 49.17
N GLN D 615 62.49 -43.69 49.65
CA GLN D 615 61.71 -44.90 49.94
C GLN D 615 60.24 -44.73 49.58
N GLY D 616 59.61 -45.82 49.13
CA GLY D 616 58.18 -45.85 48.85
C GLY D 616 57.85 -46.37 47.45
N ARG D 617 56.70 -45.94 46.93
CA ARG D 617 56.30 -46.24 45.57
C ARG D 617 55.94 -44.94 44.83
N PRO D 618 56.86 -44.43 43.99
CA PRO D 618 56.58 -43.27 43.16
C PRO D 618 55.76 -43.61 41.93
N PHE D 619 55.90 -44.84 41.44
CA PHE D 619 55.37 -45.24 40.14
C PHE D 619 54.21 -46.23 40.21
N LEU D 620 53.21 -46.04 39.35
CA LEU D 620 52.10 -47.00 39.25
C LEU D 620 52.59 -48.28 38.58
N TYR D 621 53.43 -48.14 37.56
CA TYR D 621 54.02 -49.27 36.84
C TYR D 621 55.33 -48.91 36.13
N PHE D 622 55.88 -49.88 35.41
CA PHE D 622 57.07 -49.67 34.60
C PHE D 622 56.80 -50.04 33.14
N ALA D 623 57.28 -49.20 32.23
CA ALA D 623 57.26 -49.52 30.80
C ALA D 623 58.56 -50.20 30.43
N TYR D 624 58.48 -51.19 29.53
CA TYR D 624 59.65 -52.00 29.18
C TYR D 624 59.93 -52.05 27.67
N GLY D 625 61.07 -52.64 27.31
CA GLY D 625 61.49 -52.72 25.91
C GLY D 625 62.98 -52.81 25.72
N ALA D 626 63.39 -53.17 24.50
CA ALA D 626 64.81 -53.38 24.17
C ALA D 626 65.12 -53.07 22.71
N ALA D 627 66.35 -52.62 22.45
CA ALA D 627 66.81 -52.30 21.09
C ALA D 627 68.18 -52.90 20.79
N ILE D 628 68.29 -53.52 19.61
CA ILE D 628 69.58 -54.04 19.14
C ILE D 628 70.07 -53.22 17.94
N THR D 629 71.08 -52.39 18.20
CA THR D 629 71.64 -51.48 17.20
C THR D 629 72.99 -51.99 16.66
N GLU D 630 73.13 -51.94 15.34
CA GLU D 630 74.38 -52.20 14.62
C GLU D 630 74.92 -50.90 14.02
N VAL D 631 76.25 -50.71 14.07
CA VAL D 631 76.90 -49.48 13.60
C VAL D 631 78.21 -49.74 12.83
N VAL D 632 78.71 -48.71 12.14
CA VAL D 632 80.03 -48.74 11.49
C VAL D 632 80.86 -47.50 11.77
N ILE D 633 82.03 -47.68 12.38
CA ILE D 633 82.94 -46.56 12.63
C ILE D 633 84.11 -46.57 11.67
N ASP D 634 84.51 -45.39 11.20
CA ASP D 634 85.66 -45.25 10.34
C ASP D 634 86.91 -45.07 11.18
N ARG D 635 87.73 -46.12 11.21
CA ARG D 635 88.95 -46.16 11.99
C ARG D 635 89.83 -44.92 11.83
N LEU D 636 89.80 -44.31 10.65
CA LEU D 636 90.72 -43.22 10.32
C LEU D 636 90.28 -41.87 10.82
N THR D 637 88.99 -41.55 10.71
CA THR D 637 88.47 -40.22 11.06
C THR D 637 87.48 -40.22 12.22
N GLY D 638 86.83 -41.35 12.42
CA GLY D 638 85.81 -41.48 13.47
C GLY D 638 84.40 -41.36 12.96
N GLU D 639 84.27 -41.13 11.65
CA GLU D 639 82.97 -41.06 10.98
C GLU D 639 82.17 -42.34 11.24
N ASN D 640 80.88 -42.20 11.50
CA ASN D 640 80.06 -43.36 11.85
C ASN D 640 78.63 -43.26 11.36
N ARG D 641 77.95 -44.40 11.26
CA ARG D 641 76.50 -44.43 11.09
C ARG D 641 75.82 -45.71 11.56
N ILE D 642 74.58 -45.55 12.02
CA ILE D 642 73.73 -46.64 12.51
C ILE D 642 73.15 -47.41 11.33
N LEU D 643 73.58 -48.66 11.16
CA LEU D 643 73.14 -49.47 10.02
C LEU D 643 71.72 -50.02 10.19
N ARG D 644 71.50 -50.74 11.29
CA ARG D 644 70.22 -51.41 11.54
C ARG D 644 69.85 -51.36 13.02
N THR D 645 68.55 -51.29 13.30
CA THR D 645 68.02 -51.33 14.65
C THR D 645 66.78 -52.21 14.72
N ASP D 646 66.77 -53.14 15.67
CA ASP D 646 65.58 -53.95 15.96
C ASP D 646 65.05 -53.65 17.38
N ILE D 647 63.80 -53.22 17.44
CA ILE D 647 63.15 -52.83 18.69
C ILE D 647 61.95 -53.72 19.05
N LEU D 648 61.83 -54.03 20.34
CA LEU D 648 60.64 -54.67 20.88
C LEU D 648 60.26 -53.92 22.16
N HIS D 649 59.50 -52.83 21.99
CA HIS D 649 59.07 -52.02 23.12
C HIS D 649 57.69 -52.46 23.60
N ASP D 650 57.42 -52.19 24.87
CA ASP D 650 56.14 -52.53 25.50
C ASP D 650 55.26 -51.30 25.75
N ALA D 651 54.12 -51.26 25.07
CA ALA D 651 53.09 -50.25 25.31
C ALA D 651 51.86 -50.94 25.86
N GLY D 652 52.05 -52.15 26.36
CA GLY D 652 50.99 -52.94 26.96
C GLY D 652 49.87 -53.21 25.97
N ALA D 653 48.64 -52.93 26.40
CA ALA D 653 47.48 -53.03 25.54
C ALA D 653 47.26 -51.70 24.82
N SER D 654 48.16 -51.38 23.89
CA SER D 654 48.20 -50.09 23.18
C SER D 654 46.84 -49.52 22.81
N LEU D 655 46.66 -48.23 23.11
CA LEU D 655 45.44 -47.49 22.75
C LEU D 655 45.34 -47.29 21.24
N ASN D 656 46.51 -47.22 20.59
CA ASN D 656 46.60 -47.04 19.15
C ASN D 656 47.97 -47.51 18.70
N PRO D 657 48.05 -48.76 18.18
CA PRO D 657 49.31 -49.37 17.76
C PRO D 657 50.11 -48.47 16.82
N ALA D 658 49.47 -47.96 15.77
CA ALA D 658 50.12 -47.07 14.79
C ALA D 658 50.82 -45.91 15.48
N LEU D 659 50.03 -45.06 16.14
CA LEU D 659 50.57 -43.92 16.86
C LEU D 659 51.77 -44.31 17.73
N ASP D 660 51.62 -45.42 18.45
CA ASP D 660 52.59 -45.89 19.44
C ASP D 660 53.92 -46.31 18.83
N ILE D 661 53.87 -47.11 17.78
CA ILE D 661 55.08 -47.49 17.04
C ILE D 661 55.81 -46.21 16.61
N GLY D 662 55.03 -45.24 16.13
CA GLY D 662 55.57 -43.93 15.75
C GLY D 662 56.39 -43.28 16.84
N GLN D 663 55.83 -43.27 18.05
CA GLN D 663 56.52 -42.71 19.21
C GLN D 663 57.82 -43.44 19.46
N ILE D 664 57.78 -44.77 19.35
CA ILE D 664 58.96 -45.61 19.57
C ILE D 664 60.07 -45.32 18.54
N GLU D 665 59.70 -45.26 17.26
CA GLU D 665 60.66 -44.90 16.21
C GLU D 665 61.28 -43.54 16.51
N GLY D 666 60.41 -42.53 16.62
CA GLY D 666 60.82 -41.16 16.91
C GLY D 666 61.71 -41.06 18.12
N ALA D 667 61.24 -41.60 19.24
CA ALA D 667 61.98 -41.52 20.48
C ALA D 667 63.38 -42.14 20.38
N TYR D 668 63.51 -43.17 19.55
CA TYR D 668 64.80 -43.84 19.36
C TYR D 668 65.77 -42.97 18.55
N VAL D 669 65.26 -42.37 17.48
CA VAL D 669 66.06 -41.55 16.58
C VAL D 669 66.53 -40.31 17.32
N GLN D 670 65.63 -39.77 18.14
CA GLN D 670 65.94 -38.67 19.04
C GLN D 670 66.88 -39.13 20.16
N GLY D 671 66.71 -40.38 20.58
CA GLY D 671 67.56 -40.98 21.61
C GLY D 671 69.01 -41.19 21.18
N ALA D 672 69.20 -41.78 20.01
CA ALA D 672 70.53 -42.02 19.46
C ALA D 672 71.18 -40.70 19.07
N GLY D 673 70.36 -39.76 18.61
CA GLY D 673 70.81 -38.41 18.27
C GLY D 673 71.44 -37.65 19.42
N TRP D 674 70.98 -37.94 20.65
CA TRP D 674 71.52 -37.33 21.87
C TRP D 674 72.92 -37.85 22.19
N LEU D 675 73.19 -39.10 21.81
CA LEU D 675 74.46 -39.73 22.13
C LEU D 675 75.41 -39.84 20.94
N THR D 676 75.04 -39.23 19.81
CA THR D 676 75.89 -39.24 18.60
C THR D 676 76.34 -37.86 18.10
N THR D 677 75.46 -37.13 17.41
CA THR D 677 75.87 -35.87 16.75
C THR D 677 75.51 -34.59 17.51
N GLU D 678 74.52 -34.65 18.39
CA GLU D 678 74.11 -33.46 19.11
C GLU D 678 75.10 -33.12 20.22
N GLU D 679 75.85 -32.04 20.03
CA GLU D 679 76.85 -31.60 21.01
C GLU D 679 76.68 -30.13 21.32
N LEU D 680 76.58 -29.81 22.61
CA LEU D 680 76.53 -28.43 23.06
C LEU D 680 77.95 -27.93 23.40
N VAL D 681 78.28 -26.72 22.93
CA VAL D 681 79.60 -26.14 23.20
C VAL D 681 79.52 -24.71 23.68
N TRP D 682 80.06 -24.48 24.88
CA TRP D 682 80.21 -23.16 25.47
C TRP D 682 81.67 -22.71 25.32
N ASP D 683 81.87 -21.40 25.18
CA ASP D 683 83.23 -20.85 25.10
C ASP D 683 83.74 -20.42 26.48
N HIS D 684 84.95 -19.87 26.52
CA HIS D 684 85.62 -19.55 27.78
C HIS D 684 84.84 -18.64 28.74
N CYS D 685 83.90 -17.87 28.19
CA CYS D 685 83.10 -16.95 29.00
C CYS D 685 81.61 -17.33 29.04
N GLY D 686 81.34 -18.61 28.78
CA GLY D 686 80.01 -19.18 28.93
C GLY D 686 79.04 -18.87 27.81
N ARG D 687 79.55 -18.32 26.71
CA ARG D 687 78.74 -18.07 25.52
C ARG D 687 78.56 -19.37 24.75
N LEU D 688 77.31 -19.66 24.42
CA LEU D 688 76.98 -20.86 23.65
C LEU D 688 77.38 -20.67 22.20
N MET D 689 78.30 -21.50 21.73
CA MET D 689 78.71 -21.45 20.33
C MET D 689 77.68 -22.17 19.47
N THR D 690 77.24 -23.33 19.92
CA THR D 690 76.24 -24.11 19.20
C THR D 690 74.82 -23.62 19.48
N HIS D 691 74.42 -22.52 18.81
CA HIS D 691 73.08 -21.94 19.01
C HIS D 691 72.22 -21.81 17.73
N ALA D 692 72.52 -22.65 16.73
CA ALA D 692 71.84 -22.64 15.43
C ALA D 692 71.81 -24.07 14.86
N PRO D 693 71.04 -24.30 13.77
CA PRO D 693 71.08 -25.61 13.13
C PRO D 693 72.35 -25.78 12.28
N SER D 694 73.12 -24.70 12.18
CA SER D 694 74.40 -24.69 11.48
C SER D 694 75.53 -25.21 12.37
N THR D 695 75.24 -25.35 13.66
CA THR D 695 76.24 -25.73 14.67
C THR D 695 75.75 -26.78 15.68
N TYR D 696 74.43 -26.82 15.93
CA TYR D 696 73.83 -27.90 16.72
C TYR D 696 73.11 -28.88 15.81
N LYS D 697 73.72 -30.06 15.62
CA LYS D 697 73.34 -30.98 14.52
C LYS D 697 72.49 -32.20 14.94
N ILE D 698 71.18 -32.01 14.99
CA ILE D 698 70.19 -33.08 15.23
C ILE D 698 70.18 -34.10 14.08
N PRO D 699 69.58 -35.30 14.29
CA PRO D 699 69.60 -36.34 13.25
C PRO D 699 68.82 -35.96 12.00
N ALA D 700 69.51 -35.95 10.85
CA ALA D 700 68.94 -35.58 9.55
C ALA D 700 68.32 -36.79 8.87
N PHE D 701 67.53 -36.55 7.83
CA PHE D 701 66.79 -37.64 7.19
C PHE D 701 67.61 -38.91 6.99
N SER D 702 68.78 -38.80 6.37
CA SER D 702 69.59 -39.98 6.03
C SER D 702 70.12 -40.77 7.23
N ASP D 703 70.17 -40.14 8.40
CA ASP D 703 70.73 -40.74 9.62
C ASP D 703 69.93 -41.91 10.19
N ARG D 704 68.66 -42.01 9.78
CA ARG D 704 67.78 -43.11 10.15
C ARG D 704 68.41 -44.49 9.84
N PRO D 705 68.31 -45.43 10.80
CA PRO D 705 68.87 -46.77 10.61
C PRO D 705 68.33 -47.43 9.34
N ARG D 706 69.21 -47.59 8.35
CA ARG D 706 68.86 -48.18 7.06
C ARG D 706 67.86 -49.33 7.18
N ILE D 707 68.06 -50.19 8.18
CA ILE D 707 67.07 -51.20 8.55
C ILE D 707 66.45 -50.88 9.92
N PHE D 708 65.20 -50.43 9.90
CA PHE D 708 64.47 -50.01 11.10
C PHE D 708 63.33 -50.98 11.37
N ASN D 709 63.54 -51.91 12.29
CA ASN D 709 62.49 -52.84 12.68
C ASN D 709 62.02 -52.60 14.11
N VAL D 710 60.81 -52.09 14.25
CA VAL D 710 60.20 -51.82 15.55
C VAL D 710 58.94 -52.66 15.74
N ALA D 711 58.98 -53.55 16.72
CA ALA D 711 57.84 -54.39 17.03
C ALA D 711 57.30 -54.13 18.44
N LEU D 712 55.98 -54.19 18.58
CA LEU D 712 55.34 -53.98 19.86
C LEU D 712 55.19 -55.28 20.66
N TRP D 713 55.55 -55.21 21.94
CA TRP D 713 55.24 -56.27 22.91
C TRP D 713 53.80 -56.00 23.29
N ASP D 714 52.92 -56.92 22.94
CA ASP D 714 51.49 -56.70 23.11
C ASP D 714 50.89 -57.60 24.18
N GLN D 715 50.80 -57.05 25.39
CA GLN D 715 50.35 -57.78 26.56
C GLN D 715 49.81 -56.73 27.56
N PRO D 716 48.54 -56.87 27.97
CA PRO D 716 47.84 -55.88 28.79
C PRO D 716 48.63 -55.48 30.04
N ASN D 717 48.51 -54.23 30.46
CA ASN D 717 49.13 -53.78 31.70
C ASN D 717 48.46 -54.48 32.88
N ARG D 718 49.26 -54.81 33.89
CA ARG D 718 48.78 -55.40 35.12
C ARG D 718 47.90 -54.44 35.92
N GLU D 719 48.25 -53.14 35.89
CA GLU D 719 47.47 -52.10 36.56
C GLU D 719 46.33 -51.60 35.69
N GLU D 720 45.27 -51.09 36.33
CA GLU D 720 44.05 -50.70 35.63
C GLU D 720 44.12 -49.37 34.89
N THR D 721 45.16 -49.22 34.06
CA THR D 721 45.36 -48.01 33.25
C THR D 721 44.31 -47.95 32.16
N ILE D 722 44.07 -46.77 31.61
CA ILE D 722 43.10 -46.64 30.51
C ILE D 722 43.25 -47.79 29.53
N PHE D 723 42.19 -48.59 29.41
CA PHE D 723 42.18 -49.80 28.59
C PHE D 723 43.47 -50.63 28.63
N ARG D 724 43.96 -50.90 29.85
CA ARG D 724 45.10 -51.79 30.09
C ARG D 724 46.35 -51.40 29.30
N SER D 725 46.37 -50.17 28.81
CA SER D 725 47.48 -49.71 27.97
C SER D 725 48.68 -49.36 28.84
N LYS D 726 49.80 -49.03 28.19
CA LYS D 726 51.00 -48.56 28.88
C LYS D 726 51.42 -47.24 28.27
N ALA D 727 52.11 -46.41 29.06
CA ALA D 727 52.63 -45.13 28.56
C ALA D 727 53.80 -45.37 27.62
N VAL D 728 53.95 -44.47 26.64
CA VAL D 728 54.91 -44.67 25.55
C VAL D 728 55.67 -43.37 25.16
N GLY D 729 55.37 -42.27 25.85
CA GLY D 729 55.96 -40.97 25.56
C GLY D 729 57.47 -40.88 25.74
N GLU D 730 57.95 -41.29 26.91
CA GLU D 730 59.37 -41.20 27.22
C GLU D 730 60.11 -42.53 27.13
N PRO D 731 59.51 -43.63 27.66
CA PRO D 731 60.28 -44.87 27.82
C PRO D 731 61.16 -45.27 26.63
N PRO D 732 60.66 -45.19 25.36
CA PRO D 732 61.50 -45.66 24.25
C PRO D 732 62.67 -44.74 23.87
N PHE D 733 62.72 -43.51 24.40
CA PHE D 733 63.90 -42.65 24.22
C PHE D 733 65.12 -43.42 24.70
N LEU D 734 64.99 -44.12 25.82
CA LEU D 734 66.09 -44.88 26.40
C LEU D 734 66.57 -46.03 25.52
N LEU D 735 65.84 -46.31 24.44
CA LEU D 735 66.32 -47.25 23.43
C LEU D 735 67.54 -46.69 22.71
N GLY D 736 67.72 -45.37 22.78
CA GLY D 736 68.86 -44.69 22.16
C GLY D 736 70.18 -45.06 22.80
N ILE D 737 70.12 -45.48 24.06
CA ILE D 737 71.29 -46.00 24.75
C ILE D 737 71.91 -47.18 23.98
N SER D 738 71.09 -47.85 23.17
CA SER D 738 71.52 -48.98 22.35
C SER D 738 72.60 -48.60 21.35
N ALA D 739 72.45 -47.42 20.75
CA ALA D 739 73.38 -46.94 19.73
C ALA D 739 74.77 -46.66 20.30
N PHE D 740 74.80 -45.99 21.45
CA PHE D 740 76.04 -45.60 22.12
C PHE D 740 76.80 -46.81 22.65
N LEU D 741 76.05 -47.84 23.04
CA LEU D 741 76.61 -49.10 23.51
C LEU D 741 77.25 -49.91 22.39
N ALA D 742 76.55 -49.97 21.25
CA ALA D 742 77.04 -50.64 20.05
C ALA D 742 78.25 -49.92 19.48
N LEU D 743 78.21 -48.60 19.53
CA LEU D 743 79.27 -47.75 19.03
C LEU D 743 80.54 -47.90 19.85
N HIS D 744 80.37 -48.20 21.14
CA HIS D 744 81.49 -48.51 22.03
C HIS D 744 82.09 -49.87 21.68
N ASP D 745 81.21 -50.81 21.39
CA ASP D 745 81.58 -52.16 20.95
C ASP D 745 82.30 -52.11 19.59
N ALA D 746 81.98 -51.10 18.80
CA ALA D 746 82.69 -50.82 17.55
C ALA D 746 84.15 -50.45 17.81
N CYS D 747 84.40 -49.70 18.90
CA CYS D 747 85.76 -49.36 19.32
C CYS D 747 86.46 -50.55 19.95
N ALA D 748 85.70 -51.32 20.73
CA ALA D 748 86.20 -52.53 21.36
C ALA D 748 86.76 -53.49 20.31
N ALA D 749 86.38 -53.28 19.05
CA ALA D 749 86.86 -54.13 17.96
C ALA D 749 88.31 -53.85 17.56
N CYS D 750 88.80 -52.66 17.87
CA CYS D 750 90.07 -52.19 17.32
C CYS D 750 91.31 -52.59 18.11
N GLY D 751 91.15 -52.85 19.41
CA GLY D 751 92.26 -53.25 20.27
C GLY D 751 91.84 -53.91 21.57
N PRO D 752 92.83 -54.29 22.40
CA PRO D 752 92.59 -54.95 23.69
C PRO D 752 92.23 -53.98 24.81
N HIS D 753 92.46 -52.69 24.59
CA HIS D 753 92.31 -51.66 25.61
C HIS D 753 90.89 -51.08 25.72
N TRP D 754 90.58 -50.57 26.90
CA TRP D 754 89.26 -50.01 27.21
C TRP D 754 89.08 -48.64 26.56
N PRO D 755 88.19 -48.55 25.55
CA PRO D 755 87.97 -47.34 24.75
C PRO D 755 87.64 -46.07 25.56
N ASP D 756 86.90 -46.22 26.65
CA ASP D 756 86.36 -45.10 27.43
C ASP D 756 85.72 -44.06 26.52
N LEU D 757 84.75 -44.50 25.73
CA LEU D 757 84.01 -43.63 24.84
C LEU D 757 83.07 -42.73 25.65
N GLN D 758 83.09 -41.44 25.34
CA GLN D 758 82.29 -40.44 26.06
C GLN D 758 81.02 -40.08 25.30
N ALA D 759 80.11 -39.39 25.98
CA ALA D 759 78.88 -38.94 25.35
C ALA D 759 78.81 -37.41 25.33
N PRO D 760 78.35 -36.81 24.21
CA PRO D 760 77.93 -37.47 22.99
C PRO D 760 79.10 -38.04 22.22
N ALA D 761 78.87 -39.13 21.50
CA ALA D 761 79.92 -39.77 20.73
C ALA D 761 79.95 -39.21 19.31
N THR D 762 80.45 -37.99 19.18
CA THR D 762 80.66 -37.35 17.89
C THR D 762 81.88 -37.99 17.24
N PRO D 763 81.97 -37.95 15.88
CA PRO D 763 83.03 -38.67 15.17
C PRO D 763 84.43 -38.46 15.76
N GLU D 764 84.68 -37.27 16.32
CA GLU D 764 85.92 -36.98 17.05
C GLU D 764 86.05 -37.84 18.32
N ALA D 765 84.98 -37.92 19.11
CA ALA D 765 84.94 -38.72 20.33
C ALA D 765 85.07 -40.21 20.05
N VAL D 766 84.65 -40.61 18.85
CA VAL D 766 84.79 -42.00 18.40
C VAL D 766 86.25 -42.27 18.05
N LEU D 767 86.86 -41.39 17.26
CA LEU D 767 88.28 -41.50 16.94
C LEU D 767 89.12 -41.48 18.21
N ALA D 768 88.75 -40.60 19.14
CA ALA D 768 89.35 -40.59 20.47
C ALA D 768 89.29 -41.96 21.11
N ALA D 769 88.10 -42.58 21.06
CA ALA D 769 87.87 -43.88 21.69
C ALA D 769 88.57 -45.02 20.98
N VAL D 770 88.68 -44.93 19.65
CA VAL D 770 89.43 -45.94 18.89
C VAL D 770 90.89 -45.91 19.34
N ARG D 771 91.45 -44.71 19.34
CA ARG D 771 92.85 -44.48 19.73
C ARG D 771 93.22 -45.17 21.04
N ARG D 772 92.33 -45.09 22.03
CA ARG D 772 92.57 -45.69 23.34
C ARG D 772 92.61 -47.21 23.25
N ALA D 773 91.65 -47.78 22.53
CA ALA D 773 91.60 -49.22 22.27
C ALA D 773 92.83 -49.69 21.50
N GLU D 774 93.26 -48.86 20.56
CA GLU D 774 94.48 -49.09 19.79
C GLU D 774 95.76 -48.82 20.60
N GLY D 775 95.60 -48.29 21.81
CA GLY D 775 96.72 -47.83 22.62
C GLY D 775 97.51 -46.72 21.93
N ARG D 776 96.94 -45.52 21.90
CA ARG D 776 97.56 -44.36 21.26
C ARG D 776 97.30 -43.06 22.03
N ALA D 777 98.23 -42.11 21.90
CA ALA D 777 98.17 -40.79 22.57
C ALA D 777 98.03 -40.89 24.09
N MET E 1 -71.56 27.45 -4.59
CA MET E 1 -71.19 27.15 -3.18
C MET E 1 -69.68 27.22 -2.95
N GLU E 2 -69.27 28.07 -2.01
CA GLU E 2 -67.84 28.29 -1.73
C GLU E 2 -67.51 27.95 -0.27
N ILE E 3 -66.40 27.22 -0.08
CA ILE E 3 -65.91 26.81 1.25
C ILE E 3 -64.56 27.44 1.58
N ALA E 4 -64.25 27.54 2.87
CA ALA E 4 -62.99 28.11 3.34
C ALA E 4 -62.24 27.17 4.28
N PHE E 5 -60.95 26.94 3.98
CA PHE E 5 -60.09 26.10 4.82
C PHE E 5 -58.61 26.46 4.71
N LEU E 6 -57.89 26.24 5.80
CA LEU E 6 -56.44 26.46 5.85
C LEU E 6 -55.71 25.26 5.24
N LEU E 7 -54.85 25.53 4.27
CA LEU E 7 -54.08 24.48 3.60
C LEU E 7 -52.58 24.66 3.86
N ASN E 8 -52.06 23.88 4.81
CA ASN E 8 -50.64 23.89 5.20
C ASN E 8 -50.14 25.22 5.80
N GLY E 9 -51.07 26.08 6.18
CA GLY E 9 -50.71 27.38 6.75
C GLY E 9 -51.33 28.55 6.03
N GLU E 10 -51.37 28.46 4.70
CA GLU E 10 -52.02 29.49 3.88
C GLU E 10 -53.52 29.24 3.73
N THR E 11 -54.30 30.30 3.91
CA THR E 11 -55.76 30.26 3.83
C THR E 11 -56.23 30.05 2.40
N ARG E 12 -57.23 29.18 2.21
CA ARG E 12 -57.74 28.82 0.88
C ARG E 12 -59.27 28.70 0.80
N ARG E 13 -59.85 29.43 -0.16
CA ARG E 13 -61.26 29.28 -0.51
C ARG E 13 -61.40 28.44 -1.78
N VAL E 14 -62.39 27.56 -1.81
CA VAL E 14 -62.68 26.74 -3.00
C VAL E 14 -64.17 26.80 -3.32
N ARG E 15 -64.50 26.84 -4.61
CA ARG E 15 -65.90 26.73 -5.03
C ARG E 15 -66.23 25.26 -5.30
N ILE E 16 -67.30 24.78 -4.66
CA ILE E 16 -67.78 23.41 -4.80
C ILE E 16 -68.87 23.35 -5.87
N GLU E 17 -68.65 22.47 -6.86
CA GLU E 17 -69.63 22.18 -7.91
C GLU E 17 -69.72 20.67 -8.09
N ASP E 18 -68.97 19.96 -7.26
CA ASP E 18 -69.00 18.51 -7.18
C ASP E 18 -68.86 18.14 -5.70
N PRO E 19 -70.00 17.96 -5.00
CA PRO E 19 -69.96 17.70 -3.56
C PRO E 19 -69.42 16.30 -3.22
N THR E 20 -69.44 15.42 -4.20
CA THR E 20 -69.00 14.04 -4.04
C THR E 20 -67.49 13.85 -4.26
N GLN E 21 -66.84 14.88 -4.79
CA GLN E 21 -65.40 14.82 -5.08
C GLN E 21 -64.59 14.75 -3.79
N SER E 22 -63.67 13.78 -3.73
CA SER E 22 -62.88 13.53 -2.53
C SER E 22 -61.68 14.47 -2.39
N LEU E 23 -61.25 14.65 -1.14
CA LEU E 23 -60.06 15.43 -0.79
C LEU E 23 -58.82 14.92 -1.54
N LEU E 24 -58.60 13.60 -1.52
CA LEU E 24 -57.49 12.96 -2.22
C LEU E 24 -57.42 13.42 -3.69
N GLU E 25 -58.53 13.24 -4.42
CA GLU E 25 -58.60 13.59 -5.84
C GLU E 25 -58.34 15.08 -6.08
N TRP E 26 -58.72 15.90 -5.09
CA TRP E 26 -58.57 17.34 -5.19
C TRP E 26 -57.14 17.81 -4.89
N LEU E 27 -56.51 17.23 -3.88
CA LEU E 27 -55.12 17.57 -3.52
C LEU E 27 -54.16 17.17 -4.63
N ARG E 28 -54.43 16.03 -5.24
CA ARG E 28 -53.61 15.54 -6.35
C ARG E 28 -53.88 16.37 -7.61
N ALA E 29 -55.14 16.76 -7.83
CA ALA E 29 -55.48 17.64 -8.94
C ALA E 29 -54.92 19.05 -8.72
N GLU E 30 -54.77 19.43 -7.45
CA GLU E 30 -54.17 20.70 -7.09
C GLU E 30 -52.70 20.74 -7.43
N GLY E 31 -52.02 19.63 -7.20
CA GLY E 31 -50.58 19.55 -7.43
C GLY E 31 -49.85 19.01 -6.23
N LEU E 32 -50.53 18.93 -5.08
CA LEU E 32 -49.97 18.36 -3.86
C LEU E 32 -49.86 16.84 -3.99
N THR E 33 -48.91 16.38 -4.79
CA THR E 33 -48.82 14.97 -5.16
C THR E 33 -48.08 14.08 -4.15
N GLY E 34 -48.03 14.55 -2.90
CA GLY E 34 -47.42 13.77 -1.82
C GLY E 34 -48.38 12.77 -1.20
N THR E 35 -49.65 13.15 -1.18
CA THR E 35 -50.73 12.27 -0.74
C THR E 35 -50.97 11.24 -1.85
N LYS E 36 -50.88 9.96 -1.50
CA LYS E 36 -50.90 8.86 -2.48
C LYS E 36 -52.28 8.19 -2.61
N GLU E 37 -52.32 7.03 -3.27
CA GLU E 37 -53.55 6.22 -3.39
C GLU E 37 -53.19 4.75 -3.18
N GLY E 38 -54.01 4.04 -2.41
CA GLY E 38 -53.69 2.65 -2.07
C GLY E 38 -54.82 1.63 -2.21
N CYS E 39 -56.04 2.12 -2.35
CA CYS E 39 -57.23 1.27 -2.55
C CYS E 39 -58.50 2.09 -2.78
N ASN E 40 -58.42 3.39 -2.49
CA ASN E 40 -59.62 4.26 -2.36
C ASN E 40 -60.76 3.56 -1.59
N GLU E 41 -60.39 2.96 -0.46
CA GLU E 41 -61.32 2.26 0.41
C GLU E 41 -61.02 2.57 1.87
N GLY E 42 -59.93 3.29 2.10
CA GLY E 42 -59.52 3.71 3.45
C GLY E 42 -58.81 2.64 4.25
N ASP E 43 -58.33 1.62 3.54
CA ASP E 43 -57.82 0.40 4.19
C ASP E 43 -56.35 0.44 4.57
N CYS E 44 -55.57 1.33 3.95
CA CYS E 44 -54.10 1.27 4.06
C CYS E 44 -53.35 2.57 4.39
N GLY E 45 -54.10 3.60 4.78
CA GLY E 45 -53.55 4.87 5.28
C GLY E 45 -52.56 5.66 4.41
N ALA E 46 -52.26 5.16 3.21
CA ALA E 46 -51.29 5.80 2.30
C ALA E 46 -51.64 7.25 1.93
N CYS E 47 -52.83 7.70 2.33
CA CYS E 47 -53.32 9.02 2.00
C CYS E 47 -53.80 9.76 3.24
N THR E 48 -53.28 9.34 4.39
CA THR E 48 -53.57 9.99 5.65
C THR E 48 -53.21 11.48 5.60
N VAL E 49 -54.21 12.33 5.76
CA VAL E 49 -53.99 13.76 5.98
C VAL E 49 -54.40 14.12 7.41
N MET E 50 -53.98 15.29 7.86
CA MET E 50 -54.29 15.75 9.21
C MET E 50 -55.23 16.96 9.18
N ILE E 51 -56.26 16.90 10.00
CA ILE E 51 -57.21 18.01 10.10
C ILE E 51 -57.30 18.52 11.54
N ARG E 52 -57.66 19.79 11.66
CA ARG E 52 -57.75 20.46 12.95
C ARG E 52 -58.93 21.42 12.95
N ASP E 53 -59.75 21.37 14.00
CA ASP E 53 -60.87 22.29 14.16
C ASP E 53 -60.95 22.81 15.59
N ALA E 54 -62.09 23.41 15.95
CA ALA E 54 -62.33 23.90 17.30
C ALA E 54 -62.28 22.79 18.34
N ALA E 55 -62.38 21.54 17.87
CA ALA E 55 -62.33 20.36 18.74
C ALA E 55 -60.90 19.91 19.00
N GLY E 56 -60.06 19.93 17.97
CA GLY E 56 -58.66 19.52 18.09
C GLY E 56 -58.08 18.93 16.82
N SER E 57 -56.95 18.26 16.96
CA SER E 57 -56.22 17.71 15.82
C SER E 57 -56.48 16.23 15.63
N ARG E 58 -56.75 15.84 14.39
CA ARG E 58 -57.08 14.45 14.04
C ARG E 58 -56.41 14.03 12.73
N ALA E 59 -56.10 12.74 12.61
CA ALA E 59 -55.56 12.17 11.37
C ALA E 59 -56.62 11.32 10.68
N VAL E 60 -56.89 11.61 9.40
CA VAL E 60 -57.95 10.93 8.66
C VAL E 60 -57.55 10.56 7.23
N ASN E 61 -58.33 9.66 6.63
CA ASN E 61 -58.16 9.29 5.23
C ASN E 61 -58.68 10.40 4.32
N ALA E 62 -57.90 10.72 3.30
CA ALA E 62 -58.27 11.77 2.35
C ALA E 62 -59.36 11.33 1.37
N CYS E 63 -59.40 10.05 1.01
CA CYS E 63 -60.33 9.56 -0.01
C CYS E 63 -61.72 9.21 0.52
N LEU E 64 -61.83 9.11 1.84
CA LEU E 64 -63.12 8.88 2.51
C LEU E 64 -63.77 10.20 2.93
N MET E 65 -62.94 11.23 3.10
CA MET E 65 -63.40 12.58 3.40
C MET E 65 -63.81 13.34 2.13
N MET E 66 -64.92 14.06 2.21
CA MET E 66 -65.36 14.88 1.09
C MET E 66 -65.03 16.36 1.35
N LEU E 67 -64.95 17.15 0.27
CA LEU E 67 -64.50 18.56 0.37
C LEU E 67 -65.32 19.48 1.30
N PRO E 68 -66.66 19.47 1.20
CA PRO E 68 -67.46 20.32 2.09
C PRO E 68 -67.31 20.02 3.58
N GLN E 69 -66.49 19.03 3.92
CA GLN E 69 -66.28 18.61 5.31
C GLN E 69 -65.08 19.26 5.97
N ILE E 70 -64.07 19.62 5.19
CA ILE E 70 -62.93 20.38 5.71
C ILE E 70 -63.24 21.87 5.82
N ALA E 71 -64.47 22.24 5.47
CA ALA E 71 -64.95 23.61 5.62
C ALA E 71 -64.87 24.04 7.08
N GLY E 72 -64.10 25.10 7.33
CA GLY E 72 -63.88 25.60 8.68
C GLY E 72 -62.68 25.00 9.38
N LYS E 73 -62.21 23.85 8.87
CA LYS E 73 -61.11 23.12 9.49
C LYS E 73 -59.75 23.64 9.05
N ALA E 74 -58.68 23.00 9.55
CA ALA E 74 -57.30 23.33 9.19
C ALA E 74 -56.58 22.08 8.66
N LEU E 75 -56.43 22.03 7.35
CA LEU E 75 -55.90 20.85 6.66
C LEU E 75 -54.38 20.86 6.59
N ARG E 76 -53.80 19.69 6.86
CA ARG E 76 -52.35 19.53 6.75
C ARG E 76 -52.04 18.22 6.04
N THR E 77 -51.28 18.32 4.94
CA THR E 77 -50.88 17.15 4.17
C THR E 77 -49.42 16.86 4.46
N ILE E 78 -48.90 15.77 3.87
CA ILE E 78 -47.49 15.43 3.98
C ILE E 78 -46.58 16.61 3.63
N GLU E 79 -46.83 17.24 2.48
CA GLU E 79 -46.02 18.37 1.99
C GLU E 79 -46.12 19.62 2.86
N GLY E 80 -46.78 19.51 4.01
CA GLY E 80 -46.89 20.62 4.94
C GLY E 80 -46.56 20.30 6.39
N ILE E 81 -45.89 19.18 6.63
CA ILE E 81 -45.51 18.78 7.99
C ILE E 81 -44.19 19.42 8.42
N ALA E 82 -43.26 19.52 7.47
CA ALA E 82 -41.96 20.15 7.73
C ALA E 82 -42.09 21.67 7.86
N ALA E 83 -41.39 22.22 8.86
CA ALA E 83 -41.40 23.65 9.17
C ALA E 83 -41.22 24.52 7.92
N PRO E 84 -41.87 25.71 7.90
CA PRO E 84 -41.76 26.65 6.77
C PRO E 84 -40.32 27.03 6.45
N ASP E 85 -39.49 27.20 7.47
CA ASP E 85 -38.10 27.61 7.28
C ASP E 85 -37.20 26.47 6.78
N GLY E 86 -37.80 25.38 6.33
CA GLY E 86 -37.06 24.26 5.73
C GLY E 86 -36.77 23.11 6.67
N ARG E 87 -36.80 23.39 7.97
CA ARG E 87 -36.51 22.38 9.01
C ARG E 87 -37.48 21.19 8.93
N LEU E 88 -37.01 20.02 9.38
CA LEU E 88 -37.85 18.82 9.39
C LEU E 88 -38.73 18.76 10.64
N HIS E 89 -39.46 17.65 10.79
CA HIS E 89 -40.29 17.40 11.97
C HIS E 89 -39.60 16.35 12.86
N PRO E 90 -39.72 16.46 14.19
CA PRO E 90 -39.18 15.42 15.06
C PRO E 90 -39.48 14.02 14.52
N VAL E 91 -40.73 13.84 14.08
CA VAL E 91 -41.21 12.60 13.47
C VAL E 91 -40.49 12.27 12.14
N GLN E 92 -40.24 13.28 11.34
CA GLN E 92 -39.57 13.14 10.03
C GLN E 92 -38.11 12.73 10.13
N GLN E 93 -37.33 13.48 10.91
CA GLN E 93 -35.94 13.10 11.20
C GLN E 93 -35.89 11.68 11.75
N ALA E 94 -36.75 11.40 12.72
CA ALA E 94 -36.81 10.10 13.38
C ALA E 94 -36.79 8.94 12.39
N MET E 95 -37.65 9.02 11.37
CA MET E 95 -37.79 7.97 10.37
C MET E 95 -36.58 7.83 9.45
N ILE E 96 -35.77 8.88 9.36
CA ILE E 96 -34.54 8.87 8.55
C ILE E 96 -33.42 8.09 9.26
N ASP E 97 -33.15 8.42 10.52
CA ASP E 97 -32.08 7.76 11.29
C ASP E 97 -32.47 6.35 11.72
N HIS E 98 -33.76 6.14 11.98
CA HIS E 98 -34.23 4.83 12.43
C HIS E 98 -34.68 3.92 11.28
N HIS E 99 -34.52 4.41 10.05
CA HIS E 99 -34.80 3.66 8.83
C HIS E 99 -36.25 3.13 8.72
N GLY E 100 -37.22 3.99 9.01
CA GLY E 100 -38.63 3.60 8.93
C GLY E 100 -39.23 3.70 7.54
N SER E 101 -38.36 3.75 6.54
CA SER E 101 -38.73 3.94 5.14
C SER E 101 -37.89 3.03 4.23
N GLN E 102 -38.54 2.28 3.34
CA GLN E 102 -37.79 1.46 2.35
C GLN E 102 -38.01 1.86 0.89
N CYS E 103 -39.23 1.67 0.39
CA CYS E 103 -39.60 2.20 -0.92
C CYS E 103 -40.05 3.66 -0.78
N GLY E 104 -40.66 3.97 0.36
CA GLY E 104 -41.04 5.34 0.72
C GLY E 104 -42.50 5.71 0.53
N PHE E 105 -43.21 4.91 -0.27
CA PHE E 105 -44.61 5.17 -0.68
C PHE E 105 -45.60 5.32 0.46
N CYS E 106 -45.43 4.55 1.53
CA CYS E 106 -46.35 4.59 2.67
C CYS E 106 -45.95 5.65 3.70
N THR E 107 -44.70 6.11 3.61
CA THR E 107 -44.12 7.06 4.56
C THR E 107 -44.85 8.41 4.67
N PRO E 108 -45.38 8.97 3.55
CA PRO E 108 -46.26 10.15 3.71
C PRO E 108 -47.47 9.82 4.57
N GLY E 109 -48.03 8.63 4.38
CA GLY E 109 -49.12 8.12 5.21
C GLY E 109 -48.74 8.04 6.69
N PHE E 110 -47.62 7.38 6.97
CA PHE E 110 -47.13 7.26 8.35
C PHE E 110 -46.76 8.61 9.00
N ILE E 111 -45.94 9.41 8.29
CA ILE E 111 -45.45 10.70 8.80
C ILE E 111 -46.59 11.58 9.34
N VAL E 112 -47.62 11.76 8.51
CA VAL E 112 -48.78 12.57 8.87
C VAL E 112 -49.53 11.95 10.05
N SER E 113 -49.76 10.64 9.97
CA SER E 113 -50.44 9.91 11.05
C SER E 113 -49.67 10.00 12.37
N MET E 114 -48.34 9.94 12.28
CA MET E 114 -47.46 10.04 13.45
C MET E 114 -47.43 11.44 14.04
N ALA E 115 -47.29 12.44 13.17
CA ALA E 115 -47.28 13.85 13.58
C ALA E 115 -48.60 14.26 14.22
N ALA E 116 -49.70 13.71 13.73
CA ALA E 116 -51.01 13.92 14.35
C ALA E 116 -50.99 13.42 15.78
N ALA E 117 -50.52 12.18 15.96
CA ALA E 117 -50.36 11.57 17.27
C ALA E 117 -49.38 12.37 18.12
N HIS E 118 -48.30 12.84 17.49
CA HIS E 118 -47.26 13.62 18.17
C HIS E 118 -47.77 15.00 18.61
N ASP E 119 -48.70 15.56 17.83
CA ASP E 119 -49.27 16.86 18.16
C ASP E 119 -50.16 16.77 19.39
N ARG E 120 -50.88 15.65 19.53
CA ARG E 120 -51.74 15.43 20.69
C ARG E 120 -51.10 14.57 21.78
N ASP E 121 -49.79 14.38 21.67
CA ASP E 121 -48.98 13.61 22.65
C ASP E 121 -49.56 12.21 22.87
N ARG E 122 -50.07 11.60 21.81
CA ARG E 122 -50.63 10.26 21.87
C ARG E 122 -49.53 9.22 21.66
N LYS E 123 -49.61 8.10 22.38
CA LYS E 123 -48.54 7.11 22.35
C LYS E 123 -48.92 5.68 21.97
N ASP E 124 -50.22 5.39 21.83
CA ASP E 124 -50.67 4.04 21.46
C ASP E 124 -50.49 3.73 19.95
N TYR E 125 -49.23 3.51 19.57
CA TYR E 125 -48.85 3.44 18.16
C TYR E 125 -49.40 2.23 17.38
N ASP E 126 -49.65 1.13 18.08
CA ASP E 126 -50.19 -0.09 17.46
C ASP E 126 -51.63 0.08 17.02
N ASP E 127 -52.30 1.08 17.60
CA ASP E 127 -53.70 1.41 17.29
C ASP E 127 -53.83 2.67 16.47
N LEU E 128 -53.02 3.67 16.82
CA LEU E 128 -52.95 4.91 16.05
C LEU E 128 -52.55 4.60 14.62
N LEU E 129 -51.46 3.86 14.49
CA LEU E 129 -50.87 3.58 13.20
C LEU E 129 -51.33 2.24 12.64
N ALA E 130 -52.37 1.64 13.23
CA ALA E 130 -52.95 0.42 12.68
C ALA E 130 -53.43 0.68 11.26
N GLY E 131 -54.06 1.85 11.08
CA GLY E 131 -54.53 2.32 9.78
C GLY E 131 -53.49 2.34 8.67
N ASN E 132 -52.31 2.86 8.99
CA ASN E 132 -51.21 2.90 8.01
C ASN E 132 -50.50 1.55 7.97
N LEU E 133 -50.69 0.80 6.89
CA LEU E 133 -49.99 -0.47 6.73
C LEU E 133 -48.89 -0.37 5.68
N CYS E 134 -47.77 -1.03 5.98
CA CYS E 134 -46.56 -0.99 5.16
C CYS E 134 -46.12 -2.41 4.82
N ARG E 135 -45.80 -2.64 3.55
CA ARG E 135 -45.33 -3.96 3.13
C ARG E 135 -43.87 -4.20 3.47
N CYS E 136 -43.06 -3.14 3.43
CA CYS E 136 -41.60 -3.23 3.40
C CYS E 136 -40.85 -3.55 4.71
N THR E 137 -41.07 -2.72 5.73
CA THR E 137 -40.17 -2.65 6.88
C THR E 137 -40.35 -3.74 7.95
N GLY E 138 -41.59 -4.03 8.31
CA GLY E 138 -41.87 -4.86 9.47
C GLY E 138 -42.28 -4.04 10.67
N TYR E 139 -42.51 -2.74 10.43
CA TYR E 139 -42.97 -1.77 11.42
C TYR E 139 -41.99 -1.47 12.54
N ALA E 140 -41.15 -2.46 12.88
CA ALA E 140 -40.15 -2.32 13.95
C ALA E 140 -39.35 -1.00 13.90
N PRO E 141 -38.92 -0.56 12.71
CA PRO E 141 -38.20 0.71 12.62
C PRO E 141 -39.10 1.93 12.83
N ILE E 142 -40.33 1.83 12.34
CA ILE E 142 -41.31 2.92 12.44
C ILE E 142 -41.70 3.11 13.91
N LEU E 143 -41.76 2.02 14.66
CA LEU E 143 -41.99 2.07 16.10
C LEU E 143 -40.82 2.73 16.84
N ARG E 144 -39.60 2.42 16.39
CA ARG E 144 -38.37 3.00 16.95
C ARG E 144 -38.33 4.52 16.75
N ALA E 145 -38.70 4.94 15.54
CA ALA E 145 -38.78 6.36 15.20
C ALA E 145 -39.82 7.06 16.06
N ALA E 146 -40.98 6.44 16.21
CA ALA E 146 -42.10 7.01 16.95
C ALA E 146 -41.71 7.36 18.39
N GLU E 147 -41.04 6.43 19.06
CA GLU E 147 -40.64 6.61 20.45
C GLU E 147 -39.48 7.60 20.59
N ALA E 148 -38.65 7.69 19.56
CA ALA E 148 -37.56 8.66 19.51
C ALA E 148 -38.09 10.08 19.31
N ALA E 149 -39.03 10.22 18.36
CA ALA E 149 -39.67 11.50 18.06
C ALA E 149 -40.55 12.01 19.19
N ALA E 150 -41.06 11.09 20.00
CA ALA E 150 -41.83 11.42 21.20
C ALA E 150 -40.98 12.15 22.22
N GLY E 151 -39.67 11.95 22.15
CA GLY E 151 -38.71 12.64 23.02
C GLY E 151 -38.56 14.12 22.71
N GLU E 152 -38.91 14.53 21.50
CA GLU E 152 -38.72 15.91 21.04
C GLU E 152 -39.96 16.79 21.20
N PRO E 153 -39.76 18.07 21.61
CA PRO E 153 -40.85 19.04 21.74
C PRO E 153 -41.75 19.10 20.49
N PRO E 154 -43.07 19.26 20.68
CA PRO E 154 -44.04 19.35 19.58
C PRO E 154 -43.72 20.48 18.59
N ALA E 155 -44.25 20.37 17.37
CA ALA E 155 -43.97 21.35 16.33
C ALA E 155 -44.80 22.61 16.54
N ASP E 156 -44.12 23.73 16.78
CA ASP E 156 -44.80 24.99 17.09
C ASP E 156 -45.44 25.67 15.88
N TRP E 157 -45.13 25.17 14.68
CA TRP E 157 -45.71 25.71 13.46
C TRP E 157 -47.05 25.05 13.12
N LEU E 158 -47.15 23.75 13.40
CA LEU E 158 -48.40 23.01 13.24
C LEU E 158 -49.41 23.44 14.30
N GLN E 159 -48.90 23.83 15.46
CA GLN E 159 -49.72 24.32 16.56
C GLN E 159 -50.47 25.60 16.16
N ALA E 160 -49.79 26.48 15.43
CA ALA E 160 -50.33 27.79 15.04
C ALA E 160 -51.54 27.75 14.10
N ASP E 161 -51.82 26.56 13.55
CA ASP E 161 -53.01 26.34 12.72
C ASP E 161 -54.32 26.46 13.51
N ALA E 162 -54.24 26.29 14.82
CA ALA E 162 -55.40 26.27 15.71
C ALA E 162 -56.05 27.65 15.95
N ALA E 163 -55.45 28.69 15.38
CA ALA E 163 -55.97 30.04 15.49
C ALA E 163 -56.92 30.39 14.34
N PHE E 164 -57.51 29.37 13.73
CA PHE E 164 -58.32 29.54 12.51
C PHE E 164 -59.84 29.66 12.73
N THR E 165 -60.46 30.55 11.97
CA THR E 165 -61.93 30.83 11.93
C THR E 165 -62.59 31.29 13.24
N LEU E 166 -61.82 31.31 14.33
CA LEU E 166 -62.34 31.68 15.65
C LEU E 166 -62.39 33.19 15.83
N PRO E 179 -76.91 23.64 -3.58
CA PRO E 179 -75.77 22.95 -4.17
C PRO E 179 -75.50 21.64 -3.44
N ALA E 180 -75.39 21.72 -2.12
CA ALA E 180 -75.27 20.56 -1.23
C ALA E 180 -75.50 21.04 0.20
N PHE E 181 -76.41 20.38 0.90
CA PHE E 181 -76.89 20.87 2.19
C PHE E 181 -75.94 20.59 3.35
N LEU E 182 -75.73 21.61 4.17
CA LEU E 182 -74.90 21.50 5.36
C LEU E 182 -75.64 22.09 6.56
N PRO E 183 -76.39 21.24 7.30
CA PRO E 183 -77.13 21.72 8.46
C PRO E 183 -76.21 22.09 9.63
N GLU E 184 -76.69 22.95 10.51
CA GLU E 184 -75.92 23.42 11.66
C GLU E 184 -76.55 22.96 12.98
N THR E 185 -77.87 22.84 12.97
CA THR E 185 -78.63 22.33 14.13
C THR E 185 -79.63 21.27 13.70
N SER E 186 -79.79 20.24 14.53
CA SER E 186 -80.65 19.09 14.22
C SER E 186 -82.05 19.48 13.74
N ASP E 187 -82.55 20.60 14.27
CA ASP E 187 -83.82 21.16 13.84
C ASP E 187 -83.80 21.45 12.35
N ALA E 188 -82.82 22.25 11.92
CA ALA E 188 -82.67 22.64 10.52
C ALA E 188 -82.57 21.41 9.61
N LEU E 189 -81.99 20.34 10.14
CA LEU E 189 -81.89 19.08 9.40
C LEU E 189 -83.25 18.39 9.25
N ALA E 190 -83.90 18.11 10.39
CA ALA E 190 -85.21 17.45 10.41
C ALA E 190 -86.20 18.16 9.50
N ASP E 191 -86.11 19.49 9.45
CA ASP E 191 -86.91 20.31 8.55
C ASP E 191 -86.62 19.99 7.08
N TRP E 192 -85.34 20.02 6.71
CA TRP E 192 -84.90 19.83 5.32
C TRP E 192 -85.18 18.43 4.79
N TYR E 193 -84.85 17.42 5.61
CA TYR E 193 -85.03 16.02 5.24
C TYR E 193 -86.51 15.66 5.17
N LEU E 194 -87.32 16.42 5.89
CA LEU E 194 -88.78 16.29 5.82
C LEU E 194 -89.27 16.66 4.43
N ALA E 195 -88.71 17.73 3.87
CA ALA E 195 -89.09 18.19 2.54
C ALA E 195 -88.38 17.40 1.42
N HIS E 196 -87.28 16.74 1.75
CA HIS E 196 -86.51 15.98 0.76
C HIS E 196 -86.40 14.51 1.11
N PRO E 197 -87.30 13.69 0.55
CA PRO E 197 -87.44 12.27 0.88
C PRO E 197 -86.18 11.45 0.65
N GLU E 198 -85.89 11.12 -0.60
CA GLU E 198 -84.78 10.19 -0.90
C GLU E 198 -83.41 10.87 -0.98
N ALA E 199 -83.14 11.80 -0.06
CA ALA E 199 -81.86 12.50 -0.01
C ALA E 199 -80.77 11.62 0.60
N THR E 200 -79.56 11.71 0.05
CA THR E 200 -78.42 10.96 0.55
C THR E 200 -77.76 11.71 1.71
N LEU E 201 -77.90 11.16 2.92
CA LEU E 201 -77.28 11.76 4.10
C LEU E 201 -75.83 11.30 4.25
N ILE E 202 -74.97 12.22 4.69
CA ILE E 202 -73.55 11.93 4.87
C ILE E 202 -73.07 12.46 6.22
N ALA E 203 -72.60 11.55 7.07
CA ALA E 203 -72.03 11.92 8.35
C ALA E 203 -70.52 11.84 8.27
N GLY E 204 -69.97 10.62 8.31
CA GLY E 204 -68.54 10.39 8.20
C GLY E 204 -68.11 9.99 6.80
N GLY E 205 -69.09 9.53 6.03
CA GLY E 205 -68.87 9.15 4.63
C GLY E 205 -67.87 8.05 4.43
N THR E 206 -67.77 7.16 5.42
CA THR E 206 -66.86 6.02 5.34
C THR E 206 -67.53 4.84 4.62
N ASP E 207 -68.83 4.95 4.39
CA ASP E 207 -69.60 3.95 3.65
C ASP E 207 -70.23 4.54 2.39
N VAL E 208 -70.61 5.81 2.47
CA VAL E 208 -71.23 6.54 1.34
C VAL E 208 -70.25 6.68 0.18
N SER E 209 -69.01 7.05 0.51
CA SER E 209 -67.98 7.37 -0.48
C SER E 209 -67.56 6.15 -1.28
N LEU E 210 -67.66 4.97 -0.65
CA LEU E 210 -67.33 3.71 -1.33
C LEU E 210 -68.28 3.46 -2.51
N TRP E 211 -69.48 4.05 -2.45
CA TRP E 211 -70.44 4.00 -3.57
C TRP E 211 -70.06 4.93 -4.70
N VAL E 212 -69.21 5.92 -4.42
CA VAL E 212 -68.77 6.85 -5.47
C VAL E 212 -67.37 6.51 -6.00
N THR E 213 -66.49 6.05 -5.12
CA THR E 213 -65.12 5.69 -5.49
C THR E 213 -65.08 4.33 -6.17
N LYS E 214 -65.66 3.32 -5.51
CA LYS E 214 -65.61 1.94 -5.98
C LYS E 214 -66.84 1.58 -6.82
N ALA E 215 -68.02 1.77 -6.23
CA ALA E 215 -69.30 1.45 -6.88
C ALA E 215 -69.76 2.52 -7.89
N LEU E 216 -69.06 3.65 -7.91
CA LEU E 216 -69.23 4.73 -8.91
C LEU E 216 -70.69 5.16 -9.18
N ARG E 217 -71.47 5.28 -8.10
CA ARG E 217 -72.88 5.68 -8.17
C ARG E 217 -73.04 7.19 -7.96
N ASP E 218 -73.89 7.81 -8.79
CA ASP E 218 -74.17 9.24 -8.70
C ASP E 218 -75.33 9.49 -7.72
N LEU E 219 -75.08 10.36 -6.74
CA LEU E 219 -76.07 10.67 -5.71
C LEU E 219 -76.36 12.17 -5.57
N PRO E 220 -77.30 12.71 -6.38
CA PRO E 220 -77.75 14.11 -6.22
C PRO E 220 -78.58 14.32 -4.94
N GLU E 221 -78.68 15.58 -4.51
CA GLU E 221 -79.43 15.99 -3.30
C GLU E 221 -78.87 15.36 -2.03
N VAL E 222 -77.81 15.97 -1.50
CA VAL E 222 -77.03 15.41 -0.37
C VAL E 222 -76.98 16.34 0.84
N ALA E 223 -76.70 15.76 2.00
CA ALA E 223 -76.58 16.52 3.24
C ALA E 223 -75.41 16.08 4.11
N PHE E 224 -74.56 17.04 4.49
CA PHE E 224 -73.40 16.78 5.35
C PHE E 224 -73.70 17.06 6.82
N LEU E 225 -73.98 15.99 7.54
CA LEU E 225 -74.42 16.06 8.94
C LEU E 225 -73.32 16.51 9.89
N SER E 226 -72.06 16.19 9.54
CA SER E 226 -70.89 16.47 10.37
C SER E 226 -70.61 17.98 10.56
N HIS E 227 -71.68 18.76 10.74
CA HIS E 227 -71.58 20.18 11.10
C HIS E 227 -72.65 20.53 12.13
N CYS E 228 -73.62 19.63 12.31
CA CYS E 228 -74.63 19.74 13.36
C CYS E 228 -74.05 19.39 14.71
N LYS E 229 -73.69 20.41 15.48
CA LYS E 229 -73.07 20.20 16.78
C LYS E 229 -73.98 19.42 17.73
N ASP E 230 -75.27 19.77 17.76
CA ASP E 230 -76.22 19.15 18.68
C ASP E 230 -76.59 17.71 18.31
N LEU E 231 -76.23 17.30 17.10
CA LEU E 231 -76.47 15.94 16.64
C LEU E 231 -75.42 14.99 17.22
N ALA E 232 -74.21 15.52 17.42
CA ALA E 232 -73.12 14.80 18.05
C ALA E 232 -72.95 15.26 19.50
N GLN E 233 -73.68 14.62 20.42
CA GLN E 233 -73.69 15.07 21.83
C GLN E 233 -73.62 13.95 22.87
N ILE E 234 -72.56 14.01 23.69
CA ILE E 234 -72.45 13.14 24.86
C ILE E 234 -73.23 13.77 26.01
N ARG E 235 -74.29 13.09 26.44
CA ARG E 235 -75.28 13.69 27.34
C ARG E 235 -75.73 12.70 28.42
N GLU E 236 -75.90 13.21 29.65
CA GLU E 236 -76.32 12.35 30.74
C GLU E 236 -77.80 12.53 31.13
N THR E 237 -78.52 11.40 31.08
CA THR E 237 -79.94 11.32 31.42
C THR E 237 -80.10 10.47 32.70
N PRO E 238 -81.29 10.47 33.35
CA PRO E 238 -81.44 9.71 34.61
C PRO E 238 -81.25 8.20 34.43
N ASP E 239 -81.70 7.67 33.29
CA ASP E 239 -81.62 6.24 32.99
C ASP E 239 -80.23 5.79 32.54
N GLY E 240 -79.57 6.62 31.73
CA GLY E 240 -78.24 6.29 31.22
C GLY E 240 -77.52 7.44 30.55
N TYR E 241 -77.08 7.19 29.33
CA TYR E 241 -76.27 8.16 28.58
C TYR E 241 -76.85 8.43 27.19
N GLY E 242 -77.19 9.69 26.95
CA GLY E 242 -77.65 10.13 25.63
C GLY E 242 -76.49 10.44 24.71
N ILE E 243 -76.13 9.47 23.87
CA ILE E 243 -75.12 9.65 22.84
C ILE E 243 -75.80 10.01 21.52
N GLY E 244 -75.43 11.16 20.98
CA GLY E 244 -75.96 11.63 19.71
C GLY E 244 -75.47 10.80 18.54
N ALA E 245 -76.22 10.83 17.45
CA ALA E 245 -75.90 10.03 16.27
C ALA E 245 -74.59 10.45 15.62
N GLY E 246 -74.26 11.74 15.72
CA GLY E 246 -73.05 12.30 15.09
C GLY E 246 -71.77 12.08 15.88
N VAL E 247 -71.88 11.49 17.06
CA VAL E 247 -70.72 11.18 17.89
C VAL E 247 -69.90 10.09 17.22
N THR E 248 -68.63 10.39 16.97
CA THR E 248 -67.73 9.47 16.26
C THR E 248 -67.28 8.29 17.10
N ILE E 249 -66.98 7.17 16.42
CA ILE E 249 -66.62 5.91 17.07
C ILE E 249 -65.51 6.07 18.12
N ALA E 250 -64.42 6.74 17.76
CA ALA E 250 -63.30 6.95 18.68
C ALA E 250 -63.70 7.81 19.88
N ALA E 251 -64.54 8.81 19.62
CA ALA E 251 -65.05 9.70 20.66
C ALA E 251 -65.98 8.96 21.62
N LEU E 252 -66.81 8.08 21.08
CA LEU E 252 -67.67 7.22 21.89
C LEU E 252 -66.85 6.18 22.65
N ARG E 253 -65.78 5.71 22.03
CA ARG E 253 -64.84 4.79 22.68
C ARG E 253 -64.12 5.49 23.81
N ALA E 254 -63.66 6.70 23.55
CA ALA E 254 -63.03 7.53 24.57
C ALA E 254 -63.98 7.76 25.74
N PHE E 255 -65.27 7.92 25.43
CA PHE E 255 -66.32 8.03 26.44
C PHE E 255 -66.58 6.69 27.14
N ALA E 256 -66.57 5.60 26.37
CA ALA E 256 -66.81 4.25 26.88
C ALA E 256 -65.65 3.70 27.70
N GLU E 257 -64.48 4.34 27.59
CA GLU E 257 -63.28 3.94 28.33
C GLU E 257 -63.57 3.80 29.83
N GLY E 258 -64.54 4.57 30.31
CA GLY E 258 -64.93 4.59 31.72
C GLY E 258 -66.17 3.77 32.06
N PRO E 259 -67.36 4.27 31.71
CA PRO E 259 -68.64 3.63 32.06
C PRO E 259 -68.87 2.24 31.46
N HIS E 260 -68.40 2.01 30.24
CA HIS E 260 -68.50 0.70 29.60
C HIS E 260 -67.17 0.30 28.97
N PRO E 261 -66.18 -0.10 29.80
CA PRO E 261 -64.86 -0.51 29.28
C PRO E 261 -64.97 -1.68 28.31
N ALA E 262 -66.08 -2.40 28.37
CA ALA E 262 -66.38 -3.47 27.43
C ALA E 262 -66.59 -2.91 26.02
N LEU E 263 -67.41 -1.86 25.90
CA LEU E 263 -67.65 -1.20 24.61
C LEU E 263 -66.35 -0.66 24.04
N ALA E 264 -65.57 0.00 24.90
CA ALA E 264 -64.25 0.52 24.56
C ALA E 264 -63.37 -0.60 24.02
N GLY E 265 -63.40 -1.74 24.72
CA GLY E 265 -62.67 -2.95 24.31
C GLY E 265 -62.93 -3.35 22.87
N LEU E 266 -64.20 -3.43 22.49
CA LEU E 266 -64.56 -3.75 21.11
C LEU E 266 -64.22 -2.63 20.13
N LEU E 267 -64.52 -1.39 20.51
CA LEU E 267 -64.37 -0.24 19.60
C LEU E 267 -62.92 0.07 19.18
N ARG E 268 -61.94 -0.48 19.92
CA ARG E 268 -60.53 -0.33 19.58
C ARG E 268 -60.19 -1.12 18.31
N ARG E 269 -60.92 -2.21 18.10
CA ARG E 269 -60.79 -3.02 16.89
C ARG E 269 -61.90 -2.74 15.88
N PHE E 270 -62.53 -1.57 16.01
CA PHE E 270 -63.47 -1.07 15.00
C PHE E 270 -62.65 -0.24 14.02
N ALA E 271 -62.63 -0.69 12.77
CA ALA E 271 -61.90 0.00 11.69
C ALA E 271 -60.44 0.35 12.04
N SER E 272 -60.09 1.61 11.81
CA SER E 272 -58.78 2.14 12.12
C SER E 272 -58.92 3.47 12.83
N GLU E 273 -57.83 3.94 13.42
CA GLU E 273 -57.80 5.24 14.09
C GLU E 273 -58.29 6.37 13.19
N GLN E 274 -57.97 6.29 11.91
CA GLN E 274 -58.31 7.35 10.96
C GLN E 274 -59.76 7.30 10.47
N VAL E 275 -60.37 6.12 10.55
CA VAL E 275 -61.78 5.95 10.21
C VAL E 275 -62.63 6.18 11.44
N ARG E 276 -62.08 5.84 12.61
CA ARG E 276 -62.73 6.09 13.88
C ARG E 276 -62.87 7.58 14.22
N GLN E 277 -62.03 8.41 13.61
CA GLN E 277 -62.11 9.86 13.79
C GLN E 277 -63.26 10.50 13.02
N VAL E 278 -63.76 9.80 12.00
CA VAL E 278 -64.83 10.33 11.15
C VAL E 278 -66.15 9.53 11.21
N ALA E 279 -66.05 8.20 11.11
CA ALA E 279 -67.23 7.32 11.17
C ALA E 279 -67.99 7.50 12.47
N THR E 280 -69.32 7.57 12.37
CA THR E 280 -70.15 7.84 13.54
C THR E 280 -70.97 6.61 13.96
N ILE E 281 -71.56 6.69 15.14
CA ILE E 281 -72.39 5.60 15.67
C ILE E 281 -73.78 5.57 15.05
N GLY E 282 -74.33 6.76 14.82
CA GLY E 282 -75.61 6.92 14.13
C GLY E 282 -75.56 6.51 12.67
N GLY E 283 -74.45 6.82 12.01
CA GLY E 283 -74.21 6.37 10.64
C GLY E 283 -73.87 4.89 10.55
N ASN E 284 -73.38 4.33 11.65
CA ASN E 284 -73.09 2.91 11.75
C ASN E 284 -74.38 2.11 11.76
N ILE E 285 -75.23 2.43 12.73
CA ILE E 285 -76.57 1.84 12.89
C ILE E 285 -77.42 2.01 11.62
N ALA E 286 -77.40 3.22 11.06
CA ALA E 286 -78.18 3.56 9.88
C ALA E 286 -77.74 2.81 8.63
N ASN E 287 -76.48 2.36 8.63
CA ASN E 287 -75.95 1.57 7.52
C ASN E 287 -76.62 0.20 7.44
N GLY E 288 -77.02 -0.33 8.59
CA GLY E 288 -77.74 -1.59 8.68
C GLY E 288 -76.94 -2.82 8.27
N SER E 289 -75.64 -2.78 8.53
CA SER E 289 -74.73 -3.90 8.24
C SER E 289 -74.90 -5.04 9.26
N PRO E 290 -75.15 -6.27 8.77
CA PRO E 290 -75.12 -7.45 9.65
C PRO E 290 -73.75 -7.65 10.30
N ILE E 291 -72.68 -7.30 9.58
CA ILE E 291 -71.31 -7.37 10.10
C ILE E 291 -70.84 -6.06 10.76
N GLY E 292 -71.79 -5.17 11.04
CA GLY E 292 -71.51 -3.92 11.75
C GLY E 292 -71.31 -4.16 13.24
N ASP E 293 -70.13 -3.81 13.74
CA ASP E 293 -69.72 -4.10 15.12
C ASP E 293 -70.36 -3.20 16.19
N GLY E 294 -71.00 -2.13 15.75
CA GLY E 294 -71.74 -1.25 16.65
C GLY E 294 -72.90 -1.98 17.30
N PRO E 295 -73.99 -2.21 16.53
CA PRO E 295 -75.20 -2.90 16.98
C PRO E 295 -75.02 -3.95 18.09
N PRO E 296 -74.39 -5.12 17.80
CA PRO E 296 -74.33 -6.19 18.80
C PRO E 296 -73.87 -5.72 20.18
N ALA E 297 -72.91 -4.80 20.22
CA ALA E 297 -72.39 -4.24 21.48
C ALA E 297 -73.48 -3.50 22.25
N LEU E 298 -74.20 -2.61 21.58
CA LEU E 298 -75.34 -1.90 22.16
C LEU E 298 -76.46 -2.85 22.58
N ILE E 299 -76.81 -3.80 21.70
CA ILE E 299 -77.91 -4.73 21.92
C ILE E 299 -77.67 -5.56 23.18
N ALA E 300 -76.42 -5.99 23.36
CA ALA E 300 -76.04 -6.78 24.52
C ALA E 300 -76.27 -6.02 25.84
N MET E 301 -76.00 -4.72 25.83
CA MET E 301 -76.28 -3.87 27.00
C MET E 301 -77.63 -3.17 26.90
N GLY E 302 -78.39 -3.52 25.87
CA GLY E 302 -79.79 -3.08 25.73
C GLY E 302 -80.03 -1.61 25.48
N ALA E 303 -79.13 -0.98 24.72
CA ALA E 303 -79.25 0.44 24.40
C ALA E 303 -80.53 0.71 23.60
N SER E 304 -81.15 1.86 23.86
CA SER E 304 -82.35 2.29 23.14
C SER E 304 -82.03 3.33 22.05
N LEU E 305 -82.71 3.20 20.91
CA LEU E 305 -82.50 4.06 19.75
C LEU E 305 -83.62 5.10 19.62
N THR E 306 -83.24 6.36 19.38
CA THR E 306 -84.23 7.41 19.11
C THR E 306 -84.21 7.82 17.63
N LEU E 307 -85.36 7.64 16.98
CA LEU E 307 -85.58 8.07 15.59
C LEU E 307 -86.30 9.41 15.55
N ARG E 308 -86.10 10.15 14.46
CA ARG E 308 -86.68 11.48 14.34
C ARG E 308 -87.22 11.75 12.92
N ARG E 309 -88.37 12.41 12.85
CA ARG E 309 -89.03 12.72 11.59
C ARG E 309 -89.69 14.10 11.70
N GLY E 310 -88.92 15.15 11.40
CA GLY E 310 -89.40 16.52 11.51
C GLY E 310 -89.46 16.99 12.95
N GLN E 311 -90.57 16.69 13.61
CA GLN E 311 -90.69 16.97 15.04
C GLN E 311 -91.10 15.73 15.82
N GLU E 312 -91.38 14.65 15.11
CA GLU E 312 -91.68 13.35 15.69
C GLU E 312 -90.44 12.73 16.34
N ARG E 313 -90.63 11.96 17.40
CA ARG E 313 -89.54 11.20 18.02
C ARG E 313 -89.99 9.78 18.37
N ARG E 314 -89.39 8.81 17.69
CA ARG E 314 -89.66 7.39 17.96
C ARG E 314 -88.58 6.81 18.86
N ARG E 315 -88.96 5.87 19.70
CA ARG E 315 -88.03 5.21 20.61
C ARG E 315 -88.22 3.70 20.60
N MET E 316 -87.10 2.97 20.62
CA MET E 316 -87.15 1.52 20.51
C MET E 316 -85.85 0.86 20.98
N PRO E 317 -85.93 -0.41 21.40
CA PRO E 317 -84.71 -1.20 21.60
C PRO E 317 -83.98 -1.34 20.27
N LEU E 318 -82.65 -1.23 20.31
CA LEU E 318 -81.85 -1.21 19.08
C LEU E 318 -82.11 -2.39 18.15
N GLU E 319 -82.29 -3.57 18.73
CA GLU E 319 -82.50 -4.78 17.94
C GLU E 319 -83.81 -4.75 17.14
N ASP E 320 -84.77 -3.94 17.61
CA ASP E 320 -86.06 -3.78 16.93
C ASP E 320 -85.97 -2.99 15.63
N PHE E 321 -84.87 -2.25 15.45
CA PHE E 321 -84.66 -1.39 14.28
C PHE E 321 -84.25 -2.17 13.02
N PHE E 322 -83.60 -3.31 13.22
CA PHE E 322 -83.14 -4.15 12.13
C PHE E 322 -84.17 -5.24 11.81
N LEU E 323 -84.98 -4.98 10.78
CA LEU E 323 -86.00 -5.93 10.34
C LEU E 323 -85.36 -7.02 9.48
N GLU E 324 -85.53 -6.91 8.16
CA GLU E 324 -84.92 -7.82 7.19
C GLU E 324 -83.48 -7.38 6.89
N TYR E 325 -82.80 -8.12 6.02
CA TYR E 325 -81.48 -7.73 5.50
C TYR E 325 -81.62 -6.47 4.65
N ARG E 326 -80.82 -5.45 4.99
CA ARG E 326 -80.86 -4.12 4.36
C ARG E 326 -82.25 -3.48 4.35
N LYS E 327 -83.11 -3.88 5.29
CA LYS E 327 -84.43 -3.29 5.46
C LYS E 327 -84.59 -2.88 6.93
N GLN E 328 -84.69 -1.57 7.17
CA GLN E 328 -84.73 -1.03 8.53
C GLN E 328 -86.07 -0.39 8.85
N ASP E 329 -86.30 -0.12 10.13
CA ASP E 329 -87.51 0.55 10.57
C ASP E 329 -87.32 2.08 10.54
N ARG E 330 -87.29 2.61 9.33
CA ARG E 330 -86.98 4.01 9.09
C ARG E 330 -87.87 4.48 7.94
N ARG E 331 -89.02 5.03 8.28
CA ARG E 331 -90.03 5.44 7.31
C ARG E 331 -89.51 6.50 6.34
N PRO E 332 -90.19 6.66 5.18
CA PRO E 332 -89.87 7.76 4.28
C PRO E 332 -89.88 9.12 4.99
N GLY E 333 -88.71 9.62 5.37
CA GLY E 333 -88.57 10.92 6.01
C GLY E 333 -87.94 10.91 7.40
N GLU E 334 -87.51 9.74 7.85
CA GLU E 334 -86.89 9.58 9.17
C GLU E 334 -85.36 9.62 9.15
N PHE E 335 -84.76 9.91 10.30
CA PHE E 335 -83.31 9.82 10.50
C PHE E 335 -82.93 9.40 11.93
N VAL E 336 -81.69 8.97 12.11
CA VAL E 336 -81.17 8.58 13.41
C VAL E 336 -80.71 9.82 14.18
N GLU E 337 -81.32 10.07 15.34
CA GLU E 337 -81.07 11.28 16.13
C GLU E 337 -80.09 11.03 17.27
N SER E 338 -80.27 9.92 17.97
CA SER E 338 -79.41 9.53 19.09
C SER E 338 -79.64 8.08 19.54
N VAL E 339 -78.70 7.57 20.34
CA VAL E 339 -78.88 6.31 21.08
C VAL E 339 -78.62 6.50 22.56
N THR E 340 -79.46 5.88 23.38
CA THR E 340 -79.27 5.91 24.82
C THR E 340 -78.85 4.53 25.30
N LEU E 341 -77.85 4.51 26.18
CA LEU E 341 -77.36 3.26 26.79
C LEU E 341 -77.32 3.42 28.31
N PRO E 342 -77.57 2.32 29.05
CA PRO E 342 -77.70 2.38 30.52
C PRO E 342 -76.45 2.92 31.21
N LYS E 343 -76.60 3.40 32.44
CA LYS E 343 -75.49 3.94 33.21
C LYS E 343 -74.39 2.91 33.43
N SER E 344 -74.78 1.66 33.69
CA SER E 344 -73.83 0.59 33.93
C SER E 344 -74.30 -0.76 33.39
N ALA E 345 -73.40 -1.45 32.71
CA ALA E 345 -73.61 -2.84 32.27
C ALA E 345 -72.33 -3.65 32.52
N PRO E 346 -72.04 -3.97 33.80
CA PRO E 346 -70.79 -4.58 34.22
C PRO E 346 -70.61 -6.02 33.74
N GLY E 347 -71.72 -6.67 33.39
CA GLY E 347 -71.67 -8.03 32.89
C GLY E 347 -71.19 -8.16 31.46
N LEU E 348 -71.24 -7.05 30.72
CA LEU E 348 -70.99 -7.05 29.27
C LEU E 348 -69.60 -7.49 28.88
N ARG E 349 -69.53 -8.35 27.87
CA ARG E 349 -68.29 -8.67 27.18
C ARG E 349 -68.53 -8.64 25.68
N CYS E 350 -67.49 -8.32 24.91
CA CYS E 350 -67.58 -8.21 23.46
C CYS E 350 -66.40 -8.84 22.74
N TYR E 351 -66.68 -9.86 21.93
CA TYR E 351 -65.64 -10.62 21.25
C TYR E 351 -65.73 -10.46 19.74
N LYS E 352 -64.64 -9.97 19.14
CA LYS E 352 -64.53 -9.84 17.69
C LYS E 352 -63.63 -10.92 17.10
N LEU E 353 -64.20 -11.77 16.25
CA LEU E 353 -63.41 -12.82 15.59
C LEU E 353 -63.19 -12.51 14.12
N SER E 354 -61.92 -12.39 13.73
CA SER E 354 -61.53 -12.02 12.37
C SER E 354 -60.17 -12.62 11.98
N LYS E 355 -59.92 -12.81 10.69
CA LYS E 355 -58.63 -13.34 10.19
C LYS E 355 -57.44 -12.65 10.88
N ARG E 356 -57.52 -11.34 10.97
CA ARG E 356 -56.49 -10.50 11.56
C ARG E 356 -57.15 -9.68 12.66
N PHE E 357 -56.36 -9.26 13.65
CA PHE E 357 -56.89 -8.48 14.78
C PHE E 357 -57.28 -7.07 14.37
N ASP E 358 -56.32 -6.30 13.87
CA ASP E 358 -56.51 -4.88 13.59
C ASP E 358 -57.04 -4.60 12.19
N GLN E 359 -57.96 -3.64 12.12
CA GLN E 359 -58.69 -3.26 10.90
C GLN E 359 -59.11 -4.45 10.01
N ASP E 360 -60.15 -5.14 10.46
CA ASP E 360 -60.68 -6.30 9.77
C ASP E 360 -62.16 -6.42 10.10
N ILE E 361 -62.94 -6.79 9.09
CA ILE E 361 -64.39 -7.01 9.23
C ILE E 361 -64.58 -8.34 9.97
N SER E 362 -65.46 -8.33 10.98
CA SER E 362 -65.67 -9.51 11.81
C SER E 362 -66.44 -10.64 11.11
N ALA E 363 -65.93 -11.86 11.25
CA ALA E 363 -66.60 -13.07 10.81
C ALA E 363 -67.71 -13.43 11.80
N VAL E 364 -67.35 -13.42 13.09
CA VAL E 364 -68.31 -13.60 14.20
C VAL E 364 -68.11 -12.46 15.20
N CYS E 365 -69.19 -12.08 15.87
CA CYS E 365 -69.18 -10.94 16.79
C CYS E 365 -69.98 -11.23 18.06
N GLY E 366 -69.32 -11.79 19.05
CA GLY E 366 -69.98 -12.23 20.27
C GLY E 366 -70.14 -11.16 21.33
N CYS E 367 -71.39 -10.76 21.56
CA CYS E 367 -71.70 -9.80 22.59
C CYS E 367 -72.58 -10.40 23.68
N LEU E 368 -71.94 -10.83 24.76
CA LEU E 368 -72.64 -11.50 25.83
C LEU E 368 -72.74 -10.60 27.04
N ASN E 369 -73.85 -10.78 27.77
CA ASN E 369 -74.19 -9.95 28.93
C ASN E 369 -75.20 -10.70 29.80
N LEU E 370 -74.73 -11.22 30.93
CA LEU E 370 -75.60 -11.90 31.90
C LEU E 370 -75.66 -11.16 33.24
N THR E 371 -76.81 -11.27 33.90
CA THR E 371 -76.99 -10.80 35.27
C THR E 371 -77.09 -12.03 36.17
N LEU E 372 -76.48 -11.95 37.35
CA LEU E 372 -76.45 -13.09 38.26
C LEU E 372 -77.23 -12.84 39.55
N LYS E 373 -78.12 -13.77 39.87
CA LYS E 373 -78.73 -13.84 41.19
C LYS E 373 -78.05 -15.00 41.90
N GLY E 374 -76.90 -14.73 42.51
CA GLY E 374 -76.11 -15.77 43.17
C GLY E 374 -75.37 -16.65 42.16
N SER E 375 -75.66 -17.95 42.18
CA SER E 375 -75.05 -18.90 41.23
C SER E 375 -75.93 -19.14 40.00
N LYS E 376 -77.08 -18.45 39.96
CA LYS E 376 -78.07 -18.65 38.90
C LYS E 376 -78.14 -17.45 37.96
N ILE E 377 -78.24 -17.74 36.66
CA ILE E 377 -78.43 -16.73 35.62
C ILE E 377 -79.80 -16.07 35.81
N GLU E 378 -79.81 -14.74 35.73
CA GLU E 378 -81.01 -13.97 36.00
C GLU E 378 -81.54 -13.28 34.75
N THR E 379 -80.63 -12.70 33.96
CA THR E 379 -80.96 -12.12 32.66
C THR E 379 -79.87 -12.46 31.64
N ALA E 380 -80.27 -12.62 30.38
CA ALA E 380 -79.35 -12.97 29.31
C ALA E 380 -79.53 -12.11 28.07
N ARG E 381 -78.54 -11.26 27.79
CA ARG E 381 -78.50 -10.53 26.52
C ARG E 381 -77.28 -11.01 25.73
N ILE E 382 -77.52 -11.95 24.82
CA ILE E 382 -76.46 -12.54 24.00
C ILE E 382 -76.69 -12.18 22.54
N ALA E 383 -76.05 -11.11 22.09
CA ALA E 383 -76.22 -10.58 20.74
C ALA E 383 -75.08 -10.99 19.79
N PHE E 384 -75.44 -11.23 18.52
CA PHE E 384 -74.47 -11.65 17.52
C PHE E 384 -74.50 -10.84 16.23
N GLY E 385 -73.31 -10.46 15.78
CA GLY E 385 -73.14 -9.85 14.46
C GLY E 385 -72.50 -10.84 13.51
N GLY E 386 -72.85 -10.73 12.24
CA GLY E 386 -72.28 -11.57 11.18
C GLY E 386 -72.71 -13.02 11.27
N MET E 387 -73.86 -13.25 11.90
CA MET E 387 -74.40 -14.60 12.07
C MET E 387 -75.56 -14.91 11.14
N ALA E 388 -76.27 -13.86 10.71
CA ALA E 388 -77.41 -13.96 9.81
C ALA E 388 -77.59 -12.69 8.99
N GLY E 389 -78.77 -12.51 8.39
CA GLY E 389 -79.06 -11.36 7.55
C GLY E 389 -79.22 -10.03 8.27
N VAL E 390 -79.12 -10.05 9.59
CA VAL E 390 -79.37 -8.86 10.41
C VAL E 390 -78.87 -9.12 11.83
N PRO E 391 -78.33 -8.08 12.51
CA PRO E 391 -77.77 -8.30 13.86
C PRO E 391 -78.85 -8.61 14.88
N LYS E 392 -78.75 -9.76 15.53
CA LYS E 392 -79.80 -10.21 16.44
C LYS E 392 -79.31 -11.03 17.66
N ARG E 393 -80.12 -11.03 18.71
CA ARG E 393 -79.83 -11.77 19.93
C ARG E 393 -80.30 -13.22 19.83
N ALA E 394 -79.53 -14.13 20.44
CA ALA E 394 -79.76 -15.58 20.34
C ALA E 394 -80.95 -16.09 21.16
N ALA E 395 -82.15 -15.84 20.65
CA ALA E 395 -83.41 -16.08 21.36
C ALA E 395 -83.51 -17.41 22.13
N ALA E 396 -83.23 -18.53 21.45
CA ALA E 396 -83.34 -19.86 22.06
C ALA E 396 -82.24 -20.15 23.07
N PHE E 397 -81.00 -19.81 22.70
CA PHE E 397 -79.84 -19.94 23.59
C PHE E 397 -79.97 -19.07 24.84
N GLU E 398 -80.69 -17.97 24.71
CA GLU E 398 -80.86 -16.97 25.76
C GLU E 398 -81.79 -17.45 26.88
N ALA E 399 -83.07 -17.61 26.55
CA ALA E 399 -84.10 -17.97 27.53
C ALA E 399 -83.98 -19.42 28.04
N ALA E 400 -83.10 -20.20 27.40
CA ALA E 400 -82.76 -21.53 27.90
C ALA E 400 -81.85 -21.42 29.11
N LEU E 401 -80.99 -20.41 29.09
CA LEU E 401 -79.94 -20.20 30.09
C LEU E 401 -80.51 -19.71 31.42
N ILE E 402 -81.43 -18.74 31.34
CA ILE E 402 -82.01 -18.11 32.54
C ILE E 402 -82.63 -19.14 33.49
N GLY E 403 -82.42 -18.94 34.78
CA GLY E 403 -82.89 -19.87 35.82
C GLY E 403 -81.91 -21.01 36.09
N GLN E 404 -80.87 -21.10 35.26
CA GLN E 404 -79.88 -22.19 35.34
C GLN E 404 -78.60 -21.75 36.06
N ASP E 405 -77.75 -22.71 36.35
CA ASP E 405 -76.44 -22.46 36.96
C ASP E 405 -75.48 -21.77 36.01
N PHE E 406 -74.66 -20.86 36.54
CA PHE E 406 -73.60 -20.24 35.75
C PHE E 406 -72.27 -21.00 35.86
N ARG E 407 -72.34 -22.30 35.58
CA ARG E 407 -71.17 -23.15 35.49
C ARG E 407 -70.82 -23.21 34.01
N GLU E 408 -69.78 -23.96 33.65
CA GLU E 408 -69.45 -24.15 32.23
C GLU E 408 -70.19 -25.34 31.62
N ASP E 409 -70.40 -26.39 32.41
CA ASP E 409 -71.14 -27.58 31.99
C ASP E 409 -72.56 -27.25 31.52
N THR E 410 -73.24 -26.38 32.27
CA THR E 410 -74.61 -25.95 31.97
C THR E 410 -74.68 -25.13 30.68
N ILE E 411 -73.68 -24.29 30.45
CA ILE E 411 -73.59 -23.48 29.23
C ILE E 411 -73.30 -24.36 28.01
N ALA E 412 -72.45 -25.38 28.22
CA ALA E 412 -72.04 -26.31 27.17
C ALA E 412 -73.19 -27.18 26.64
N ALA E 413 -74.08 -27.58 27.54
CA ALA E 413 -75.26 -28.36 27.17
C ALA E 413 -76.29 -27.51 26.44
N ALA E 414 -76.21 -26.19 26.63
CA ALA E 414 -77.11 -25.24 25.98
C ALA E 414 -76.64 -24.87 24.56
N LEU E 415 -75.35 -25.09 24.29
CA LEU E 415 -74.70 -24.67 23.04
C LEU E 415 -75.38 -25.07 21.74
N PRO E 416 -75.81 -26.35 21.60
CA PRO E 416 -76.51 -26.78 20.40
C PRO E 416 -77.67 -25.87 19.98
N LEU E 417 -78.28 -25.19 20.95
CA LEU E 417 -79.43 -24.31 20.68
C LEU E 417 -79.08 -23.08 19.83
N LEU E 418 -77.80 -22.74 19.76
CA LEU E 418 -77.33 -21.67 18.88
C LEU E 418 -77.47 -22.05 17.41
N ALA E 419 -77.52 -23.35 17.14
CA ALA E 419 -77.77 -23.86 15.80
C ALA E 419 -79.25 -23.72 15.43
N GLN E 420 -80.08 -23.59 16.46
CA GLN E 420 -81.51 -23.33 16.30
C GLN E 420 -81.82 -21.84 16.17
N ASP E 421 -80.83 -21.01 16.48
CA ASP E 421 -81.00 -19.56 16.38
C ASP E 421 -80.46 -19.03 15.06
N PHE E 422 -79.29 -19.52 14.66
CA PHE E 422 -78.66 -19.05 13.43
C PHE E 422 -78.31 -20.21 12.52
N THR E 423 -78.37 -19.94 11.22
CA THR E 423 -77.75 -20.79 10.23
C THR E 423 -76.83 -19.86 9.47
N PRO E 424 -75.56 -19.73 9.95
CA PRO E 424 -74.60 -18.79 9.36
C PRO E 424 -74.17 -19.20 7.94
N LEU E 425 -73.56 -18.25 7.24
CA LEU E 425 -73.15 -18.45 5.84
C LEU E 425 -71.64 -18.59 5.68
N SER E 426 -71.23 -19.17 4.56
CA SER E 426 -69.82 -19.31 4.25
C SER E 426 -69.43 -18.29 3.18
N ASP E 427 -68.34 -17.58 3.45
CA ASP E 427 -67.76 -16.65 2.48
C ASP E 427 -66.24 -16.60 2.64
N MET E 428 -65.58 -15.74 1.86
CA MET E 428 -64.12 -15.70 1.81
C MET E 428 -63.45 -15.43 3.17
N ARG E 429 -64.19 -14.81 4.09
CA ARG E 429 -63.66 -14.56 5.42
C ARG E 429 -63.68 -15.80 6.32
N ALA E 430 -64.72 -16.63 6.17
CA ALA E 430 -64.89 -17.82 6.99
C ALA E 430 -66.03 -18.71 6.52
N SER E 431 -65.92 -20.01 6.79
CA SER E 431 -66.98 -20.96 6.53
C SER E 431 -68.03 -20.92 7.63
N ALA E 432 -69.26 -21.29 7.30
CA ALA E 432 -70.36 -21.36 8.28
C ALA E 432 -70.04 -22.33 9.42
N ALA E 433 -69.42 -23.45 9.06
CA ALA E 433 -68.92 -24.44 10.01
C ALA E 433 -68.10 -23.75 11.09
N TYR E 434 -67.18 -22.89 10.66
CA TYR E 434 -66.33 -22.10 11.56
C TYR E 434 -67.12 -21.02 12.28
N ARG E 435 -68.02 -20.36 11.54
CA ARG E 435 -68.80 -19.25 12.08
C ARG E 435 -69.62 -19.69 13.29
N MET E 436 -70.44 -20.73 13.10
CA MET E 436 -71.28 -21.27 14.16
C MET E 436 -70.47 -21.82 15.33
N ASN E 437 -69.47 -22.64 15.01
CA ASN E 437 -68.58 -23.20 16.02
C ASN E 437 -67.95 -22.11 16.89
N ALA E 438 -67.60 -20.99 16.26
CA ALA E 438 -67.00 -19.84 16.94
C ALA E 438 -67.94 -19.18 17.93
N ALA E 439 -69.22 -19.08 17.55
CA ALA E 439 -70.26 -18.48 18.40
C ALA E 439 -70.36 -19.22 19.72
N GLN E 440 -70.34 -20.54 19.64
CA GLN E 440 -70.40 -21.41 20.81
C GLN E 440 -69.10 -21.37 21.62
N ALA E 441 -67.99 -21.11 20.95
CA ALA E 441 -66.70 -20.94 21.62
C ALA E 441 -66.70 -19.67 22.47
N MET E 442 -67.45 -18.66 22.02
CA MET E 442 -67.63 -17.39 22.73
C MET E 442 -68.48 -17.54 24.01
N ALA E 443 -69.43 -18.48 23.99
CA ALA E 443 -70.24 -18.75 25.17
C ALA E 443 -69.35 -19.34 26.24
N LEU E 444 -68.59 -20.37 25.87
CA LEU E 444 -67.68 -21.06 26.78
C LEU E 444 -66.64 -20.11 27.36
N ARG E 445 -66.13 -19.21 26.52
CA ARG E 445 -65.20 -18.16 26.96
C ARG E 445 -65.81 -17.26 28.03
N TYR E 446 -67.06 -16.87 27.84
CA TYR E 446 -67.74 -15.93 28.73
C TYR E 446 -67.87 -16.51 30.14
N VAL E 447 -67.97 -17.83 30.23
CA VAL E 447 -67.98 -18.49 31.53
C VAL E 447 -66.57 -18.43 32.14
N ARG E 448 -65.57 -18.78 31.33
CA ARG E 448 -64.17 -18.83 31.76
C ARG E 448 -63.62 -17.44 32.11
N GLU E 449 -63.85 -16.45 31.23
CA GLU E 449 -63.35 -15.09 31.44
C GLU E 449 -63.91 -14.47 32.73
N LEU E 450 -65.19 -14.74 32.99
CA LEU E 450 -65.86 -14.23 34.18
C LEU E 450 -65.63 -15.12 35.41
N SER E 451 -65.03 -16.30 35.20
CA SER E 451 -64.57 -17.14 36.30
C SER E 451 -63.15 -16.75 36.71
N GLY E 452 -62.47 -16.00 35.84
CA GLY E 452 -61.13 -15.49 36.10
C GLY E 452 -60.02 -16.22 35.37
N GLU E 453 -60.38 -16.91 34.29
CA GLU E 453 -59.43 -17.70 33.50
C GLU E 453 -58.71 -16.87 32.45
N ALA E 454 -57.49 -17.28 32.12
CA ALA E 454 -56.76 -16.68 31.02
C ALA E 454 -57.37 -17.20 29.72
N VAL E 455 -57.89 -16.27 28.92
CA VAL E 455 -58.68 -16.62 27.73
C VAL E 455 -58.35 -15.73 26.52
N ALA E 456 -58.19 -14.42 26.77
CA ALA E 456 -57.86 -13.46 25.72
C ALA E 456 -56.40 -13.59 25.24
N VAL E 457 -56.24 -13.97 23.98
CA VAL E 457 -54.92 -14.21 23.38
C VAL E 457 -54.11 -12.92 23.14
N LEU E 458 -54.81 -11.78 23.09
CA LEU E 458 -54.19 -10.46 22.90
C LEU E 458 -53.79 -9.80 24.21
N GLU E 459 -53.67 -10.59 25.27
CA GLU E 459 -53.23 -10.08 26.56
C GLU E 459 -51.98 -10.79 27.09
N VAL E 460 -51.52 -11.80 26.35
CA VAL E 460 -50.34 -12.59 26.73
C VAL E 460 -49.03 -11.81 26.51
N MET E 461 -48.23 -11.72 27.59
CA MET E 461 -46.97 -10.97 27.56
C MET E 461 -45.77 -11.86 27.27
N PRO E 462 -44.91 -11.44 26.32
CA PRO E 462 -43.70 -12.19 25.97
C PRO E 462 -42.63 -12.09 27.06
N SER F 2 -17.21 3.90 2.17
CA SER F 2 -18.56 4.00 2.81
C SER F 2 -19.21 2.65 2.97
N VAL F 3 -18.66 1.66 2.28
CA VAL F 3 -19.14 0.28 2.34
C VAL F 3 -19.05 -0.25 3.78
N GLY F 4 -20.13 -0.87 4.24
CA GLY F 4 -20.19 -1.45 5.59
C GLY F 4 -20.61 -0.50 6.69
N LYS F 5 -20.87 0.75 6.31
CA LYS F 5 -21.40 1.75 7.23
C LYS F 5 -22.93 1.66 7.20
N PRO F 6 -23.61 2.01 8.32
CA PRO F 6 -25.07 1.91 8.37
C PRO F 6 -25.75 3.21 7.94
N LEU F 7 -25.52 3.60 6.69
CA LEU F 7 -26.07 4.85 6.14
C LEU F 7 -27.52 4.64 5.66
N PRO F 8 -28.34 5.72 5.62
CA PRO F 8 -29.77 5.57 5.33
C PRO F 8 -30.08 5.45 3.84
N HIS F 9 -31.34 5.13 3.51
CA HIS F 9 -31.75 4.86 2.13
C HIS F 9 -31.66 6.06 1.18
N ASP F 10 -30.97 5.84 0.06
CA ASP F 10 -30.94 6.72 -1.10
C ASP F 10 -31.66 8.06 -0.87
N SER F 11 -32.99 8.01 -0.84
CA SER F 11 -33.80 9.23 -0.75
C SER F 11 -34.70 9.19 0.49
N ALA F 12 -34.05 9.05 1.65
CA ALA F 12 -34.72 9.01 2.94
C ALA F 12 -35.41 10.34 3.30
N ARG F 13 -34.71 11.47 3.11
CA ARG F 13 -35.32 12.79 3.35
C ARG F 13 -36.47 13.03 2.37
N ALA F 14 -36.30 12.57 1.14
CA ALA F 14 -37.34 12.70 0.13
C ALA F 14 -38.62 11.95 0.53
N HIS F 15 -38.49 10.64 0.82
CA HIS F 15 -39.61 9.82 1.31
C HIS F 15 -40.32 10.49 2.49
N VAL F 16 -39.54 10.81 3.51
CA VAL F 16 -40.01 11.41 4.76
C VAL F 16 -40.81 12.72 4.63
N THR F 17 -40.53 13.49 3.58
CA THR F 17 -41.16 14.80 3.40
C THR F 17 -42.25 14.80 2.32
N GLY F 18 -42.33 13.71 1.57
CA GLY F 18 -43.26 13.61 0.43
C GLY F 18 -42.64 14.12 -0.86
N GLN F 19 -41.37 14.48 -0.80
CA GLN F 19 -40.59 14.94 -1.95
C GLN F 19 -40.52 13.90 -3.07
N ALA F 20 -40.19 12.66 -2.70
CA ALA F 20 -40.07 11.54 -3.63
C ALA F 20 -41.30 11.37 -4.52
N ARG F 21 -41.08 11.33 -5.82
CA ARG F 21 -42.17 11.22 -6.79
C ARG F 21 -42.20 9.86 -7.48
N TYR F 22 -43.39 9.27 -7.55
CA TYR F 22 -43.61 7.99 -8.23
C TYR F 22 -44.41 8.22 -9.50
N LEU F 23 -44.37 7.26 -10.44
CA LEU F 23 -44.91 7.45 -11.79
C LEU F 23 -46.11 8.38 -11.95
N ASP F 24 -47.12 8.19 -11.09
CA ASP F 24 -48.35 8.99 -11.12
C ASP F 24 -48.11 10.43 -10.66
N ASP F 25 -47.12 10.61 -9.79
CA ASP F 25 -46.78 11.91 -9.21
C ASP F 25 -46.20 12.86 -10.25
N LEU F 26 -45.40 12.28 -11.14
CA LEU F 26 -44.72 13.02 -12.22
C LEU F 26 -45.71 13.89 -12.97
N PRO F 27 -45.35 15.15 -13.23
CA PRO F 27 -46.25 15.98 -14.02
C PRO F 27 -46.19 15.53 -15.48
N CYS F 28 -47.18 15.91 -16.28
CA CYS F 28 -47.19 15.56 -17.71
C CYS F 28 -48.26 16.31 -18.51
N PRO F 29 -47.95 16.65 -19.78
CA PRO F 29 -48.73 17.50 -20.68
C PRO F 29 -50.24 17.53 -20.40
N ALA F 30 -50.84 18.70 -20.58
CA ALA F 30 -52.26 18.89 -20.32
C ALA F 30 -53.12 17.80 -20.94
N ASN F 31 -52.76 17.38 -22.14
CA ASN F 31 -53.56 16.43 -22.93
C ASN F 31 -53.53 14.96 -22.46
N THR F 32 -52.49 14.58 -21.73
CA THR F 32 -52.27 13.21 -21.24
C THR F 32 -53.55 12.42 -20.99
N LEU F 33 -53.67 11.27 -21.65
CA LEU F 33 -54.82 10.41 -21.50
C LEU F 33 -54.63 9.37 -20.40
N HIS F 34 -55.74 8.75 -19.99
CA HIS F 34 -55.70 7.74 -18.94
C HIS F 34 -56.37 6.45 -19.39
N LEU F 35 -55.67 5.33 -19.17
CA LEU F 35 -56.10 4.04 -19.69
C LEU F 35 -56.70 3.11 -18.62
N ALA F 36 -57.66 2.30 -19.05
CA ALA F 36 -58.21 1.23 -18.22
C ALA F 36 -58.59 0.04 -19.09
N PHE F 37 -58.32 -1.16 -18.60
CA PHE F 37 -58.76 -2.37 -19.27
C PHE F 37 -60.23 -2.61 -19.01
N GLY F 38 -60.85 -3.30 -19.97
CA GLY F 38 -62.16 -3.92 -19.77
C GLY F 38 -61.87 -5.40 -19.61
N LEU F 39 -62.37 -5.97 -18.52
CA LEU F 39 -61.97 -7.33 -18.13
C LEU F 39 -62.99 -8.43 -18.46
N SER F 40 -62.50 -9.65 -18.57
CA SER F 40 -63.34 -10.83 -18.71
C SER F 40 -64.09 -11.12 -17.42
N THR F 41 -65.37 -11.44 -17.57
CA THR F 41 -66.17 -11.91 -16.45
C THR F 41 -66.17 -13.43 -16.44
N GLU F 42 -65.74 -14.03 -17.54
CA GLU F 42 -65.67 -15.49 -17.67
C GLU F 42 -64.33 -16.08 -17.23
N ALA F 43 -64.39 -17.30 -16.69
CA ALA F 43 -63.21 -18.09 -16.34
C ALA F 43 -62.61 -18.78 -17.56
N SER F 44 -63.48 -19.16 -18.50
CA SER F 44 -63.06 -19.81 -19.73
C SER F 44 -64.22 -19.82 -20.70
N ALA F 45 -64.06 -19.09 -21.80
CA ALA F 45 -65.11 -18.92 -22.81
C ALA F 45 -64.52 -18.39 -24.10
N ALA F 46 -65.33 -18.39 -25.16
CA ALA F 46 -64.96 -17.80 -26.44
C ALA F 46 -65.83 -16.58 -26.67
N ILE F 47 -65.19 -15.44 -26.96
CA ILE F 47 -65.92 -14.18 -27.16
C ILE F 47 -66.64 -14.24 -28.51
N THR F 48 -67.93 -14.52 -28.47
CA THR F 48 -68.75 -14.63 -29.69
C THR F 48 -69.47 -13.33 -30.04
N GLY F 49 -69.16 -12.27 -29.30
CA GLY F 49 -69.74 -10.95 -29.54
C GLY F 49 -69.15 -9.90 -28.62
N LEU F 50 -68.94 -8.72 -29.18
CA LEU F 50 -68.24 -7.64 -28.48
C LEU F 50 -68.76 -6.28 -28.94
N ASP F 51 -69.64 -5.67 -28.12
CA ASP F 51 -70.15 -4.35 -28.42
C ASP F 51 -69.51 -3.29 -27.53
N LEU F 52 -68.60 -2.53 -28.13
CA LEU F 52 -67.87 -1.50 -27.42
C LEU F 52 -68.47 -0.13 -27.71
N GLU F 53 -69.73 -0.12 -28.14
CA GLU F 53 -70.42 1.10 -28.52
C GLU F 53 -70.82 1.96 -27.32
N PRO F 54 -71.42 1.34 -26.28
CA PRO F 54 -71.69 2.11 -25.07
C PRO F 54 -70.42 2.54 -24.34
N VAL F 55 -69.29 1.94 -24.70
CA VAL F 55 -67.99 2.33 -24.16
C VAL F 55 -67.51 3.65 -24.78
N ARG F 56 -67.51 3.72 -26.11
CA ARG F 56 -67.09 4.92 -26.84
C ARG F 56 -67.99 6.12 -26.52
N GLU F 57 -69.18 5.81 -26.04
CA GLU F 57 -70.19 6.80 -25.74
C GLU F 57 -69.92 7.47 -24.38
N SER F 58 -69.51 6.68 -23.40
CA SER F 58 -69.15 7.19 -22.07
C SER F 58 -68.33 8.45 -22.20
N PRO F 59 -68.78 9.54 -21.54
CA PRO F 59 -68.06 10.83 -21.59
C PRO F 59 -66.57 10.68 -21.22
N GLY F 60 -65.73 11.39 -21.98
CA GLY F 60 -64.28 11.33 -21.82
C GLY F 60 -63.58 10.46 -22.85
N VAL F 61 -64.25 9.40 -23.31
CA VAL F 61 -63.60 8.38 -24.15
C VAL F 61 -63.10 8.90 -25.48
N ILE F 62 -61.79 8.86 -25.63
CA ILE F 62 -61.08 9.37 -26.79
C ILE F 62 -60.74 8.23 -27.74
N ALA F 63 -60.57 7.04 -27.18
CA ALA F 63 -60.18 5.85 -27.93
C ALA F 63 -60.57 4.58 -27.21
N VAL F 64 -60.93 3.56 -27.99
CA VAL F 64 -61.14 2.22 -27.46
C VAL F 64 -60.30 1.28 -28.32
N PHE F 65 -59.66 0.30 -27.70
CA PHE F 65 -58.76 -0.59 -28.43
C PHE F 65 -59.08 -2.08 -28.31
N THR F 66 -59.07 -2.76 -29.46
CA THR F 66 -59.27 -4.20 -29.52
C THR F 66 -57.92 -4.85 -29.79
N ALA F 67 -57.85 -6.18 -29.62
CA ALA F 67 -56.67 -6.93 -30.04
C ALA F 67 -56.53 -6.83 -31.56
N ALA F 68 -57.67 -6.73 -32.22
CA ALA F 68 -57.73 -6.50 -33.66
C ALA F 68 -57.09 -5.15 -34.03
N ASP F 69 -56.86 -4.29 -33.05
CA ASP F 69 -56.31 -2.97 -33.29
C ASP F 69 -54.83 -2.86 -32.96
N LEU F 70 -54.20 -3.97 -32.54
CA LEU F 70 -52.78 -3.96 -32.23
C LEU F 70 -51.96 -4.18 -33.50
N PRO F 71 -51.15 -3.18 -33.90
CA PRO F 71 -50.38 -3.20 -35.15
C PRO F 71 -49.51 -4.46 -35.36
N HIS F 72 -48.71 -4.81 -34.35
CA HIS F 72 -47.75 -5.90 -34.47
C HIS F 72 -47.95 -6.99 -33.41
N ASP F 73 -46.98 -7.15 -32.53
CA ASP F 73 -47.02 -8.18 -31.50
C ASP F 73 -48.07 -7.94 -30.41
N ASN F 74 -48.96 -8.93 -30.24
CA ASN F 74 -49.84 -9.04 -29.06
C ASN F 74 -49.25 -10.10 -28.12
N ASP F 75 -48.34 -9.65 -27.24
CA ASP F 75 -47.52 -10.54 -26.44
C ASP F 75 -46.84 -9.75 -25.32
N ALA F 76 -47.20 -10.06 -24.08
CA ALA F 76 -46.55 -9.42 -22.93
C ALA F 76 -45.83 -10.46 -22.07
N SER F 77 -45.73 -11.68 -22.60
CA SER F 77 -45.16 -12.83 -21.89
C SER F 77 -43.64 -12.75 -21.71
N PRO F 78 -43.17 -12.89 -20.45
CA PRO F 78 -41.73 -12.98 -20.21
C PRO F 78 -41.15 -14.29 -20.78
N ALA F 79 -41.96 -15.35 -20.75
CA ALA F 79 -41.60 -16.64 -21.34
C ALA F 79 -41.52 -16.49 -22.85
N PRO F 80 -40.98 -17.52 -23.55
CA PRO F 80 -41.07 -17.53 -25.01
C PRO F 80 -42.53 -17.55 -25.52
N SER F 81 -43.33 -18.50 -25.02
CA SER F 81 -44.70 -18.70 -25.49
C SER F 81 -45.61 -17.51 -25.18
N PRO F 82 -46.41 -17.07 -26.18
CA PRO F 82 -47.28 -15.87 -26.13
C PRO F 82 -48.20 -15.74 -24.92
N GLU F 83 -48.44 -14.50 -24.51
CA GLU F 83 -49.48 -14.13 -23.55
C GLU F 83 -50.03 -12.76 -23.98
N PRO F 84 -51.25 -12.75 -24.57
CA PRO F 84 -51.77 -11.55 -25.24
C PRO F 84 -52.12 -10.43 -24.28
N VAL F 85 -51.73 -9.20 -24.65
CA VAL F 85 -52.09 -8.00 -23.89
C VAL F 85 -53.61 -7.82 -23.86
N LEU F 86 -54.22 -7.83 -25.05
CA LEU F 86 -55.67 -7.81 -25.15
C LEU F 86 -56.17 -9.14 -25.70
N ALA F 87 -57.23 -9.66 -25.07
CA ALA F 87 -57.80 -10.97 -25.41
C ALA F 87 -58.12 -11.10 -26.90
N THR F 88 -57.78 -12.25 -27.44
CA THR F 88 -57.90 -12.52 -28.87
C THR F 88 -58.92 -13.61 -29.17
N GLY F 89 -60.21 -13.27 -29.06
CA GLY F 89 -61.29 -14.21 -29.40
C GLY F 89 -61.79 -15.10 -28.28
N GLU F 90 -60.92 -15.41 -27.33
CA GLU F 90 -61.28 -16.26 -26.19
C GLU F 90 -60.66 -15.76 -24.90
N VAL F 91 -61.33 -16.00 -23.78
CA VAL F 91 -60.83 -15.57 -22.47
C VAL F 91 -60.31 -16.76 -21.68
N HIS F 92 -59.47 -16.50 -20.67
CA HIS F 92 -58.83 -17.58 -19.92
C HIS F 92 -58.91 -17.51 -18.40
N PHE F 93 -59.28 -16.35 -17.87
CA PHE F 93 -59.55 -16.19 -16.44
C PHE F 93 -60.40 -14.97 -16.17
N VAL F 94 -61.04 -14.92 -15.01
CA VAL F 94 -61.86 -13.77 -14.64
C VAL F 94 -60.96 -12.60 -14.33
N GLY F 95 -60.93 -11.65 -15.26
CA GLY F 95 -60.07 -10.48 -15.15
C GLY F 95 -59.03 -10.37 -16.26
N GLN F 96 -59.21 -11.12 -17.35
CA GLN F 96 -58.33 -10.99 -18.49
C GLN F 96 -58.74 -9.76 -19.28
N PRO F 97 -57.78 -8.89 -19.63
CA PRO F 97 -58.05 -7.73 -20.47
C PRO F 97 -58.56 -8.12 -21.85
N ILE F 98 -59.73 -7.62 -22.19
CA ILE F 98 -60.32 -7.84 -23.51
C ILE F 98 -60.07 -6.60 -24.39
N PHE F 99 -60.39 -5.42 -23.85
CA PHE F 99 -60.16 -4.16 -24.55
C PHE F 99 -59.48 -3.08 -23.70
N LEU F 100 -59.26 -1.92 -24.30
CA LEU F 100 -58.56 -0.81 -23.65
C LEU F 100 -59.28 0.52 -23.90
N VAL F 101 -59.43 1.32 -22.85
CA VAL F 101 -60.12 2.62 -22.96
C VAL F 101 -59.20 3.79 -22.62
N ALA F 102 -59.06 4.72 -23.57
CA ALA F 102 -58.31 5.96 -23.38
C ALA F 102 -59.24 7.16 -23.18
N ALA F 103 -59.19 7.78 -22.00
CA ALA F 103 -60.14 8.85 -21.65
C ALA F 103 -59.46 10.11 -21.11
N THR F 104 -60.27 11.15 -20.86
CA THR F 104 -59.78 12.44 -20.35
C THR F 104 -59.49 12.43 -18.84
N SER F 105 -59.85 11.32 -18.18
CA SER F 105 -59.54 11.12 -16.77
C SER F 105 -59.36 9.63 -16.47
N HIS F 106 -58.92 9.32 -15.25
CA HIS F 106 -58.85 7.95 -14.77
C HIS F 106 -60.26 7.45 -14.48
N ARG F 107 -61.09 8.34 -13.94
CA ARG F 107 -62.49 8.03 -13.65
C ARG F 107 -63.22 7.59 -14.90
N ALA F 108 -63.13 8.41 -15.95
CA ALA F 108 -63.84 8.19 -17.20
C ALA F 108 -63.43 6.89 -17.88
N ALA F 109 -62.15 6.53 -17.74
CA ALA F 109 -61.64 5.30 -18.30
C ALA F 109 -62.22 4.09 -17.57
N ARG F 110 -62.14 4.10 -16.24
CA ARG F 110 -62.70 3.03 -15.41
C ARG F 110 -64.21 2.87 -15.65
N ILE F 111 -64.94 3.97 -15.47
CA ILE F 111 -66.37 4.02 -15.79
C ILE F 111 -66.65 3.38 -17.15
N ALA F 112 -65.90 3.78 -18.17
CA ALA F 112 -66.16 3.36 -19.55
C ALA F 112 -65.93 1.89 -19.85
N ALA F 113 -65.01 1.27 -19.12
CA ALA F 113 -64.70 -0.16 -19.29
C ALA F 113 -65.95 -1.01 -19.05
N ARG F 114 -66.66 -0.66 -17.98
CA ARG F 114 -67.88 -1.37 -17.55
C ARG F 114 -69.01 -1.35 -18.59
N LYS F 115 -69.09 -0.28 -19.37
CA LYS F 115 -70.18 -0.05 -20.31
C LYS F 115 -70.15 -0.96 -21.54
N ALA F 116 -69.29 -1.97 -21.50
CA ALA F 116 -69.17 -2.93 -22.60
C ALA F 116 -70.31 -3.93 -22.58
N ARG F 117 -70.66 -4.42 -23.77
CA ARG F 117 -71.55 -5.57 -23.88
C ARG F 117 -70.85 -6.70 -24.62
N ILE F 118 -70.39 -7.67 -23.84
CA ILE F 118 -69.63 -8.80 -24.37
C ILE F 118 -70.46 -10.07 -24.23
N THR F 119 -70.64 -10.80 -25.32
CA THR F 119 -71.27 -12.12 -25.28
C THR F 119 -70.21 -13.20 -25.41
N TYR F 120 -70.13 -14.03 -24.37
CA TYR F 120 -69.20 -15.15 -24.35
C TYR F 120 -69.96 -16.41 -24.69
N ALA F 121 -69.25 -17.37 -25.27
CA ALA F 121 -69.73 -18.75 -25.37
C ALA F 121 -68.88 -19.57 -24.39
N PRO F 122 -69.43 -19.85 -23.20
CA PRO F 122 -68.70 -20.47 -22.10
C PRO F 122 -68.27 -21.93 -22.31
N ARG F 123 -67.15 -22.27 -21.69
CA ARG F 123 -66.60 -23.63 -21.68
C ARG F 123 -66.29 -24.03 -20.24
N PRO F 124 -66.07 -25.34 -20.01
CA PRO F 124 -65.63 -25.84 -18.69
C PRO F 124 -64.29 -25.25 -18.24
N ALA F 125 -64.24 -24.76 -17.01
CA ALA F 125 -63.03 -24.11 -16.49
C ALA F 125 -62.25 -25.01 -15.55
N ILE F 126 -60.94 -25.05 -15.74
CA ILE F 126 -60.02 -25.81 -14.89
C ILE F 126 -59.54 -24.92 -13.75
N LEU F 127 -60.15 -25.04 -12.58
CA LEU F 127 -59.87 -24.14 -11.46
C LEU F 127 -59.04 -24.77 -10.35
N THR F 128 -59.35 -26.02 -9.98
CA THR F 128 -58.59 -26.72 -8.95
C THR F 128 -57.36 -27.39 -9.49
N LEU F 129 -56.36 -27.51 -8.62
CA LEU F 129 -55.12 -28.23 -8.86
C LEU F 129 -55.42 -29.65 -9.32
N ASP F 130 -56.41 -30.27 -8.69
CA ASP F 130 -56.90 -31.59 -9.08
C ASP F 130 -57.41 -31.56 -10.50
N GLN F 131 -58.40 -30.72 -10.77
CA GLN F 131 -58.95 -30.57 -12.12
C GLN F 131 -57.83 -30.50 -13.12
N ALA F 132 -56.89 -29.59 -12.87
CA ALA F 132 -55.70 -29.42 -13.70
C ALA F 132 -54.96 -30.74 -13.89
N LEU F 133 -54.50 -31.32 -12.79
CA LEU F 133 -53.74 -32.57 -12.81
C LEU F 133 -54.48 -33.70 -13.52
N ALA F 134 -55.74 -33.89 -13.14
CA ALA F 134 -56.55 -34.98 -13.66
C ALA F 134 -57.00 -34.70 -15.09
N ALA F 135 -57.02 -33.43 -15.47
CA ALA F 135 -57.31 -33.04 -16.85
C ALA F 135 -56.05 -32.99 -17.73
N ASP F 136 -54.90 -33.30 -17.13
CA ASP F 136 -53.59 -33.17 -17.79
C ASP F 136 -53.33 -31.74 -18.28
N SER F 137 -53.91 -30.77 -17.57
CA SER F 137 -53.73 -29.34 -17.85
C SER F 137 -52.45 -28.83 -17.19
N ARG F 138 -51.44 -28.57 -18.02
CA ARG F 138 -50.10 -28.31 -17.52
C ARG F 138 -49.21 -27.58 -18.51
N PHE F 139 -48.13 -27.01 -18.00
CA PHE F 139 -47.06 -26.45 -18.81
C PHE F 139 -45.93 -27.46 -18.94
N GLU F 140 -44.91 -27.11 -19.72
CA GLU F 140 -43.73 -27.97 -19.94
C GLU F 140 -44.03 -29.38 -20.45
N GLY F 141 -45.31 -29.71 -20.62
CA GLY F 141 -45.71 -31.01 -21.14
C GLY F 141 -45.18 -32.15 -20.29
N GLY F 142 -45.80 -32.34 -19.13
CA GLY F 142 -45.39 -33.37 -18.20
C GLY F 142 -44.80 -32.75 -16.96
N PRO F 143 -44.66 -33.55 -15.88
CA PRO F 143 -43.85 -33.10 -14.77
C PRO F 143 -42.37 -33.24 -15.12
N VAL F 144 -41.51 -32.53 -14.39
CA VAL F 144 -40.07 -32.76 -14.45
C VAL F 144 -39.70 -33.66 -13.27
N ILE F 145 -38.66 -34.47 -13.44
CA ILE F 145 -38.20 -35.33 -12.36
C ILE F 145 -36.69 -35.27 -12.13
N TRP F 146 -36.29 -34.95 -10.89
CA TRP F 146 -34.90 -35.08 -10.45
C TRP F 146 -34.76 -36.21 -9.43
N ALA F 147 -33.73 -37.03 -9.62
CA ALA F 147 -33.46 -38.18 -8.75
C ALA F 147 -31.99 -38.30 -8.37
N ARG F 148 -31.69 -38.23 -7.07
CA ARG F 148 -30.37 -38.52 -6.53
C ARG F 148 -30.43 -39.86 -5.79
N GLY F 149 -29.45 -40.72 -6.04
CA GLY F 149 -29.43 -42.05 -5.45
C GLY F 149 -30.71 -42.81 -5.69
N ASP F 150 -31.02 -43.73 -4.79
CA ASP F 150 -32.27 -44.50 -4.84
C ASP F 150 -33.11 -44.23 -3.61
N VAL F 151 -34.29 -43.64 -3.82
CA VAL F 151 -35.19 -43.31 -2.73
C VAL F 151 -36.08 -44.50 -2.32
N GLU F 152 -36.55 -45.26 -3.30
CA GLU F 152 -37.31 -46.49 -3.04
C GLU F 152 -36.53 -47.32 -2.04
N THR F 153 -35.31 -47.67 -2.42
CA THR F 153 -34.39 -48.47 -1.60
C THR F 153 -34.27 -47.95 -0.17
N ALA F 154 -34.00 -46.65 -0.05
CA ALA F 154 -33.76 -46.00 1.24
C ALA F 154 -34.97 -46.07 2.15
N LEU F 155 -36.12 -45.58 1.65
CA LEU F 155 -37.36 -45.58 2.41
C LEU F 155 -37.78 -47.00 2.78
N ALA F 156 -37.58 -47.93 1.86
CA ALA F 156 -37.90 -49.35 2.07
C ALA F 156 -37.22 -49.93 3.31
N GLY F 157 -35.97 -49.54 3.52
CA GLY F 157 -35.21 -49.99 4.70
C GLY F 157 -35.02 -48.91 5.76
N ALA F 158 -35.80 -47.83 5.66
CA ALA F 158 -35.72 -46.71 6.60
C ALA F 158 -36.15 -47.10 8.02
N ALA F 159 -35.28 -46.78 8.98
CA ALA F 159 -35.55 -47.04 10.40
C ALA F 159 -36.69 -46.18 10.93
N HIS F 160 -36.88 -45.03 10.30
CA HIS F 160 -38.05 -44.20 10.50
C HIS F 160 -38.48 -43.64 9.16
N LEU F 161 -39.79 -43.46 8.98
CA LEU F 161 -40.31 -42.73 7.82
C LEU F 161 -41.56 -41.93 8.18
N ALA F 162 -41.78 -40.84 7.45
CA ALA F 162 -42.95 -39.99 7.67
C ALA F 162 -43.53 -39.56 6.33
N GLU F 163 -44.84 -39.79 6.17
CA GLU F 163 -45.55 -39.42 4.96
C GLU F 163 -46.71 -38.50 5.28
N GLY F 164 -46.78 -37.39 4.55
CA GLY F 164 -47.85 -36.42 4.71
C GLY F 164 -48.21 -35.70 3.42
N CYS F 165 -49.07 -34.70 3.54
CA CYS F 165 -49.69 -34.08 2.39
C CYS F 165 -50.30 -32.77 2.84
N PHE F 166 -49.67 -31.66 2.51
CA PHE F 166 -50.15 -30.35 2.97
C PHE F 166 -50.19 -29.26 1.90
N GLU F 167 -51.30 -28.54 1.89
CA GLU F 167 -51.52 -27.46 0.95
C GLU F 167 -50.68 -26.26 1.33
N ILE F 168 -50.26 -25.48 0.33
CA ILE F 168 -49.47 -24.27 0.55
C ILE F 168 -50.16 -23.06 -0.07
N GLY F 169 -50.32 -22.02 0.74
CA GLY F 169 -51.04 -20.82 0.34
C GLY F 169 -50.37 -20.04 -0.78
N GLY F 170 -51.19 -19.28 -1.51
CA GLY F 170 -50.69 -18.31 -2.48
C GLY F 170 -50.30 -17.05 -1.72
N GLN F 171 -49.96 -16.00 -2.46
CA GLN F 171 -49.64 -14.72 -1.84
C GLN F 171 -49.76 -13.60 -2.86
N GLU F 172 -50.60 -12.62 -2.54
CA GLU F 172 -50.71 -11.38 -3.29
C GLU F 172 -49.62 -10.39 -2.88
N HIS F 173 -48.95 -9.80 -3.88
CA HIS F 173 -47.80 -8.94 -3.64
C HIS F 173 -48.14 -7.81 -2.68
N PHE F 174 -49.24 -7.11 -2.97
CA PHE F 174 -49.68 -5.96 -2.20
C PHE F 174 -48.53 -4.97 -1.97
N TYR F 175 -47.95 -4.51 -3.07
CA TYR F 175 -47.02 -3.38 -3.07
C TYR F 175 -47.86 -2.12 -3.00
N LEU F 176 -47.48 -1.18 -2.14
CA LEU F 176 -48.33 -0.02 -1.89
C LEU F 176 -48.56 0.88 -3.11
N GLU F 177 -47.56 1.00 -3.99
CA GLU F 177 -47.75 1.62 -5.31
C GLU F 177 -48.09 0.54 -6.31
N GLY F 178 -49.23 0.71 -6.98
CA GLY F 178 -49.72 -0.28 -7.93
C GLY F 178 -49.00 -0.23 -9.26
N GLN F 179 -49.21 -1.29 -10.05
CA GLN F 179 -48.69 -1.35 -11.42
C GLN F 179 -49.01 -0.06 -12.19
N ALA F 180 -47.98 0.52 -12.84
CA ALA F 180 -48.13 1.83 -13.49
C ALA F 180 -47.10 2.14 -14.59
N ALA F 181 -47.59 2.67 -15.71
CA ALA F 181 -46.74 3.09 -16.83
C ALA F 181 -47.29 4.37 -17.49
N LEU F 182 -46.38 5.18 -18.03
CA LEU F 182 -46.70 6.45 -18.67
C LEU F 182 -45.84 6.65 -19.93
N ALA F 183 -46.47 6.60 -21.10
CA ALA F 183 -45.76 6.69 -22.38
C ALA F 183 -45.76 8.11 -22.94
N LEU F 184 -44.61 8.52 -23.50
CA LEU F 184 -44.47 9.82 -24.15
C LEU F 184 -43.89 9.69 -25.57
N PRO F 185 -44.71 9.99 -26.60
CA PRO F 185 -44.25 9.83 -27.98
C PRO F 185 -43.14 10.81 -28.25
N ALA F 186 -41.95 10.26 -28.47
CA ALA F 186 -40.76 11.07 -28.76
C ALA F 186 -40.44 11.01 -30.25
N GLU F 187 -41.35 11.57 -31.06
CA GLU F 187 -41.26 11.63 -32.52
C GLU F 187 -40.39 10.53 -33.16
N GLY F 188 -41.06 9.59 -33.82
CA GLY F 188 -40.38 8.44 -34.42
C GLY F 188 -40.37 7.24 -33.49
N GLY F 189 -40.20 7.50 -32.19
CA GLY F 189 -40.17 6.46 -31.16
C GLY F 189 -40.93 6.87 -29.92
N VAL F 190 -40.70 6.15 -28.82
CA VAL F 190 -41.35 6.44 -27.52
C VAL F 190 -40.40 6.46 -26.33
N VAL F 191 -40.85 7.15 -25.27
CA VAL F 191 -40.15 7.16 -23.98
C VAL F 191 -41.10 6.69 -22.88
N ILE F 192 -40.73 5.58 -22.26
CA ILE F 192 -41.52 4.95 -21.21
C ILE F 192 -41.01 5.34 -19.81
N HIS F 193 -41.95 5.69 -18.95
CA HIS F 193 -41.72 5.70 -17.53
C HIS F 193 -42.68 4.63 -17.03
N CYS F 194 -42.27 3.89 -16.00
CA CYS F 194 -43.08 2.79 -15.48
C CYS F 194 -42.59 2.28 -14.15
N SER F 195 -43.52 1.97 -13.27
CA SER F 195 -43.23 1.31 -12.01
C SER F 195 -42.86 -0.13 -12.34
N SER F 196 -41.58 -0.38 -12.58
CA SER F 196 -41.10 -1.69 -13.01
C SER F 196 -39.76 -2.06 -12.39
N GLN F 197 -39.56 -3.35 -12.10
CA GLN F 197 -38.24 -3.84 -11.70
C GLN F 197 -37.52 -4.53 -12.87
N HIS F 198 -38.07 -4.40 -14.06
CA HIS F 198 -37.39 -4.86 -15.27
C HIS F 198 -37.64 -3.88 -16.41
N PRO F 199 -36.74 -2.92 -16.58
CA PRO F 199 -36.96 -1.89 -17.57
C PRO F 199 -36.65 -2.38 -18.98
N SER F 200 -35.58 -3.16 -19.12
CA SER F 200 -35.14 -3.63 -20.42
C SER F 200 -36.18 -4.51 -21.10
N GLU F 201 -36.89 -5.31 -20.31
CA GLU F 201 -38.00 -6.11 -20.84
C GLU F 201 -39.05 -5.17 -21.40
N ILE F 202 -39.44 -4.18 -20.61
CA ILE F 202 -40.45 -3.21 -21.00
C ILE F 202 -40.06 -2.54 -22.32
N GLN F 203 -38.77 -2.25 -22.47
CA GLN F 203 -38.23 -1.73 -23.73
C GLN F 203 -38.48 -2.73 -24.88
N HIS F 204 -37.90 -3.92 -24.75
CA HIS F 204 -38.06 -5.03 -25.69
C HIS F 204 -39.53 -5.24 -26.07
N LYS F 205 -40.39 -5.21 -25.07
CA LYS F 205 -41.82 -5.48 -25.23
C LYS F 205 -42.55 -4.37 -25.98
N VAL F 206 -42.45 -3.15 -25.47
CA VAL F 206 -43.04 -2.00 -26.13
C VAL F 206 -42.56 -1.97 -27.58
N ALA F 207 -41.24 -2.05 -27.76
CA ALA F 207 -40.62 -2.03 -29.09
C ALA F 207 -41.26 -3.03 -30.08
N HIS F 208 -41.45 -4.26 -29.62
CA HIS F 208 -42.05 -5.30 -30.44
C HIS F 208 -43.52 -5.04 -30.73
N ALA F 209 -44.22 -4.54 -29.72
CA ALA F 209 -45.67 -4.29 -29.83
C ALA F 209 -45.99 -3.06 -30.67
N LEU F 210 -45.06 -2.11 -30.71
CA LEU F 210 -45.23 -0.92 -31.52
C LEU F 210 -44.81 -1.17 -32.96
N GLY F 211 -43.70 -1.85 -33.12
CA GLY F 211 -43.18 -2.19 -34.44
C GLY F 211 -41.86 -1.49 -34.72
N LEU F 212 -41.27 -0.94 -33.67
CA LEU F 212 -40.00 -0.22 -33.76
C LEU F 212 -38.85 -0.99 -33.13
N ALA F 213 -37.63 -0.65 -33.54
CA ALA F 213 -36.42 -1.31 -33.04
C ALA F 213 -36.16 -0.89 -31.61
N PHE F 214 -35.25 -1.60 -30.95
CA PHE F 214 -34.97 -1.34 -29.54
C PHE F 214 -34.44 0.08 -29.29
N HIS F 215 -33.57 0.57 -30.16
CA HIS F 215 -33.03 1.93 -30.05
C HIS F 215 -34.08 3.02 -30.25
N ASP F 216 -35.34 2.62 -30.44
CA ASP F 216 -36.45 3.55 -30.61
C ASP F 216 -37.40 3.58 -29.42
N VAL F 217 -37.06 2.79 -28.41
CA VAL F 217 -37.83 2.76 -27.18
C VAL F 217 -36.92 3.02 -26.01
N ARG F 218 -37.16 4.12 -25.30
CA ARG F 218 -36.42 4.44 -24.10
C ARG F 218 -37.30 4.14 -22.90
N VAL F 219 -36.70 3.61 -21.84
CA VAL F 219 -37.42 3.27 -20.63
C VAL F 219 -36.66 3.81 -19.43
N GLU F 220 -37.23 4.81 -18.76
CA GLU F 220 -36.66 5.37 -17.54
C GLU F 220 -37.39 4.83 -16.33
N MET F 221 -36.63 4.40 -15.32
CA MET F 221 -37.22 3.86 -14.09
C MET F 221 -36.48 4.45 -12.91
N ARG F 222 -37.14 5.30 -12.13
CA ARG F 222 -36.49 5.94 -10.98
C ARG F 222 -36.60 5.08 -9.74
N ARG F 223 -37.83 4.79 -9.35
CA ARG F 223 -38.10 4.07 -8.12
C ARG F 223 -39.45 3.37 -8.20
N MET F 224 -39.74 2.57 -7.17
CA MET F 224 -41.06 1.92 -7.01
C MET F 224 -41.56 2.05 -5.58
N GLY F 225 -42.85 1.77 -5.41
CA GLY F 225 -43.44 1.65 -4.09
C GLY F 225 -43.46 0.20 -3.64
N GLY F 226 -42.61 -0.59 -4.28
CA GLY F 226 -42.48 -2.01 -3.99
C GLY F 226 -42.64 -2.85 -5.22
N GLY F 227 -41.84 -3.92 -5.30
CA GLY F 227 -41.89 -4.83 -6.44
C GLY F 227 -42.12 -6.27 -6.04
N PHE F 228 -41.34 -6.72 -5.05
CA PHE F 228 -41.45 -8.06 -4.44
C PHE F 228 -41.62 -9.23 -5.43
N GLY F 229 -41.31 -9.00 -6.70
CA GLY F 229 -41.50 -9.98 -7.75
C GLY F 229 -42.65 -9.62 -8.69
N GLY F 230 -43.54 -8.76 -8.20
CA GLY F 230 -44.76 -8.39 -8.93
C GLY F 230 -44.62 -7.42 -10.09
N LYS F 231 -43.55 -6.62 -10.07
CA LYS F 231 -43.30 -5.66 -11.14
C LYS F 231 -42.23 -6.18 -12.09
N GLN F 232 -41.94 -7.49 -11.99
CA GLN F 232 -40.96 -8.14 -12.85
C GLN F 232 -41.52 -8.40 -14.24
N SER F 233 -42.61 -9.16 -14.30
CA SER F 233 -43.21 -9.58 -15.57
C SER F 233 -44.50 -8.82 -15.91
N GLN F 234 -45.09 -8.19 -14.90
CA GLN F 234 -46.42 -7.63 -15.05
C GLN F 234 -46.39 -6.14 -15.38
N GLY F 235 -45.19 -5.62 -15.62
CA GLY F 235 -45.05 -4.25 -16.11
C GLY F 235 -45.46 -4.17 -17.58
N ASN F 236 -45.13 -5.21 -18.32
CA ASN F 236 -45.38 -5.31 -19.76
C ASN F 236 -46.79 -4.89 -20.19
N HIS F 237 -47.77 -5.21 -19.35
CA HIS F 237 -49.18 -5.01 -19.70
C HIS F 237 -49.65 -3.56 -19.68
N LEU F 238 -49.08 -2.76 -18.80
CA LEU F 238 -49.39 -1.34 -18.77
C LEU F 238 -48.54 -0.62 -19.79
N ALA F 239 -47.30 -1.08 -19.93
CA ALA F 239 -46.34 -0.54 -20.89
C ALA F 239 -46.78 -0.73 -22.37
N ILE F 240 -47.26 -1.92 -22.74
CA ILE F 240 -47.73 -2.11 -24.12
C ILE F 240 -49.02 -1.34 -24.36
N ALA F 241 -49.93 -1.38 -23.39
CA ALA F 241 -51.22 -0.67 -23.48
C ALA F 241 -51.03 0.82 -23.71
N CYS F 242 -50.13 1.42 -22.92
CA CYS F 242 -49.85 2.85 -23.02
C CYS F 242 -49.25 3.26 -24.36
N ALA F 243 -48.21 2.54 -24.78
CA ALA F 243 -47.48 2.89 -25.99
C ALA F 243 -48.33 2.75 -27.25
N VAL F 244 -49.18 1.73 -27.31
CA VAL F 244 -50.07 1.56 -28.45
C VAL F 244 -51.10 2.69 -28.51
N ALA F 245 -51.65 3.05 -27.34
CA ALA F 245 -52.59 4.17 -27.22
C ALA F 245 -51.92 5.50 -27.51
N ALA F 246 -50.70 5.67 -27.01
CA ALA F 246 -49.92 6.88 -27.28
C ALA F 246 -49.53 6.99 -28.75
N ARG F 247 -49.26 5.84 -29.38
CA ARG F 247 -48.97 5.79 -30.82
C ARG F 247 -50.22 6.11 -31.63
N ALA F 248 -51.36 5.57 -31.19
CA ALA F 248 -52.61 5.74 -31.92
C ALA F 248 -53.28 7.07 -31.69
N THR F 249 -53.11 7.66 -30.50
CA THR F 249 -53.78 8.92 -30.17
C THR F 249 -52.86 10.12 -30.30
N GLY F 250 -51.56 9.89 -30.45
CA GLY F 250 -50.59 10.97 -30.53
C GLY F 250 -50.40 11.68 -29.20
N ARG F 251 -51.38 11.53 -28.32
CA ARG F 251 -51.32 12.07 -26.96
C ARG F 251 -50.44 11.18 -26.06
N PRO F 252 -49.76 11.78 -25.07
CA PRO F 252 -49.08 11.01 -24.01
C PRO F 252 -50.09 10.20 -23.18
N CYS F 253 -49.76 8.93 -22.91
CA CYS F 253 -50.71 7.99 -22.28
C CYS F 253 -50.22 7.30 -21.01
N LYS F 254 -50.99 7.49 -19.94
CA LYS F 254 -50.71 6.93 -18.62
C LYS F 254 -51.74 5.89 -18.20
N MET F 255 -51.25 4.76 -17.70
CA MET F 255 -52.08 3.72 -17.10
C MET F 255 -51.59 3.38 -15.70
N ARG F 256 -52.52 3.31 -14.76
CA ARG F 256 -52.20 2.77 -13.44
C ARG F 256 -53.37 1.92 -12.95
N TYR F 257 -53.07 0.84 -12.24
CA TYR F 257 -54.10 -0.05 -11.73
C TYR F 257 -54.60 0.43 -10.38
N ASP F 258 -55.90 0.26 -10.17
CA ASP F 258 -56.46 0.28 -8.83
C ASP F 258 -56.11 -1.04 -8.16
N ARG F 259 -56.03 -1.03 -6.83
CA ARG F 259 -55.83 -2.25 -6.07
C ARG F 259 -56.81 -3.33 -6.56
N ASP F 260 -58.01 -2.89 -6.88
CA ASP F 260 -59.09 -3.66 -7.53
C ASP F 260 -58.59 -4.58 -8.62
N ASP F 261 -58.25 -3.95 -9.75
CA ASP F 261 -57.75 -4.64 -10.93
C ASP F 261 -56.44 -5.33 -10.61
N ASP F 262 -55.58 -4.66 -9.84
CA ASP F 262 -54.24 -5.15 -9.51
C ASP F 262 -54.24 -6.62 -9.02
N MET F 263 -55.27 -7.00 -8.27
CA MET F 263 -55.36 -8.36 -7.77
C MET F 263 -56.14 -9.25 -8.73
N VAL F 264 -57.08 -8.64 -9.44
CA VAL F 264 -57.90 -9.33 -10.42
C VAL F 264 -57.11 -9.62 -11.71
N ILE F 265 -56.37 -8.64 -12.20
CA ILE F 265 -55.63 -8.79 -13.44
C ILE F 265 -54.33 -9.54 -13.24
N THR F 266 -53.49 -9.07 -12.32
CA THR F 266 -52.13 -9.63 -12.25
C THR F 266 -51.96 -10.75 -11.22
N GLY F 267 -50.96 -11.61 -11.43
CA GLY F 267 -50.83 -12.88 -10.72
C GLY F 267 -50.06 -12.86 -9.41
N LYS F 268 -50.24 -13.91 -8.61
CA LYS F 268 -49.71 -13.97 -7.25
C LYS F 268 -48.65 -15.06 -7.10
N ARG F 269 -48.15 -15.23 -5.88
CA ARG F 269 -47.18 -16.28 -5.58
C ARG F 269 -47.80 -17.65 -5.87
N HIS F 270 -47.06 -18.50 -6.58
CA HIS F 270 -47.51 -19.87 -6.88
C HIS F 270 -47.83 -20.65 -5.61
N ASP F 271 -49.10 -20.94 -5.39
CA ASP F 271 -49.50 -21.83 -4.29
C ASP F 271 -49.28 -23.29 -4.68
N PHE F 272 -48.80 -24.06 -3.71
CA PHE F 272 -48.35 -25.42 -3.97
C PHE F 272 -49.19 -26.45 -3.20
N ARG F 273 -49.13 -27.70 -3.67
CA ARG F 273 -49.52 -28.85 -2.88
C ARG F 273 -48.28 -29.73 -2.80
N ILE F 274 -47.88 -30.08 -1.58
CA ILE F 274 -46.66 -30.85 -1.41
C ILE F 274 -46.92 -32.16 -0.67
N ARG F 275 -46.70 -33.25 -1.39
CA ARG F 275 -46.67 -34.59 -0.83
C ARG F 275 -45.24 -34.90 -0.43
N TYR F 276 -45.05 -35.32 0.80
CA TYR F 276 -43.71 -35.64 1.26
C TYR F 276 -43.62 -37.05 1.82
N ARG F 277 -42.57 -37.76 1.40
CA ARG F 277 -42.27 -39.05 1.97
C ARG F 277 -40.80 -39.03 2.38
N ILE F 278 -40.56 -38.85 3.68
CA ILE F 278 -39.20 -38.72 4.19
C ILE F 278 -38.81 -39.91 5.06
N GLY F 279 -37.54 -40.27 5.05
CA GLY F 279 -37.00 -41.33 5.88
C GLY F 279 -35.83 -40.86 6.70
N ALA F 280 -35.37 -41.73 7.61
CA ALA F 280 -34.16 -41.51 8.42
C ALA F 280 -33.74 -42.84 9.06
N ASP F 281 -32.51 -42.90 9.58
CA ASP F 281 -32.03 -44.09 10.30
C ASP F 281 -32.25 -43.96 11.81
N ALA F 282 -31.98 -45.05 12.53
CA ALA F 282 -32.21 -45.11 13.98
C ALA F 282 -31.50 -43.99 14.74
N SER F 283 -30.27 -43.68 14.32
CA SER F 283 -29.47 -42.61 14.94
C SER F 283 -30.02 -41.20 14.66
N GLY F 284 -30.71 -41.03 13.52
CA GLY F 284 -31.34 -39.76 13.19
C GLY F 284 -31.09 -39.20 11.81
N LYS F 285 -29.96 -39.57 11.19
CA LYS F 285 -29.57 -39.07 9.86
C LYS F 285 -30.59 -39.43 8.79
N LEU F 286 -30.85 -38.48 7.90
CA LEU F 286 -31.78 -38.70 6.79
C LEU F 286 -31.20 -39.72 5.83
N LEU F 287 -32.06 -40.55 5.24
CA LEU F 287 -31.66 -41.59 4.28
C LEU F 287 -32.19 -41.34 2.88
N GLY F 288 -33.27 -40.57 2.79
CA GLY F 288 -33.90 -40.25 1.52
C GLY F 288 -35.22 -39.50 1.70
N ALA F 289 -35.44 -38.52 0.85
CA ALA F 289 -36.72 -37.81 0.83
C ALA F 289 -37.32 -37.80 -0.57
N ASP F 290 -38.58 -38.21 -0.67
CA ASP F 290 -39.29 -38.23 -1.93
C ASP F 290 -40.36 -37.14 -1.92
N PHE F 291 -40.30 -36.26 -2.92
CA PHE F 291 -41.14 -35.07 -2.96
C PHE F 291 -41.98 -34.97 -4.23
N VAL F 292 -43.24 -34.56 -4.07
CA VAL F 292 -44.08 -34.22 -5.21
C VAL F 292 -44.60 -32.78 -5.05
N HIS F 293 -44.23 -31.94 -6.01
CA HIS F 293 -44.74 -30.57 -6.07
C HIS F 293 -45.85 -30.45 -7.11
N LEU F 294 -46.96 -29.82 -6.70
CA LEU F 294 -48.04 -29.45 -7.62
C LEU F 294 -48.28 -27.95 -7.52
N ALA F 295 -48.04 -27.22 -8.60
CA ALA F 295 -48.09 -25.76 -8.55
C ALA F 295 -49.27 -25.14 -9.30
N ARG F 296 -49.86 -24.12 -8.69
CA ARG F 296 -50.87 -23.30 -9.32
C ARG F 296 -50.23 -22.24 -10.21
N CYS F 297 -50.10 -22.55 -11.50
CA CYS F 297 -49.34 -21.70 -12.43
C CYS F 297 -50.15 -20.59 -13.10
N GLY F 298 -51.44 -20.87 -13.31
CA GLY F 298 -52.34 -19.94 -13.99
C GLY F 298 -52.59 -20.29 -15.44
N TRP F 299 -53.33 -19.41 -16.11
CA TRP F 299 -53.70 -19.58 -17.52
C TRP F 299 -52.51 -19.43 -18.47
N SER F 300 -51.43 -18.82 -17.97
CA SER F 300 -50.30 -18.47 -18.81
C SER F 300 -48.95 -18.78 -18.19
N ALA F 301 -48.03 -19.22 -19.06
CA ALA F 301 -46.69 -19.63 -18.67
C ALA F 301 -46.03 -18.64 -17.72
N ASP F 302 -45.82 -17.42 -18.19
CA ASP F 302 -45.08 -16.39 -17.46
C ASP F 302 -43.74 -16.94 -16.95
N LEU F 303 -43.48 -16.79 -15.65
CA LEU F 303 -42.21 -17.25 -15.06
C LEU F 303 -42.32 -18.61 -14.34
N SER F 304 -43.47 -19.29 -14.46
CA SER F 304 -43.73 -20.52 -13.72
C SER F 304 -42.53 -21.47 -13.76
N LEU F 305 -41.99 -21.67 -14.97
CA LEU F 305 -40.85 -22.56 -15.21
C LEU F 305 -39.65 -22.28 -14.29
N PRO F 306 -39.05 -21.08 -14.37
CA PRO F 306 -37.92 -20.81 -13.48
C PRO F 306 -38.30 -20.86 -11.99
N VAL F 307 -39.53 -20.48 -11.65
CA VAL F 307 -40.00 -20.48 -10.25
C VAL F 307 -39.96 -21.91 -9.70
N CYS F 308 -40.52 -22.84 -10.46
CA CYS F 308 -40.64 -24.24 -10.03
C CYS F 308 -39.34 -25.03 -10.03
N ASP F 309 -38.35 -24.56 -10.79
CA ASP F 309 -37.00 -25.08 -10.67
C ASP F 309 -36.43 -24.67 -9.31
N ARG F 310 -36.67 -23.41 -8.94
CA ARG F 310 -36.19 -22.87 -7.66
C ARG F 310 -36.94 -23.47 -6.45
N ALA F 311 -38.15 -23.97 -6.68
CA ALA F 311 -38.83 -24.81 -5.69
C ALA F 311 -38.05 -26.11 -5.52
N MET F 312 -37.77 -26.76 -6.65
CA MET F 312 -37.05 -28.04 -6.68
C MET F 312 -35.62 -27.94 -6.17
N LEU F 313 -34.98 -26.84 -6.54
CA LEU F 313 -33.62 -26.52 -6.09
C LEU F 313 -33.53 -26.39 -4.57
N HIS F 314 -34.60 -25.91 -3.95
CA HIS F 314 -34.58 -25.65 -2.52
C HIS F 314 -35.36 -26.70 -1.73
N ALA F 315 -35.67 -27.80 -2.42
CA ALA F 315 -36.35 -28.99 -1.84
C ALA F 315 -35.40 -29.88 -1.03
N ASP F 316 -34.19 -29.39 -0.78
CA ASP F 316 -33.25 -30.01 0.13
C ASP F 316 -33.36 -29.36 1.51
N GLY F 317 -34.05 -28.22 1.57
CA GLY F 317 -34.07 -27.41 2.77
C GLY F 317 -32.65 -27.04 3.18
N SER F 318 -32.40 -27.02 4.49
CA SER F 318 -31.06 -26.75 5.03
C SER F 318 -30.31 -28.04 5.32
N TYR F 319 -30.80 -29.15 4.75
CA TYR F 319 -30.41 -30.49 5.20
C TYR F 319 -29.78 -31.34 4.10
N PHE F 320 -28.66 -31.96 4.45
CA PHE F 320 -28.01 -32.95 3.59
C PHE F 320 -28.82 -34.24 3.56
N VAL F 321 -29.44 -34.49 2.42
CA VAL F 321 -30.15 -35.72 2.18
C VAL F 321 -29.34 -36.55 1.18
N PRO F 322 -29.03 -37.80 1.53
CA PRO F 322 -28.24 -38.66 0.66
C PRO F 322 -29.00 -39.02 -0.61
N ALA F 323 -30.24 -39.50 -0.47
CA ALA F 323 -31.08 -39.83 -1.63
C ALA F 323 -32.32 -38.94 -1.64
N LEU F 324 -32.60 -38.35 -2.80
CA LEU F 324 -33.64 -37.33 -2.90
C LEU F 324 -34.22 -37.28 -4.32
N ARG F 325 -35.54 -37.42 -4.42
CA ARG F 325 -36.23 -37.43 -5.72
C ARG F 325 -37.42 -36.50 -5.74
N ILE F 326 -37.37 -35.47 -6.58
CA ILE F 326 -38.49 -34.52 -6.73
C ILE F 326 -39.21 -34.69 -8.08
N GLU F 327 -40.54 -34.62 -8.03
CA GLU F 327 -41.43 -34.70 -9.19
C GLU F 327 -42.38 -33.50 -9.16
N SER F 328 -42.13 -32.54 -10.05
CA SER F 328 -42.73 -31.21 -9.99
C SER F 328 -43.69 -30.97 -11.17
N HIS F 329 -44.97 -30.76 -10.87
CA HIS F 329 -45.99 -30.57 -11.90
C HIS F 329 -46.38 -29.11 -12.06
N ARG F 330 -46.04 -28.53 -13.21
CA ARG F 330 -46.41 -27.14 -13.53
C ARG F 330 -47.81 -27.15 -14.13
N LEU F 331 -48.82 -27.05 -13.28
CA LEU F 331 -50.22 -27.27 -13.69
C LEU F 331 -50.94 -26.00 -14.17
N ARG F 332 -51.52 -26.07 -15.37
CA ARG F 332 -52.27 -24.95 -15.94
C ARG F 332 -53.68 -24.87 -15.39
N THR F 333 -54.04 -23.70 -14.87
CA THR F 333 -55.38 -23.44 -14.33
C THR F 333 -55.95 -22.16 -14.97
N ASN F 334 -57.28 -22.10 -15.11
CA ASN F 334 -57.95 -20.92 -15.66
C ASN F 334 -58.11 -19.78 -14.65
N THR F 335 -57.02 -19.49 -13.96
CA THR F 335 -56.96 -18.40 -13.00
C THR F 335 -55.81 -17.47 -13.38
N GLN F 336 -55.58 -16.45 -12.56
CA GLN F 336 -54.48 -15.51 -12.74
C GLN F 336 -53.17 -16.25 -13.02
N SER F 337 -52.40 -15.73 -13.98
CA SER F 337 -51.09 -16.30 -14.28
C SER F 337 -50.13 -15.97 -13.15
N ASN F 338 -49.72 -16.98 -12.40
CA ASN F 338 -48.85 -16.76 -11.26
C ASN F 338 -47.42 -16.45 -11.70
N THR F 339 -46.80 -15.51 -11.00
CA THR F 339 -45.53 -14.90 -11.39
C THR F 339 -44.54 -14.90 -10.24
N ALA F 340 -43.37 -14.27 -10.44
CA ALA F 340 -42.34 -14.13 -9.41
C ALA F 340 -42.85 -13.58 -8.08
N PHE F 341 -42.23 -14.00 -6.98
CA PHE F 341 -42.50 -13.43 -5.65
C PHE F 341 -41.33 -13.71 -4.70
N ARG F 342 -40.82 -12.66 -4.07
CA ARG F 342 -39.73 -12.71 -3.08
C ARG F 342 -39.44 -14.12 -2.57
N GLY F 343 -38.46 -14.76 -3.19
CA GLY F 343 -38.15 -16.15 -2.92
C GLY F 343 -38.25 -16.98 -4.18
N PHE F 344 -39.10 -16.54 -5.12
CA PHE F 344 -39.17 -17.11 -6.46
C PHE F 344 -39.27 -18.65 -6.46
N GLY F 345 -40.22 -19.18 -5.69
CA GLY F 345 -40.43 -20.63 -5.61
C GLY F 345 -39.68 -21.35 -4.50
N GLY F 346 -38.53 -20.80 -4.10
CA GLY F 346 -37.74 -21.33 -2.99
C GLY F 346 -38.48 -21.60 -1.70
N PRO F 347 -39.21 -20.58 -1.15
CA PRO F 347 -39.97 -20.76 0.09
C PRO F 347 -40.89 -21.98 0.06
N GLN F 348 -41.47 -22.24 -1.11
CA GLN F 348 -42.23 -23.47 -1.36
C GLN F 348 -41.35 -24.70 -1.17
N GLY F 349 -40.24 -24.74 -1.90
CA GLY F 349 -39.31 -25.87 -1.87
C GLY F 349 -38.82 -26.20 -0.49
N ALA F 350 -38.53 -25.17 0.29
CA ALA F 350 -38.02 -25.32 1.65
C ALA F 350 -39.10 -25.83 2.59
N LEU F 351 -40.26 -25.20 2.54
CA LEU F 351 -41.39 -25.57 3.40
C LEU F 351 -41.75 -27.05 3.26
N GLY F 352 -41.60 -27.56 2.03
CA GLY F 352 -41.78 -28.98 1.77
C GLY F 352 -40.84 -29.82 2.61
N MET F 353 -39.59 -29.41 2.69
CA MET F 353 -38.58 -30.11 3.47
C MET F 353 -38.80 -29.90 4.96
N GLU F 354 -39.19 -28.68 5.34
CA GLU F 354 -39.37 -28.36 6.75
C GLU F 354 -40.57 -29.06 7.40
N ARG F 355 -41.56 -29.44 6.58
CA ARG F 355 -42.73 -30.16 7.08
C ARG F 355 -42.42 -31.64 7.23
N ALA F 356 -41.69 -32.17 6.25
CA ALA F 356 -41.23 -33.55 6.26
C ALA F 356 -40.34 -33.85 7.47
N ILE F 357 -39.39 -32.94 7.75
CA ILE F 357 -38.52 -33.04 8.91
C ILE F 357 -39.30 -32.81 10.20
N GLU F 358 -40.42 -32.09 10.12
CA GLU F 358 -41.25 -31.86 11.29
C GLU F 358 -42.12 -33.07 11.60
N HIS F 359 -42.79 -33.62 10.58
CA HIS F 359 -43.61 -34.83 10.72
C HIS F 359 -42.76 -36.01 11.18
N LEU F 360 -41.53 -36.06 10.67
CA LEU F 360 -40.57 -37.09 11.05
C LEU F 360 -40.11 -36.97 12.50
N ALA F 361 -39.84 -35.73 12.94
CA ALA F 361 -39.43 -35.47 14.32
C ALA F 361 -40.52 -35.84 15.33
N ARG F 362 -41.76 -35.41 15.07
CA ARG F 362 -42.91 -35.77 15.91
C ARG F 362 -43.20 -37.27 15.84
N GLY F 363 -43.00 -37.85 14.66
CA GLY F 363 -43.18 -39.28 14.45
C GLY F 363 -42.29 -40.13 15.32
N MET F 364 -40.99 -39.84 15.31
CA MET F 364 -40.02 -40.63 16.05
C MET F 364 -39.74 -40.14 17.47
N GLY F 365 -40.56 -39.20 17.95
CA GLY F 365 -40.47 -38.70 19.32
C GLY F 365 -39.14 -38.02 19.62
N ARG F 366 -38.72 -37.14 18.72
CA ARG F 366 -37.48 -36.39 18.89
C ARG F 366 -37.73 -34.89 18.74
N ASP F 367 -37.00 -34.08 19.50
CA ASP F 367 -37.08 -32.61 19.43
C ASP F 367 -36.49 -32.15 18.09
N PRO F 368 -37.35 -31.60 17.21
CA PRO F 368 -36.99 -31.14 15.87
C PRO F 368 -35.68 -30.36 15.78
N ALA F 369 -35.34 -29.61 16.82
CA ALA F 369 -34.07 -28.87 16.89
C ALA F 369 -32.88 -29.82 16.77
N GLU F 370 -32.97 -30.95 17.46
CA GLU F 370 -31.88 -31.93 17.52
C GLU F 370 -31.98 -32.99 16.43
N LEU F 371 -32.84 -32.75 15.44
CA LEU F 371 -32.96 -33.57 14.25
C LEU F 371 -32.44 -32.76 13.07
N ARG F 372 -32.67 -31.45 13.13
CA ARG F 372 -32.20 -30.52 12.11
C ARG F 372 -30.70 -30.26 12.25
N ALA F 373 -30.26 -30.05 13.50
CA ALA F 373 -28.86 -29.80 13.81
C ALA F 373 -28.01 -30.99 13.36
N LEU F 374 -28.53 -32.19 13.58
CA LEU F 374 -27.88 -33.44 13.20
C LEU F 374 -27.90 -33.66 11.68
N ASN F 375 -28.83 -33.00 10.99
CA ASN F 375 -29.00 -33.18 9.55
C ASN F 375 -28.71 -31.94 8.72
N PHE F 376 -27.61 -31.25 9.03
CA PHE F 376 -27.15 -30.14 8.19
C PHE F 376 -25.98 -30.57 7.32
N TYR F 377 -25.79 -29.85 6.22
CA TYR F 377 -24.51 -29.87 5.50
C TYR F 377 -23.40 -29.49 6.47
N ASP F 378 -22.33 -30.26 6.48
CA ASP F 378 -21.18 -30.04 7.38
C ASP F 378 -20.60 -28.64 7.20
N PRO F 379 -20.07 -28.04 8.29
CA PRO F 379 -19.31 -26.79 8.19
C PRO F 379 -18.11 -26.93 7.26
N PRO F 380 -17.63 -25.82 6.67
CA PRO F 380 -16.49 -25.82 5.73
C PRO F 380 -15.21 -26.46 6.28
N GLU F 381 -14.35 -26.95 5.37
CA GLU F 381 -13.07 -27.62 5.68
C GLU F 381 -13.25 -28.97 6.39
N LYS F 398 -11.19 -35.56 1.83
CA LYS F 398 -11.42 -34.44 0.93
C LYS F 398 -12.91 -34.28 0.60
N LYS F 399 -13.62 -35.42 0.61
CA LYS F 399 -14.99 -35.54 0.13
C LYS F 399 -15.98 -34.56 0.79
N THR F 400 -16.29 -33.49 0.06
CA THR F 400 -17.33 -32.53 0.44
C THR F 400 -18.68 -32.96 -0.14
N GLN F 401 -19.76 -32.69 0.58
CA GLN F 401 -21.11 -33.06 0.18
C GLN F 401 -21.60 -32.30 -1.05
N THR F 402 -22.70 -32.78 -1.62
CA THR F 402 -23.39 -32.05 -2.68
C THR F 402 -24.85 -31.90 -2.30
N THR F 403 -25.53 -30.96 -2.94
CA THR F 403 -26.97 -30.88 -2.87
C THR F 403 -27.52 -32.00 -3.74
N HIS F 404 -28.83 -32.21 -3.70
CA HIS F 404 -29.50 -33.17 -4.59
C HIS F 404 -29.29 -32.79 -6.06
N TYR F 405 -28.97 -31.53 -6.34
CA TYR F 405 -28.62 -31.11 -7.72
C TYR F 405 -27.14 -31.25 -8.07
N GLY F 406 -26.39 -31.86 -7.16
CA GLY F 406 -24.97 -32.13 -7.39
C GLY F 406 -24.10 -30.88 -7.36
N GLN F 407 -24.27 -30.07 -6.32
CA GLN F 407 -23.43 -28.89 -6.09
C GLN F 407 -22.83 -28.89 -4.68
N GLU F 408 -21.51 -28.69 -4.59
CA GLU F 408 -20.81 -28.58 -3.30
C GLU F 408 -21.37 -27.47 -2.38
N VAL F 409 -21.32 -27.71 -1.08
CA VAL F 409 -21.75 -26.69 -0.11
C VAL F 409 -20.60 -26.34 0.85
N ALA F 410 -19.59 -25.66 0.30
CA ALA F 410 -18.38 -25.35 1.03
C ALA F 410 -18.50 -24.07 1.87
N ASP F 411 -19.70 -23.52 1.93
CA ASP F 411 -19.95 -22.25 2.62
C ASP F 411 -20.99 -22.33 3.75
N CYS F 412 -21.35 -23.54 4.15
CA CYS F 412 -22.39 -23.74 5.15
C CYS F 412 -21.96 -23.43 6.58
N VAL F 413 -22.48 -22.31 7.10
CA VAL F 413 -22.16 -21.86 8.45
C VAL F 413 -23.31 -22.02 9.44
N LEU F 414 -24.31 -22.83 9.07
CA LEU F 414 -25.47 -23.10 9.94
C LEU F 414 -25.11 -23.74 11.27
N GLY F 415 -24.05 -24.56 11.28
CA GLY F 415 -23.57 -25.23 12.49
C GLY F 415 -23.50 -24.30 13.67
N GLU F 416 -22.54 -23.37 13.63
CA GLU F 416 -22.38 -22.37 14.70
C GLU F 416 -23.61 -21.46 14.79
N LEU F 417 -23.96 -20.85 13.65
CA LEU F 417 -25.05 -19.87 13.58
C LEU F 417 -26.27 -20.27 14.41
N VAL F 418 -26.68 -21.54 14.31
CA VAL F 418 -27.87 -22.02 15.01
C VAL F 418 -27.61 -22.19 16.52
N THR F 419 -26.42 -22.66 16.88
CA THR F 419 -26.05 -22.81 18.30
C THR F 419 -25.87 -21.43 18.96
N ARG F 420 -25.46 -20.44 18.18
CA ARG F 420 -25.32 -19.09 18.68
C ARG F 420 -26.70 -18.46 18.81
N LEU F 421 -27.60 -18.82 17.90
CA LEU F 421 -28.97 -18.31 17.94
C LEU F 421 -29.76 -18.87 19.12
N GLN F 422 -29.69 -20.19 19.30
CA GLN F 422 -30.39 -20.86 20.38
C GLN F 422 -29.98 -20.39 21.78
N LYS F 423 -28.67 -20.19 21.96
CA LYS F 423 -28.15 -19.67 23.21
C LYS F 423 -28.55 -18.22 23.42
N SER F 424 -28.35 -17.39 22.40
CA SER F 424 -28.67 -15.97 22.48
C SER F 424 -30.17 -15.73 22.66
N ALA F 425 -30.98 -16.57 22.01
CA ALA F 425 -32.43 -16.48 22.12
C ALA F 425 -32.97 -17.22 23.34
N ASN F 426 -32.07 -17.91 24.05
CA ASN F 426 -32.43 -18.69 25.23
C ASN F 426 -33.44 -19.80 24.90
N PHE F 427 -33.03 -20.70 24.02
CA PHE F 427 -33.97 -21.64 23.41
C PHE F 427 -34.48 -22.72 24.35
N THR F 428 -33.58 -23.48 24.97
CA THR F 428 -33.95 -24.67 25.77
C THR F 428 -34.74 -24.31 27.04
N THR F 429 -34.42 -23.15 27.62
CA THR F 429 -35.14 -22.66 28.78
C THR F 429 -36.54 -22.21 28.37
N ARG F 430 -36.62 -21.27 27.42
CA ARG F 430 -37.91 -20.78 26.97
C ARG F 430 -38.81 -21.92 26.51
N ARG F 431 -38.22 -22.87 25.79
CA ARG F 431 -38.92 -24.07 25.34
C ARG F 431 -39.46 -24.89 26.52
N ALA F 432 -38.67 -24.98 27.58
CA ALA F 432 -39.08 -25.68 28.82
C ALA F 432 -40.10 -24.87 29.62
N GLU F 433 -39.91 -23.55 29.63
CA GLU F 433 -40.79 -22.60 30.32
C GLU F 433 -42.23 -22.73 29.83
N ILE F 434 -42.36 -22.98 28.53
CA ILE F 434 -43.65 -23.12 27.84
C ILE F 434 -44.41 -24.38 28.26
N ALA F 435 -43.67 -25.46 28.54
CA ALA F 435 -44.27 -26.72 28.99
C ALA F 435 -45.11 -26.49 30.25
N ALA F 436 -44.46 -25.85 31.23
CA ALA F 436 -45.08 -25.50 32.50
C ALA F 436 -46.23 -24.52 32.32
N TRP F 437 -46.08 -23.59 31.37
CA TRP F 437 -47.14 -22.64 31.06
C TRP F 437 -48.30 -23.31 30.31
N ASN F 438 -48.00 -24.34 29.53
CA ASN F 438 -49.03 -25.05 28.79
C ASN F 438 -49.89 -25.97 29.67
N SER F 439 -49.30 -26.52 30.73
CA SER F 439 -50.07 -27.33 31.66
C SER F 439 -50.82 -26.48 32.71
N THR F 440 -50.49 -25.19 32.77
CA THR F 440 -51.17 -24.25 33.67
C THR F 440 -52.28 -23.49 32.93
N ASN F 441 -52.45 -23.81 31.65
CA ASN F 441 -53.50 -23.20 30.83
C ASN F 441 -54.33 -24.20 30.05
N ARG F 442 -55.52 -23.75 29.65
CA ARG F 442 -56.50 -24.62 29.00
C ARG F 442 -57.20 -23.94 27.83
N THR F 443 -57.22 -22.61 27.85
CA THR F 443 -57.83 -21.83 26.79
C THR F 443 -56.74 -21.27 25.89
N LEU F 444 -55.56 -21.05 26.48
CA LEU F 444 -54.42 -20.55 25.73
C LEU F 444 -53.30 -21.57 25.72
N ALA F 445 -52.53 -21.60 24.63
CA ALA F 445 -51.44 -22.57 24.50
C ALA F 445 -50.27 -21.99 23.69
N ARG F 446 -49.09 -21.96 24.29
CA ARG F 446 -47.90 -21.40 23.62
C ARG F 446 -47.20 -22.40 22.71
N GLY F 447 -46.47 -21.87 21.73
CA GLY F 447 -45.70 -22.67 20.79
C GLY F 447 -44.42 -21.99 20.36
N ILE F 448 -43.35 -22.77 20.25
CA ILE F 448 -42.03 -22.27 19.83
C ILE F 448 -41.44 -23.14 18.70
N ALA F 449 -40.60 -22.53 17.87
CA ALA F 449 -39.85 -23.28 16.86
C ALA F 449 -38.68 -22.49 16.28
N LEU F 450 -37.67 -23.22 15.82
CA LEU F 450 -36.56 -22.65 15.08
C LEU F 450 -36.55 -23.20 13.66
N SER F 451 -36.56 -22.31 12.69
CA SER F 451 -36.41 -22.69 11.29
C SER F 451 -35.06 -22.17 10.77
N PRO F 452 -34.37 -22.99 9.94
CA PRO F 452 -33.15 -22.57 9.26
C PRO F 452 -33.37 -22.14 7.81
N VAL F 453 -32.43 -21.37 7.27
CA VAL F 453 -32.44 -21.00 5.84
C VAL F 453 -31.14 -21.40 5.14
N LYS F 454 -31.31 -22.06 4.00
CA LYS F 454 -30.24 -22.22 3.05
C LYS F 454 -30.83 -21.78 1.74
N PHE F 455 -30.30 -20.70 1.18
CA PHE F 455 -30.84 -20.12 -0.04
C PHE F 455 -29.73 -19.79 -1.04
N GLY F 456 -29.76 -20.45 -2.19
CA GLY F 456 -28.77 -20.23 -3.24
C GLY F 456 -28.95 -18.90 -3.92
N ILE F 457 -27.83 -18.25 -4.26
CA ILE F 457 -27.87 -16.92 -4.88
C ILE F 457 -27.33 -16.95 -6.30
N SER F 458 -28.18 -16.54 -7.23
CA SER F 458 -27.84 -16.27 -8.63
C SER F 458 -29.09 -16.43 -9.50
N PHE F 459 -28.95 -16.11 -10.79
CA PHE F 459 -30.00 -16.38 -11.76
C PHE F 459 -30.00 -17.85 -12.17
N THR F 460 -31.19 -18.44 -12.14
CA THR F 460 -31.41 -19.82 -12.52
C THR F 460 -31.10 -20.03 -13.99
N LEU F 461 -31.68 -19.21 -14.86
CA LEU F 461 -31.26 -19.15 -16.25
C LEU F 461 -30.01 -18.28 -16.24
N THR F 462 -28.87 -18.93 -15.98
CA THR F 462 -27.62 -18.28 -15.58
C THR F 462 -27.16 -17.14 -16.47
N HIS F 463 -27.31 -17.27 -17.79
CA HIS F 463 -26.86 -16.24 -18.75
C HIS F 463 -27.45 -14.84 -18.50
N LEU F 464 -28.36 -14.76 -17.53
CA LEU F 464 -28.95 -13.50 -17.05
C LEU F 464 -28.02 -12.79 -16.07
N ASN F 465 -27.07 -13.54 -15.51
CA ASN F 465 -26.13 -13.01 -14.53
C ASN F 465 -25.10 -12.07 -15.12
N GLN F 466 -25.58 -10.88 -15.49
CA GLN F 466 -24.76 -9.79 -16.00
C GLN F 466 -25.28 -8.43 -15.49
N ALA F 467 -24.42 -7.43 -15.45
CA ALA F 467 -24.80 -6.09 -14.98
C ALA F 467 -23.89 -4.99 -15.53
N GLY F 468 -24.44 -3.78 -15.64
CA GLY F 468 -23.71 -2.64 -16.19
C GLY F 468 -23.86 -1.36 -15.40
N ALA F 469 -22.86 -0.49 -15.52
CA ALA F 469 -22.85 0.83 -14.87
C ALA F 469 -22.22 1.89 -15.76
N LEU F 470 -22.65 3.14 -15.57
CA LEU F 470 -22.15 4.29 -16.31
C LEU F 470 -21.88 5.43 -15.35
N VAL F 471 -20.60 5.78 -15.20
CA VAL F 471 -20.17 6.76 -14.21
C VAL F 471 -19.60 8.02 -14.85
N GLN F 472 -20.26 9.14 -14.59
CA GLN F 472 -19.78 10.45 -15.01
C GLN F 472 -19.10 11.10 -13.81
N ILE F 473 -17.92 11.67 -14.03
CA ILE F 473 -17.31 12.58 -13.07
C ILE F 473 -17.27 13.95 -13.75
N TYR F 474 -18.01 14.90 -13.18
CA TYR F 474 -18.06 16.24 -13.75
C TYR F 474 -16.83 17.04 -13.32
N THR F 475 -16.65 18.24 -13.88
CA THR F 475 -15.42 19.01 -13.65
C THR F 475 -15.21 19.49 -12.22
N ASP F 476 -16.29 19.74 -11.49
CA ASP F 476 -16.16 20.23 -10.12
C ASP F 476 -15.80 19.12 -9.12
N GLY F 477 -15.93 17.87 -9.53
CA GLY F 477 -15.54 16.74 -8.68
C GLY F 477 -16.70 16.00 -8.07
N SER F 478 -17.91 16.36 -8.48
CA SER F 478 -19.10 15.61 -8.15
C SER F 478 -19.35 14.58 -9.24
N VAL F 479 -19.72 13.37 -8.83
CA VAL F 479 -19.89 12.26 -9.76
C VAL F 479 -21.35 11.86 -9.87
N ALA F 480 -21.74 11.44 -11.07
CA ALA F 480 -23.09 10.95 -11.31
C ALA F 480 -23.00 9.48 -11.65
N LEU F 481 -23.70 8.67 -10.87
CA LEU F 481 -23.66 7.22 -10.99
C LEU F 481 -24.93 6.66 -11.62
N ASN F 482 -24.76 5.85 -12.65
CA ASN F 482 -25.87 5.12 -13.25
C ASN F 482 -25.56 3.65 -13.32
N HIS F 483 -26.58 2.82 -13.12
CA HIS F 483 -26.43 1.36 -13.23
C HIS F 483 -27.74 0.68 -13.65
N GLY F 484 -27.71 -0.64 -13.75
CA GLY F 484 -28.86 -1.39 -14.23
C GLY F 484 -29.97 -1.57 -13.22
N GLY F 485 -29.58 -1.58 -11.94
CA GLY F 485 -30.50 -1.90 -10.86
C GLY F 485 -31.64 -0.91 -10.62
N THR F 486 -32.84 -1.47 -10.40
CA THR F 486 -34.02 -0.67 -10.11
C THR F 486 -34.21 -0.52 -8.61
N GLU F 487 -34.63 0.67 -8.19
CA GLU F 487 -34.94 0.92 -6.80
C GLU F 487 -36.43 0.64 -6.55
N MET F 488 -36.70 -0.23 -5.58
CA MET F 488 -38.07 -0.57 -5.18
C MET F 488 -38.21 -0.60 -3.67
N GLY F 489 -37.09 -0.33 -3.00
CA GLY F 489 -37.09 -0.30 -1.55
C GLY F 489 -35.90 -0.98 -0.91
N GLN F 490 -35.32 -1.95 -1.61
CA GLN F 490 -34.24 -2.76 -1.04
C GLN F 490 -33.03 -1.93 -0.59
N GLY F 491 -33.04 -0.65 -0.93
CA GLY F 491 -31.96 0.26 -0.55
C GLY F 491 -30.77 0.10 -1.48
N LEU F 492 -31.05 -0.33 -2.70
CA LEU F 492 -30.02 -0.64 -3.68
C LEU F 492 -29.13 0.56 -3.99
N HIS F 493 -29.75 1.70 -4.23
CA HIS F 493 -29.02 2.92 -4.59
C HIS F 493 -28.05 3.35 -3.50
N ALA F 494 -28.49 3.26 -2.24
CA ALA F 494 -27.60 3.53 -1.13
C ALA F 494 -26.31 2.70 -1.27
N LYS F 495 -26.47 1.39 -1.39
CA LYS F 495 -25.35 0.46 -1.52
C LYS F 495 -24.45 0.77 -2.72
N MET F 496 -25.02 1.20 -3.84
CA MET F 496 -24.22 1.53 -5.03
C MET F 496 -23.43 2.84 -4.89
N VAL F 497 -24.07 3.83 -4.26
CA VAL F 497 -23.42 5.09 -3.91
C VAL F 497 -22.35 4.83 -2.83
N GLN F 498 -22.58 3.83 -1.99
CA GLN F 498 -21.59 3.40 -0.99
C GLN F 498 -20.35 2.75 -1.61
N VAL F 499 -20.55 1.92 -2.64
CA VAL F 499 -19.43 1.30 -3.37
C VAL F 499 -18.67 2.36 -4.16
N ALA F 500 -19.42 3.13 -4.95
CA ALA F 500 -18.86 4.16 -5.82
C ALA F 500 -17.91 5.08 -5.07
N ALA F 501 -18.40 5.65 -3.97
CA ALA F 501 -17.59 6.51 -3.11
C ALA F 501 -16.34 5.77 -2.62
N ALA F 502 -16.52 4.52 -2.20
CA ALA F 502 -15.45 3.69 -1.63
C ALA F 502 -14.33 3.37 -2.62
N VAL F 503 -14.70 3.07 -3.87
CA VAL F 503 -13.72 2.76 -4.91
C VAL F 503 -12.92 4.00 -5.30
N LEU F 504 -13.61 5.15 -5.37
CA LEU F 504 -12.97 6.41 -5.72
C LEU F 504 -12.20 6.98 -4.54
N GLY F 505 -12.82 6.95 -3.36
CA GLY F 505 -12.19 7.50 -2.15
C GLY F 505 -12.71 8.87 -1.82
N ILE F 506 -13.96 9.13 -2.20
CA ILE F 506 -14.64 10.40 -1.93
C ILE F 506 -15.71 10.25 -0.85
N ASP F 507 -16.30 11.37 -0.44
CA ASP F 507 -17.46 11.29 0.44
C ASP F 507 -18.68 10.84 -0.38
N PRO F 508 -19.60 10.04 0.22
CA PRO F 508 -20.80 9.60 -0.50
C PRO F 508 -21.72 10.72 -0.95
N VAL F 509 -21.66 11.88 -0.29
CA VAL F 509 -22.43 13.06 -0.68
C VAL F 509 -22.11 13.45 -2.13
N GLN F 510 -20.83 13.35 -2.47
CA GLN F 510 -20.33 13.60 -3.82
C GLN F 510 -20.92 12.69 -4.89
N VAL F 511 -21.50 11.55 -4.49
CA VAL F 511 -22.06 10.63 -5.46
C VAL F 511 -23.59 10.75 -5.55
N ARG F 512 -24.07 11.18 -6.71
CA ARG F 512 -25.50 11.26 -6.99
C ARG F 512 -25.91 10.09 -7.86
N ILE F 513 -27.17 9.64 -7.69
CA ILE F 513 -27.74 8.54 -8.48
C ILE F 513 -28.72 9.03 -9.54
N THR F 514 -28.51 8.60 -10.78
CA THR F 514 -29.49 8.79 -11.85
C THR F 514 -30.49 7.63 -11.86
N ALA F 515 -31.64 7.88 -12.45
CA ALA F 515 -32.66 6.85 -12.62
C ALA F 515 -32.18 5.77 -13.56
N THR F 516 -32.67 4.55 -13.38
CA THR F 516 -32.38 3.46 -14.29
C THR F 516 -32.81 3.91 -15.68
N ASP F 517 -31.97 3.64 -16.67
CA ASP F 517 -32.23 4.08 -18.04
C ASP F 517 -31.68 3.10 -19.05
N THR F 518 -32.51 2.68 -20.01
CA THR F 518 -32.09 1.76 -21.08
C THR F 518 -31.12 2.40 -22.08
N SER F 519 -31.04 3.73 -22.09
CA SER F 519 -30.16 4.45 -23.01
C SER F 519 -28.88 4.90 -22.32
N LYS F 520 -28.76 4.58 -21.03
CA LYS F 520 -27.51 4.71 -20.29
C LYS F 520 -26.85 3.33 -20.14
N VAL F 521 -27.57 2.39 -19.55
CA VAL F 521 -27.10 1.00 -19.40
C VAL F 521 -28.09 0.02 -20.06
N PRO F 522 -27.65 -0.64 -21.15
CA PRO F 522 -28.51 -1.45 -22.01
C PRO F 522 -28.49 -2.93 -21.66
N ASN F 523 -29.51 -3.65 -22.13
CA ASN F 523 -29.59 -5.10 -22.01
C ASN F 523 -29.48 -5.56 -20.55
N THR F 524 -30.09 -4.80 -19.65
CA THR F 524 -30.15 -5.16 -18.23
C THR F 524 -31.09 -6.35 -18.00
N SER F 525 -30.68 -7.22 -17.07
CA SER F 525 -31.54 -8.28 -16.55
C SER F 525 -32.45 -7.71 -15.46
N ALA F 526 -33.50 -8.43 -15.11
CA ALA F 526 -34.42 -7.94 -14.08
C ALA F 526 -33.71 -7.77 -12.74
N THR F 527 -34.06 -6.71 -11.99
CA THR F 527 -33.60 -6.59 -10.60
C THR F 527 -34.33 -7.70 -9.85
N ALA F 528 -33.71 -8.88 -9.83
CA ALA F 528 -34.31 -10.10 -9.27
C ALA F 528 -33.25 -11.13 -8.90
N ALA F 529 -33.65 -12.09 -8.06
CA ALA F 529 -32.76 -13.18 -7.58
C ALA F 529 -31.83 -12.73 -6.45
N SER F 530 -32.14 -11.58 -5.86
CA SER F 530 -31.35 -10.97 -4.77
C SER F 530 -29.97 -10.48 -5.24
N SER F 531 -29.78 -10.44 -6.56
CA SER F 531 -28.45 -10.19 -7.15
C SER F 531 -28.20 -8.72 -7.52
N GLY F 532 -29.20 -7.88 -7.26
CA GLY F 532 -29.12 -6.43 -7.53
C GLY F 532 -27.88 -5.74 -7.02
N ALA F 533 -27.64 -5.86 -5.72
CA ALA F 533 -26.45 -5.30 -5.10
C ALA F 533 -25.21 -6.05 -5.56
N ASP F 534 -25.31 -7.38 -5.64
CA ASP F 534 -24.20 -8.23 -6.03
C ASP F 534 -23.59 -7.82 -7.36
N MET F 535 -24.39 -7.90 -8.43
CA MET F 535 -23.86 -7.77 -9.79
C MET F 535 -23.66 -6.33 -10.24
N ASN F 536 -24.58 -5.45 -9.85
CA ASN F 536 -24.45 -4.03 -10.15
C ASN F 536 -23.44 -3.34 -9.22
N GLY F 537 -23.32 -3.82 -7.98
CA GLY F 537 -22.26 -3.35 -7.08
C GLY F 537 -20.87 -3.62 -7.65
N MET F 538 -20.72 -4.82 -8.21
CA MET F 538 -19.51 -5.26 -8.88
C MET F 538 -19.24 -4.47 -10.16
N ALA F 539 -20.32 -4.23 -10.92
CA ALA F 539 -20.26 -3.48 -12.17
C ALA F 539 -19.83 -2.04 -11.92
N VAL F 540 -20.45 -1.42 -10.91
CA VAL F 540 -20.11 -0.07 -10.49
C VAL F 540 -18.60 0.03 -10.22
N LYS F 541 -18.06 -0.89 -9.42
CA LYS F 541 -16.62 -0.95 -9.16
C LYS F 541 -15.81 -0.89 -10.46
N ASP F 542 -16.08 -1.83 -11.38
CA ASP F 542 -15.42 -1.88 -12.69
C ASP F 542 -15.28 -0.49 -13.33
N ALA F 543 -16.35 0.30 -13.26
CA ALA F 543 -16.38 1.67 -13.79
C ALA F 543 -15.48 2.61 -13.00
N CYS F 544 -15.70 2.66 -11.68
CA CYS F 544 -14.98 3.59 -10.79
C CYS F 544 -13.48 3.31 -10.71
N GLU F 545 -13.12 2.02 -10.78
CA GLU F 545 -11.72 1.58 -10.82
C GLU F 545 -10.99 2.13 -12.04
N THR F 546 -11.65 2.12 -13.19
CA THR F 546 -11.10 2.64 -14.45
C THR F 546 -10.88 4.14 -14.35
N LEU F 547 -11.90 4.84 -13.83
CA LEU F 547 -11.84 6.28 -13.66
C LEU F 547 -10.80 6.72 -12.63
N ARG F 548 -10.75 6.00 -11.49
CA ARG F 548 -9.69 6.25 -10.52
C ARG F 548 -8.34 5.86 -11.14
N GLY F 549 -8.38 4.84 -12.00
CA GLY F 549 -7.20 4.37 -12.72
C GLY F 549 -6.64 5.40 -13.67
N ARG F 550 -7.49 5.95 -14.55
CA ARG F 550 -7.10 7.04 -15.46
C ARG F 550 -6.58 8.26 -14.69
N LEU F 551 -7.24 8.60 -13.58
CA LEU F 551 -6.81 9.71 -12.73
C LEU F 551 -5.43 9.48 -12.13
N ALA F 552 -5.25 8.30 -11.51
CA ALA F 552 -3.99 7.91 -10.89
C ALA F 552 -2.84 7.97 -11.88
N GLY F 553 -3.06 7.40 -13.07
CA GLY F 553 -2.10 7.45 -14.17
C GLY F 553 -1.70 8.86 -14.59
N PHE F 554 -2.70 9.74 -14.70
CA PHE F 554 -2.46 11.17 -14.94
C PHE F 554 -1.60 11.76 -13.83
N VAL F 555 -1.94 11.46 -12.58
CA VAL F 555 -1.17 11.93 -11.43
C VAL F 555 0.24 11.37 -11.48
N ALA F 556 0.34 10.08 -11.76
CA ALA F 556 1.62 9.37 -11.85
C ALA F 556 2.58 9.99 -12.85
N ALA F 557 2.06 10.33 -14.04
CA ALA F 557 2.87 10.97 -15.08
C ALA F 557 3.24 12.39 -14.66
N ARG F 558 2.24 13.24 -14.48
CA ARG F 558 2.43 14.64 -14.06
C ARG F 558 3.47 14.77 -12.93
N GLU F 559 3.29 13.99 -11.87
CA GLU F 559 4.13 14.06 -10.69
C GLU F 559 5.33 13.13 -10.77
N GLY F 560 5.42 12.36 -11.86
CA GLY F 560 6.56 11.48 -12.12
C GLY F 560 6.77 10.38 -11.09
N CYS F 561 5.92 9.36 -11.14
CA CYS F 561 6.04 8.17 -10.27
C CYS F 561 5.09 7.09 -10.75
N ALA F 562 5.12 5.94 -10.07
CA ALA F 562 4.21 4.84 -10.38
C ALA F 562 2.77 5.20 -10.00
N ALA F 563 1.82 4.82 -10.85
CA ALA F 563 0.39 5.11 -10.63
C ALA F 563 -0.13 4.49 -9.33
N ARG F 564 0.31 3.27 -9.06
CA ARG F 564 -0.03 2.52 -7.85
C ARG F 564 0.31 3.24 -6.55
N ASP F 565 1.10 4.32 -6.65
CA ASP F 565 1.49 5.10 -5.49
C ASP F 565 0.67 6.39 -5.33
N VAL F 566 -0.41 6.50 -6.11
CA VAL F 566 -1.34 7.62 -5.99
C VAL F 566 -2.50 7.20 -5.11
N ILE F 567 -2.50 7.63 -3.85
CA ILE F 567 -3.51 7.20 -2.91
C ILE F 567 -4.73 8.11 -2.94
N PHE F 568 -5.87 7.53 -3.32
CA PHE F 568 -7.17 8.19 -3.26
C PHE F 568 -7.87 7.77 -1.96
N ASP F 569 -8.20 8.76 -1.13
CA ASP F 569 -8.98 8.50 0.10
C ASP F 569 -9.47 9.77 0.81
N ALA F 570 -10.68 9.68 1.36
CA ALA F 570 -11.29 10.75 2.14
C ALA F 570 -11.29 12.07 1.37
N GLY F 571 -11.61 11.98 0.09
CA GLY F 571 -11.73 13.16 -0.77
C GLY F 571 -10.42 13.83 -1.14
N GLN F 572 -9.31 13.19 -0.76
CA GLN F 572 -7.98 13.71 -1.06
C GLN F 572 -7.28 12.77 -2.03
N VAL F 573 -6.41 13.33 -2.85
CA VAL F 573 -5.58 12.54 -3.77
C VAL F 573 -4.14 12.75 -3.34
N GLN F 574 -3.38 11.67 -3.16
CA GLN F 574 -1.99 11.79 -2.71
C GLN F 574 -0.98 11.00 -3.53
N ALA F 575 0.18 11.62 -3.74
CA ALA F 575 1.33 11.03 -4.46
C ALA F 575 2.55 11.94 -4.32
N SER F 576 3.74 11.34 -4.39
CA SER F 576 5.03 12.06 -4.29
C SER F 576 5.18 12.91 -3.03
N GLY F 577 4.49 12.50 -1.95
CA GLY F 577 4.46 13.27 -0.70
C GLY F 577 3.76 14.62 -0.83
N LYS F 578 2.68 14.65 -1.58
CA LYS F 578 1.91 15.87 -1.84
C LYS F 578 0.41 15.59 -1.71
N SER F 579 -0.32 16.52 -1.09
CA SER F 579 -1.77 16.35 -0.92
C SER F 579 -2.54 17.44 -1.65
N TRP F 580 -3.41 17.03 -2.56
CA TRP F 580 -4.27 17.96 -3.28
C TRP F 580 -5.70 17.78 -2.80
N ARG F 581 -6.62 17.81 -3.76
CA ARG F 581 -8.03 17.54 -3.54
C ARG F 581 -8.64 16.90 -4.80
N PHE F 582 -9.60 16.00 -4.59
CA PHE F 582 -10.23 15.28 -5.70
C PHE F 582 -10.74 16.25 -6.75
N ALA F 583 -11.48 17.27 -6.31
CA ALA F 583 -12.04 18.29 -7.20
C ALA F 583 -11.03 18.89 -8.17
N GLU F 584 -9.82 19.15 -7.67
CA GLU F 584 -8.79 19.82 -8.46
C GLU F 584 -7.83 18.83 -9.12
N ILE F 585 -7.87 17.58 -8.67
CA ILE F 585 -7.17 16.51 -9.36
C ILE F 585 -7.98 16.11 -10.60
N VAL F 586 -9.30 16.18 -10.48
CA VAL F 586 -10.21 15.96 -11.60
C VAL F 586 -10.13 17.14 -12.56
N ALA F 587 -10.15 18.34 -11.99
CA ALA F 587 -10.13 19.58 -12.76
C ALA F 587 -8.90 19.64 -13.66
N ALA F 588 -7.76 19.25 -13.09
CA ALA F 588 -6.50 19.23 -13.82
C ALA F 588 -6.48 18.14 -14.91
N ALA F 589 -7.11 17.01 -14.62
CA ALA F 589 -7.21 15.90 -15.58
C ALA F 589 -8.11 16.24 -16.78
N TYR F 590 -9.08 17.13 -16.55
CA TYR F 590 -9.91 17.67 -17.60
C TYR F 590 -9.13 18.63 -18.48
N MET F 591 -8.07 19.19 -17.92
CA MET F 591 -7.16 20.05 -18.65
C MET F 591 -6.27 19.21 -19.54
N ALA F 592 -5.75 18.12 -18.97
CA ALA F 592 -4.87 17.20 -19.67
C ALA F 592 -5.63 16.34 -20.68
N ARG F 593 -6.96 16.50 -20.70
CA ARG F 593 -7.85 15.81 -21.63
C ARG F 593 -7.91 14.29 -21.45
N ILE F 594 -8.07 13.87 -20.19
CA ILE F 594 -8.32 12.48 -19.83
C ILE F 594 -9.83 12.29 -19.70
N SER F 595 -10.36 11.27 -20.38
CA SER F 595 -11.78 10.93 -20.34
C SER F 595 -12.27 10.62 -18.93
N LEU F 596 -13.34 11.28 -18.49
CA LEU F 596 -13.93 11.04 -17.15
C LEU F 596 -15.34 10.42 -17.21
N SER F 597 -15.54 9.62 -18.25
CA SER F 597 -16.76 8.86 -18.42
C SER F 597 -16.34 7.40 -18.54
N ALA F 598 -17.02 6.52 -17.82
CA ALA F 598 -16.67 5.11 -17.83
C ALA F 598 -17.88 4.21 -17.65
N THR F 599 -17.86 3.11 -18.39
CA THR F 599 -18.85 2.07 -18.24
C THR F 599 -18.23 0.96 -17.39
N GLY F 600 -19.09 0.19 -16.72
CA GLY F 600 -18.63 -0.93 -15.89
C GLY F 600 -19.48 -2.17 -16.12
N PHE F 601 -18.81 -3.30 -16.24
CA PHE F 601 -19.52 -4.55 -16.50
C PHE F 601 -19.15 -5.63 -15.50
N TYR F 602 -20.10 -6.51 -15.21
CA TYR F 602 -19.82 -7.71 -14.42
C TYR F 602 -20.69 -8.89 -14.87
N ALA F 603 -20.07 -10.08 -14.95
CA ALA F 603 -20.80 -11.32 -15.19
C ALA F 603 -20.42 -12.33 -14.10
N THR F 604 -21.43 -12.98 -13.51
CA THR F 604 -21.20 -13.93 -12.41
C THR F 604 -20.54 -15.19 -12.96
N PRO F 605 -19.35 -15.55 -12.44
CA PRO F 605 -18.61 -16.74 -12.90
C PRO F 605 -18.95 -18.03 -12.13
N LYS F 606 -18.37 -19.14 -12.59
CA LYS F 606 -18.47 -20.46 -11.93
C LYS F 606 -19.76 -21.26 -12.18
N LEU F 607 -20.73 -20.64 -12.86
CA LEU F 607 -22.06 -21.25 -13.00
C LEU F 607 -22.30 -21.91 -14.36
N SER F 608 -22.61 -23.20 -14.34
CA SER F 608 -23.14 -23.91 -15.53
C SER F 608 -23.88 -25.18 -15.08
N TRP F 609 -25.17 -25.24 -15.38
CA TRP F 609 -25.96 -26.39 -14.96
C TRP F 609 -27.07 -26.80 -15.95
N ASP F 610 -27.24 -28.11 -16.12
CA ASP F 610 -28.27 -28.63 -17.02
C ASP F 610 -29.61 -28.77 -16.30
N ARG F 611 -30.59 -27.98 -16.75
CA ARG F 611 -31.89 -27.93 -16.12
C ARG F 611 -32.63 -29.25 -16.27
N LEU F 612 -32.54 -29.86 -17.45
CA LEU F 612 -33.20 -31.14 -17.69
C LEU F 612 -32.55 -32.27 -16.88
N ARG F 613 -31.22 -32.36 -16.95
CA ARG F 613 -30.46 -33.34 -16.18
C ARG F 613 -30.67 -33.14 -14.68
N GLY F 614 -30.73 -31.88 -14.26
CA GLY F 614 -30.80 -31.50 -12.85
C GLY F 614 -29.43 -31.50 -12.18
N GLN F 615 -28.39 -31.23 -12.97
CA GLN F 615 -27.00 -31.34 -12.52
C GLN F 615 -26.17 -30.09 -12.87
N GLY F 616 -25.18 -29.79 -12.04
CA GLY F 616 -24.25 -28.67 -12.28
C GLY F 616 -24.20 -27.66 -11.16
N ARG F 617 -23.70 -26.45 -11.46
CA ARG F 617 -23.71 -25.35 -10.50
C ARG F 617 -24.60 -24.20 -10.98
N PRO F 618 -25.71 -23.95 -10.26
CA PRO F 618 -26.58 -22.83 -10.53
C PRO F 618 -26.22 -21.57 -9.75
N PHE F 619 -25.66 -21.76 -8.56
CA PHE F 619 -25.44 -20.65 -7.63
C PHE F 619 -23.97 -20.37 -7.36
N LEU F 620 -23.66 -19.13 -7.01
CA LEU F 620 -22.32 -18.76 -6.58
C LEU F 620 -22.13 -19.13 -5.10
N TYR F 621 -23.14 -18.84 -4.30
CA TYR F 621 -23.10 -19.16 -2.87
C TYR F 621 -24.51 -19.39 -2.29
N PHE F 622 -24.55 -19.70 -1.00
CA PHE F 622 -25.80 -19.85 -0.29
C PHE F 622 -25.83 -18.86 0.87
N ALA F 623 -26.95 -18.16 1.04
CA ALA F 623 -27.13 -17.27 2.17
C ALA F 623 -27.81 -18.05 3.29
N TYR F 624 -27.27 -17.90 4.51
CA TYR F 624 -27.76 -18.66 5.65
C TYR F 624 -28.42 -17.77 6.70
N GLY F 625 -28.88 -18.40 7.77
CA GLY F 625 -29.63 -17.70 8.80
C GLY F 625 -30.70 -18.61 9.37
N ALA F 626 -31.15 -18.27 10.57
CA ALA F 626 -32.18 -19.05 11.26
C ALA F 626 -33.02 -18.12 12.13
N ALA F 627 -34.21 -18.58 12.50
CA ALA F 627 -35.12 -17.79 13.33
C ALA F 627 -35.81 -18.64 14.38
N ILE F 628 -35.87 -18.11 15.60
CA ILE F 628 -36.66 -18.73 16.67
C ILE F 628 -37.91 -17.87 16.91
N THR F 629 -39.06 -18.43 16.55
CA THR F 629 -40.35 -17.75 16.71
C THR F 629 -41.17 -18.45 17.78
N GLU F 630 -41.85 -17.63 18.61
CA GLU F 630 -42.78 -18.09 19.62
C GLU F 630 -44.15 -17.45 19.40
N VAL F 631 -45.21 -18.25 19.51
CA VAL F 631 -46.57 -17.80 19.26
C VAL F 631 -47.55 -18.29 20.35
N VAL F 632 -48.74 -17.69 20.37
CA VAL F 632 -49.86 -18.18 21.20
C VAL F 632 -51.08 -18.46 20.35
N ILE F 633 -51.84 -19.50 20.72
CA ILE F 633 -53.10 -19.79 20.05
C ILE F 633 -54.26 -19.84 21.03
N ASP F 634 -55.41 -19.40 20.54
CA ASP F 634 -56.64 -19.36 21.32
C ASP F 634 -57.41 -20.67 21.10
N ARG F 635 -57.26 -21.57 22.05
CA ARG F 635 -57.82 -22.92 21.99
C ARG F 635 -59.32 -22.99 21.68
N LEU F 636 -60.02 -21.87 21.81
CA LEU F 636 -61.46 -21.83 21.57
C LEU F 636 -61.86 -21.39 20.17
N THR F 637 -61.26 -20.31 19.68
CA THR F 637 -61.67 -19.69 18.41
C THR F 637 -60.67 -19.84 17.26
N GLY F 638 -59.38 -19.87 17.60
CA GLY F 638 -58.31 -20.02 16.60
C GLY F 638 -57.37 -18.83 16.54
N GLU F 639 -57.88 -17.68 16.94
CA GLU F 639 -57.10 -16.44 17.04
C GLU F 639 -55.68 -16.69 17.57
N ASN F 640 -54.71 -15.98 17.01
CA ASN F 640 -53.31 -16.19 17.38
C ASN F 640 -52.44 -14.97 17.12
N ARG F 641 -51.28 -14.93 17.76
CA ARG F 641 -50.27 -13.92 17.42
C ARG F 641 -48.85 -14.34 17.77
N ILE F 642 -47.90 -13.89 16.95
CA ILE F 642 -46.47 -14.03 17.20
C ILE F 642 -46.07 -13.14 18.36
N LEU F 643 -45.46 -13.74 19.38
CA LEU F 643 -45.05 -13.03 20.60
C LEU F 643 -43.64 -12.45 20.49
N ARG F 644 -42.71 -13.26 19.98
CA ARG F 644 -41.30 -12.89 19.90
C ARG F 644 -40.58 -13.66 18.81
N THR F 645 -39.64 -12.98 18.15
CA THR F 645 -38.75 -13.61 17.17
C THR F 645 -37.30 -13.21 17.42
N ASP F 646 -36.43 -14.22 17.41
CA ASP F 646 -34.98 -14.01 17.44
C ASP F 646 -34.35 -14.52 16.15
N ILE F 647 -33.75 -13.61 15.39
CA ILE F 647 -33.15 -13.92 14.11
C ILE F 647 -31.63 -13.68 14.12
N LEU F 648 -30.91 -14.55 13.42
CA LEU F 648 -29.48 -14.37 13.22
C LEU F 648 -29.15 -14.80 11.79
N HIS F 649 -29.25 -13.83 10.87
CA HIS F 649 -29.10 -14.08 9.44
C HIS F 649 -27.69 -13.80 8.92
N ASP F 650 -27.33 -14.44 7.81
CA ASP F 650 -26.03 -14.22 7.17
C ASP F 650 -26.12 -13.25 5.99
N ALA F 651 -25.42 -12.12 6.14
CA ALA F 651 -25.32 -11.10 5.10
C ALA F 651 -23.87 -10.96 4.66
N GLY F 652 -23.07 -11.95 5.02
CA GLY F 652 -21.65 -11.97 4.71
C GLY F 652 -20.97 -10.75 5.28
N ALA F 653 -20.04 -10.19 4.52
CA ALA F 653 -19.45 -8.90 4.86
C ALA F 653 -20.40 -7.80 4.39
N SER F 654 -21.38 -7.47 5.23
CA SER F 654 -22.49 -6.55 4.88
C SER F 654 -22.04 -5.21 4.28
N LEU F 655 -22.59 -4.88 3.11
CA LEU F 655 -22.35 -3.59 2.44
C LEU F 655 -22.97 -2.43 3.22
N ASN F 656 -24.14 -2.68 3.80
CA ASN F 656 -24.78 -1.71 4.67
C ASN F 656 -25.55 -2.40 5.79
N PRO F 657 -24.95 -2.45 6.99
CA PRO F 657 -25.54 -3.16 8.13
C PRO F 657 -26.98 -2.71 8.43
N ALA F 658 -27.24 -1.41 8.34
CA ALA F 658 -28.57 -0.88 8.61
C ALA F 658 -29.58 -1.43 7.60
N LEU F 659 -29.26 -1.26 6.33
CA LEU F 659 -30.14 -1.64 5.23
C LEU F 659 -30.37 -3.15 5.16
N ASP F 660 -29.30 -3.92 5.39
CA ASP F 660 -29.37 -5.38 5.40
C ASP F 660 -30.29 -5.92 6.49
N ILE F 661 -30.20 -5.32 7.68
CA ILE F 661 -31.06 -5.70 8.81
C ILE F 661 -32.51 -5.30 8.55
N GLY F 662 -32.72 -4.13 7.95
CA GLY F 662 -34.04 -3.69 7.53
C GLY F 662 -34.73 -4.67 6.58
N GLN F 663 -33.96 -5.15 5.61
CA GLN F 663 -34.40 -6.18 4.68
C GLN F 663 -34.85 -7.45 5.40
N ILE F 664 -34.07 -7.85 6.41
CA ILE F 664 -34.32 -9.10 7.15
C ILE F 664 -35.61 -9.04 7.96
N GLU F 665 -35.82 -7.93 8.66
CA GLU F 665 -37.04 -7.74 9.44
C GLU F 665 -38.24 -7.90 8.52
N GLY F 666 -38.37 -6.97 7.58
CA GLY F 666 -39.49 -6.96 6.65
C GLY F 666 -39.76 -8.31 6.03
N ALA F 667 -38.71 -8.92 5.50
CA ALA F 667 -38.81 -10.21 4.85
C ALA F 667 -39.43 -11.27 5.77
N TYR F 668 -39.06 -11.25 7.05
CA TYR F 668 -39.65 -12.15 8.02
C TYR F 668 -41.11 -11.78 8.25
N VAL F 669 -41.37 -10.51 8.52
CA VAL F 669 -42.73 -10.01 8.74
C VAL F 669 -43.61 -10.34 7.55
N GLN F 670 -43.02 -10.31 6.36
CA GLN F 670 -43.68 -10.69 5.12
C GLN F 670 -43.72 -12.21 4.93
N GLY F 671 -42.74 -12.90 5.49
CA GLY F 671 -42.70 -14.38 5.45
C GLY F 671 -43.80 -15.02 6.27
N ALA F 672 -43.88 -14.62 7.54
CA ALA F 672 -44.91 -15.07 8.46
C ALA F 672 -46.28 -14.70 7.94
N GLY F 673 -46.43 -13.44 7.50
CA GLY F 673 -47.67 -12.94 6.90
C GLY F 673 -48.20 -13.83 5.78
N TRP F 674 -47.29 -14.42 5.02
CA TRP F 674 -47.64 -15.41 4.00
C TRP F 674 -48.29 -16.66 4.61
N LEU F 675 -47.66 -17.23 5.64
CA LEU F 675 -48.13 -18.48 6.24
C LEU F 675 -49.10 -18.29 7.42
N THR F 676 -49.69 -17.10 7.54
CA THR F 676 -50.66 -16.82 8.60
C THR F 676 -52.00 -16.24 8.12
N THR F 677 -52.05 -14.94 7.84
CA THR F 677 -53.32 -14.25 7.56
C THR F 677 -53.62 -13.95 6.08
N GLU F 678 -52.61 -14.08 5.23
CA GLU F 678 -52.80 -13.86 3.82
C GLU F 678 -53.39 -15.10 3.15
N GLU F 679 -54.66 -15.00 2.78
CA GLU F 679 -55.37 -16.09 2.12
C GLU F 679 -56.18 -15.65 0.92
N LEU F 680 -55.84 -16.22 -0.24
CA LEU F 680 -56.52 -15.92 -1.49
C LEU F 680 -57.70 -16.87 -1.70
N VAL F 681 -58.87 -16.30 -1.97
CA VAL F 681 -60.08 -17.10 -2.15
C VAL F 681 -60.72 -16.90 -3.54
N TRP F 682 -60.93 -18.01 -4.25
CA TRP F 682 -61.71 -18.01 -5.48
C TRP F 682 -63.06 -18.68 -5.21
N ASP F 683 -64.11 -18.21 -5.88
CA ASP F 683 -65.41 -18.86 -5.78
C ASP F 683 -65.59 -19.89 -6.90
N HIS F 684 -66.81 -20.44 -6.98
CA HIS F 684 -67.13 -21.56 -7.88
C HIS F 684 -66.88 -21.29 -9.36
N CYS F 685 -66.74 -20.02 -9.75
CA CYS F 685 -66.53 -19.64 -11.14
C CYS F 685 -65.23 -18.89 -11.41
N GLY F 686 -64.24 -19.10 -10.54
CA GLY F 686 -62.90 -18.56 -10.75
C GLY F 686 -62.70 -17.11 -10.34
N ARG F 687 -63.77 -16.45 -9.90
CA ARG F 687 -63.69 -15.06 -9.48
C ARG F 687 -62.95 -14.94 -8.16
N LEU F 688 -61.97 -14.05 -8.12
CA LEU F 688 -61.25 -13.77 -6.89
C LEU F 688 -62.16 -13.01 -5.94
N MET F 689 -62.42 -13.62 -4.78
CA MET F 689 -63.25 -13.00 -3.74
C MET F 689 -62.44 -12.03 -2.88
N THR F 690 -61.24 -12.43 -2.49
CA THR F 690 -60.28 -11.56 -1.85
C THR F 690 -59.54 -10.74 -2.92
N HIS F 691 -60.10 -9.59 -3.30
CA HIS F 691 -59.45 -8.72 -4.31
C HIS F 691 -59.23 -7.28 -3.83
N ALA F 692 -59.21 -7.08 -2.52
CA ALA F 692 -58.94 -5.78 -1.91
C ALA F 692 -58.46 -5.97 -0.46
N PRO F 693 -57.79 -4.95 0.12
CA PRO F 693 -57.41 -5.02 1.54
C PRO F 693 -58.62 -5.10 2.48
N SER F 694 -59.82 -4.91 1.94
CA SER F 694 -61.05 -5.16 2.69
C SER F 694 -61.18 -6.64 3.02
N THR F 695 -60.53 -7.48 2.20
CA THR F 695 -60.64 -8.94 2.29
C THR F 695 -59.31 -9.70 2.24
N TYR F 696 -58.25 -9.05 1.77
CA TYR F 696 -56.92 -9.65 1.77
C TYR F 696 -56.10 -9.02 2.87
N LYS F 697 -55.68 -9.82 3.85
CA LYS F 697 -55.04 -9.26 5.04
C LYS F 697 -53.54 -9.52 5.13
N ILE F 698 -52.75 -8.51 4.76
CA ILE F 698 -51.31 -8.50 4.99
C ILE F 698 -51.02 -8.10 6.44
N PRO F 699 -49.81 -8.40 6.95
CA PRO F 699 -49.42 -7.97 8.30
C PRO F 699 -49.65 -6.47 8.56
N ALA F 700 -50.48 -6.16 9.55
CA ALA F 700 -50.77 -4.79 9.98
C ALA F 700 -49.84 -4.39 11.12
N PHE F 701 -49.82 -3.10 11.49
CA PHE F 701 -48.82 -2.59 12.45
C PHE F 701 -48.74 -3.44 13.71
N SER F 702 -49.89 -3.61 14.37
CA SER F 702 -50.00 -4.40 15.60
C SER F 702 -49.36 -5.80 15.54
N ASP F 703 -49.40 -6.43 14.35
CA ASP F 703 -48.99 -7.84 14.15
C ASP F 703 -47.49 -8.12 14.25
N ARG F 704 -46.69 -7.09 14.55
CA ARG F 704 -45.24 -7.23 14.70
C ARG F 704 -44.83 -8.09 15.90
N PRO F 705 -43.82 -8.98 15.72
CA PRO F 705 -43.32 -9.82 16.82
C PRO F 705 -42.88 -8.92 17.96
N ARG F 706 -43.71 -8.82 18.99
CA ARG F 706 -43.56 -7.76 19.98
C ARG F 706 -42.28 -7.82 20.82
N ILE F 707 -41.46 -8.84 20.56
CA ILE F 707 -40.04 -8.82 20.89
C ILE F 707 -39.26 -9.23 19.63
N PHE F 708 -38.58 -8.26 19.02
CA PHE F 708 -37.89 -8.43 17.74
C PHE F 708 -36.37 -8.31 17.87
N ASN F 709 -35.67 -9.44 17.81
CA ASN F 709 -34.21 -9.45 17.95
C ASN F 709 -33.51 -10.04 16.73
N VAL F 710 -33.27 -9.19 15.73
CA VAL F 710 -32.58 -9.60 14.52
C VAL F 710 -31.09 -9.29 14.61
N ALA F 711 -30.28 -10.33 14.44
CA ALA F 711 -28.82 -10.22 14.47
C ALA F 711 -28.22 -10.58 13.12
N LEU F 712 -27.00 -10.11 12.87
CA LEU F 712 -26.27 -10.46 11.67
C LEU F 712 -25.12 -11.42 11.98
N TRP F 713 -24.85 -12.31 11.02
CA TRP F 713 -23.67 -13.17 11.04
C TRP F 713 -22.59 -12.37 10.34
N ASP F 714 -21.63 -11.89 11.12
CA ASP F 714 -20.60 -11.00 10.58
C ASP F 714 -19.37 -11.80 10.18
N GLN F 715 -19.39 -12.25 8.92
CA GLN F 715 -18.37 -13.14 8.41
C GLN F 715 -18.29 -12.99 6.90
N PRO F 716 -17.13 -12.52 6.38
CA PRO F 716 -16.87 -12.31 4.95
C PRO F 716 -17.30 -13.49 4.06
N ASN F 717 -17.75 -13.21 2.84
CA ASN F 717 -18.13 -14.26 1.88
C ASN F 717 -16.93 -15.07 1.41
N ARG F 718 -17.10 -16.38 1.39
CA ARG F 718 -16.12 -17.29 0.80
C ARG F 718 -15.85 -16.99 -0.69
N GLU F 719 -16.82 -16.36 -1.35
CA GLU F 719 -16.69 -16.00 -2.76
C GLU F 719 -16.33 -14.51 -2.92
N GLU F 720 -15.81 -14.16 -4.10
CA GLU F 720 -15.27 -12.80 -4.36
C GLU F 720 -16.34 -11.78 -4.75
N THR F 721 -17.42 -11.75 -3.99
CA THR F 721 -18.54 -10.86 -4.28
C THR F 721 -18.17 -9.42 -3.95
N ILE F 722 -18.99 -8.47 -4.40
CA ILE F 722 -18.74 -7.06 -4.10
C ILE F 722 -18.53 -6.85 -2.60
N PHE F 723 -17.30 -6.47 -2.25
CA PHE F 723 -16.83 -6.37 -0.87
C PHE F 723 -17.23 -7.57 0.00
N ARG F 724 -17.22 -8.77 -0.62
CA ARG F 724 -17.52 -10.05 0.01
C ARG F 724 -18.81 -10.04 0.83
N SER F 725 -19.81 -9.32 0.32
CA SER F 725 -21.11 -9.31 0.95
C SER F 725 -21.88 -10.56 0.55
N LYS F 726 -23.01 -10.78 1.21
CA LYS F 726 -23.96 -11.78 0.75
C LYS F 726 -25.23 -11.08 0.30
N ALA F 727 -26.02 -11.78 -0.52
CA ALA F 727 -27.33 -11.27 -0.93
C ALA F 727 -28.31 -11.41 0.23
N VAL F 728 -29.09 -10.35 0.44
CA VAL F 728 -29.98 -10.28 1.60
C VAL F 728 -31.43 -9.87 1.23
N GLY F 729 -31.78 -10.02 -0.05
CA GLY F 729 -33.12 -9.68 -0.51
C GLY F 729 -34.16 -10.74 -0.18
N GLU F 730 -33.92 -11.95 -0.69
CA GLU F 730 -34.89 -13.05 -0.57
C GLU F 730 -34.62 -14.03 0.58
N PRO F 731 -33.33 -14.39 0.84
CA PRO F 731 -33.09 -15.42 1.85
C PRO F 731 -33.77 -15.19 3.21
N PRO F 732 -33.92 -13.94 3.69
CA PRO F 732 -34.55 -13.85 5.00
C PRO F 732 -36.09 -13.89 4.96
N PHE F 733 -36.69 -13.98 3.78
CA PHE F 733 -38.13 -14.23 3.71
C PHE F 733 -38.43 -15.61 4.27
N LEU F 734 -37.53 -16.55 4.01
CA LEU F 734 -37.73 -17.95 4.38
C LEU F 734 -37.69 -18.19 5.88
N LEU F 735 -37.28 -17.16 6.63
CA LEU F 735 -37.33 -17.18 8.10
C LEU F 735 -38.76 -17.18 8.62
N GLY F 736 -39.69 -16.67 7.83
CA GLY F 736 -41.11 -16.69 8.16
C GLY F 736 -41.65 -18.08 8.42
N ILE F 737 -41.09 -19.08 7.75
CA ILE F 737 -41.40 -20.49 7.99
C ILE F 737 -41.33 -20.82 9.49
N SER F 738 -40.46 -20.11 10.20
CA SER F 738 -40.29 -20.28 11.64
C SER F 738 -41.59 -20.04 12.41
N ALA F 739 -42.33 -19.01 12.02
CA ALA F 739 -43.62 -18.69 12.65
C ALA F 739 -44.69 -19.76 12.41
N PHE F 740 -44.61 -20.43 11.26
CA PHE F 740 -45.54 -21.49 10.91
C PHE F 740 -45.35 -22.75 11.75
N LEU F 741 -44.09 -23.18 11.88
CA LEU F 741 -43.74 -24.34 12.71
C LEU F 741 -44.02 -24.07 14.20
N ALA F 742 -43.78 -22.83 14.62
CA ALA F 742 -44.07 -22.39 15.99
C ALA F 742 -45.56 -22.46 16.27
N LEU F 743 -46.33 -22.14 15.23
CA LEU F 743 -47.78 -22.18 15.27
C LEU F 743 -48.27 -23.64 15.24
N HIS F 744 -47.61 -24.48 14.46
CA HIS F 744 -47.88 -25.91 14.42
C HIS F 744 -47.53 -26.59 15.74
N ASP F 745 -46.43 -26.14 16.33
CA ASP F 745 -45.99 -26.61 17.63
C ASP F 745 -47.03 -26.27 18.70
N ALA F 746 -47.59 -25.06 18.61
CA ALA F 746 -48.66 -24.60 19.51
C ALA F 746 -49.87 -25.53 19.51
N CYS F 747 -50.15 -26.16 18.38
CA CYS F 747 -51.19 -27.18 18.26
C CYS F 747 -50.73 -28.50 18.81
N ALA F 748 -49.48 -28.87 18.51
CA ALA F 748 -48.91 -30.11 18.98
C ALA F 748 -49.02 -30.23 20.50
N ALA F 749 -49.22 -29.09 21.16
CA ALA F 749 -49.29 -29.04 22.61
C ALA F 749 -50.68 -29.37 23.16
N CYS F 750 -51.70 -29.21 22.33
CA CYS F 750 -53.08 -29.34 22.76
C CYS F 750 -53.52 -30.79 23.01
N GLY F 751 -53.37 -31.63 21.99
CA GLY F 751 -53.65 -33.05 22.10
C GLY F 751 -52.47 -33.89 21.61
N PRO F 752 -52.56 -35.23 21.74
CA PRO F 752 -51.46 -36.10 21.36
C PRO F 752 -51.58 -36.62 19.92
N HIS F 753 -52.39 -35.96 19.10
CA HIS F 753 -52.52 -36.31 17.68
C HIS F 753 -51.80 -35.32 16.77
N TRP F 754 -51.45 -35.79 15.57
CA TRP F 754 -50.86 -34.94 14.53
C TRP F 754 -51.88 -33.89 14.10
N PRO F 755 -51.53 -32.60 14.24
CA PRO F 755 -52.45 -31.51 13.94
C PRO F 755 -52.72 -31.32 12.43
N ASP F 756 -51.75 -31.67 11.60
CA ASP F 756 -51.77 -31.38 10.15
C ASP F 756 -52.22 -29.94 9.85
N LEU F 757 -51.46 -28.97 10.36
CA LEU F 757 -51.76 -27.57 10.13
C LEU F 757 -51.45 -27.21 8.69
N GLN F 758 -52.35 -26.45 8.08
CA GLN F 758 -52.24 -26.09 6.66
C GLN F 758 -51.61 -24.72 6.48
N ALA F 759 -51.43 -24.31 5.23
CA ALA F 759 -50.87 -23.00 4.94
C ALA F 759 -51.76 -22.24 3.96
N PRO F 760 -52.15 -21.00 4.29
CA PRO F 760 -51.82 -20.27 5.50
C PRO F 760 -52.60 -20.73 6.71
N ALA F 761 -51.99 -20.56 7.88
CA ALA F 761 -52.60 -20.88 9.16
C ALA F 761 -53.40 -19.67 9.70
N THR F 762 -54.56 -19.42 9.07
CA THR F 762 -55.49 -18.40 9.55
C THR F 762 -56.18 -18.96 10.78
N PRO F 763 -56.67 -18.09 11.69
CA PRO F 763 -57.32 -18.54 12.93
C PRO F 763 -58.10 -19.83 12.76
N GLU F 764 -58.93 -19.90 11.72
CA GLU F 764 -59.70 -21.09 11.37
C GLU F 764 -58.83 -22.34 11.15
N ALA F 765 -57.82 -22.23 10.30
CA ALA F 765 -56.90 -23.33 10.01
C ALA F 765 -56.18 -23.80 11.28
N VAL F 766 -55.89 -22.85 12.17
CA VAL F 766 -55.27 -23.13 13.45
C VAL F 766 -56.23 -23.91 14.33
N LEU F 767 -57.45 -23.41 14.50
CA LEU F 767 -58.49 -24.13 15.24
C LEU F 767 -58.76 -25.51 14.63
N ALA F 768 -58.75 -25.58 13.30
CA ALA F 768 -58.89 -26.86 12.61
C ALA F 768 -57.76 -27.83 13.00
N ALA F 769 -56.55 -27.30 13.13
CA ALA F 769 -55.40 -28.09 13.57
C ALA F 769 -55.51 -28.45 15.06
N VAL F 770 -55.92 -27.49 15.90
CA VAL F 770 -56.12 -27.75 17.33
C VAL F 770 -57.07 -28.93 17.49
N ARG F 771 -58.25 -28.82 16.88
CA ARG F 771 -59.26 -29.86 16.90
C ARG F 771 -58.69 -31.22 16.51
N ARG F 772 -57.88 -31.27 15.47
CA ARG F 772 -57.25 -32.53 15.03
C ARG F 772 -56.34 -33.12 16.11
N ALA F 773 -55.52 -32.26 16.73
CA ALA F 773 -54.60 -32.66 17.80
C ALA F 773 -55.38 -33.21 18.99
N GLU F 774 -56.43 -32.49 19.38
CA GLU F 774 -57.37 -32.92 20.41
C GLU F 774 -58.20 -34.12 19.97
N GLY F 775 -58.21 -34.40 18.66
CA GLY F 775 -59.05 -35.46 18.10
C GLY F 775 -60.53 -35.13 18.15
N ARG F 776 -60.98 -34.25 17.27
CA ARG F 776 -62.40 -33.90 17.14
C ARG F 776 -62.82 -33.78 15.66
N ALA F 777 -64.13 -33.93 15.42
CA ALA F 777 -64.74 -33.81 14.07
C ALA F 777 -64.13 -34.76 13.04
N MET G 1 -69.63 35.22 -29.65
CA MET G 1 -69.47 35.05 -31.14
C MET G 1 -68.88 33.69 -31.48
N GLU G 2 -69.44 33.04 -32.51
CA GLU G 2 -68.93 31.75 -32.98
C GLU G 2 -68.57 31.81 -34.48
N ILE G 3 -67.35 31.39 -34.81
CA ILE G 3 -66.97 31.21 -36.21
C ILE G 3 -66.67 29.73 -36.49
N ALA G 4 -66.56 29.39 -37.78
CA ALA G 4 -66.33 28.01 -38.20
C ALA G 4 -65.41 27.99 -39.41
N PHE G 5 -64.55 26.97 -39.46
CA PHE G 5 -63.59 26.81 -40.56
C PHE G 5 -63.10 25.37 -40.72
N LEU G 6 -62.40 25.14 -41.83
CA LEU G 6 -61.84 23.83 -42.14
C LEU G 6 -60.37 23.76 -41.72
N LEU G 7 -60.11 23.14 -40.58
CA LEU G 7 -58.76 22.94 -40.10
C LEU G 7 -58.21 21.61 -40.60
N ASN G 8 -57.32 21.70 -41.59
CA ASN G 8 -56.65 20.53 -42.17
C ASN G 8 -57.56 19.42 -42.70
N GLY G 9 -58.86 19.71 -42.74
CA GLY G 9 -59.86 18.70 -43.14
C GLY G 9 -60.98 18.59 -42.13
N GLU G 10 -60.67 18.82 -40.85
CA GLU G 10 -61.65 18.80 -39.78
C GLU G 10 -62.53 20.05 -39.81
N THR G 11 -63.84 19.86 -39.92
CA THR G 11 -64.81 20.95 -39.83
C THR G 11 -64.93 21.42 -38.37
N ARG G 12 -64.21 22.47 -38.02
CA ARG G 12 -64.09 22.91 -36.62
C ARG G 12 -64.76 24.25 -36.32
N ARG G 13 -65.64 24.26 -35.31
CA ARG G 13 -66.27 25.50 -34.84
C ARG G 13 -65.51 26.06 -33.63
N VAL G 14 -65.40 27.38 -33.56
CA VAL G 14 -64.65 28.07 -32.50
C VAL G 14 -65.43 29.26 -31.94
N ARG G 15 -65.41 29.42 -30.62
CA ARG G 15 -66.06 30.56 -29.97
C ARG G 15 -65.09 31.73 -29.79
N ILE G 16 -65.36 32.81 -30.50
CA ILE G 16 -64.56 34.03 -30.40
C ILE G 16 -65.02 34.83 -29.20
N GLU G 17 -64.08 35.11 -28.30
CA GLU G 17 -64.29 35.95 -27.11
C GLU G 17 -63.15 36.96 -26.99
N ASP G 18 -62.01 36.62 -27.58
CA ASP G 18 -60.89 37.52 -27.80
C ASP G 18 -60.73 37.65 -29.31
N PRO G 19 -61.14 38.80 -29.88
CA PRO G 19 -61.17 38.99 -31.34
C PRO G 19 -59.80 39.33 -31.93
N THR G 20 -58.85 39.69 -31.07
CA THR G 20 -57.55 40.15 -31.52
C THR G 20 -56.43 39.08 -31.39
N GLN G 21 -56.84 37.83 -31.15
CA GLN G 21 -55.91 36.70 -31.08
C GLN G 21 -55.39 36.35 -32.46
N SER G 22 -54.07 36.18 -32.57
CA SER G 22 -53.46 35.82 -33.84
C SER G 22 -53.78 34.36 -34.16
N LEU G 23 -53.69 34.00 -35.43
CA LEU G 23 -53.90 32.63 -35.85
C LEU G 23 -52.70 31.76 -35.49
N LEU G 24 -51.53 32.36 -35.40
CA LEU G 24 -50.35 31.68 -34.87
C LEU G 24 -50.61 31.30 -33.42
N GLU G 25 -51.05 32.28 -32.62
CA GLU G 25 -51.41 32.08 -31.20
C GLU G 25 -52.33 30.87 -31.04
N TRP G 26 -53.44 30.89 -31.79
CA TRP G 26 -54.51 29.90 -31.64
C TRP G 26 -54.07 28.47 -31.96
N LEU G 27 -53.29 28.30 -33.03
CA LEU G 27 -52.90 26.96 -33.46
C LEU G 27 -51.97 26.26 -32.48
N ARG G 28 -50.97 26.99 -31.98
CA ARG G 28 -50.08 26.45 -30.98
C ARG G 28 -50.83 26.20 -29.69
N ALA G 29 -51.63 27.17 -29.24
CA ALA G 29 -52.44 27.04 -28.02
C ALA G 29 -53.33 25.79 -28.05
N GLU G 30 -53.75 25.41 -29.25
CA GLU G 30 -54.55 24.20 -29.48
C GLU G 30 -53.68 22.95 -29.54
N GLY G 31 -52.47 23.08 -30.09
CA GLY G 31 -51.52 21.97 -30.08
C GLY G 31 -50.69 21.84 -31.35
N LEU G 32 -51.10 22.55 -32.40
CA LEU G 32 -50.42 22.50 -33.69
C LEU G 32 -49.07 23.22 -33.59
N THR G 33 -48.09 22.50 -33.04
CA THR G 33 -46.77 23.05 -32.71
C THR G 33 -45.91 23.31 -33.95
N GLY G 34 -46.31 22.72 -35.08
CA GLY G 34 -45.55 22.79 -36.34
C GLY G 34 -45.37 24.19 -36.90
N THR G 35 -46.41 25.03 -36.73
CA THR G 35 -46.32 26.45 -37.09
C THR G 35 -45.46 27.13 -36.02
N LYS G 36 -44.35 27.74 -36.47
CA LYS G 36 -43.32 28.28 -35.59
C LYS G 36 -43.39 29.81 -35.47
N GLU G 37 -42.95 30.33 -34.32
CA GLU G 37 -42.82 31.79 -34.11
C GLU G 37 -41.42 32.29 -34.47
N GLY G 38 -41.38 33.33 -35.30
CA GLY G 38 -40.13 33.90 -35.79
C GLY G 38 -39.86 35.32 -35.32
N CYS G 39 -40.93 36.12 -35.18
CA CYS G 39 -40.80 37.52 -34.78
C CYS G 39 -42.11 38.20 -34.36
N ASN G 40 -43.22 37.82 -34.98
CA ASN G 40 -44.52 38.52 -34.83
C ASN G 40 -44.52 39.93 -35.45
N GLU G 41 -44.06 40.00 -36.70
CA GLU G 41 -44.04 41.23 -37.51
C GLU G 41 -44.27 40.98 -39.00
N GLY G 42 -44.30 39.70 -39.40
CA GLY G 42 -44.59 39.32 -40.77
C GLY G 42 -43.35 39.16 -41.66
N ASP G 43 -42.18 39.45 -41.10
CA ASP G 43 -40.93 39.53 -41.87
C ASP G 43 -40.33 38.21 -42.33
N CYS G 44 -40.48 37.17 -41.52
CA CYS G 44 -39.71 35.93 -41.70
C CYS G 44 -40.52 34.67 -42.02
N GLY G 45 -41.80 34.87 -42.35
CA GLY G 45 -42.72 33.79 -42.80
C GLY G 45 -42.61 32.39 -42.20
N ALA G 46 -41.99 32.29 -41.03
CA ALA G 46 -41.80 31.02 -40.35
C ALA G 46 -43.15 30.38 -40.01
N CYS G 47 -44.22 31.16 -40.16
CA CYS G 47 -45.56 30.72 -39.84
C CYS G 47 -46.52 30.77 -41.04
N THR G 48 -45.96 30.74 -42.26
CA THR G 48 -46.76 30.73 -43.48
C THR G 48 -47.74 29.55 -43.49
N VAL G 49 -49.03 29.87 -43.47
CA VAL G 49 -50.10 28.87 -43.54
C VAL G 49 -50.71 28.83 -44.95
N MET G 50 -51.79 28.08 -45.13
CA MET G 50 -52.52 28.05 -46.40
C MET G 50 -54.02 28.10 -46.17
N ILE G 51 -54.61 29.25 -46.52
CA ILE G 51 -56.06 29.43 -46.47
C ILE G 51 -56.69 29.18 -47.83
N ARG G 52 -57.99 28.89 -47.84
CA ARG G 52 -58.77 28.78 -49.07
C ARG G 52 -60.15 29.36 -48.88
N ASP G 53 -60.70 29.88 -49.97
CA ASP G 53 -62.02 30.52 -49.97
C ASP G 53 -62.59 30.56 -51.39
N ALA G 54 -63.48 31.52 -51.64
CA ALA G 54 -64.01 31.77 -52.99
C ALA G 54 -62.87 32.09 -53.96
N ALA G 55 -61.87 32.83 -53.48
CA ALA G 55 -60.70 33.19 -54.28
C ALA G 55 -59.86 31.98 -54.65
N GLY G 56 -59.36 31.27 -53.64
CA GLY G 56 -58.53 30.09 -53.84
C GLY G 56 -57.44 29.95 -52.79
N SER G 57 -56.41 29.17 -53.11
CA SER G 57 -55.30 28.90 -52.18
C SER G 57 -54.28 30.03 -52.17
N ARG G 58 -54.11 30.63 -51.00
CA ARG G 58 -53.25 31.79 -50.82
C ARG G 58 -52.37 31.57 -49.59
N ALA G 59 -51.10 32.02 -49.67
CA ALA G 59 -50.14 31.88 -48.58
C ALA G 59 -50.12 33.12 -47.70
N VAL G 60 -50.24 32.92 -46.39
CA VAL G 60 -50.35 34.01 -45.43
C VAL G 60 -49.59 33.72 -44.15
N ASN G 61 -49.16 34.78 -43.46
CA ASN G 61 -48.59 34.68 -42.12
C ASN G 61 -49.67 34.62 -41.06
N ALA G 62 -49.63 33.59 -40.24
CA ALA G 62 -50.66 33.36 -39.25
C ALA G 62 -50.58 34.31 -38.04
N CYS G 63 -49.49 35.06 -37.92
CA CYS G 63 -49.32 36.02 -36.82
C CYS G 63 -49.89 37.42 -37.11
N LEU G 64 -50.15 37.68 -38.38
CA LEU G 64 -50.82 38.91 -38.81
C LEU G 64 -52.33 38.70 -38.91
N MET G 65 -52.73 37.43 -38.93
CA MET G 65 -54.13 37.05 -39.17
C MET G 65 -54.92 36.89 -37.88
N MET G 66 -56.09 37.54 -37.83
CA MET G 66 -57.04 37.41 -36.72
C MET G 66 -58.01 36.26 -37.02
N LEU G 67 -58.49 35.59 -35.97
CA LEU G 67 -59.43 34.46 -36.13
C LEU G 67 -60.73 34.82 -36.85
N PRO G 68 -61.37 35.96 -36.50
CA PRO G 68 -62.58 36.34 -37.23
C PRO G 68 -62.35 36.67 -38.70
N GLN G 69 -61.15 36.40 -39.20
CA GLN G 69 -60.83 36.56 -40.63
C GLN G 69 -60.93 35.25 -41.40
N ILE G 70 -60.69 34.14 -40.72
CA ILE G 70 -60.80 32.83 -41.37
C ILE G 70 -62.19 32.21 -41.21
N ALA G 71 -63.13 32.99 -40.71
CA ALA G 71 -64.51 32.58 -40.59
C ALA G 71 -65.04 32.16 -41.96
N GLY G 72 -65.41 30.89 -42.08
CA GLY G 72 -65.92 30.33 -43.33
C GLY G 72 -64.87 30.09 -44.39
N LYS G 73 -63.62 29.97 -43.98
CA LYS G 73 -62.51 29.66 -44.90
C LYS G 73 -62.03 28.20 -44.77
N ALA G 74 -60.97 27.85 -45.49
CA ALA G 74 -60.41 26.50 -45.40
C ALA G 74 -58.90 26.59 -45.19
N LEU G 75 -58.48 26.38 -43.95
CA LEU G 75 -57.09 26.51 -43.53
C LEU G 75 -56.32 25.19 -43.72
N ARG G 76 -55.00 25.30 -43.85
CA ARG G 76 -54.13 24.14 -43.93
C ARG G 76 -52.75 24.54 -43.40
N THR G 77 -52.31 23.88 -42.33
CA THR G 77 -51.01 24.15 -41.71
C THR G 77 -49.99 23.12 -42.19
N ILE G 78 -48.73 23.24 -41.73
CA ILE G 78 -47.69 22.28 -42.09
C ILE G 78 -48.07 20.83 -41.79
N GLU G 79 -48.64 20.61 -40.60
CA GLU G 79 -49.13 19.28 -40.20
C GLU G 79 -50.16 18.68 -41.16
N GLY G 80 -50.83 19.54 -41.94
CA GLY G 80 -51.86 19.11 -42.88
C GLY G 80 -51.50 19.18 -44.36
N ILE G 81 -50.22 19.39 -44.65
CA ILE G 81 -49.75 19.41 -46.04
C ILE G 81 -49.66 17.98 -46.61
N ALA G 82 -49.13 17.06 -45.80
CA ALA G 82 -49.04 15.65 -46.19
C ALA G 82 -50.42 15.03 -46.33
N ALA G 83 -50.49 13.97 -47.13
CA ALA G 83 -51.72 13.22 -47.36
C ALA G 83 -52.27 12.58 -46.08
N PRO G 84 -53.62 12.50 -45.96
CA PRO G 84 -54.26 11.85 -44.82
C PRO G 84 -53.69 10.45 -44.56
N ASP G 85 -53.45 9.69 -45.62
CA ASP G 85 -52.91 8.34 -45.53
C ASP G 85 -51.46 8.29 -45.04
N GLY G 86 -50.78 9.43 -45.07
CA GLY G 86 -49.40 9.53 -44.57
C GLY G 86 -48.35 9.77 -45.65
N ARG G 87 -48.78 9.75 -46.91
CA ARG G 87 -47.90 10.02 -48.03
C ARG G 87 -47.50 11.50 -48.01
N LEU G 88 -46.25 11.77 -48.38
CA LEU G 88 -45.75 13.14 -48.45
C LEU G 88 -46.26 13.87 -49.69
N HIS G 89 -46.46 15.18 -49.54
CA HIS G 89 -46.71 16.09 -50.67
C HIS G 89 -45.45 16.09 -51.56
N PRO G 90 -45.62 16.10 -52.90
CA PRO G 90 -44.50 16.28 -53.82
C PRO G 90 -43.51 17.37 -53.38
N VAL G 91 -44.04 18.41 -52.72
CA VAL G 91 -43.22 19.47 -52.10
C VAL G 91 -42.28 18.93 -51.00
N GLN G 92 -42.84 18.17 -50.06
CA GLN G 92 -42.07 17.60 -48.94
C GLN G 92 -40.95 16.65 -49.39
N GLN G 93 -41.27 15.78 -50.36
CA GLN G 93 -40.28 14.86 -50.95
C GLN G 93 -39.14 15.60 -51.68
N ALA G 94 -39.50 16.43 -52.64
CA ALA G 94 -38.53 17.23 -53.39
C ALA G 94 -37.59 17.96 -52.46
N MET G 95 -38.12 18.40 -51.32
CA MET G 95 -37.34 19.11 -50.29
C MET G 95 -36.38 18.18 -49.55
N ILE G 96 -36.83 16.95 -49.26
CA ILE G 96 -35.94 15.94 -48.67
C ILE G 96 -34.85 15.57 -49.67
N ASP G 97 -35.24 15.37 -50.93
CA ASP G 97 -34.34 14.93 -51.98
C ASP G 97 -33.26 15.96 -52.28
N HIS G 98 -33.64 17.23 -52.30
CA HIS G 98 -32.71 18.28 -52.67
C HIS G 98 -32.15 19.05 -51.48
N HIS G 99 -32.07 18.35 -50.34
CA HIS G 99 -31.54 18.89 -49.09
C HIS G 99 -31.86 20.37 -48.93
N GLY G 100 -33.15 20.70 -48.94
CA GLY G 100 -33.62 22.07 -48.76
C GLY G 100 -33.92 22.32 -47.29
N SER G 101 -33.26 21.52 -46.46
CA SER G 101 -33.45 21.58 -45.03
C SER G 101 -32.09 21.50 -44.37
N GLN G 102 -31.85 22.35 -43.38
CA GLN G 102 -30.67 22.23 -42.53
C GLN G 102 -31.01 22.21 -41.04
N CYS G 103 -31.43 23.36 -40.48
CA CYS G 103 -31.82 23.42 -39.06
C CYS G 103 -33.31 23.10 -38.84
N GLY G 104 -34.10 23.19 -39.91
CA GLY G 104 -35.53 22.84 -39.88
C GLY G 104 -36.50 23.96 -39.57
N PHE G 105 -36.12 24.86 -38.66
CA PHE G 105 -37.04 25.85 -38.08
C PHE G 105 -37.74 26.78 -39.09
N CYS G 106 -37.27 26.82 -40.32
CA CYS G 106 -37.92 27.62 -41.36
C CYS G 106 -38.72 26.74 -42.34
N THR G 107 -38.49 25.43 -42.27
CA THR G 107 -39.05 24.49 -43.24
C THR G 107 -40.59 24.41 -43.24
N PRO G 108 -41.25 24.53 -42.07
CA PRO G 108 -42.72 24.59 -42.13
C PRO G 108 -43.21 25.78 -42.96
N GLY G 109 -42.63 26.95 -42.72
CA GLY G 109 -42.96 28.17 -43.47
C GLY G 109 -42.78 28.05 -44.99
N PHE G 110 -41.74 27.34 -45.42
CA PHE G 110 -41.47 27.12 -46.83
C PHE G 110 -42.40 26.09 -47.46
N ILE G 111 -42.64 24.98 -46.75
CA ILE G 111 -43.52 23.91 -47.22
C ILE G 111 -44.94 24.43 -47.47
N VAL G 112 -45.48 25.14 -46.50
CA VAL G 112 -46.81 25.71 -46.61
C VAL G 112 -46.81 26.98 -47.46
N SER G 113 -45.63 27.37 -47.94
CA SER G 113 -45.53 28.42 -48.95
C SER G 113 -45.53 27.77 -50.34
N MET G 114 -44.69 26.75 -50.50
CA MET G 114 -44.55 26.04 -51.77
C MET G 114 -45.79 25.23 -52.12
N ALA G 115 -46.46 24.71 -51.10
CA ALA G 115 -47.67 23.90 -51.30
C ALA G 115 -48.79 24.72 -51.93
N ALA G 116 -49.06 25.89 -51.37
CA ALA G 116 -50.03 26.82 -51.92
C ALA G 116 -49.62 27.21 -53.34
N ALA G 117 -48.32 27.39 -53.55
CA ALA G 117 -47.77 27.73 -54.85
C ALA G 117 -47.88 26.56 -55.82
N HIS G 118 -47.68 25.35 -55.31
CA HIS G 118 -47.84 24.11 -56.07
C HIS G 118 -49.30 23.91 -56.48
N ASP G 119 -50.22 24.20 -55.54
CA ASP G 119 -51.66 24.11 -55.75
C ASP G 119 -52.11 24.98 -56.92
N ARG G 120 -52.04 26.30 -56.73
CA ARG G 120 -52.44 27.26 -57.77
C ARG G 120 -51.55 27.18 -59.00
N ASP G 121 -50.58 26.28 -58.97
CA ASP G 121 -49.56 26.14 -60.01
C ASP G 121 -48.88 27.48 -60.28
N ARG G 122 -47.93 27.82 -59.41
CA ARG G 122 -47.22 29.07 -59.50
C ARG G 122 -45.74 28.80 -59.49
N LYS G 123 -45.00 29.49 -60.37
CA LYS G 123 -43.58 29.21 -60.59
C LYS G 123 -42.62 30.37 -60.33
N ASP G 124 -43.15 31.53 -59.92
CA ASP G 124 -42.28 32.65 -59.56
C ASP G 124 -41.84 32.55 -58.09
N TYR G 125 -41.03 31.52 -57.81
CA TYR G 125 -40.57 31.22 -56.46
C TYR G 125 -39.79 32.39 -55.86
N ASP G 126 -38.97 33.05 -56.68
CA ASP G 126 -38.23 34.25 -56.28
C ASP G 126 -39.08 35.23 -55.49
N ASP G 127 -40.28 35.51 -56.01
CA ASP G 127 -41.22 36.44 -55.38
C ASP G 127 -42.13 35.72 -54.38
N LEU G 128 -42.54 34.49 -54.73
CA LEU G 128 -43.38 33.66 -53.87
C LEU G 128 -42.77 33.44 -52.49
N LEU G 129 -41.58 32.84 -52.48
CA LEU G 129 -40.92 32.42 -51.24
C LEU G 129 -40.21 33.55 -50.48
N ALA G 130 -40.29 34.77 -51.00
CA ALA G 130 -39.61 35.94 -50.43
C ALA G 130 -39.91 36.19 -48.94
N GLY G 131 -41.15 35.92 -48.52
CA GLY G 131 -41.60 36.13 -47.13
C GLY G 131 -40.90 35.28 -46.08
N ASN G 132 -41.12 33.97 -46.12
CA ASN G 132 -40.33 33.04 -45.30
C ASN G 132 -38.85 33.06 -45.69
N LEU G 133 -38.02 33.61 -44.81
CA LEU G 133 -36.58 33.72 -45.07
C LEU G 133 -35.78 32.64 -44.34
N CYS G 134 -34.61 32.32 -44.89
CA CYS G 134 -33.74 31.31 -44.31
C CYS G 134 -32.31 31.81 -44.07
N ARG G 135 -31.77 31.48 -42.89
CA ARG G 135 -30.42 31.86 -42.51
C ARG G 135 -29.33 30.94 -43.05
N CYS G 136 -29.65 29.66 -43.24
CA CYS G 136 -28.60 28.64 -43.35
C CYS G 136 -28.75 27.58 -44.44
N THR G 137 -29.06 27.97 -45.66
CA THR G 137 -29.01 27.01 -46.78
C THR G 137 -28.61 27.63 -48.12
N GLY G 138 -28.80 28.94 -48.25
CA GLY G 138 -28.49 29.65 -49.49
C GLY G 138 -29.65 29.78 -50.45
N TYR G 139 -30.74 29.08 -50.16
CA TYR G 139 -31.99 29.12 -50.93
C TYR G 139 -31.93 28.26 -52.18
N ALA G 140 -30.74 28.12 -52.75
CA ALA G 140 -30.51 27.32 -53.95
C ALA G 140 -31.04 25.89 -53.85
N PRO G 141 -30.97 25.26 -52.66
CA PRO G 141 -31.53 23.91 -52.51
C PRO G 141 -33.07 23.89 -52.44
N ILE G 142 -33.66 24.94 -51.85
CA ILE G 142 -35.11 25.07 -51.78
C ILE G 142 -35.66 25.36 -53.18
N LEU G 143 -34.89 26.09 -53.99
CA LEU G 143 -35.25 26.35 -55.38
C LEU G 143 -35.12 25.09 -56.24
N ARG G 144 -33.99 24.39 -56.10
CA ARG G 144 -33.79 23.09 -56.76
C ARG G 144 -34.97 22.15 -56.51
N ALA G 145 -35.43 22.12 -55.26
CA ALA G 145 -36.54 21.29 -54.84
C ALA G 145 -37.84 21.73 -55.50
N ALA G 146 -38.19 23.01 -55.35
CA ALA G 146 -39.46 23.56 -55.82
C ALA G 146 -39.69 23.34 -57.31
N GLU G 147 -38.59 23.31 -58.06
CA GLU G 147 -38.63 23.00 -59.48
C GLU G 147 -38.97 21.54 -59.72
N ALA G 148 -38.24 20.64 -59.05
CA ALA G 148 -38.42 19.21 -59.21
C ALA G 148 -39.82 18.74 -58.79
N ALA G 149 -40.38 19.39 -57.78
CA ALA G 149 -41.72 19.09 -57.29
C ALA G 149 -42.82 19.56 -58.23
N ALA G 150 -42.54 20.62 -58.99
CA ALA G 150 -43.51 21.21 -59.92
C ALA G 150 -43.83 20.30 -61.12
N GLY G 151 -42.95 19.31 -61.36
CA GLY G 151 -43.20 18.27 -62.35
C GLY G 151 -44.06 17.13 -61.80
N GLU G 152 -44.77 17.43 -60.70
CA GLU G 152 -45.64 16.45 -60.04
C GLU G 152 -47.09 16.93 -60.03
N PRO G 153 -48.04 16.00 -60.28
CA PRO G 153 -49.48 16.27 -60.21
C PRO G 153 -49.89 16.98 -58.91
N PRO G 154 -50.86 17.91 -58.99
CA PRO G 154 -51.30 18.70 -57.84
C PRO G 154 -51.86 17.83 -56.71
N ALA G 155 -51.64 18.28 -55.46
CA ALA G 155 -52.12 17.54 -54.29
C ALA G 155 -53.64 17.57 -54.25
N ASP G 156 -54.24 16.39 -54.40
CA ASP G 156 -55.69 16.25 -54.53
C ASP G 156 -56.41 16.22 -53.18
N TRP G 157 -55.68 15.94 -52.11
CA TRP G 157 -56.26 16.00 -50.76
C TRP G 157 -56.38 17.45 -50.28
N LEU G 158 -55.43 18.29 -50.70
CA LEU G 158 -55.51 19.73 -50.48
C LEU G 158 -56.64 20.33 -51.33
N GLN G 159 -56.82 19.76 -52.53
CA GLN G 159 -57.79 20.23 -53.51
C GLN G 159 -59.23 20.15 -53.02
N ALA G 160 -59.58 19.04 -52.36
CA ALA G 160 -60.95 18.74 -51.96
C ALA G 160 -61.50 19.64 -50.84
N ASP G 161 -60.63 20.48 -50.29
CA ASP G 161 -61.03 21.53 -49.35
C ASP G 161 -61.85 22.63 -50.03
N ALA G 162 -61.75 22.72 -51.35
CA ALA G 162 -62.45 23.72 -52.14
C ALA G 162 -63.96 23.67 -51.94
N ALA G 163 -64.52 22.47 -51.91
CA ALA G 163 -65.96 22.29 -51.72
C ALA G 163 -66.33 22.49 -50.24
N PHE G 164 -66.11 23.70 -49.75
CA PHE G 164 -66.45 24.06 -48.37
C PHE G 164 -67.37 25.28 -48.29
N THR G 165 -68.41 25.13 -47.44
CA THR G 165 -69.48 26.12 -47.22
C THR G 165 -70.28 26.48 -48.48
N LEU G 166 -69.89 25.90 -49.61
CA LEU G 166 -70.50 26.18 -50.91
C LEU G 166 -71.91 25.59 -51.01
N PRO G 179 -70.21 41.48 -30.78
CA PRO G 179 -68.97 40.97 -30.21
C PRO G 179 -67.73 41.58 -30.87
N ALA G 180 -67.78 41.71 -32.20
CA ALA G 180 -66.73 42.32 -33.00
C ALA G 180 -67.21 42.35 -34.45
N PHE G 181 -67.82 43.47 -34.82
CA PHE G 181 -68.58 43.62 -36.08
C PHE G 181 -67.87 43.14 -37.34
N LEU G 182 -68.60 42.36 -38.14
CA LEU G 182 -68.18 41.98 -39.48
C LEU G 182 -69.26 42.44 -40.47
N PRO G 183 -68.90 43.29 -41.46
CA PRO G 183 -69.86 43.68 -42.50
C PRO G 183 -69.78 42.78 -43.74
N GLU G 184 -70.93 42.60 -44.39
CA GLU G 184 -71.01 41.87 -45.66
C GLU G 184 -71.23 42.86 -46.79
N THR G 185 -72.02 43.90 -46.51
CA THR G 185 -72.33 44.97 -47.46
C THR G 185 -71.77 46.31 -47.00
N SER G 186 -71.30 47.11 -47.95
CA SER G 186 -70.66 48.41 -47.68
C SER G 186 -71.58 49.40 -46.96
N ASP G 187 -72.88 49.34 -47.25
CA ASP G 187 -73.89 50.13 -46.56
C ASP G 187 -73.84 49.86 -45.06
N ALA G 188 -74.12 48.62 -44.67
CA ALA G 188 -74.18 48.21 -43.27
C ALA G 188 -72.87 48.47 -42.51
N LEU G 189 -71.80 48.74 -43.27
CA LEU G 189 -70.52 49.15 -42.68
C LEU G 189 -70.49 50.67 -42.43
N ALA G 190 -70.93 51.43 -43.42
CA ALA G 190 -71.06 52.88 -43.29
C ALA G 190 -72.06 53.19 -42.17
N ASP G 191 -73.11 52.37 -42.09
CA ASP G 191 -74.08 52.40 -41.00
C ASP G 191 -73.39 52.36 -39.64
N TRP G 192 -72.56 51.32 -39.46
CA TRP G 192 -71.92 51.00 -38.19
C TRP G 192 -70.81 51.99 -37.86
N TYR G 193 -70.04 52.38 -38.88
CA TYR G 193 -68.92 53.28 -38.66
C TYR G 193 -69.33 54.74 -38.42
N LEU G 194 -70.51 55.12 -38.96
CA LEU G 194 -71.10 56.43 -38.71
C LEU G 194 -71.65 56.53 -37.28
N ALA G 195 -71.86 55.38 -36.65
CA ALA G 195 -72.32 55.32 -35.27
C ALA G 195 -71.16 55.19 -34.29
N HIS G 196 -70.15 54.41 -34.68
CA HIS G 196 -68.99 54.15 -33.84
C HIS G 196 -67.78 54.92 -34.38
N PRO G 197 -67.52 56.11 -33.83
CA PRO G 197 -66.43 56.94 -34.34
C PRO G 197 -65.07 56.36 -33.97
N GLU G 198 -64.84 56.16 -32.67
CA GLU G 198 -63.58 55.64 -32.15
C GLU G 198 -63.55 54.11 -32.24
N ALA G 199 -63.75 53.60 -33.45
CA ALA G 199 -63.77 52.17 -33.69
C ALA G 199 -62.57 51.77 -34.55
N THR G 200 -61.75 50.87 -34.00
CA THR G 200 -60.56 50.37 -34.68
C THR G 200 -60.95 49.48 -35.87
N LEU G 201 -60.76 50.00 -37.08
CA LEU G 201 -61.09 49.27 -38.31
C LEU G 201 -59.96 48.31 -38.68
N ILE G 202 -60.31 47.07 -39.01
CA ILE G 202 -59.31 46.07 -39.44
C ILE G 202 -59.60 45.49 -40.83
N ALA G 203 -58.79 45.90 -41.81
CA ALA G 203 -58.83 45.28 -43.13
C ALA G 203 -57.91 44.07 -43.11
N GLY G 204 -56.77 44.16 -43.81
CA GLY G 204 -55.78 43.10 -43.83
C GLY G 204 -55.17 42.77 -42.48
N GLY G 205 -55.09 43.79 -41.62
CA GLY G 205 -54.59 43.63 -40.26
C GLY G 205 -53.08 43.48 -40.16
N THR G 206 -52.37 44.00 -41.14
CA THR G 206 -50.89 43.90 -41.19
C THR G 206 -50.19 45.14 -40.64
N ASP G 207 -51.00 46.10 -40.17
CA ASP G 207 -50.50 47.28 -39.45
C ASP G 207 -51.03 47.27 -38.02
N VAL G 208 -52.30 46.91 -37.89
CA VAL G 208 -53.01 46.95 -36.61
C VAL G 208 -52.58 45.79 -35.70
N SER G 209 -52.15 44.67 -36.30
CA SER G 209 -51.70 43.52 -35.52
C SER G 209 -50.31 43.72 -34.93
N LEU G 210 -49.57 44.69 -35.48
CA LEU G 210 -48.29 45.10 -34.92
C LEU G 210 -48.47 46.05 -33.73
N TRP G 211 -49.71 46.48 -33.51
CA TRP G 211 -50.08 47.23 -32.32
C TRP G 211 -50.36 46.27 -31.18
N VAL G 212 -50.73 45.03 -31.50
CA VAL G 212 -51.07 44.04 -30.48
C VAL G 212 -49.94 43.07 -30.14
N THR G 213 -49.42 42.36 -31.13
CA THR G 213 -48.37 41.36 -30.92
C THR G 213 -47.07 42.02 -30.43
N LYS G 214 -46.70 43.13 -31.07
CA LYS G 214 -45.46 43.82 -30.76
C LYS G 214 -45.65 44.97 -29.76
N ALA G 215 -46.48 45.96 -30.14
CA ALA G 215 -46.69 47.17 -29.33
C ALA G 215 -47.64 46.98 -28.14
N LEU G 216 -48.20 45.78 -28.00
CA LEU G 216 -49.06 45.40 -26.87
C LEU G 216 -50.11 46.46 -26.48
N ARG G 217 -51.12 46.62 -27.33
CA ARG G 217 -52.20 47.61 -27.10
C ARG G 217 -53.60 46.98 -27.18
N ASP G 218 -54.45 47.33 -26.21
CA ASP G 218 -55.84 46.89 -26.18
C ASP G 218 -56.68 47.68 -27.18
N LEU G 219 -57.37 46.96 -28.06
CA LEU G 219 -58.21 47.59 -29.08
C LEU G 219 -59.67 47.15 -28.95
N PRO G 220 -60.47 47.91 -28.17
CA PRO G 220 -61.91 47.65 -28.13
C PRO G 220 -62.63 48.26 -29.32
N GLU G 221 -63.82 47.74 -29.63
CA GLU G 221 -64.65 48.19 -30.75
C GLU G 221 -63.93 48.01 -32.09
N VAL G 222 -64.07 46.82 -32.67
CA VAL G 222 -63.35 46.43 -33.87
C VAL G 222 -64.30 45.94 -34.97
N ALA G 223 -63.94 46.21 -36.22
CA ALA G 223 -64.74 45.76 -37.37
C ALA G 223 -63.88 45.24 -38.52
N PHE G 224 -64.11 43.99 -38.92
CA PHE G 224 -63.32 43.33 -39.95
C PHE G 224 -63.86 43.56 -41.35
N LEU G 225 -63.24 44.51 -42.06
CA LEU G 225 -63.70 44.91 -43.38
C LEU G 225 -63.42 43.85 -44.45
N SER G 226 -62.61 42.85 -44.10
CA SER G 226 -62.23 41.79 -45.02
C SER G 226 -63.38 40.81 -45.34
N HIS G 227 -64.59 41.16 -44.91
CA HIS G 227 -65.77 40.37 -45.24
C HIS G 227 -66.78 41.10 -46.13
N CYS G 228 -66.39 42.29 -46.60
CA CYS G 228 -67.18 43.09 -47.55
C CYS G 228 -66.75 42.85 -48.99
N LYS G 229 -67.59 42.15 -49.75
CA LYS G 229 -67.26 41.81 -51.14
C LYS G 229 -67.32 43.02 -52.07
N ASP G 230 -68.31 43.89 -51.85
CA ASP G 230 -68.52 45.09 -52.67
C ASP G 230 -67.46 46.17 -52.45
N LEU G 231 -66.77 46.08 -51.30
CA LEU G 231 -65.67 46.99 -50.98
C LEU G 231 -64.38 46.58 -51.70
N ALA G 232 -64.20 45.27 -51.87
CA ALA G 232 -63.05 44.73 -52.59
C ALA G 232 -63.37 44.50 -54.06
N GLN G 233 -63.47 45.60 -54.82
CA GLN G 233 -63.96 45.52 -56.20
C GLN G 233 -63.11 46.26 -57.23
N ILE G 234 -62.69 45.49 -58.24
CA ILE G 234 -62.13 46.04 -59.48
C ILE G 234 -63.31 46.46 -60.35
N ARG G 235 -63.41 47.76 -60.59
CA ARG G 235 -64.50 48.28 -61.40
C ARG G 235 -63.97 49.20 -62.49
N GLU G 236 -64.49 49.03 -63.70
CA GLU G 236 -64.16 49.92 -64.80
C GLU G 236 -65.19 51.05 -64.89
N THR G 237 -64.69 52.27 -64.95
CA THR G 237 -65.52 53.46 -65.10
C THR G 237 -65.18 54.17 -66.42
N PRO G 238 -66.20 54.76 -67.10
CA PRO G 238 -66.02 55.49 -68.36
C PRO G 238 -64.76 56.36 -68.43
N ASP G 239 -64.28 56.85 -67.30
CA ASP G 239 -62.99 57.54 -67.25
C ASP G 239 -61.81 56.54 -67.22
N GLY G 240 -61.52 55.99 -66.05
CA GLY G 240 -60.41 55.06 -65.89
C GLY G 240 -60.81 53.77 -65.21
N TYR G 241 -60.13 53.46 -64.11
CA TYR G 241 -60.38 52.25 -63.33
C TYR G 241 -60.64 52.56 -61.85
N GLY G 242 -61.73 52.00 -61.34
CA GLY G 242 -62.14 52.20 -59.95
C GLY G 242 -61.79 51.01 -59.09
N ILE G 243 -60.85 51.23 -58.17
CA ILE G 243 -60.40 50.21 -57.26
C ILE G 243 -60.96 50.52 -55.88
N GLY G 244 -61.72 49.58 -55.32
CA GLY G 244 -62.26 49.69 -53.96
C GLY G 244 -61.21 49.49 -52.89
N ALA G 245 -61.42 50.12 -51.74
CA ALA G 245 -60.46 50.09 -50.62
C ALA G 245 -60.18 48.70 -50.04
N GLY G 246 -60.94 47.70 -50.49
CA GLY G 246 -60.80 46.33 -50.02
C GLY G 246 -59.90 45.45 -50.88
N VAL G 247 -59.65 45.89 -52.11
CA VAL G 247 -58.79 45.15 -53.04
C VAL G 247 -57.39 44.98 -52.43
N THR G 248 -56.91 43.74 -52.41
CA THR G 248 -55.58 43.45 -51.84
C THR G 248 -54.46 43.82 -52.82
N ILE G 249 -53.32 44.19 -52.28
CA ILE G 249 -52.18 44.61 -53.09
C ILE G 249 -51.84 43.58 -54.16
N ALA G 250 -51.82 42.30 -53.76
CA ALA G 250 -51.57 41.20 -54.70
C ALA G 250 -52.56 41.22 -55.85
N ALA G 251 -53.81 41.52 -55.53
CA ALA G 251 -54.86 41.66 -56.55
C ALA G 251 -54.61 42.90 -57.41
N LEU G 252 -54.31 44.03 -56.76
CA LEU G 252 -54.07 45.30 -57.46
C LEU G 252 -52.82 45.28 -58.34
N ARG G 253 -51.85 44.44 -57.96
CA ARG G 253 -50.66 44.21 -58.77
C ARG G 253 -51.00 43.37 -60.01
N ALA G 254 -51.76 42.30 -59.79
CA ALA G 254 -52.15 41.35 -60.85
C ALA G 254 -53.08 41.98 -61.88
N PHE G 255 -53.84 42.97 -61.43
CA PHE G 255 -54.72 43.77 -62.30
C PHE G 255 -53.91 44.81 -63.07
N ALA G 256 -52.96 45.44 -62.39
CA ALA G 256 -52.09 46.44 -62.99
C ALA G 256 -51.27 45.87 -64.14
N GLU G 257 -50.88 44.60 -64.02
CA GLU G 257 -50.16 43.85 -65.07
C GLU G 257 -50.43 44.34 -66.50
N GLY G 258 -51.71 44.50 -66.84
CA GLY G 258 -52.13 44.96 -68.16
C GLY G 258 -52.09 46.48 -68.33
N PRO G 259 -53.10 47.18 -67.77
CA PRO G 259 -53.23 48.65 -67.82
C PRO G 259 -52.01 49.43 -67.33
N HIS G 260 -51.47 49.07 -66.16
CA HIS G 260 -50.30 49.75 -65.60
C HIS G 260 -49.14 48.81 -65.22
N PRO G 261 -48.30 48.43 -66.21
CA PRO G 261 -47.10 47.62 -65.90
C PRO G 261 -46.07 48.43 -65.11
N ALA G 262 -46.32 49.73 -64.96
CA ALA G 262 -45.49 50.61 -64.16
C ALA G 262 -45.77 50.40 -62.67
N LEU G 263 -47.04 50.42 -62.30
CA LEU G 263 -47.45 50.19 -60.92
C LEU G 263 -47.16 48.75 -60.50
N ALA G 264 -47.40 47.82 -61.42
CA ALA G 264 -47.23 46.39 -61.19
C ALA G 264 -45.80 46.02 -60.81
N GLY G 265 -44.84 46.70 -61.42
CA GLY G 265 -43.40 46.49 -61.13
C GLY G 265 -43.00 46.94 -59.74
N LEU G 266 -43.68 47.98 -59.24
CA LEU G 266 -43.50 48.44 -57.87
C LEU G 266 -44.16 47.47 -56.87
N LEU G 267 -45.44 47.13 -57.11
CA LEU G 267 -46.18 46.22 -56.22
C LEU G 267 -45.64 44.78 -56.24
N ARG G 268 -44.73 44.49 -57.16
CA ARG G 268 -43.97 43.26 -57.13
C ARG G 268 -43.13 43.28 -55.85
N ARG G 269 -42.51 44.43 -55.58
CA ARG G 269 -41.67 44.63 -54.40
C ARG G 269 -42.40 45.37 -53.26
N PHE G 270 -43.69 45.09 -53.10
CA PHE G 270 -44.48 45.59 -51.98
C PHE G 270 -44.58 44.46 -50.97
N ALA G 271 -44.16 44.72 -49.74
CA ALA G 271 -44.12 43.71 -48.67
C ALA G 271 -43.61 42.35 -49.19
N SER G 272 -44.27 41.26 -48.80
CA SER G 272 -44.03 39.94 -49.42
C SER G 272 -45.33 39.36 -49.99
N GLU G 273 -45.20 38.23 -50.70
CA GLU G 273 -46.35 37.51 -51.20
C GLU G 273 -47.31 37.14 -50.07
N GLN G 274 -46.75 36.81 -48.90
CA GLN G 274 -47.53 36.47 -47.71
C GLN G 274 -48.38 37.62 -47.16
N VAL G 275 -47.88 38.86 -47.28
CA VAL G 275 -48.59 40.03 -46.79
C VAL G 275 -49.53 40.57 -47.88
N ARG G 276 -49.07 40.53 -49.13
CA ARG G 276 -49.84 41.05 -50.27
C ARG G 276 -51.20 40.37 -50.49
N GLN G 277 -51.37 39.18 -49.92
CA GLN G 277 -52.64 38.45 -50.05
C GLN G 277 -53.74 38.94 -49.11
N VAL G 278 -53.37 39.67 -48.06
CA VAL G 278 -54.34 40.23 -47.14
C VAL G 278 -54.27 41.75 -47.07
N ALA G 279 -53.06 42.29 -47.27
CA ALA G 279 -52.82 43.73 -47.25
C ALA G 279 -53.56 44.47 -48.36
N THR G 280 -54.28 45.53 -48.02
CA THR G 280 -55.14 46.23 -48.98
C THR G 280 -54.63 47.62 -49.36
N ILE G 281 -55.27 48.18 -50.39
CA ILE G 281 -54.93 49.50 -50.90
C ILE G 281 -55.52 50.60 -49.99
N GLY G 282 -56.77 50.43 -49.59
CA GLY G 282 -57.45 51.40 -48.73
C GLY G 282 -56.98 51.33 -47.29
N GLY G 283 -56.38 50.21 -46.93
CA GLY G 283 -55.72 50.05 -45.64
C GLY G 283 -54.36 50.73 -45.64
N ASN G 284 -53.63 50.54 -46.73
CA ASN G 284 -52.33 51.19 -46.91
C ASN G 284 -52.49 52.70 -46.88
N ILE G 285 -53.42 53.21 -47.70
CA ILE G 285 -53.73 54.64 -47.80
C ILE G 285 -54.25 55.19 -46.46
N ALA G 286 -55.05 54.39 -45.75
CA ALA G 286 -55.66 54.81 -44.49
C ALA G 286 -54.70 54.79 -43.31
N ASN G 287 -53.73 53.87 -43.37
CA ASN G 287 -52.59 53.86 -42.46
C ASN G 287 -51.84 55.18 -42.59
N GLY G 288 -51.68 55.63 -43.83
CA GLY G 288 -51.17 56.98 -44.15
C GLY G 288 -49.71 57.21 -43.81
N SER G 289 -48.84 56.26 -44.18
CA SER G 289 -47.42 56.33 -43.86
C SER G 289 -46.64 57.21 -44.85
N PRO G 290 -45.59 57.91 -44.35
CA PRO G 290 -44.71 58.64 -45.27
C PRO G 290 -43.83 57.68 -46.05
N ILE G 291 -43.51 56.54 -45.41
CA ILE G 291 -42.78 55.45 -46.05
C ILE G 291 -43.74 54.38 -46.60
N GLY G 292 -44.99 54.78 -46.82
CA GLY G 292 -45.99 53.93 -47.47
C GLY G 292 -45.75 53.96 -48.97
N ASP G 293 -45.58 52.78 -49.56
CA ASP G 293 -45.16 52.62 -50.96
C ASP G 293 -46.29 52.69 -52.00
N GLY G 294 -47.50 52.32 -51.59
CA GLY G 294 -48.69 52.49 -52.41
C GLY G 294 -48.90 53.89 -52.96
N PRO G 295 -49.12 54.90 -52.06
CA PRO G 295 -49.50 56.24 -52.52
C PRO G 295 -48.61 56.90 -53.58
N PRO G 296 -47.27 56.98 -53.36
CA PRO G 296 -46.42 57.71 -54.31
C PRO G 296 -46.69 57.34 -55.77
N ALA G 297 -47.05 56.08 -56.02
CA ALA G 297 -47.41 55.63 -57.34
C ALA G 297 -48.74 56.23 -57.80
N LEU G 298 -49.78 56.07 -57.00
CA LEU G 298 -51.12 56.59 -57.32
C LEU G 298 -51.14 58.11 -57.51
N ILE G 299 -50.41 58.83 -56.65
CA ILE G 299 -50.28 60.29 -56.71
C ILE G 299 -49.58 60.74 -58.00
N ALA G 300 -48.52 60.03 -58.38
CA ALA G 300 -47.79 60.30 -59.61
C ALA G 300 -48.63 60.05 -60.88
N MET G 301 -49.58 59.12 -60.82
CA MET G 301 -50.51 58.88 -61.92
C MET G 301 -51.91 59.42 -61.62
N GLY G 302 -51.96 60.67 -61.16
CA GLY G 302 -53.21 61.41 -60.92
C GLY G 302 -54.46 60.61 -60.61
N ALA G 303 -54.42 59.88 -59.50
CA ALA G 303 -55.54 59.07 -59.06
C ALA G 303 -56.34 59.73 -57.94
N SER G 304 -57.66 59.71 -58.07
CA SER G 304 -58.54 60.30 -57.08
C SER G 304 -58.87 59.30 -55.98
N LEU G 305 -59.07 59.82 -54.77
CA LEU G 305 -59.54 59.00 -53.65
C LEU G 305 -61.04 59.21 -53.44
N THR G 306 -61.69 58.27 -52.74
CA THR G 306 -63.09 58.41 -52.35
C THR G 306 -63.32 58.00 -50.88
N LEU G 307 -63.93 58.92 -50.12
CA LEU G 307 -64.21 58.74 -48.70
C LEU G 307 -65.71 58.51 -48.46
N ARG G 308 -66.06 57.96 -47.30
CA ARG G 308 -67.46 57.72 -46.95
C ARG G 308 -67.81 57.98 -45.49
N ARG G 309 -68.68 58.98 -45.27
CA ARG G 309 -69.19 59.31 -43.93
C ARG G 309 -70.68 58.96 -43.87
N GLY G 310 -70.98 57.68 -44.11
CA GLY G 310 -72.35 57.19 -44.24
C GLY G 310 -72.76 57.12 -45.69
N GLN G 311 -73.78 57.90 -46.06
CA GLN G 311 -74.18 58.07 -47.45
C GLN G 311 -73.48 59.29 -48.06
N GLU G 312 -72.53 59.85 -47.30
CA GLU G 312 -71.71 60.98 -47.72
C GLU G 312 -70.46 60.48 -48.45
N ARG G 313 -70.17 61.08 -49.61
CA ARG G 313 -68.98 60.75 -50.38
C ARG G 313 -68.10 61.98 -50.61
N ARG G 314 -66.81 61.84 -50.35
CA ARG G 314 -65.86 62.91 -50.58
C ARG G 314 -64.81 62.44 -51.56
N ARG G 315 -64.82 63.01 -52.76
CA ARG G 315 -63.86 62.66 -53.79
C ARG G 315 -62.81 63.74 -53.88
N MET G 316 -61.55 63.35 -53.88
CA MET G 316 -60.43 64.30 -53.88
C MET G 316 -59.16 63.69 -54.48
N PRO G 317 -58.21 64.54 -54.93
CA PRO G 317 -56.90 64.04 -55.30
C PRO G 317 -56.15 63.48 -54.08
N LEU G 318 -55.60 62.27 -54.23
CA LEU G 318 -54.98 61.54 -53.13
C LEU G 318 -53.99 62.36 -52.30
N GLU G 319 -53.12 63.11 -52.99
CA GLU G 319 -52.10 63.91 -52.33
C GLU G 319 -52.65 64.87 -51.28
N ASP G 320 -53.83 65.44 -51.56
CA ASP G 320 -54.52 66.32 -50.64
C ASP G 320 -54.95 65.59 -49.36
N PHE G 321 -55.17 64.28 -49.47
CA PHE G 321 -55.63 63.45 -48.36
C PHE G 321 -54.64 63.43 -47.20
N PHE G 322 -53.35 63.59 -47.53
CA PHE G 322 -52.29 63.55 -46.54
C PHE G 322 -51.89 64.96 -46.10
N LEU G 323 -52.56 65.46 -45.05
CA LEU G 323 -52.41 66.84 -44.56
C LEU G 323 -51.09 67.07 -43.85
N GLU G 324 -50.93 66.41 -42.71
CA GLU G 324 -49.73 66.52 -41.88
C GLU G 324 -49.17 65.13 -41.66
N TYR G 325 -48.08 65.03 -40.89
CA TYR G 325 -47.63 63.71 -40.43
C TYR G 325 -48.58 63.19 -39.35
N ARG G 326 -49.08 61.97 -39.56
CA ARG G 326 -50.03 61.31 -38.64
C ARG G 326 -51.36 62.06 -38.48
N LYS G 327 -51.68 62.91 -39.45
CA LYS G 327 -52.96 63.62 -39.47
C LYS G 327 -53.46 63.78 -40.91
N GLN G 328 -54.57 63.10 -41.22
CA GLN G 328 -55.11 63.02 -42.57
C GLN G 328 -56.51 63.62 -42.71
N ASP G 329 -57.03 63.63 -43.93
CA ASP G 329 -58.35 64.22 -44.23
C ASP G 329 -59.48 63.25 -43.90
N ARG G 330 -59.28 62.46 -42.85
CA ARG G 330 -60.29 61.58 -42.28
C ARG G 330 -61.19 62.41 -41.37
N ARG G 331 -62.49 62.12 -41.38
CA ARG G 331 -63.44 62.79 -40.49
C ARG G 331 -64.07 61.72 -39.58
N PRO G 332 -64.43 62.08 -38.34
CA PRO G 332 -65.08 61.11 -37.45
C PRO G 332 -66.35 60.48 -38.06
N GLY G 333 -66.29 59.18 -38.34
CA GLY G 333 -67.38 58.47 -39.03
C GLY G 333 -67.09 58.20 -40.50
N GLU G 334 -66.04 58.84 -41.01
CA GLU G 334 -65.63 58.75 -42.41
C GLU G 334 -64.62 57.62 -42.59
N PHE G 335 -64.71 56.90 -43.71
CA PHE G 335 -63.74 55.85 -44.05
C PHE G 335 -63.37 55.82 -45.52
N VAL G 336 -62.24 55.20 -45.82
CA VAL G 336 -61.79 55.01 -47.21
C VAL G 336 -62.64 53.94 -47.89
N GLU G 337 -63.35 54.36 -48.94
CA GLU G 337 -64.25 53.48 -49.66
C GLU G 337 -63.58 52.93 -50.92
N SER G 338 -62.93 53.81 -51.69
CA SER G 338 -62.33 53.43 -52.97
C SER G 338 -61.36 54.46 -53.52
N VAL G 339 -60.65 54.07 -54.59
CA VAL G 339 -59.83 54.98 -55.39
C VAL G 339 -60.21 54.85 -56.88
N THR G 340 -59.81 55.86 -57.66
CA THR G 340 -59.97 55.81 -59.10
C THR G 340 -58.69 56.26 -59.76
N LEU G 341 -58.18 55.46 -60.69
CA LEU G 341 -57.00 55.81 -61.47
C LEU G 341 -57.35 55.81 -62.96
N PRO G 342 -56.67 56.65 -63.77
CA PRO G 342 -56.95 56.70 -65.21
C PRO G 342 -56.64 55.36 -65.87
N LYS G 343 -57.14 55.17 -67.09
CA LYS G 343 -56.93 53.90 -67.78
C LYS G 343 -55.44 53.63 -68.09
N SER G 344 -54.78 54.53 -68.80
CA SER G 344 -53.38 54.30 -69.18
C SER G 344 -52.44 55.46 -68.81
N ALA G 345 -51.37 55.11 -68.12
CA ALA G 345 -50.33 56.08 -67.76
C ALA G 345 -48.96 55.56 -68.25
N PRO G 346 -48.66 55.79 -69.54
CA PRO G 346 -47.41 55.29 -70.11
C PRO G 346 -46.18 55.98 -69.53
N GLY G 347 -46.32 57.24 -69.12
CA GLY G 347 -45.19 58.03 -68.64
C GLY G 347 -44.81 57.76 -67.20
N LEU G 348 -45.63 56.98 -66.50
CA LEU G 348 -45.39 56.67 -65.10
C LEU G 348 -44.24 55.67 -64.94
N ARG G 349 -43.37 55.96 -63.97
CA ARG G 349 -42.29 55.06 -63.59
C ARG G 349 -42.23 55.02 -62.07
N CYS G 350 -41.77 53.89 -61.52
CA CYS G 350 -41.73 53.71 -60.08
C CYS G 350 -40.37 53.22 -59.61
N TYR G 351 -39.72 54.01 -58.76
CA TYR G 351 -38.41 53.66 -58.23
C TYR G 351 -38.42 53.53 -56.71
N LYS G 352 -38.36 52.28 -56.23
CA LYS G 352 -38.20 51.97 -54.82
C LYS G 352 -36.73 51.64 -54.53
N LEU G 353 -36.15 52.38 -53.59
CA LEU G 353 -34.76 52.17 -53.16
C LEU G 353 -34.65 51.84 -51.66
N SER G 354 -33.99 50.73 -51.37
CA SER G 354 -33.83 50.20 -50.02
C SER G 354 -32.55 49.36 -49.92
N LYS G 355 -32.17 48.95 -48.71
CA LYS G 355 -30.97 48.11 -48.50
C LYS G 355 -31.06 46.82 -49.30
N ARG G 356 -32.18 46.13 -49.15
CA ARG G 356 -32.46 44.91 -49.89
C ARG G 356 -33.61 45.22 -50.84
N PHE G 357 -33.77 44.38 -51.87
CA PHE G 357 -34.87 44.54 -52.83
C PHE G 357 -36.20 44.10 -52.24
N ASP G 358 -36.32 42.80 -51.96
CA ASP G 358 -37.58 42.22 -51.52
C ASP G 358 -37.89 42.48 -50.04
N GLN G 359 -39.19 42.52 -49.73
CA GLN G 359 -39.74 42.81 -48.38
C GLN G 359 -38.85 43.69 -47.51
N ASP G 360 -38.84 44.97 -47.86
CA ASP G 360 -38.06 45.98 -47.17
C ASP G 360 -38.82 47.30 -47.23
N ILE G 361 -38.52 48.18 -46.29
CA ILE G 361 -39.17 49.48 -46.26
C ILE G 361 -38.28 50.50 -46.97
N SER G 362 -38.81 51.11 -48.03
CA SER G 362 -38.06 52.07 -48.86
C SER G 362 -37.72 53.37 -48.14
N ALA G 363 -36.44 53.71 -48.13
CA ALA G 363 -35.99 54.97 -47.54
C ALA G 363 -36.22 56.06 -48.57
N VAL G 364 -35.95 55.75 -49.83
CA VAL G 364 -36.25 56.66 -50.93
C VAL G 364 -37.14 55.95 -51.93
N CYS G 365 -38.12 56.68 -52.46
CA CYS G 365 -39.12 56.12 -53.34
C CYS G 365 -39.64 57.21 -54.26
N GLY G 366 -39.26 57.15 -55.54
CA GLY G 366 -39.62 58.17 -56.51
C GLY G 366 -40.50 57.64 -57.63
N CYS G 367 -41.59 58.35 -57.88
CA CYS G 367 -42.46 58.03 -59.01
C CYS G 367 -42.55 59.22 -59.95
N LEU G 368 -42.08 59.02 -61.18
CA LEU G 368 -42.06 60.07 -62.18
C LEU G 368 -43.01 59.79 -63.35
N ASN G 369 -43.76 60.81 -63.74
CA ASN G 369 -44.73 60.72 -64.81
C ASN G 369 -44.83 62.04 -65.58
N LEU G 370 -44.16 62.11 -66.72
CA LEU G 370 -44.15 63.31 -67.54
C LEU G 370 -44.97 63.16 -68.82
N THR G 371 -45.44 64.30 -69.34
CA THR G 371 -46.11 64.38 -70.62
C THR G 371 -45.20 65.08 -71.63
N LEU G 372 -45.10 64.52 -72.83
CA LEU G 372 -44.33 65.13 -73.91
C LEU G 372 -45.23 65.90 -74.86
N LYS G 373 -44.64 66.86 -75.56
CA LYS G 373 -45.26 67.50 -76.71
C LYS G 373 -44.16 67.83 -77.71
N GLY G 374 -43.59 66.77 -78.31
CA GLY G 374 -42.42 66.89 -79.15
C GLY G 374 -41.18 66.55 -78.35
N SER G 375 -40.65 67.56 -77.65
CA SER G 375 -39.52 67.39 -76.73
C SER G 375 -39.68 68.29 -75.51
N LYS G 376 -40.71 69.14 -75.53
CA LYS G 376 -41.00 70.06 -74.44
C LYS G 376 -41.84 69.38 -73.37
N ILE G 377 -41.38 69.49 -72.11
CA ILE G 377 -42.06 68.89 -70.96
C ILE G 377 -43.39 69.59 -70.67
N GLU G 378 -44.44 68.79 -70.51
CA GLU G 378 -45.81 69.30 -70.46
C GLU G 378 -46.46 69.16 -69.07
N THR G 379 -46.49 67.94 -68.55
CA THR G 379 -47.15 67.69 -67.26
C THR G 379 -46.25 66.91 -66.31
N ALA G 380 -45.71 67.61 -65.31
CA ALA G 380 -44.84 67.01 -64.30
C ALA G 380 -45.60 66.45 -63.11
N ARG G 381 -45.57 65.13 -62.99
CA ARG G 381 -46.16 64.41 -61.86
C ARG G 381 -45.08 63.56 -61.19
N ILE G 382 -44.32 64.19 -60.31
CA ILE G 382 -43.20 63.54 -59.63
C ILE G 382 -43.50 63.46 -58.13
N ALA G 383 -43.76 62.25 -57.64
CA ALA G 383 -44.13 62.04 -56.24
C ALA G 383 -43.10 61.18 -55.49
N PHE G 384 -42.81 61.57 -54.24
CA PHE G 384 -41.80 60.89 -53.41
C PHE G 384 -42.32 60.28 -52.12
N GLY G 385 -41.87 59.06 -51.85
CA GLY G 385 -42.11 58.42 -50.57
C GLY G 385 -40.90 58.62 -49.67
N GLY G 386 -41.15 58.71 -48.37
CA GLY G 386 -40.11 58.73 -47.34
C GLY G 386 -39.14 59.90 -47.40
N MET G 387 -39.46 60.90 -48.24
CA MET G 387 -38.61 62.09 -48.40
C MET G 387 -38.96 63.22 -47.41
N ALA G 388 -40.25 63.41 -47.18
CA ALA G 388 -40.74 64.25 -46.09
C ALA G 388 -41.70 63.40 -45.26
N GLY G 389 -42.07 63.92 -44.08
CA GLY G 389 -42.97 63.21 -43.15
C GLY G 389 -44.40 63.09 -43.68
N VAL G 390 -44.52 62.93 -44.99
CA VAL G 390 -45.78 62.79 -45.70
C VAL G 390 -45.40 62.47 -47.16
N PRO G 391 -46.22 61.66 -47.86
CA PRO G 391 -45.94 61.48 -49.28
C PRO G 391 -46.42 62.68 -50.09
N LYS G 392 -45.49 63.44 -50.67
CA LYS G 392 -45.88 64.61 -51.46
C LYS G 392 -45.12 64.82 -52.77
N ARG G 393 -45.70 65.67 -53.62
CA ARG G 393 -45.17 65.96 -54.96
C ARG G 393 -44.21 67.15 -54.95
N ALA G 394 -43.08 66.99 -55.63
CA ALA G 394 -41.95 67.93 -55.56
C ALA G 394 -42.22 69.30 -56.16
N ALA G 395 -43.01 70.11 -55.47
CA ALA G 395 -43.56 71.38 -55.97
C ALA G 395 -42.62 72.26 -56.81
N ALA G 396 -41.46 72.61 -56.25
CA ALA G 396 -40.50 73.49 -56.93
C ALA G 396 -39.83 72.82 -58.13
N PHE G 397 -39.15 71.70 -57.90
CA PHE G 397 -38.52 70.92 -58.98
C PHE G 397 -39.50 70.60 -60.10
N GLU G 398 -40.74 70.27 -59.73
CA GLU G 398 -41.79 69.89 -60.66
C GLU G 398 -42.11 71.02 -61.63
N ALA G 399 -42.41 72.19 -61.08
CA ALA G 399 -42.73 73.37 -61.87
C ALA G 399 -41.50 73.84 -62.65
N ALA G 400 -40.31 73.53 -62.13
CA ALA G 400 -39.05 73.87 -62.79
C ALA G 400 -38.90 73.19 -64.14
N LEU G 401 -39.50 72.01 -64.26
CA LEU G 401 -39.40 71.18 -65.47
C LEU G 401 -40.38 71.60 -66.58
N ILE G 402 -41.57 72.04 -66.19
CA ILE G 402 -42.64 72.33 -67.15
C ILE G 402 -42.23 73.40 -68.17
N GLY G 403 -42.49 73.11 -69.45
CA GLY G 403 -42.19 74.02 -70.55
C GLY G 403 -40.73 74.01 -70.96
N GLN G 404 -40.06 72.88 -70.79
CA GLN G 404 -38.65 72.76 -71.12
C GLN G 404 -38.33 71.46 -71.84
N ASP G 405 -37.11 71.38 -72.38
CA ASP G 405 -36.63 70.18 -73.07
C ASP G 405 -36.52 68.97 -72.15
N PHE G 406 -36.77 67.79 -72.72
CA PHE G 406 -36.61 66.54 -71.99
C PHE G 406 -35.23 65.90 -72.29
N ARG G 407 -34.18 66.61 -71.88
CA ARG G 407 -32.81 66.13 -72.00
C ARG G 407 -32.19 66.09 -70.60
N GLU G 408 -31.14 65.27 -70.44
CA GLU G 408 -30.47 65.07 -69.15
C GLU G 408 -29.89 66.33 -68.51
N ASP G 409 -29.39 67.23 -69.35
CA ASP G 409 -28.73 68.47 -68.91
C ASP G 409 -29.66 69.46 -68.20
N THR G 410 -30.83 69.70 -68.79
CA THR G 410 -31.85 70.57 -68.21
C THR G 410 -32.48 69.95 -66.98
N ILE G 411 -32.64 68.62 -67.01
CA ILE G 411 -33.10 67.86 -65.84
C ILE G 411 -32.03 67.94 -64.75
N ALA G 412 -30.76 67.82 -65.15
CA ALA G 412 -29.63 67.94 -64.24
C ALA G 412 -29.56 69.33 -63.60
N ALA G 413 -30.02 70.33 -64.33
CA ALA G 413 -29.95 71.73 -63.89
C ALA G 413 -30.94 72.11 -62.78
N ALA G 414 -32.04 71.36 -62.66
CA ALA G 414 -33.11 71.68 -61.70
C ALA G 414 -33.13 70.79 -60.47
N LEU G 415 -32.21 69.82 -60.42
CA LEU G 415 -32.12 68.82 -59.34
C LEU G 415 -31.92 69.37 -57.91
N PRO G 416 -31.22 70.51 -57.76
CA PRO G 416 -31.10 71.11 -56.42
C PRO G 416 -32.41 71.67 -55.86
N LEU G 417 -33.37 71.98 -56.73
CA LEU G 417 -34.67 72.49 -56.28
C LEU G 417 -35.46 71.48 -55.44
N LEU G 418 -35.10 70.21 -55.55
CA LEU G 418 -35.62 69.16 -54.67
C LEU G 418 -35.16 69.32 -53.22
N ALA G 419 -33.95 69.89 -53.07
CA ALA G 419 -33.37 70.18 -51.75
C ALA G 419 -34.08 71.34 -51.04
N GLN G 420 -34.93 72.03 -51.78
CA GLN G 420 -35.83 73.03 -51.22
C GLN G 420 -37.25 72.47 -51.10
N ASP G 421 -37.52 71.38 -51.82
CA ASP G 421 -38.78 70.62 -51.71
C ASP G 421 -38.83 69.81 -50.42
N PHE G 422 -37.73 69.14 -50.10
CA PHE G 422 -37.60 68.35 -48.86
C PHE G 422 -36.27 68.68 -48.15
N THR G 423 -36.13 68.18 -46.93
CA THR G 423 -34.83 68.11 -46.23
C THR G 423 -34.79 66.84 -45.37
N PRO G 424 -34.53 65.69 -46.01
CA PRO G 424 -34.82 64.34 -45.52
C PRO G 424 -34.22 63.98 -44.16
N LEU G 425 -34.69 62.86 -43.61
CA LEU G 425 -34.28 62.36 -42.32
C LEU G 425 -33.17 61.32 -42.41
N SER G 426 -32.20 61.43 -41.50
CA SER G 426 -31.20 60.39 -41.33
C SER G 426 -31.66 59.41 -40.25
N ASP G 427 -31.78 58.14 -40.62
CA ASP G 427 -32.09 57.07 -39.66
C ASP G 427 -31.29 55.81 -39.98
N MET G 428 -31.67 54.69 -39.37
CA MET G 428 -30.99 53.40 -39.59
C MET G 428 -31.17 52.88 -41.02
N ARG G 429 -32.14 53.42 -41.73
CA ARG G 429 -32.44 52.98 -43.09
C ARG G 429 -31.61 53.70 -44.15
N ALA G 430 -31.36 54.99 -43.94
CA ALA G 430 -30.51 55.79 -44.81
C ALA G 430 -30.23 57.19 -44.25
N SER G 431 -29.02 57.68 -44.50
CA SER G 431 -28.64 59.04 -44.17
C SER G 431 -29.37 60.00 -45.09
N ALA G 432 -29.61 61.22 -44.60
CA ALA G 432 -30.28 62.25 -45.39
C ALA G 432 -29.51 62.50 -46.69
N ALA G 433 -28.21 62.74 -46.57
CA ALA G 433 -27.34 62.98 -47.73
C ALA G 433 -27.70 62.05 -48.87
N TYR G 434 -27.82 60.77 -48.56
CA TYR G 434 -28.08 59.70 -49.52
C TYR G 434 -29.54 59.64 -49.98
N ARG G 435 -30.47 59.81 -49.04
CA ARG G 435 -31.90 59.85 -49.33
C ARG G 435 -32.20 61.02 -50.28
N MET G 436 -31.63 62.19 -49.97
CA MET G 436 -31.69 63.35 -50.85
C MET G 436 -30.99 63.07 -52.18
N ASN G 437 -29.74 62.62 -52.09
CA ASN G 437 -28.92 62.33 -53.27
C ASN G 437 -29.62 61.41 -54.26
N ALA G 438 -30.15 60.30 -53.76
CA ALA G 438 -30.79 59.29 -54.61
C ALA G 438 -32.16 59.72 -55.08
N ALA G 439 -32.68 60.79 -54.50
CA ALA G 439 -33.94 61.39 -54.96
C ALA G 439 -33.71 62.15 -56.27
N GLN G 440 -32.54 62.78 -56.39
CA GLN G 440 -32.14 63.45 -57.64
C GLN G 440 -31.68 62.42 -58.69
N ALA G 441 -31.11 61.31 -58.22
CA ALA G 441 -30.61 60.27 -59.08
C ALA G 441 -31.74 59.54 -59.81
N MET G 442 -32.94 59.57 -59.22
CA MET G 442 -34.13 58.93 -59.80
C MET G 442 -34.71 59.74 -60.96
N ALA G 443 -34.51 61.06 -60.92
CA ALA G 443 -34.89 61.91 -62.04
C ALA G 443 -33.96 61.71 -63.23
N LEU G 444 -32.65 61.62 -62.96
CA LEU G 444 -31.62 61.33 -63.97
C LEU G 444 -31.84 59.97 -64.61
N ARG G 445 -32.29 59.02 -63.79
CA ARG G 445 -32.65 57.67 -64.22
C ARG G 445 -33.87 57.66 -65.15
N TYR G 446 -34.85 58.51 -64.85
CA TYR G 446 -36.08 58.64 -65.63
C TYR G 446 -35.83 59.17 -67.07
N VAL G 447 -34.90 60.10 -67.19
CA VAL G 447 -34.51 60.63 -68.51
C VAL G 447 -33.74 59.55 -69.27
N ARG G 448 -32.96 58.75 -68.54
CA ARG G 448 -32.13 57.69 -69.11
C ARG G 448 -32.94 56.46 -69.53
N GLU G 449 -33.89 56.06 -68.69
CA GLU G 449 -34.73 54.91 -68.98
C GLU G 449 -35.58 55.20 -70.21
N LEU G 450 -36.24 56.36 -70.21
CA LEU G 450 -37.08 56.80 -71.32
C LEU G 450 -36.26 57.06 -72.59
N SER G 451 -34.96 57.26 -72.42
CA SER G 451 -34.02 57.30 -73.54
C SER G 451 -33.85 55.89 -74.11
N GLY G 452 -33.82 54.91 -73.21
CA GLY G 452 -33.68 53.50 -73.57
C GLY G 452 -32.49 52.84 -72.92
N GLU G 453 -31.83 53.60 -72.04
CA GLU G 453 -30.59 53.16 -71.41
C GLU G 453 -30.77 51.99 -70.46
N ALA G 454 -29.72 51.17 -70.34
CA ALA G 454 -29.66 50.13 -69.34
C ALA G 454 -29.44 50.78 -67.99
N VAL G 455 -30.52 50.87 -67.21
CA VAL G 455 -30.51 51.54 -65.92
C VAL G 455 -30.94 50.58 -64.80
N ALA G 456 -31.75 49.57 -65.17
CA ALA G 456 -32.35 48.64 -64.22
C ALA G 456 -31.39 47.53 -63.75
N VAL G 457 -31.09 47.54 -62.47
CA VAL G 457 -30.07 46.68 -61.86
C VAL G 457 -30.52 45.22 -61.72
N LEU G 458 -31.80 45.06 -61.39
CA LEU G 458 -32.43 43.75 -61.26
C LEU G 458 -32.64 43.07 -62.59
N GLU G 459 -32.67 43.86 -63.66
CA GLU G 459 -32.97 43.35 -64.99
C GLU G 459 -31.75 42.87 -65.79
N VAL G 460 -30.57 42.90 -65.16
CA VAL G 460 -29.34 42.43 -65.79
C VAL G 460 -29.28 40.89 -65.89
N MET G 461 -28.60 40.39 -66.91
CA MET G 461 -28.45 38.96 -67.14
C MET G 461 -27.10 38.40 -66.67
N PRO G 462 -27.12 37.25 -65.96
CA PRO G 462 -25.90 36.53 -65.62
C PRO G 462 -25.35 35.71 -66.81
N SER H 2 -21.48 3.90 -45.48
CA SER H 2 -21.97 5.12 -44.77
C SER H 2 -21.15 6.36 -45.10
N VAL H 3 -19.94 6.45 -44.56
CA VAL H 3 -19.09 7.62 -44.76
C VAL H 3 -18.85 7.89 -46.24
N GLY H 4 -19.05 9.14 -46.63
CA GLY H 4 -18.79 9.56 -48.00
C GLY H 4 -20.02 9.52 -48.89
N LYS H 5 -21.13 9.04 -48.34
CA LYS H 5 -22.39 9.00 -49.07
C LYS H 5 -23.08 10.36 -49.00
N PRO H 6 -23.70 10.80 -50.10
CA PRO H 6 -24.38 12.10 -50.08
C PRO H 6 -25.76 12.04 -49.38
N LEU H 7 -25.84 11.36 -48.24
CA LEU H 7 -27.11 11.07 -47.56
C LEU H 7 -27.76 12.29 -46.91
N PRO H 8 -29.06 12.21 -46.60
CA PRO H 8 -29.84 13.35 -46.12
C PRO H 8 -29.63 13.65 -44.63
N HIS H 9 -30.06 14.84 -44.20
CA HIS H 9 -29.89 15.27 -42.81
C HIS H 9 -30.59 14.36 -41.80
N ASP H 10 -29.96 14.20 -40.64
CA ASP H 10 -30.44 13.42 -39.48
C ASP H 10 -31.96 13.16 -39.41
N SER H 11 -32.74 14.20 -39.66
CA SER H 11 -34.20 14.11 -39.56
C SER H 11 -34.84 15.08 -40.53
N ALA H 12 -34.47 14.96 -41.80
CA ALA H 12 -35.03 15.79 -42.86
C ALA H 12 -36.54 15.58 -43.00
N ARG H 13 -36.97 14.32 -42.96
CA ARG H 13 -38.39 14.00 -43.02
C ARG H 13 -39.13 14.68 -41.88
N ALA H 14 -38.65 14.44 -40.65
CA ALA H 14 -39.19 15.07 -39.44
C ALA H 14 -39.21 16.59 -39.56
N HIS H 15 -38.16 17.14 -40.19
CA HIS H 15 -38.07 18.57 -40.49
C HIS H 15 -39.16 18.99 -41.48
N VAL H 16 -39.27 18.25 -42.58
CA VAL H 16 -40.09 18.63 -43.72
C VAL H 16 -41.60 18.46 -43.46
N THR H 17 -41.94 17.87 -42.32
CA THR H 17 -43.34 17.62 -41.94
C THR H 17 -43.78 18.30 -40.64
N GLY H 18 -42.94 19.18 -40.10
CA GLY H 18 -43.24 19.90 -38.86
C GLY H 18 -43.19 18.99 -37.65
N GLN H 19 -42.76 17.75 -37.89
CA GLN H 19 -42.60 16.72 -36.87
C GLN H 19 -41.44 17.03 -35.93
N ALA H 20 -40.45 17.74 -36.43
CA ALA H 20 -39.31 18.15 -35.65
C ALA H 20 -39.77 19.16 -34.59
N ARG H 21 -39.27 18.96 -33.37
CA ARG H 21 -39.74 19.70 -32.22
C ARG H 21 -38.60 20.39 -31.50
N TYR H 22 -38.77 21.70 -31.33
CA TYR H 22 -37.80 22.59 -30.67
C TYR H 22 -38.31 22.99 -29.30
N LEU H 23 -37.57 23.83 -28.58
CA LEU H 23 -37.88 24.04 -27.15
C LEU H 23 -39.27 24.60 -26.85
N ASP H 24 -39.72 25.56 -27.64
CA ASP H 24 -41.06 26.10 -27.45
C ASP H 24 -42.11 25.07 -27.88
N ASP H 25 -41.70 24.16 -28.79
CA ASP H 25 -42.55 23.07 -29.25
C ASP H 25 -42.88 22.05 -28.16
N LEU H 26 -41.97 21.88 -27.21
CA LEU H 26 -42.06 20.81 -26.22
C LEU H 26 -43.26 20.94 -25.28
N PRO H 27 -43.90 19.79 -24.97
CA PRO H 27 -44.99 19.77 -24.00
C PRO H 27 -44.43 19.82 -22.58
N CYS H 28 -45.26 20.26 -21.64
CA CYS H 28 -44.85 20.40 -20.23
C CYS H 28 -46.04 20.69 -19.33
N PRO H 29 -45.86 20.49 -18.01
CA PRO H 29 -46.91 20.70 -17.02
C PRO H 29 -47.76 21.93 -17.31
N ALA H 30 -49.07 21.78 -17.21
CA ALA H 30 -50.00 22.87 -17.45
C ALA H 30 -49.94 23.93 -16.33
N ASN H 31 -48.84 23.94 -15.57
CA ASN H 31 -48.58 25.02 -14.61
C ASN H 31 -47.30 25.80 -14.93
N THR H 32 -46.64 25.38 -16.02
CA THR H 32 -45.42 26.01 -16.53
C THR H 32 -45.59 27.53 -16.63
N LEU H 33 -44.65 28.24 -16.04
CA LEU H 33 -44.65 29.69 -16.06
C LEU H 33 -43.76 30.22 -17.16
N HIS H 34 -43.93 31.50 -17.49
CA HIS H 34 -43.11 32.13 -18.53
C HIS H 34 -42.42 33.38 -18.03
N LEU H 35 -41.19 33.57 -18.51
CA LEU H 35 -40.33 34.64 -18.04
C LEU H 35 -39.99 35.63 -19.15
N ALA H 36 -39.87 36.89 -18.77
CA ALA H 36 -39.44 37.94 -19.69
C ALA H 36 -38.56 38.92 -18.95
N PHE H 37 -37.48 39.35 -19.58
CA PHE H 37 -36.58 40.30 -18.96
C PHE H 37 -37.13 41.71 -19.01
N GLY H 38 -36.99 42.41 -17.88
CA GLY H 38 -37.17 43.85 -17.84
C GLY H 38 -35.83 44.47 -18.16
N LEU H 39 -35.77 45.22 -19.26
CA LEU H 39 -34.50 45.77 -19.76
C LEU H 39 -34.22 47.23 -19.37
N SER H 40 -32.93 47.59 -19.41
CA SER H 40 -32.50 48.96 -19.19
C SER H 40 -32.66 49.82 -20.44
N THR H 41 -33.15 51.04 -20.25
CA THR H 41 -33.24 52.01 -21.34
C THR H 41 -32.13 53.05 -21.22
N GLU H 42 -31.00 52.64 -20.65
CA GLU H 42 -29.85 53.52 -20.47
C GLU H 42 -28.56 52.79 -20.79
N ALA H 43 -27.60 53.51 -21.34
CA ALA H 43 -26.35 52.93 -21.82
C ALA H 43 -25.29 52.88 -20.73
N SER H 44 -25.34 53.84 -19.82
CA SER H 44 -24.43 53.90 -18.68
C SER H 44 -25.13 54.73 -17.64
N ALA H 45 -25.53 54.08 -16.56
CA ALA H 45 -26.29 54.73 -15.52
C ALA H 45 -26.24 53.98 -14.21
N ALA H 46 -26.41 54.72 -13.14
CA ALA H 46 -26.64 54.13 -11.83
C ALA H 46 -28.14 54.00 -11.62
N ILE H 47 -28.61 52.79 -11.36
CA ILE H 47 -30.01 52.60 -11.01
C ILE H 47 -30.19 53.08 -9.58
N THR H 48 -30.91 54.19 -9.43
CA THR H 48 -31.08 54.80 -8.11
C THR H 48 -32.48 54.59 -7.54
N GLY H 49 -33.40 54.17 -8.41
CA GLY H 49 -34.76 53.83 -8.01
C GLY H 49 -35.35 52.76 -8.90
N LEU H 50 -35.89 51.71 -8.27
CA LEU H 50 -36.45 50.58 -9.00
C LEU H 50 -37.74 50.11 -8.32
N ASP H 51 -38.85 50.71 -8.71
CA ASP H 51 -40.15 50.31 -8.20
C ASP H 51 -40.77 49.30 -9.14
N LEU H 52 -41.07 48.13 -8.59
CA LEU H 52 -41.62 47.03 -9.38
C LEU H 52 -43.01 46.63 -8.86
N GLU H 53 -43.76 47.63 -8.41
CA GLU H 53 -45.10 47.35 -7.90
C GLU H 53 -46.09 47.07 -9.03
N PRO H 54 -46.13 47.96 -10.05
CA PRO H 54 -47.09 47.77 -11.13
C PRO H 54 -46.72 46.61 -12.06
N VAL H 55 -45.55 46.01 -11.83
CA VAL H 55 -45.10 44.82 -12.55
C VAL H 55 -45.79 43.59 -11.96
N ARG H 56 -45.74 43.46 -10.63
CA ARG H 56 -46.40 42.36 -9.93
C ARG H 56 -47.91 42.51 -10.02
N GLU H 57 -48.37 43.75 -9.92
CA GLU H 57 -49.79 44.09 -10.05
C GLU H 57 -50.38 43.74 -11.41
N SER H 58 -49.51 43.68 -12.42
CA SER H 58 -49.91 43.28 -13.77
C SER H 58 -50.49 41.87 -13.74
N PRO H 59 -51.62 41.65 -14.43
CA PRO H 59 -52.34 40.37 -14.36
C PRO H 59 -51.53 39.14 -14.78
N GLY H 60 -51.89 37.98 -14.24
CA GLY H 60 -51.25 36.72 -14.58
C GLY H 60 -49.81 36.57 -14.12
N VAL H 61 -49.23 37.63 -13.54
CA VAL H 61 -47.86 37.60 -13.04
C VAL H 61 -47.75 36.79 -11.75
N ILE H 62 -46.70 35.97 -11.65
CA ILE H 62 -46.58 35.00 -10.55
C ILE H 62 -45.44 35.30 -9.57
N ALA H 63 -44.36 35.90 -10.07
CA ALA H 63 -43.19 36.30 -9.26
C ALA H 63 -42.36 37.31 -10.04
N VAL H 64 -41.60 38.16 -9.34
CA VAL H 64 -40.77 39.19 -9.98
C VAL H 64 -39.38 39.26 -9.29
N PHE H 65 -38.31 39.18 -10.08
CA PHE H 65 -36.94 38.97 -9.53
C PHE H 65 -35.92 40.10 -9.75
N THR H 66 -35.33 40.55 -8.64
CA THR H 66 -34.21 41.49 -8.64
C THR H 66 -32.92 40.69 -8.78
N ALA H 67 -31.79 41.37 -8.92
CA ALA H 67 -30.48 40.73 -8.80
C ALA H 67 -30.25 40.27 -7.37
N ALA H 68 -30.75 41.07 -6.41
CA ALA H 68 -30.64 40.76 -4.98
C ALA H 68 -31.49 39.57 -4.58
N ASP H 69 -32.44 39.21 -5.45
CA ASP H 69 -33.31 38.07 -5.21
C ASP H 69 -32.70 36.75 -5.68
N LEU H 70 -31.56 36.82 -6.36
CA LEU H 70 -30.85 35.60 -6.78
C LEU H 70 -30.19 34.94 -5.58
N PRO H 71 -30.27 33.60 -5.47
CA PRO H 71 -29.81 32.89 -4.29
C PRO H 71 -28.30 32.66 -4.28
N HIS H 72 -27.68 32.59 -5.46
CA HIS H 72 -26.24 32.37 -5.58
C HIS H 72 -25.57 33.20 -6.68
N ASP H 73 -24.78 32.55 -7.53
CA ASP H 73 -23.94 33.24 -8.54
C ASP H 73 -24.72 34.04 -9.60
N ASN H 74 -24.73 35.36 -9.46
CA ASN H 74 -25.27 36.27 -10.48
C ASN H 74 -24.19 36.48 -11.53
N ASP H 75 -23.97 35.45 -12.34
CA ASP H 75 -22.91 35.47 -13.34
C ASP H 75 -23.23 34.47 -14.45
N ALA H 76 -23.10 34.93 -15.69
CA ALA H 76 -23.43 34.13 -16.87
C ALA H 76 -22.46 34.44 -18.00
N SER H 77 -21.21 34.71 -17.65
CA SER H 77 -20.16 35.00 -18.63
C SER H 77 -19.38 33.73 -18.96
N PRO H 78 -18.90 33.59 -20.22
CA PRO H 78 -17.93 32.54 -20.54
C PRO H 78 -16.50 32.92 -20.11
N ALA H 79 -16.30 34.18 -19.75
CA ALA H 79 -15.04 34.64 -19.18
C ALA H 79 -15.06 34.50 -17.66
N PRO H 80 -13.88 34.23 -17.05
CA PRO H 80 -13.70 34.37 -15.60
C PRO H 80 -14.05 35.80 -15.17
N SER H 81 -13.84 36.75 -16.08
CA SER H 81 -14.44 38.08 -16.05
C SER H 81 -15.98 37.91 -16.01
N PRO H 82 -16.61 38.32 -14.89
CA PRO H 82 -18.05 38.05 -14.68
C PRO H 82 -19.00 38.93 -15.52
N GLU H 83 -20.25 38.49 -15.60
CA GLU H 83 -21.29 39.22 -16.29
C GLU H 83 -22.59 38.91 -15.55
N PRO H 84 -23.13 39.90 -14.81
CA PRO H 84 -24.35 39.64 -14.04
C PRO H 84 -25.51 39.28 -14.96
N VAL H 85 -26.33 38.30 -14.56
CA VAL H 85 -27.52 37.95 -15.32
C VAL H 85 -28.51 39.11 -15.20
N LEU H 86 -28.82 39.47 -13.96
CA LEU H 86 -29.60 40.66 -13.68
C LEU H 86 -28.68 41.75 -13.11
N ALA H 87 -28.94 43.00 -13.52
CA ALA H 87 -28.10 44.16 -13.17
C ALA H 87 -27.96 44.38 -11.67
N THR H 88 -26.74 44.76 -11.27
CA THR H 88 -26.47 45.07 -9.87
C THR H 88 -26.34 46.58 -9.67
N GLY H 89 -27.47 47.25 -9.46
CA GLY H 89 -27.51 48.69 -9.16
C GLY H 89 -26.97 49.63 -10.23
N GLU H 90 -26.50 49.08 -11.35
CA GLU H 90 -26.09 49.90 -12.49
C GLU H 90 -26.16 49.15 -13.84
N VAL H 91 -26.29 49.93 -14.92
CA VAL H 91 -26.49 49.38 -16.26
C VAL H 91 -25.44 49.87 -17.24
N HIS H 92 -25.01 48.97 -18.12
CA HIS H 92 -23.88 49.24 -19.02
C HIS H 92 -24.20 49.15 -20.52
N PHE H 93 -25.48 49.03 -20.86
CA PHE H 93 -25.90 49.10 -22.26
C PHE H 93 -27.42 49.08 -22.34
N VAL H 94 -27.98 49.71 -23.37
CA VAL H 94 -29.43 49.73 -23.53
C VAL H 94 -29.89 48.34 -23.93
N GLY H 95 -30.61 47.69 -23.01
CA GLY H 95 -31.04 46.31 -23.17
C GLY H 95 -30.44 45.36 -22.15
N GLN H 96 -29.87 45.89 -21.07
CA GLN H 96 -29.37 45.05 -19.99
C GLN H 96 -30.52 44.64 -19.06
N PRO H 97 -30.69 43.33 -18.89
CA PRO H 97 -31.66 42.82 -17.94
C PRO H 97 -31.39 43.35 -16.53
N ILE H 98 -32.36 44.10 -16.00
CA ILE H 98 -32.30 44.56 -14.62
C ILE H 98 -33.08 43.56 -13.76
N PHE H 99 -34.30 43.24 -14.18
CA PHE H 99 -35.17 42.34 -13.43
C PHE H 99 -35.79 41.24 -14.30
N LEU H 100 -36.52 40.34 -13.64
CA LEU H 100 -37.14 39.19 -14.30
C LEU H 100 -38.58 38.95 -13.81
N VAL H 101 -39.48 38.67 -14.75
CA VAL H 101 -40.89 38.43 -14.44
C VAL H 101 -41.27 36.98 -14.72
N ALA H 102 -41.97 36.36 -13.77
CA ALA H 102 -42.59 35.05 -13.94
C ALA H 102 -44.10 35.25 -14.00
N ALA H 103 -44.72 34.73 -15.05
CA ALA H 103 -46.16 34.91 -15.26
C ALA H 103 -46.83 33.64 -15.74
N THR H 104 -48.17 33.61 -15.70
CA THR H 104 -48.95 32.46 -16.15
C THR H 104 -48.87 32.24 -17.67
N SER H 105 -48.57 33.31 -18.40
CA SER H 105 -48.42 33.25 -19.85
C SER H 105 -47.16 34.00 -20.29
N HIS H 106 -46.72 33.76 -21.53
CA HIS H 106 -45.60 34.50 -22.07
C HIS H 106 -46.02 35.94 -22.34
N ARG H 107 -47.11 36.09 -23.11
CA ARG H 107 -47.70 37.41 -23.36
C ARG H 107 -47.77 38.23 -22.07
N ALA H 108 -48.34 37.62 -21.03
CA ALA H 108 -48.47 38.26 -19.74
C ALA H 108 -47.15 38.80 -19.21
N ALA H 109 -46.11 37.96 -19.26
CA ALA H 109 -44.79 38.31 -18.72
C ALA H 109 -44.16 39.49 -19.44
N ARG H 110 -44.30 39.52 -20.76
CA ARG H 110 -43.75 40.59 -21.61
C ARG H 110 -44.41 41.93 -21.31
N ILE H 111 -45.72 41.89 -21.06
CA ILE H 111 -46.52 43.09 -20.73
C ILE H 111 -46.11 43.67 -19.38
N ALA H 112 -45.91 42.79 -18.40
CA ALA H 112 -45.50 43.20 -17.06
C ALA H 112 -44.14 43.88 -17.07
N ALA H 113 -43.23 43.37 -17.90
CA ALA H 113 -41.88 43.92 -18.04
C ALA H 113 -41.89 45.43 -18.27
N ARG H 114 -42.84 45.89 -19.10
CA ARG H 114 -42.96 47.30 -19.44
C ARG H 114 -43.49 48.13 -18.27
N LYS H 115 -44.23 47.50 -17.36
CA LYS H 115 -44.92 48.22 -16.28
C LYS H 115 -44.01 48.65 -15.11
N ALA H 116 -42.71 48.40 -15.25
CA ALA H 116 -41.69 48.78 -14.25
C ALA H 116 -41.42 50.28 -14.25
N ARG H 117 -41.12 50.84 -13.07
CA ARG H 117 -40.73 52.24 -12.98
C ARG H 117 -39.32 52.39 -12.42
N ILE H 118 -38.39 52.79 -13.28
CA ILE H 118 -36.97 52.80 -12.96
C ILE H 118 -36.40 54.20 -13.15
N THR H 119 -35.83 54.75 -12.09
CA THR H 119 -35.18 56.07 -12.15
C THR H 119 -33.66 55.93 -12.16
N TYR H 120 -33.06 56.19 -13.33
CA TYR H 120 -31.62 56.10 -13.54
C TYR H 120 -30.90 57.44 -13.29
N ALA H 121 -29.72 57.35 -12.68
CA ALA H 121 -28.80 58.49 -12.54
C ALA H 121 -27.67 58.28 -13.55
N PRO H 122 -27.88 58.76 -14.80
CA PRO H 122 -27.01 58.39 -15.93
C PRO H 122 -25.67 59.09 -15.90
N ARG H 123 -24.67 58.40 -16.44
CA ARG H 123 -23.30 58.92 -16.56
C ARG H 123 -22.92 58.88 -18.04
N PRO H 124 -21.82 59.57 -18.41
CA PRO H 124 -21.26 59.46 -19.75
C PRO H 124 -21.15 58.00 -20.20
N ALA H 125 -21.31 57.75 -21.50
CA ALA H 125 -21.24 56.40 -22.02
C ALA H 125 -20.24 56.27 -23.16
N ILE H 126 -19.38 55.26 -23.07
CA ILE H 126 -18.45 54.95 -24.15
C ILE H 126 -19.19 54.21 -25.25
N LEU H 127 -19.31 54.84 -26.43
CA LEU H 127 -20.11 54.27 -27.51
C LEU H 127 -19.36 53.98 -28.81
N THR H 128 -18.52 54.91 -29.27
CA THR H 128 -17.69 54.68 -30.47
C THR H 128 -16.33 54.09 -30.13
N LEU H 129 -15.69 53.47 -31.14
CA LEU H 129 -14.35 52.91 -30.98
C LEU H 129 -13.36 53.98 -30.53
N ASP H 130 -13.34 55.10 -31.27
CA ASP H 130 -12.49 56.26 -30.98
C ASP H 130 -12.63 56.78 -29.56
N GLN H 131 -13.83 56.69 -29.01
CA GLN H 131 -14.11 57.04 -27.62
C GLN H 131 -13.47 56.05 -26.66
N ALA H 132 -13.85 54.77 -26.77
CA ALA H 132 -13.27 53.70 -25.95
C ALA H 132 -11.76 53.80 -25.91
N LEU H 133 -11.18 54.04 -27.08
CA LEU H 133 -9.74 54.16 -27.28
C LEU H 133 -9.19 55.40 -26.55
N ALA H 134 -9.73 56.57 -26.89
CA ALA H 134 -9.29 57.84 -26.30
C ALA H 134 -9.53 57.91 -24.78
N ALA H 135 -10.60 57.28 -24.31
CA ALA H 135 -10.93 57.23 -22.88
C ALA H 135 -10.37 55.99 -22.19
N ASP H 136 -9.64 55.15 -22.96
CA ASP H 136 -8.95 53.96 -22.45
C ASP H 136 -9.89 52.92 -21.81
N SER H 137 -11.08 52.79 -22.38
CA SER H 137 -12.03 51.78 -21.95
C SER H 137 -11.82 50.50 -22.79
N ARG H 138 -11.12 49.52 -22.20
CA ARG H 138 -10.67 48.33 -22.91
C ARG H 138 -10.46 47.10 -22.02
N PHE H 139 -10.39 45.93 -22.63
CA PHE H 139 -10.24 44.67 -21.92
C PHE H 139 -8.80 44.15 -21.89
N GLU H 140 -8.53 43.23 -20.96
CA GLU H 140 -7.22 42.57 -20.80
C GLU H 140 -6.09 43.52 -20.39
N GLY H 141 -6.37 44.82 -20.38
CA GLY H 141 -5.39 45.82 -19.98
C GLY H 141 -4.28 46.01 -21.00
N GLY H 142 -4.60 46.75 -22.06
CA GLY H 142 -3.65 47.07 -23.13
C GLY H 142 -3.96 46.29 -24.40
N PRO H 143 -3.43 46.73 -25.55
CA PRO H 143 -3.60 45.94 -26.77
C PRO H 143 -2.78 44.65 -26.73
N VAL H 144 -2.99 43.78 -27.71
CA VAL H 144 -2.12 42.63 -27.91
C VAL H 144 -1.22 42.93 -29.11
N ILE H 145 0.08 42.65 -28.98
CA ILE H 145 1.03 42.88 -30.07
C ILE H 145 1.85 41.62 -30.38
N TRP H 146 1.70 41.12 -31.61
CA TRP H 146 2.55 40.06 -32.15
C TRP H 146 3.28 40.57 -33.37
N ALA H 147 4.59 40.31 -33.42
CA ALA H 147 5.42 40.77 -34.54
C ALA H 147 6.36 39.67 -35.04
N ARG H 148 6.19 39.29 -36.32
CA ARG H 148 7.06 38.31 -36.97
C ARG H 148 8.09 39.06 -37.82
N GLY H 149 9.32 39.12 -37.32
CA GLY H 149 10.37 39.92 -37.95
C GLY H 149 10.16 41.40 -37.73
N ASP H 150 10.86 42.21 -38.51
CA ASP H 150 10.74 43.67 -38.42
C ASP H 150 10.01 44.24 -39.64
N VAL H 151 8.76 44.64 -39.40
CA VAL H 151 7.90 45.19 -40.45
C VAL H 151 8.33 46.62 -40.79
N GLU H 152 8.46 47.44 -39.75
CA GLU H 152 8.89 48.83 -39.90
C GLU H 152 10.06 48.94 -40.87
N THR H 153 10.98 47.98 -40.81
CA THR H 153 12.14 47.97 -41.68
C THR H 153 11.74 47.65 -43.12
N ALA H 154 10.99 46.57 -43.30
CA ALA H 154 10.59 46.08 -44.61
C ALA H 154 9.92 47.18 -45.45
N LEU H 155 8.88 47.79 -44.88
CA LEU H 155 8.08 48.83 -45.55
C LEU H 155 8.90 50.03 -45.99
N ALA H 156 9.77 50.52 -45.10
CA ALA H 156 10.65 51.65 -45.39
C ALA H 156 11.44 51.41 -46.68
N GLY H 157 11.78 50.15 -46.93
CA GLY H 157 12.53 49.78 -48.12
C GLY H 157 11.75 48.99 -49.16
N ALA H 158 10.43 48.89 -48.97
CA ALA H 158 9.56 48.16 -49.90
C ALA H 158 9.33 48.93 -51.20
N ALA H 159 9.48 48.24 -52.33
CA ALA H 159 9.31 48.86 -53.64
C ALA H 159 7.89 49.40 -53.85
N HIS H 160 6.91 48.68 -53.33
CA HIS H 160 5.52 49.11 -53.37
C HIS H 160 4.85 49.01 -52.01
N LEU H 161 4.35 50.14 -51.54
CA LEU H 161 3.72 50.25 -50.24
C LEU H 161 2.30 50.73 -50.41
N ALA H 162 1.38 50.21 -49.59
CA ALA H 162 -0.01 50.65 -49.63
C ALA H 162 -0.59 50.72 -48.22
N GLU H 163 -1.29 51.83 -47.94
CA GLU H 163 -1.85 52.08 -46.61
C GLU H 163 -3.33 52.45 -46.69
N GLY H 164 -4.10 51.91 -45.76
CA GLY H 164 -5.53 52.23 -45.66
C GLY H 164 -6.07 52.07 -44.26
N CYS H 165 -7.37 52.30 -44.10
CA CYS H 165 -8.03 52.26 -42.80
C CYS H 165 -9.55 52.12 -42.97
N PHE H 166 -10.00 50.91 -43.24
CA PHE H 166 -11.41 50.68 -43.55
C PHE H 166 -12.19 50.02 -42.41
N GLU H 167 -13.49 50.30 -42.35
CA GLU H 167 -14.33 49.78 -41.28
C GLU H 167 -15.07 48.52 -41.69
N ILE H 168 -15.25 47.62 -40.73
CA ILE H 168 -16.09 46.44 -40.93
C ILE H 168 -17.18 46.38 -39.85
N GLY H 169 -18.44 46.46 -40.28
CA GLY H 169 -19.58 46.36 -39.37
C GLY H 169 -19.72 44.97 -38.75
N GLY H 170 -20.56 44.86 -37.72
CA GLY H 170 -20.82 43.58 -37.06
C GLY H 170 -21.75 42.67 -37.84
N GLN H 171 -22.50 41.84 -37.13
CA GLN H 171 -23.48 40.95 -37.75
C GLN H 171 -24.36 40.30 -36.68
N GLU H 172 -25.64 40.61 -36.72
CA GLU H 172 -26.63 39.92 -35.88
C GLU H 172 -26.79 38.50 -36.40
N HIS H 173 -27.02 37.54 -35.51
CA HIS H 173 -27.04 36.13 -35.88
C HIS H 173 -28.27 35.75 -36.70
N PHE H 174 -29.43 36.24 -36.27
CA PHE H 174 -30.72 35.95 -36.90
C PHE H 174 -30.99 34.46 -37.14
N TYR H 175 -30.67 33.64 -36.14
CA TYR H 175 -31.12 32.26 -36.10
C TYR H 175 -32.64 32.25 -35.96
N LEU H 176 -33.32 31.58 -36.90
CA LEU H 176 -34.78 31.54 -36.93
C LEU H 176 -35.43 31.17 -35.58
N GLU H 177 -34.89 30.15 -34.90
CA GLU H 177 -35.29 29.86 -33.53
C GLU H 177 -34.53 30.78 -32.60
N GLY H 178 -35.28 31.52 -31.78
CA GLY H 178 -34.71 32.46 -30.82
C GLY H 178 -34.16 31.75 -29.61
N GLN H 179 -33.46 32.50 -28.77
CA GLN H 179 -32.88 31.97 -27.53
C GLN H 179 -33.99 31.45 -26.61
N ALA H 180 -33.89 30.18 -26.21
CA ALA H 180 -34.97 29.49 -25.50
C ALA H 180 -34.46 28.44 -24.53
N ALA H 181 -35.16 28.32 -23.40
CA ALA H 181 -34.80 27.40 -22.32
C ALA H 181 -36.01 26.97 -21.48
N LEU H 182 -35.88 25.82 -20.84
CA LEU H 182 -36.91 25.27 -19.97
C LEU H 182 -36.28 24.59 -18.75
N ALA H 183 -36.66 25.08 -17.57
CA ALA H 183 -36.16 24.55 -16.30
C ALA H 183 -37.24 23.73 -15.60
N LEU H 184 -36.99 22.42 -15.48
CA LEU H 184 -37.91 21.49 -14.86
C LEU H 184 -37.31 21.05 -13.54
N PRO H 185 -37.95 21.42 -12.41
CA PRO H 185 -37.46 21.02 -11.08
C PRO H 185 -37.61 19.52 -10.84
N ALA H 186 -36.56 18.77 -11.20
CA ALA H 186 -36.51 17.34 -10.92
C ALA H 186 -36.00 17.10 -9.50
N GLU H 187 -36.87 17.42 -8.53
CA GLU H 187 -36.68 17.21 -7.08
C GLU H 187 -35.23 17.09 -6.60
N GLY H 188 -34.77 18.10 -5.87
CA GLY H 188 -33.36 18.17 -5.48
C GLY H 188 -32.56 18.84 -6.58
N GLY H 189 -32.43 18.14 -7.70
CA GLY H 189 -31.79 18.70 -8.90
C GLY H 189 -32.76 19.40 -9.84
N VAL H 190 -32.23 19.95 -10.94
CA VAL H 190 -33.07 20.55 -11.97
C VAL H 190 -32.67 20.13 -13.38
N VAL H 191 -33.65 19.64 -14.15
CA VAL H 191 -33.40 19.32 -15.54
C VAL H 191 -33.62 20.59 -16.38
N ILE H 192 -32.72 20.80 -17.35
CA ILE H 192 -32.78 21.95 -18.24
C ILE H 192 -32.76 21.45 -19.69
N HIS H 193 -33.76 21.88 -20.46
CA HIS H 193 -33.76 21.79 -21.91
C HIS H 193 -33.50 23.20 -22.42
N CYS H 194 -32.80 23.34 -23.55
CA CYS H 194 -32.56 24.66 -24.11
C CYS H 194 -31.98 24.63 -25.52
N SER H 195 -32.16 25.72 -26.25
CA SER H 195 -31.54 25.88 -27.56
C SER H 195 -30.09 26.39 -27.38
N SER H 196 -29.15 25.45 -27.29
CA SER H 196 -27.76 25.76 -26.91
C SER H 196 -26.68 24.94 -27.61
N GLN H 197 -25.57 25.60 -27.95
CA GLN H 197 -24.39 24.91 -28.50
C GLN H 197 -23.49 24.34 -27.41
N HIS H 198 -23.73 24.72 -26.16
CA HIS H 198 -22.83 24.36 -25.07
C HIS H 198 -23.61 23.93 -23.82
N PRO H 199 -24.19 22.72 -23.83
CA PRO H 199 -24.97 22.25 -22.69
C PRO H 199 -24.15 22.14 -21.41
N SER H 200 -22.87 21.79 -21.55
CA SER H 200 -21.94 21.64 -20.43
C SER H 200 -21.78 22.93 -19.61
N GLU H 201 -21.62 24.04 -20.31
CA GLU H 201 -21.52 25.35 -19.68
C GLU H 201 -22.86 25.72 -19.07
N ILE H 202 -23.93 25.43 -19.79
CA ILE H 202 -25.27 25.71 -19.29
C ILE H 202 -25.50 24.98 -17.96
N GLN H 203 -25.07 23.72 -17.91
CA GLN H 203 -25.08 22.93 -16.68
C GLN H 203 -24.29 23.64 -15.58
N HIS H 204 -23.04 23.96 -15.91
CA HIS H 204 -22.12 24.67 -15.03
C HIS H 204 -22.72 25.98 -14.51
N LYS H 205 -23.25 26.78 -15.44
CA LYS H 205 -23.81 28.10 -15.14
C LYS H 205 -25.06 28.05 -14.28
N VAL H 206 -25.97 27.14 -14.63
CA VAL H 206 -27.17 26.93 -13.82
C VAL H 206 -26.73 26.49 -12.43
N ALA H 207 -25.87 25.48 -12.36
CA ALA H 207 -25.39 24.91 -11.09
C ALA H 207 -25.03 26.00 -10.09
N HIS H 208 -24.13 26.91 -10.49
CA HIS H 208 -23.61 27.97 -9.63
C HIS H 208 -24.72 28.89 -9.12
N ALA H 209 -25.61 29.28 -10.03
CA ALA H 209 -26.74 30.15 -9.70
C ALA H 209 -27.69 29.45 -8.73
N LEU H 210 -27.86 28.14 -8.94
CA LEU H 210 -28.76 27.32 -8.13
C LEU H 210 -28.13 26.89 -6.82
N GLY H 211 -26.80 26.83 -6.80
CA GLY H 211 -26.06 26.48 -5.60
C GLY H 211 -25.92 24.99 -5.34
N LEU H 212 -25.98 24.19 -6.40
CA LEU H 212 -25.84 22.74 -6.30
C LEU H 212 -24.68 22.24 -7.16
N ALA H 213 -24.10 21.11 -6.75
CA ALA H 213 -23.01 20.45 -7.46
C ALA H 213 -23.43 20.02 -8.86
N PHE H 214 -22.46 19.90 -9.76
CA PHE H 214 -22.74 19.66 -11.18
C PHE H 214 -23.61 18.43 -11.44
N HIS H 215 -23.50 17.41 -10.60
CA HIS H 215 -24.28 16.18 -10.76
C HIS H 215 -25.76 16.35 -10.43
N ASP H 216 -26.12 17.56 -10.01
CA ASP H 216 -27.53 17.88 -9.73
C ASP H 216 -28.18 18.76 -10.80
N VAL H 217 -27.41 19.04 -11.85
CA VAL H 217 -27.94 19.79 -12.97
C VAL H 217 -27.72 18.98 -14.24
N ARG H 218 -28.84 18.63 -14.89
CA ARG H 218 -28.83 17.80 -16.09
C ARG H 218 -29.42 18.60 -17.25
N VAL H 219 -28.70 18.63 -18.37
CA VAL H 219 -29.10 19.44 -19.51
C VAL H 219 -29.26 18.58 -20.76
N GLU H 220 -30.40 18.76 -21.43
CA GLU H 220 -30.72 18.06 -22.67
C GLU H 220 -30.83 19.05 -23.82
N MET H 221 -30.43 18.60 -25.01
CA MET H 221 -30.40 19.42 -26.21
C MET H 221 -30.49 18.53 -27.45
N ARG H 222 -31.68 18.49 -28.06
CA ARG H 222 -31.93 17.64 -29.24
C ARG H 222 -31.62 18.39 -30.54
N ARG H 223 -32.11 19.64 -30.63
CA ARG H 223 -31.87 20.49 -31.80
C ARG H 223 -31.93 22.00 -31.50
N MET H 224 -31.34 22.78 -32.39
CA MET H 224 -31.48 24.23 -32.41
C MET H 224 -31.95 24.65 -33.81
N GLY H 225 -32.73 25.73 -33.87
CA GLY H 225 -33.14 26.32 -35.14
C GLY H 225 -32.11 27.33 -35.64
N GLY H 226 -30.84 27.03 -35.41
CA GLY H 226 -29.74 27.93 -35.75
C GLY H 226 -28.97 28.41 -34.53
N GLY H 227 -27.64 28.45 -34.65
CA GLY H 227 -26.80 28.88 -33.54
C GLY H 227 -25.75 29.88 -34.00
N PHE H 228 -24.98 29.47 -35.01
CA PHE H 228 -23.96 30.31 -35.67
C PHE H 228 -22.95 31.00 -34.72
N GLY H 229 -22.91 30.52 -33.47
CA GLY H 229 -22.04 31.10 -32.45
C GLY H 229 -22.82 31.93 -31.43
N GLY H 230 -24.06 32.25 -31.77
CA GLY H 230 -24.91 33.06 -30.88
C GLY H 230 -25.44 32.23 -29.73
N LYS H 231 -25.68 30.96 -30.00
CA LYS H 231 -26.15 30.02 -28.98
C LYS H 231 -24.96 29.25 -28.39
N GLN H 232 -23.80 29.88 -28.41
CA GLN H 232 -22.57 29.31 -27.85
C GLN H 232 -22.33 29.75 -26.39
N SER H 233 -22.91 30.88 -26.00
CA SER H 233 -22.81 31.35 -24.64
C SER H 233 -23.94 32.33 -24.28
N GLN H 234 -24.70 32.76 -25.28
CA GLN H 234 -25.83 33.66 -25.03
C GLN H 234 -27.09 32.88 -24.60
N GLY H 235 -26.87 31.71 -24.02
CA GLY H 235 -27.95 30.94 -23.42
C GLY H 235 -27.93 31.01 -21.91
N ASN H 236 -26.72 31.17 -21.35
CA ASN H 236 -26.51 31.23 -19.90
C ASN H 236 -27.54 32.08 -19.19
N HIS H 237 -27.94 33.18 -19.82
CA HIS H 237 -28.90 34.13 -19.26
C HIS H 237 -30.34 33.63 -19.11
N LEU H 238 -30.82 32.82 -20.06
CA LEU H 238 -32.17 32.30 -19.98
C LEU H 238 -32.22 31.06 -19.10
N ALA H 239 -31.22 30.20 -19.25
CA ALA H 239 -31.14 28.93 -18.50
C ALA H 239 -30.96 29.19 -17.01
N ILE H 240 -30.24 30.27 -16.68
CA ILE H 240 -30.15 30.72 -15.30
C ILE H 240 -31.52 31.29 -14.91
N ALA H 241 -32.00 32.28 -15.67
CA ALA H 241 -33.28 32.92 -15.41
C ALA H 241 -34.36 31.89 -15.14
N CYS H 242 -34.40 30.87 -15.99
CA CYS H 242 -35.36 29.79 -15.84
C CYS H 242 -35.20 28.97 -14.56
N ALA H 243 -33.96 28.63 -14.22
CA ALA H 243 -33.69 27.73 -13.10
C ALA H 243 -33.84 28.41 -11.75
N VAL H 244 -33.47 29.69 -11.69
CA VAL H 244 -33.65 30.51 -10.49
C VAL H 244 -35.15 30.72 -10.21
N ALA H 245 -35.90 30.96 -11.28
CA ALA H 245 -37.35 31.15 -11.23
C ALA H 245 -38.09 29.86 -10.87
N ALA H 246 -37.66 28.74 -11.44
CA ALA H 246 -38.22 27.44 -11.15
C ALA H 246 -38.07 27.14 -9.67
N ARG H 247 -36.83 27.21 -9.18
CA ARG H 247 -36.53 27.08 -7.77
C ARG H 247 -37.51 27.85 -6.90
N ALA H 248 -37.54 29.17 -7.07
CA ALA H 248 -38.35 30.07 -6.25
C ALA H 248 -39.85 29.78 -6.33
N THR H 249 -40.34 29.42 -7.51
CA THR H 249 -41.77 29.27 -7.73
C THR H 249 -42.28 27.86 -7.55
N GLY H 250 -41.37 26.89 -7.40
CA GLY H 250 -41.76 25.50 -7.30
C GLY H 250 -42.29 24.91 -8.61
N ARG H 251 -42.71 25.79 -9.51
CA ARG H 251 -43.20 25.40 -10.83
C ARG H 251 -42.05 25.17 -11.82
N PRO H 252 -42.33 24.56 -12.99
CA PRO H 252 -41.33 24.64 -14.05
C PRO H 252 -41.45 25.95 -14.82
N CYS H 253 -40.31 26.54 -15.19
CA CYS H 253 -40.28 27.82 -15.89
C CYS H 253 -39.65 27.73 -17.26
N LYS H 254 -40.34 28.32 -18.24
CA LYS H 254 -39.83 28.44 -19.61
C LYS H 254 -39.60 29.91 -19.95
N MET H 255 -38.60 30.16 -20.79
CA MET H 255 -38.31 31.53 -21.24
C MET H 255 -37.72 31.55 -22.64
N ARG H 256 -38.36 32.32 -23.50
CA ARG H 256 -37.81 32.58 -24.82
C ARG H 256 -37.85 34.08 -25.11
N TYR H 257 -36.89 34.54 -25.90
CA TYR H 257 -36.85 35.91 -26.38
C TYR H 257 -37.74 36.03 -27.61
N ASP H 258 -38.42 37.16 -27.72
CA ASP H 258 -38.97 37.56 -29.01
C ASP H 258 -37.82 38.20 -29.76
N ARG H 259 -37.94 38.28 -31.09
CA ARG H 259 -36.90 38.86 -31.93
C ARG H 259 -36.47 40.23 -31.40
N ASP H 260 -37.44 40.98 -30.89
CA ASP H 260 -37.22 42.31 -30.28
C ASP H 260 -36.39 42.30 -29.01
N ASP H 261 -36.49 41.23 -28.23
CA ASP H 261 -35.61 41.05 -27.08
C ASP H 261 -34.27 40.56 -27.57
N ASP H 262 -34.30 39.49 -28.36
CA ASP H 262 -33.12 38.80 -28.87
C ASP H 262 -32.06 39.78 -29.41
N MET H 263 -32.48 40.69 -30.30
CA MET H 263 -31.56 41.66 -30.89
C MET H 263 -31.02 42.68 -29.88
N VAL H 264 -31.90 43.11 -28.98
CA VAL H 264 -31.56 44.10 -27.96
C VAL H 264 -30.66 43.48 -26.88
N ILE H 265 -31.12 42.38 -26.28
CA ILE H 265 -30.43 41.73 -25.14
C ILE H 265 -29.08 41.10 -25.51
N THR H 266 -29.11 40.10 -26.40
CA THR H 266 -27.89 39.38 -26.75
C THR H 266 -27.09 40.10 -27.83
N GLY H 267 -25.78 39.85 -27.83
CA GLY H 267 -24.82 40.55 -28.70
C GLY H 267 -24.48 39.87 -30.01
N LYS H 268 -23.79 40.61 -30.89
CA LYS H 268 -23.57 40.18 -32.26
C LYS H 268 -22.08 40.01 -32.56
N ARG H 269 -21.75 39.89 -33.85
CA ARG H 269 -20.36 39.75 -34.30
C ARG H 269 -19.58 41.04 -34.04
N HIS H 270 -18.39 40.88 -33.45
CA HIS H 270 -17.48 41.98 -33.17
C HIS H 270 -17.22 42.81 -34.44
N ASP H 271 -17.66 44.08 -34.44
CA ASP H 271 -17.33 44.98 -35.55
C ASP H 271 -15.93 45.59 -35.39
N PHE H 272 -15.15 45.54 -36.45
CA PHE H 272 -13.74 45.93 -36.43
C PHE H 272 -13.53 47.20 -37.26
N ARG H 273 -12.39 47.86 -37.03
CA ARG H 273 -11.80 48.80 -37.98
C ARG H 273 -10.36 48.38 -38.15
N ILE H 274 -9.87 48.38 -39.39
CA ILE H 274 -8.51 47.91 -39.65
C ILE H 274 -7.64 48.96 -40.34
N ARG H 275 -6.52 49.29 -39.70
CA ARG H 275 -5.48 50.08 -40.32
C ARG H 275 -4.48 49.10 -40.91
N TYR H 276 -4.14 49.29 -42.18
CA TYR H 276 -3.17 48.42 -42.83
C TYR H 276 -2.03 49.16 -43.52
N ARG H 277 -0.82 48.69 -43.28
CA ARG H 277 0.36 49.09 -44.05
C ARG H 277 0.94 47.83 -44.66
N ILE H 278 0.87 47.73 -45.98
CA ILE H 278 1.36 46.56 -46.67
C ILE H 278 2.44 46.96 -47.69
N GLY H 279 3.47 46.14 -47.81
CA GLY H 279 4.60 46.42 -48.69
C GLY H 279 5.08 45.21 -49.48
N ALA H 280 5.42 45.43 -50.75
CA ALA H 280 5.93 44.38 -51.63
C ALA H 280 7.13 44.90 -52.43
N ASP H 281 7.68 44.06 -53.31
CA ASP H 281 8.85 44.42 -54.12
C ASP H 281 8.54 44.58 -55.61
N ALA H 282 9.60 44.65 -56.43
CA ALA H 282 9.49 44.76 -57.88
C ALA H 282 8.90 43.51 -58.54
N SER H 283 9.34 42.33 -58.08
CA SER H 283 8.82 41.06 -58.58
C SER H 283 7.39 40.77 -58.12
N GLY H 284 7.00 41.35 -56.97
CA GLY H 284 5.64 41.26 -56.47
C GLY H 284 5.45 40.64 -55.08
N LYS H 285 6.47 39.93 -54.59
CA LYS H 285 6.40 39.26 -53.28
C LYS H 285 6.28 40.28 -52.15
N LEU H 286 5.38 40.01 -51.20
CA LEU H 286 5.19 40.91 -50.05
C LEU H 286 6.45 41.03 -49.21
N LEU H 287 6.73 42.23 -48.73
CA LEU H 287 7.86 42.49 -47.86
C LEU H 287 7.45 42.52 -46.40
N GLY H 288 6.16 42.77 -46.16
CA GLY H 288 5.65 42.86 -44.79
C GLY H 288 4.36 43.62 -44.68
N ALA H 289 3.51 43.19 -43.75
CA ALA H 289 2.22 43.81 -43.52
C ALA H 289 2.02 44.22 -42.06
N ASP H 290 1.68 45.48 -41.84
CA ASP H 290 1.44 46.02 -40.50
C ASP H 290 -0.06 46.22 -40.29
N PHE H 291 -0.60 45.52 -39.29
CA PHE H 291 -2.04 45.53 -38.99
C PHE H 291 -2.39 46.07 -37.60
N VAL H 292 -3.40 46.92 -37.55
CA VAL H 292 -4.01 47.31 -36.29
C VAL H 292 -5.48 46.87 -36.31
N HIS H 293 -5.89 46.11 -35.29
CA HIS H 293 -7.30 45.78 -35.11
C HIS H 293 -7.92 46.60 -33.99
N LEU H 294 -9.09 47.17 -34.27
CA LEU H 294 -9.88 47.84 -33.26
C LEU H 294 -11.25 47.16 -33.22
N ALA H 295 -11.55 46.46 -32.13
CA ALA H 295 -12.74 45.61 -32.07
C ALA H 295 -13.75 45.95 -30.97
N ARG H 296 -15.02 46.03 -31.39
CA ARG H 296 -16.15 46.39 -30.54
C ARG H 296 -16.57 45.21 -29.68
N CYS H 297 -15.94 45.04 -28.52
CA CYS H 297 -16.20 43.89 -27.66
C CYS H 297 -17.51 43.98 -26.87
N GLY H 298 -17.91 45.21 -26.58
CA GLY H 298 -19.14 45.45 -25.82
C GLY H 298 -18.90 45.72 -24.35
N TRP H 299 -20.00 45.81 -23.62
CA TRP H 299 -19.98 46.15 -22.19
C TRP H 299 -19.43 45.02 -21.33
N SER H 300 -19.23 43.84 -21.92
CA SER H 300 -18.79 42.66 -21.18
C SER H 300 -17.84 41.78 -21.98
N ALA H 301 -17.05 40.98 -21.26
CA ALA H 301 -16.03 40.11 -21.85
C ALA H 301 -16.57 39.11 -22.85
N ASP H 302 -17.55 38.31 -22.42
CA ASP H 302 -18.05 37.16 -23.19
C ASP H 302 -16.89 36.36 -23.82
N LEU H 303 -16.84 36.29 -25.15
CA LEU H 303 -15.79 35.57 -25.87
C LEU H 303 -14.85 36.52 -26.63
N SER H 304 -14.82 37.79 -26.23
CA SER H 304 -14.00 38.81 -26.88
C SER H 304 -12.50 38.50 -26.86
N LEU H 305 -12.04 37.88 -25.78
CA LEU H 305 -10.63 37.48 -25.65
C LEU H 305 -10.22 36.48 -26.75
N PRO H 306 -10.85 35.28 -26.78
CA PRO H 306 -10.46 34.33 -27.82
C PRO H 306 -10.83 34.74 -29.25
N VAL H 307 -11.82 35.63 -29.40
CA VAL H 307 -12.26 36.07 -30.72
C VAL H 307 -11.15 36.82 -31.46
N CYS H 308 -10.66 37.92 -30.88
CA CYS H 308 -9.65 38.75 -31.51
C CYS H 308 -8.30 38.04 -31.62
N ASP H 309 -8.18 36.91 -30.93
CA ASP H 309 -7.06 36.01 -31.11
C ASP H 309 -7.17 35.28 -32.45
N ARG H 310 -8.38 34.84 -32.79
CA ARG H 310 -8.61 34.19 -34.07
C ARG H 310 -8.44 35.18 -35.21
N ALA H 311 -8.80 36.43 -34.96
CA ALA H 311 -8.62 37.52 -35.93
C ALA H 311 -7.13 37.74 -36.20
N MET H 312 -6.33 37.82 -35.14
CA MET H 312 -4.90 38.01 -35.26
C MET H 312 -4.26 36.83 -35.96
N LEU H 313 -4.72 35.63 -35.61
CA LEU H 313 -4.26 34.39 -36.23
C LEU H 313 -4.49 34.32 -37.74
N HIS H 314 -5.55 34.98 -38.21
CA HIS H 314 -5.92 34.94 -39.62
C HIS H 314 -5.59 36.23 -40.37
N ALA H 315 -4.78 37.08 -39.74
CA ALA H 315 -4.33 38.33 -40.34
C ALA H 315 -3.29 38.13 -41.44
N ASP H 316 -2.79 36.89 -41.56
CA ASP H 316 -1.92 36.50 -42.68
C ASP H 316 -2.75 36.32 -43.96
N GLY H 317 -4.04 36.09 -43.78
CA GLY H 317 -4.93 35.81 -44.89
C GLY H 317 -4.60 34.43 -45.40
N SER H 318 -4.14 34.37 -46.65
CA SER H 318 -3.79 33.10 -47.28
C SER H 318 -2.36 33.15 -47.82
N TYR H 319 -1.60 34.12 -47.32
CA TYR H 319 -0.34 34.53 -47.94
C TYR H 319 0.84 34.41 -47.00
N PHE H 320 2.00 33.99 -47.54
CA PHE H 320 3.24 34.00 -46.76
C PHE H 320 3.81 35.41 -46.70
N VAL H 321 3.90 35.93 -45.48
CA VAL H 321 4.40 37.28 -45.23
C VAL H 321 5.69 37.17 -44.42
N PRO H 322 6.81 37.72 -44.95
CA PRO H 322 8.12 37.61 -44.31
C PRO H 322 8.17 38.32 -42.96
N ALA H 323 7.53 39.48 -42.90
CA ALA H 323 7.43 40.25 -41.67
C ALA H 323 6.00 40.73 -41.48
N LEU H 324 5.40 40.38 -40.34
CA LEU H 324 3.99 40.72 -40.06
C LEU H 324 3.79 41.12 -38.60
N ARG H 325 3.03 42.19 -38.37
CA ARG H 325 2.75 42.68 -37.01
C ARG H 325 1.31 43.12 -36.83
N ILE H 326 0.60 42.48 -35.91
CA ILE H 326 -0.74 42.93 -35.56
C ILE H 326 -0.73 43.59 -34.18
N GLU H 327 -1.45 44.71 -34.07
CA GLU H 327 -1.64 45.40 -32.80
C GLU H 327 -3.13 45.45 -32.45
N SER H 328 -3.61 44.40 -31.79
CA SER H 328 -5.05 44.14 -31.59
C SER H 328 -5.61 44.75 -30.29
N HIS H 329 -6.67 45.54 -30.44
CA HIS H 329 -7.28 46.24 -29.32
C HIS H 329 -8.65 45.67 -28.93
N ARG H 330 -8.76 45.30 -27.65
CA ARG H 330 -10.00 44.78 -27.08
C ARG H 330 -10.78 45.90 -26.41
N LEU H 331 -11.51 46.68 -27.19
CA LEU H 331 -12.17 47.88 -26.68
C LEU H 331 -13.52 47.61 -26.02
N ARG H 332 -13.72 48.20 -24.83
CA ARG H 332 -15.00 48.09 -24.09
C ARG H 332 -15.90 49.26 -24.46
N THR H 333 -17.15 48.95 -24.79
CA THR H 333 -18.17 49.96 -25.08
C THR H 333 -19.47 49.63 -24.37
N ASN H 334 -20.23 50.68 -24.03
CA ASN H 334 -21.57 50.53 -23.46
C ASN H 334 -22.63 50.08 -24.49
N THR H 335 -22.27 49.06 -25.28
CA THR H 335 -23.18 48.42 -26.22
C THR H 335 -23.19 46.94 -25.90
N GLN H 336 -23.91 46.16 -26.70
CA GLN H 336 -24.06 44.72 -26.48
C GLN H 336 -22.72 44.00 -26.42
N SER H 337 -22.61 43.07 -25.48
CA SER H 337 -21.43 42.21 -25.37
C SER H 337 -21.35 41.28 -26.56
N ASN H 338 -20.38 41.54 -27.43
CA ASN H 338 -20.22 40.77 -28.64
C ASN H 338 -19.72 39.36 -28.36
N THR H 339 -20.26 38.41 -29.10
CA THR H 339 -19.98 37.00 -28.87
C THR H 339 -19.40 36.36 -30.13
N ALA H 340 -19.41 35.03 -30.15
CA ALA H 340 -18.96 34.26 -31.29
C ALA H 340 -19.92 34.40 -32.47
N PHE H 341 -19.38 34.28 -33.68
CA PHE H 341 -20.16 34.14 -34.91
C PHE H 341 -19.31 33.39 -35.93
N ARG H 342 -19.90 32.37 -36.56
CA ARG H 342 -19.28 31.60 -37.65
C ARG H 342 -18.04 32.28 -38.22
N GLY H 343 -16.88 31.71 -37.92
CA GLY H 343 -15.59 32.33 -38.25
C GLY H 343 -14.84 32.81 -37.03
N PHE H 344 -15.61 33.18 -35.99
CA PHE H 344 -15.09 33.47 -34.64
C PHE H 344 -14.01 34.58 -34.57
N GLY H 345 -13.93 35.40 -35.60
CA GLY H 345 -12.90 36.45 -35.68
C GLY H 345 -12.06 36.31 -36.92
N GLY H 346 -12.03 35.08 -37.46
CA GLY H 346 -11.33 34.75 -38.70
C GLY H 346 -11.67 35.63 -39.90
N PRO H 347 -12.98 35.82 -40.18
CA PRO H 347 -13.47 36.70 -41.24
C PRO H 347 -12.90 38.12 -41.19
N GLN H 348 -12.85 38.72 -40.00
CA GLN H 348 -12.37 40.09 -39.85
C GLN H 348 -10.87 40.22 -40.12
N GLY H 349 -10.07 39.35 -39.49
CA GLY H 349 -8.63 39.32 -39.68
C GLY H 349 -8.19 39.00 -41.10
N ALA H 350 -8.93 38.09 -41.76
CA ALA H 350 -8.67 37.72 -43.15
C ALA H 350 -9.02 38.82 -44.13
N LEU H 351 -10.15 39.49 -43.88
CA LEU H 351 -10.60 40.63 -44.69
C LEU H 351 -9.61 41.79 -44.66
N GLY H 352 -9.05 42.05 -43.49
CA GLY H 352 -8.00 43.08 -43.33
C GLY H 352 -6.80 42.85 -44.22
N MET H 353 -6.43 41.58 -44.40
CA MET H 353 -5.39 41.19 -45.34
C MET H 353 -5.88 41.31 -46.79
N GLU H 354 -7.07 40.81 -47.06
CA GLU H 354 -7.66 40.86 -48.41
C GLU H 354 -7.88 42.28 -48.92
N ARG H 355 -8.01 43.23 -47.99
CA ARG H 355 -8.09 44.65 -48.35
C ARG H 355 -6.72 45.23 -48.62
N ALA H 356 -5.76 44.92 -47.73
CA ALA H 356 -4.40 45.40 -47.89
C ALA H 356 -3.78 44.90 -49.18
N ILE H 357 -3.95 43.60 -49.46
CA ILE H 357 -3.40 42.97 -50.67
C ILE H 357 -4.05 43.52 -51.94
N GLU H 358 -5.32 43.91 -51.84
CA GLU H 358 -6.06 44.52 -52.95
C GLU H 358 -5.58 45.95 -53.17
N HIS H 359 -5.51 46.71 -52.10
CA HIS H 359 -5.07 48.11 -52.14
C HIS H 359 -3.65 48.22 -52.70
N LEU H 360 -2.86 47.19 -52.44
CA LEU H 360 -1.50 47.09 -52.95
C LEU H 360 -1.49 46.79 -54.44
N ALA H 361 -2.26 45.77 -54.85
CA ALA H 361 -2.40 45.38 -56.25
C ALA H 361 -2.92 46.51 -57.12
N ARG H 362 -3.97 47.18 -56.64
CA ARG H 362 -4.59 48.29 -57.36
C ARG H 362 -3.60 49.43 -57.54
N GLY H 363 -2.91 49.78 -56.45
CA GLY H 363 -1.99 50.90 -56.41
C GLY H 363 -0.79 50.75 -57.32
N MET H 364 -0.27 49.53 -57.44
CA MET H 364 0.87 49.26 -58.32
C MET H 364 0.46 48.85 -59.73
N GLY H 365 -0.85 48.75 -59.95
CA GLY H 365 -1.40 48.42 -61.28
C GLY H 365 -1.10 46.99 -61.71
N ARG H 366 -1.30 46.05 -60.79
CA ARG H 366 -1.20 44.63 -61.09
C ARG H 366 -2.54 43.97 -60.78
N ASP H 367 -2.83 42.87 -61.47
CA ASP H 367 -4.04 42.09 -61.21
C ASP H 367 -4.01 41.53 -59.78
N PRO H 368 -5.10 41.76 -59.01
CA PRO H 368 -5.19 41.20 -57.67
C PRO H 368 -4.95 39.70 -57.67
N ALA H 369 -5.59 38.99 -58.60
CA ALA H 369 -5.44 37.54 -58.73
C ALA H 369 -4.00 37.13 -59.05
N GLU H 370 -3.30 37.94 -59.84
CA GLU H 370 -1.89 37.70 -60.12
C GLU H 370 -1.05 37.84 -58.86
N LEU H 371 -1.31 38.92 -58.11
CA LEU H 371 -0.57 39.24 -56.89
C LEU H 371 -0.82 38.18 -55.81
N ARG H 372 -2.06 37.74 -55.69
CA ARG H 372 -2.47 36.79 -54.67
C ARG H 372 -1.87 35.40 -54.89
N ALA H 373 -1.95 34.92 -56.13
CA ALA H 373 -1.39 33.62 -56.50
C ALA H 373 0.10 33.60 -56.25
N LEU H 374 0.73 34.76 -56.44
CA LEU H 374 2.18 34.92 -56.27
C LEU H 374 2.60 34.79 -54.81
N ASN H 375 1.63 34.91 -53.90
CA ASN H 375 1.93 34.98 -52.47
C ASN H 375 1.25 33.93 -51.57
N PHE H 376 0.74 32.85 -52.15
CA PHE H 376 0.22 31.76 -51.35
C PHE H 376 1.35 31.00 -50.66
N TYR H 377 1.04 30.34 -49.54
CA TYR H 377 1.97 29.41 -48.92
C TYR H 377 2.28 28.27 -49.88
N ASP H 378 3.54 27.83 -49.89
CA ASP H 378 4.01 26.82 -50.83
C ASP H 378 3.25 25.50 -50.71
N PRO H 379 3.00 24.82 -51.84
CA PRO H 379 2.41 23.48 -51.82
C PRO H 379 3.36 22.45 -51.19
N PRO H 380 2.81 21.39 -50.57
CA PRO H 380 3.66 20.41 -49.88
C PRO H 380 4.48 19.58 -50.86
N GLU H 381 5.66 19.13 -50.42
CA GLU H 381 6.61 18.32 -51.19
C GLU H 381 7.83 19.13 -51.64
N LYS H 398 15.14 21.66 -46.81
CA LYS H 398 14.33 21.03 -45.77
C LYS H 398 13.34 22.01 -45.15
N LYS H 399 13.58 23.31 -45.38
CA LYS H 399 12.81 24.40 -44.78
C LYS H 399 11.40 24.53 -45.37
N THR H 400 10.39 24.51 -44.49
CA THR H 400 9.01 24.79 -44.84
C THR H 400 8.68 26.22 -44.40
N GLN H 401 7.74 26.84 -45.08
CA GLN H 401 7.25 28.17 -44.72
C GLN H 401 6.42 28.12 -43.45
N THR H 402 6.42 29.22 -42.70
CA THR H 402 5.61 29.32 -41.49
C THR H 402 4.67 30.52 -41.54
N THR H 403 3.68 30.51 -40.65
CA THR H 403 2.82 31.66 -40.44
C THR H 403 3.56 32.71 -39.60
N HIS H 404 2.91 33.85 -39.40
CA HIS H 404 3.44 34.91 -38.56
C HIS H 404 3.50 34.47 -37.10
N TYR H 405 2.71 33.45 -36.74
CA TYR H 405 2.78 32.88 -35.40
C TYR H 405 3.66 31.63 -35.34
N GLY H 406 4.48 31.43 -36.37
CA GLY H 406 5.44 30.33 -36.41
C GLY H 406 4.84 28.93 -36.45
N GLN H 407 3.83 28.74 -37.30
CA GLN H 407 3.26 27.41 -37.54
C GLN H 407 3.53 26.98 -38.98
N GLU H 408 4.20 25.85 -39.14
CA GLU H 408 4.50 25.31 -40.45
C GLU H 408 3.23 25.14 -41.26
N VAL H 409 3.24 25.61 -42.49
CA VAL H 409 2.12 25.42 -43.42
C VAL H 409 2.56 24.52 -44.56
N ALA H 410 2.30 23.22 -44.40
CA ALA H 410 2.67 22.22 -45.39
C ALA H 410 1.49 21.32 -45.74
N ASP H 411 0.28 21.85 -45.55
CA ASP H 411 -0.94 21.18 -45.98
C ASP H 411 -1.64 22.02 -47.05
N CYS H 412 -0.89 22.97 -47.61
CA CYS H 412 -1.46 24.02 -48.42
C CYS H 412 -1.67 23.64 -49.87
N VAL H 413 -2.92 23.67 -50.30
CA VAL H 413 -3.29 23.25 -51.66
C VAL H 413 -3.58 24.44 -52.59
N LEU H 414 -3.82 25.61 -52.00
CA LEU H 414 -4.35 26.80 -52.68
C LEU H 414 -3.85 27.07 -54.09
N GLY H 415 -2.59 26.72 -54.36
CA GLY H 415 -2.01 26.87 -55.70
C GLY H 415 -2.87 26.15 -56.71
N GLU H 416 -2.90 24.83 -56.61
CA GLU H 416 -3.69 23.96 -57.48
C GLU H 416 -5.17 24.34 -57.52
N LEU H 417 -5.73 24.60 -56.34
CA LEU H 417 -7.15 24.87 -56.18
C LEU H 417 -7.62 26.10 -56.97
N VAL H 418 -6.98 27.25 -56.72
CA VAL H 418 -7.34 28.52 -57.38
C VAL H 418 -7.23 28.42 -58.90
N THR H 419 -6.16 27.78 -59.38
CA THR H 419 -5.97 27.53 -60.80
C THR H 419 -7.19 26.81 -61.36
N ARG H 420 -7.55 25.70 -60.72
CA ARG H 420 -8.66 24.87 -61.18
C ARG H 420 -9.99 25.63 -61.22
N LEU H 421 -10.27 26.40 -60.17
CA LEU H 421 -11.53 27.16 -60.09
C LEU H 421 -11.63 28.22 -61.19
N GLN H 422 -10.58 29.03 -61.33
CA GLN H 422 -10.50 30.02 -62.40
C GLN H 422 -10.68 29.38 -63.77
N LYS H 423 -10.14 28.16 -63.89
CA LYS H 423 -10.19 27.39 -65.14
C LYS H 423 -11.63 27.00 -65.50
N SER H 424 -12.36 26.49 -64.51
CA SER H 424 -13.74 26.03 -64.71
C SER H 424 -14.74 27.17 -64.71
N ALA H 425 -14.38 28.29 -64.07
CA ALA H 425 -15.25 29.46 -63.97
C ALA H 425 -15.11 30.44 -65.15
N ASN H 426 -14.18 30.13 -66.07
CA ASN H 426 -13.95 30.96 -67.25
C ASN H 426 -13.50 32.36 -66.86
N PHE H 427 -12.53 32.42 -65.94
CA PHE H 427 -12.13 33.66 -65.27
C PHE H 427 -11.46 34.70 -66.15
N THR H 428 -10.57 34.24 -67.04
CA THR H 428 -9.82 35.15 -67.93
C THR H 428 -10.73 35.67 -69.04
N THR H 429 -11.60 34.81 -69.55
CA THR H 429 -12.56 35.20 -70.59
C THR H 429 -13.59 36.19 -70.04
N ARG H 430 -14.19 35.84 -68.89
CA ARG H 430 -15.23 36.67 -68.28
C ARG H 430 -14.75 38.05 -67.84
N ARG H 431 -13.51 38.13 -67.36
CA ARG H 431 -12.93 39.39 -66.92
C ARG H 431 -12.75 40.35 -68.09
N ALA H 432 -12.28 39.82 -69.23
CA ALA H 432 -12.13 40.59 -70.46
C ALA H 432 -13.49 40.85 -71.12
N GLU H 433 -14.45 39.98 -70.82
CA GLU H 433 -15.83 40.13 -71.27
C GLU H 433 -16.55 41.27 -70.53
N ILE H 434 -16.22 41.45 -69.26
CA ILE H 434 -16.75 42.56 -68.44
C ILE H 434 -16.14 43.90 -68.84
N ALA H 435 -14.85 43.89 -69.19
CA ALA H 435 -14.18 45.06 -69.73
C ALA H 435 -14.97 45.65 -70.90
N ALA H 436 -15.40 44.75 -71.80
CA ALA H 436 -16.22 45.09 -72.96
C ALA H 436 -17.60 45.61 -72.56
N TRP H 437 -18.29 44.87 -71.72
CA TRP H 437 -19.61 45.24 -71.19
C TRP H 437 -19.58 46.60 -70.48
N ASN H 438 -18.57 46.81 -69.64
CA ASN H 438 -18.45 48.04 -68.86
C ASN H 438 -18.39 49.29 -69.71
N SER H 439 -17.51 49.29 -70.71
CA SER H 439 -17.32 50.44 -71.61
C SER H 439 -18.59 50.79 -72.38
N THR H 440 -19.43 49.78 -72.64
CA THR H 440 -20.72 49.96 -73.34
C THR H 440 -21.81 50.46 -72.38
N ASN H 441 -21.51 50.51 -71.08
CA ASN H 441 -22.46 51.02 -70.09
C ASN H 441 -22.04 52.36 -69.47
N ARG H 442 -23.04 53.10 -68.98
CA ARG H 442 -22.80 54.38 -68.31
C ARG H 442 -23.53 54.49 -66.97
N THR H 443 -24.50 53.61 -66.75
CA THR H 443 -25.33 53.59 -65.53
C THR H 443 -25.02 52.36 -64.68
N LEU H 444 -24.88 51.21 -65.33
CA LEU H 444 -24.59 49.97 -64.66
C LEU H 444 -23.13 49.61 -64.85
N ALA H 445 -22.49 49.16 -63.79
CA ALA H 445 -21.11 48.66 -63.88
C ALA H 445 -20.98 47.28 -63.24
N ARG H 446 -20.26 46.38 -63.90
CA ARG H 446 -20.06 45.04 -63.37
C ARG H 446 -18.76 44.91 -62.56
N GLY H 447 -18.70 43.87 -61.74
CA GLY H 447 -17.50 43.56 -60.98
C GLY H 447 -17.24 42.06 -60.89
N ILE H 448 -15.97 41.70 -60.73
CA ILE H 448 -15.56 40.31 -60.58
C ILE H 448 -14.23 40.24 -59.82
N ALA H 449 -14.16 39.35 -58.84
CA ALA H 449 -12.93 39.15 -58.07
C ALA H 449 -12.86 37.73 -57.52
N LEU H 450 -11.66 37.34 -57.09
CA LEU H 450 -11.44 36.02 -56.50
C LEU H 450 -10.89 36.16 -55.09
N SER H 451 -11.44 35.39 -54.17
CA SER H 451 -10.99 35.40 -52.78
C SER H 451 -10.58 34.00 -52.33
N PRO H 452 -9.35 33.85 -51.80
CA PRO H 452 -8.93 32.55 -51.25
C PRO H 452 -9.29 32.43 -49.77
N VAL H 453 -9.26 31.20 -49.24
CA VAL H 453 -9.45 30.98 -47.79
C VAL H 453 -8.38 30.08 -47.19
N LYS H 454 -7.74 30.57 -46.14
CA LYS H 454 -6.97 29.72 -45.24
C LYS H 454 -7.51 29.88 -43.81
N PHE H 455 -8.32 28.91 -43.39
CA PHE H 455 -8.92 28.91 -42.07
C PHE H 455 -8.36 27.77 -41.21
N GLY H 456 -7.73 28.11 -40.09
CA GLY H 456 -7.18 27.13 -39.13
C GLY H 456 -8.24 26.37 -38.36
N ILE H 457 -7.96 25.10 -38.07
CA ILE H 457 -8.96 24.21 -37.46
C ILE H 457 -8.57 23.78 -36.05
N SER H 458 -9.41 24.14 -35.07
CA SER H 458 -9.24 23.75 -33.68
C SER H 458 -9.46 24.91 -32.70
N PHE H 459 -9.84 24.61 -31.46
CA PHE H 459 -9.99 25.61 -30.40
C PHE H 459 -8.64 26.24 -30.07
N THR H 460 -8.62 27.57 -29.99
CA THR H 460 -7.42 28.29 -29.59
C THR H 460 -7.09 27.95 -28.14
N LEU H 461 -8.10 27.94 -27.27
CA LEU H 461 -7.95 27.41 -25.91
C LEU H 461 -7.85 25.90 -26.07
N THR H 462 -6.63 25.40 -26.26
CA THR H 462 -6.42 24.07 -26.83
C THR H 462 -6.95 22.88 -26.03
N HIS H 463 -7.04 23.01 -24.70
CA HIS H 463 -7.61 21.94 -23.88
C HIS H 463 -9.09 21.65 -24.20
N LEU H 464 -9.78 22.64 -24.79
CA LEU H 464 -11.16 22.48 -25.25
C LEU H 464 -11.30 21.50 -26.41
N ASN H 465 -10.17 21.00 -26.88
CA ASN H 465 -10.17 20.08 -28.00
C ASN H 465 -10.28 18.62 -27.56
N GLN H 466 -11.38 18.30 -26.88
CA GLN H 466 -11.68 16.94 -26.43
C GLN H 466 -13.14 16.60 -26.73
N ALA H 467 -13.40 15.34 -27.09
CA ALA H 467 -14.75 14.90 -27.47
C ALA H 467 -15.07 13.51 -26.95
N GLY H 468 -16.34 13.30 -26.59
CA GLY H 468 -16.79 12.04 -26.02
C GLY H 468 -18.08 11.50 -26.61
N ALA H 469 -18.18 10.17 -26.66
CA ALA H 469 -19.35 9.48 -27.20
C ALA H 469 -19.81 8.30 -26.33
N LEU H 470 -21.04 7.85 -26.56
CA LEU H 470 -21.66 6.75 -25.81
C LEU H 470 -22.55 5.93 -26.76
N VAL H 471 -22.13 4.71 -27.03
CA VAL H 471 -22.82 3.82 -27.98
C VAL H 471 -23.36 2.59 -27.25
N GLN H 472 -24.65 2.34 -27.40
CA GLN H 472 -25.28 1.14 -26.87
C GLN H 472 -25.59 0.21 -28.04
N ILE H 473 -25.42 -1.08 -27.82
CA ILE H 473 -25.87 -2.07 -28.81
C ILE H 473 -26.92 -2.97 -28.15
N TYR H 474 -28.18 -2.76 -28.50
CA TYR H 474 -29.29 -3.52 -27.93
C TYR H 474 -29.37 -4.94 -28.50
N THR H 475 -30.19 -5.78 -27.88
CA THR H 475 -30.28 -7.21 -28.23
C THR H 475 -30.75 -7.50 -29.67
N ASP H 476 -31.66 -6.66 -30.18
CA ASP H 476 -32.14 -6.76 -31.56
C ASP H 476 -31.10 -6.32 -32.59
N GLY H 477 -29.95 -5.85 -32.11
CA GLY H 477 -28.86 -5.42 -32.96
C GLY H 477 -29.05 -4.03 -33.52
N SER H 478 -29.90 -3.23 -32.88
CA SER H 478 -30.08 -1.84 -33.25
C SER H 478 -29.31 -0.99 -32.25
N VAL H 479 -28.51 -0.05 -32.75
CA VAL H 479 -27.65 0.77 -31.88
C VAL H 479 -28.22 2.14 -31.57
N ALA H 480 -28.00 2.55 -30.33
CA ALA H 480 -28.26 3.90 -29.89
C ALA H 480 -26.92 4.66 -29.90
N LEU H 481 -26.87 5.73 -30.69
CA LEU H 481 -25.68 6.59 -30.76
C LEU H 481 -25.88 7.89 -29.98
N ASN H 482 -24.97 8.19 -29.07
CA ASN H 482 -24.99 9.45 -28.33
C ASN H 482 -23.58 10.03 -28.27
N HIS H 483 -23.46 11.35 -28.48
CA HIS H 483 -22.16 12.03 -28.41
C HIS H 483 -22.23 13.42 -27.79
N GLY H 484 -21.12 14.15 -27.83
CA GLY H 484 -21.02 15.47 -27.19
C GLY H 484 -21.59 16.64 -27.99
N GLY H 485 -21.50 16.53 -29.31
CA GLY H 485 -21.86 17.63 -30.20
C GLY H 485 -23.34 17.83 -30.34
N THR H 486 -23.73 19.05 -30.74
CA THR H 486 -25.12 19.46 -30.80
C THR H 486 -25.56 19.81 -32.22
N GLU H 487 -26.85 19.70 -32.47
CA GLU H 487 -27.40 19.93 -33.81
C GLU H 487 -28.01 21.32 -33.98
N MET H 488 -27.41 22.11 -34.86
CA MET H 488 -27.91 23.44 -35.20
C MET H 488 -28.25 23.50 -36.69
N GLY H 489 -28.15 22.36 -37.36
CA GLY H 489 -28.42 22.31 -38.80
C GLY H 489 -27.23 21.88 -39.66
N GLN H 490 -26.04 21.89 -39.06
CA GLN H 490 -24.80 21.52 -39.77
C GLN H 490 -24.73 20.05 -40.19
N GLY H 491 -25.82 19.32 -39.94
CA GLY H 491 -25.92 17.90 -40.28
C GLY H 491 -24.96 17.00 -39.53
N LEU H 492 -24.65 17.38 -38.29
CA LEU H 492 -23.65 16.69 -37.46
C LEU H 492 -23.98 15.23 -37.16
N HIS H 493 -25.22 14.99 -36.73
CA HIS H 493 -25.67 13.66 -36.37
C HIS H 493 -25.62 12.69 -37.55
N ALA H 494 -26.03 13.17 -38.73
CA ALA H 494 -25.96 12.39 -39.96
C ALA H 494 -24.54 11.89 -40.21
N LYS H 495 -23.59 12.81 -40.10
CA LYS H 495 -22.16 12.50 -40.19
C LYS H 495 -21.70 11.52 -39.10
N MET H 496 -22.28 11.64 -37.90
CA MET H 496 -21.95 10.72 -36.80
C MET H 496 -22.46 9.30 -37.08
N VAL H 497 -23.75 9.19 -37.42
CA VAL H 497 -24.37 7.94 -37.85
C VAL H 497 -23.56 7.27 -38.98
N GLN H 498 -23.16 8.07 -39.97
CA GLN H 498 -22.34 7.58 -41.07
C GLN H 498 -20.99 7.08 -40.59
N VAL H 499 -20.41 7.73 -39.59
CA VAL H 499 -19.17 7.24 -38.98
C VAL H 499 -19.45 5.96 -38.20
N ALA H 500 -20.53 5.97 -37.42
CA ALA H 500 -20.87 4.86 -36.53
C ALA H 500 -21.10 3.56 -37.28
N ALA H 501 -22.04 3.61 -38.23
CA ALA H 501 -22.37 2.46 -39.06
C ALA H 501 -21.19 2.05 -39.91
N ALA H 502 -20.36 3.02 -40.29
CA ALA H 502 -19.13 2.76 -41.02
C ALA H 502 -18.19 1.83 -40.25
N VAL H 503 -17.95 2.15 -38.97
CA VAL H 503 -17.06 1.35 -38.11
C VAL H 503 -17.56 -0.09 -37.90
N LEU H 504 -18.83 -0.22 -37.56
CA LEU H 504 -19.41 -1.53 -37.23
C LEU H 504 -19.74 -2.39 -38.47
N GLY H 505 -19.73 -1.77 -39.64
CA GLY H 505 -20.05 -2.47 -40.88
C GLY H 505 -21.52 -2.78 -41.05
N ILE H 506 -22.37 -1.94 -40.46
CA ILE H 506 -23.82 -2.08 -40.51
C ILE H 506 -24.49 -0.97 -41.33
N ASP H 507 -25.78 -1.14 -41.60
CA ASP H 507 -26.60 -0.11 -42.23
C ASP H 507 -26.77 1.10 -41.30
N PRO H 508 -26.65 2.33 -41.84
CA PRO H 508 -26.96 3.55 -41.09
C PRO H 508 -28.38 3.57 -40.50
N VAL H 509 -29.28 2.82 -41.13
CA VAL H 509 -30.65 2.62 -40.63
C VAL H 509 -30.63 2.04 -39.22
N GLN H 510 -29.75 1.07 -39.01
CA GLN H 510 -29.62 0.39 -37.73
C GLN H 510 -29.10 1.28 -36.61
N VAL H 511 -28.77 2.53 -36.94
CA VAL H 511 -28.25 3.49 -35.96
C VAL H 511 -29.28 4.57 -35.68
N ARG H 512 -29.52 4.83 -34.41
CA ARG H 512 -30.39 5.93 -33.97
C ARG H 512 -29.60 6.99 -33.21
N ILE H 513 -29.97 8.26 -33.38
CA ILE H 513 -29.30 9.34 -32.64
C ILE H 513 -30.08 9.79 -31.40
N THR H 514 -29.42 9.78 -30.25
CA THR H 514 -30.02 10.32 -29.03
C THR H 514 -29.91 11.83 -29.09
N ALA H 515 -30.62 12.50 -28.17
CA ALA H 515 -30.40 13.91 -27.91
C ALA H 515 -29.06 14.08 -27.20
N THR H 516 -28.51 15.29 -27.28
CA THR H 516 -27.27 15.61 -26.58
C THR H 516 -27.59 15.76 -25.10
N ASP H 517 -26.83 15.04 -24.27
CA ASP H 517 -27.10 14.98 -22.85
C ASP H 517 -25.81 15.05 -22.04
N THR H 518 -25.85 15.81 -20.95
CA THR H 518 -24.69 15.99 -20.08
C THR H 518 -24.42 14.77 -19.19
N SER H 519 -25.49 14.03 -18.86
CA SER H 519 -25.38 12.82 -18.05
C SER H 519 -25.11 11.57 -18.89
N LYS H 520 -25.12 11.74 -20.22
CA LYS H 520 -24.74 10.65 -21.11
C LYS H 520 -23.28 10.81 -21.57
N VAL H 521 -22.93 12.00 -22.07
CA VAL H 521 -21.53 12.38 -22.29
C VAL H 521 -21.16 13.67 -21.51
N PRO H 522 -20.24 13.56 -20.55
CA PRO H 522 -19.92 14.67 -19.66
C PRO H 522 -18.74 15.52 -20.10
N ASN H 523 -18.70 16.76 -19.61
CA ASN H 523 -17.57 17.69 -19.80
C ASN H 523 -17.33 18.05 -21.26
N THR H 524 -18.41 18.08 -22.04
CA THR H 524 -18.37 18.51 -23.43
C THR H 524 -17.91 19.98 -23.55
N SER H 525 -17.51 20.39 -24.75
CA SER H 525 -17.18 21.78 -25.03
C SER H 525 -18.41 22.49 -25.58
N ALA H 526 -18.23 23.67 -26.16
CA ALA H 526 -19.28 24.18 -27.01
C ALA H 526 -19.13 23.43 -28.32
N THR H 527 -20.22 23.28 -29.07
CA THR H 527 -20.11 22.79 -30.45
C THR H 527 -19.65 23.99 -31.24
N ALA H 528 -18.34 24.10 -31.42
CA ALA H 528 -17.73 25.34 -31.91
C ALA H 528 -16.36 25.10 -32.54
N ALA H 529 -15.87 26.12 -33.25
CA ALA H 529 -14.56 26.10 -33.93
C ALA H 529 -14.51 25.08 -35.08
N SER H 530 -15.68 24.71 -35.60
CA SER H 530 -15.81 23.72 -36.67
C SER H 530 -15.32 22.33 -36.29
N SER H 531 -14.99 22.14 -35.01
CA SER H 531 -14.42 20.89 -34.51
C SER H 531 -15.45 19.75 -34.43
N GLY H 532 -16.71 20.13 -34.18
CA GLY H 532 -17.83 19.20 -34.00
C GLY H 532 -17.67 17.84 -34.66
N ALA H 533 -17.64 17.84 -35.99
CA ALA H 533 -17.56 16.59 -36.77
C ALA H 533 -16.21 15.86 -36.63
N ASP H 534 -15.12 16.63 -36.56
CA ASP H 534 -13.76 16.09 -36.44
C ASP H 534 -13.58 15.26 -35.17
N MET H 535 -13.88 15.87 -34.03
CA MET H 535 -13.59 15.27 -32.72
C MET H 535 -14.62 14.21 -32.32
N ASN H 536 -15.90 14.54 -32.44
CA ASN H 536 -16.99 13.60 -32.13
C ASN H 536 -16.97 12.41 -33.08
N GLY H 537 -16.63 12.67 -34.34
CA GLY H 537 -16.44 11.58 -35.29
C GLY H 537 -15.49 10.58 -34.69
N MET H 538 -14.32 11.08 -34.27
CA MET H 538 -13.30 10.25 -33.64
C MET H 538 -13.79 9.54 -32.39
N ALA H 539 -14.37 10.29 -31.44
CA ALA H 539 -14.95 9.71 -30.23
C ALA H 539 -15.98 8.62 -30.55
N VAL H 540 -16.84 8.88 -31.53
CA VAL H 540 -17.84 7.90 -32.02
C VAL H 540 -17.12 6.65 -32.53
N LYS H 541 -16.12 6.88 -33.37
CA LYS H 541 -15.29 5.81 -33.91
C LYS H 541 -14.65 4.99 -32.79
N ASP H 542 -14.19 5.67 -31.73
CA ASP H 542 -13.56 5.00 -30.58
C ASP H 542 -14.51 4.01 -29.94
N ALA H 543 -15.63 4.53 -29.45
CA ALA H 543 -16.68 3.72 -28.84
C ALA H 543 -17.05 2.50 -29.70
N CYS H 544 -17.13 2.73 -31.01
CA CYS H 544 -17.56 1.69 -31.94
C CYS H 544 -16.49 0.64 -32.28
N GLU H 545 -15.24 1.07 -32.38
CA GLU H 545 -14.12 0.15 -32.54
C GLU H 545 -14.01 -0.77 -31.32
N THR H 546 -14.16 -0.19 -30.13
CA THR H 546 -14.15 -0.95 -28.87
C THR H 546 -15.18 -2.05 -28.96
N LEU H 547 -16.40 -1.67 -29.31
CA LEU H 547 -17.51 -2.60 -29.43
C LEU H 547 -17.33 -3.57 -30.60
N ARG H 548 -16.84 -3.06 -31.73
CA ARG H 548 -16.50 -3.93 -32.86
C ARG H 548 -15.51 -4.99 -32.42
N GLY H 549 -14.59 -4.61 -31.54
CA GLY H 549 -13.61 -5.51 -30.95
C GLY H 549 -14.22 -6.46 -29.95
N ARG H 550 -15.23 -5.99 -29.21
CA ARG H 550 -15.95 -6.83 -28.25
C ARG H 550 -16.66 -7.97 -28.97
N LEU H 551 -17.25 -7.68 -30.12
CA LEU H 551 -17.88 -8.71 -30.95
C LEU H 551 -16.84 -9.57 -31.68
N ALA H 552 -15.82 -8.93 -32.24
CA ALA H 552 -14.78 -9.60 -33.03
C ALA H 552 -14.01 -10.65 -32.24
N GLY H 553 -13.70 -10.34 -30.99
CA GLY H 553 -12.96 -11.27 -30.12
C GLY H 553 -13.79 -12.50 -29.82
N PHE H 554 -15.07 -12.25 -29.49
CA PHE H 554 -16.05 -13.28 -29.17
C PHE H 554 -16.27 -14.25 -30.34
N VAL H 555 -16.46 -13.70 -31.55
CA VAL H 555 -16.65 -14.50 -32.76
C VAL H 555 -15.46 -15.43 -32.98
N ALA H 556 -14.27 -14.85 -33.03
CA ALA H 556 -13.04 -15.61 -33.29
C ALA H 556 -12.74 -16.67 -32.23
N ALA H 557 -13.09 -16.38 -30.98
CA ALA H 557 -12.94 -17.35 -29.89
C ALA H 557 -13.93 -18.49 -30.08
N ARG H 558 -15.16 -18.13 -30.42
CA ARG H 558 -16.25 -19.08 -30.66
C ARG H 558 -16.05 -19.82 -31.99
N GLU H 559 -15.28 -19.22 -32.90
CA GLU H 559 -15.05 -19.81 -34.22
C GLU H 559 -13.58 -20.19 -34.46
N GLY H 560 -12.75 -20.05 -33.43
CA GLY H 560 -11.35 -20.49 -33.46
C GLY H 560 -10.47 -19.88 -34.54
N CYS H 561 -9.78 -18.79 -34.19
CA CYS H 561 -8.88 -18.07 -35.09
C CYS H 561 -8.65 -16.63 -34.60
N ALA H 562 -7.87 -15.86 -35.36
CA ALA H 562 -7.55 -14.47 -35.01
C ALA H 562 -8.81 -13.62 -35.02
N ALA H 563 -8.95 -12.80 -33.97
CA ALA H 563 -10.05 -11.84 -33.87
C ALA H 563 -9.99 -10.90 -35.06
N ARG H 564 -8.77 -10.47 -35.38
CA ARG H 564 -8.50 -9.57 -36.50
C ARG H 564 -9.10 -10.01 -37.84
N ASP H 565 -9.34 -11.31 -38.02
CA ASP H 565 -9.87 -11.80 -39.30
C ASP H 565 -11.40 -11.96 -39.34
N VAL H 566 -12.07 -11.43 -38.31
CA VAL H 566 -13.53 -11.31 -38.29
C VAL H 566 -13.93 -10.00 -39.01
N ILE H 567 -14.63 -10.13 -40.13
CA ILE H 567 -14.94 -8.98 -41.00
C ILE H 567 -16.38 -8.49 -40.84
N PHE H 568 -16.53 -7.18 -40.59
CA PHE H 568 -17.82 -6.55 -40.34
C PHE H 568 -18.25 -5.69 -41.52
N ASP H 569 -19.20 -6.21 -42.30
CA ASP H 569 -19.64 -5.54 -43.53
C ASP H 569 -21.10 -5.85 -43.87
N ALA H 570 -21.77 -4.86 -44.45
CA ALA H 570 -23.14 -5.00 -44.97
C ALA H 570 -24.12 -5.62 -43.96
N GLY H 571 -24.04 -5.13 -42.73
CA GLY H 571 -24.86 -5.63 -41.63
C GLY H 571 -24.63 -7.10 -41.35
N GLN H 572 -23.47 -7.61 -41.76
CA GLN H 572 -23.15 -9.03 -41.62
C GLN H 572 -21.73 -9.25 -41.10
N VAL H 573 -21.58 -10.30 -40.31
CA VAL H 573 -20.30 -10.67 -39.71
C VAL H 573 -19.71 -11.87 -40.46
N GLN H 574 -18.38 -11.91 -40.56
CA GLN H 574 -17.70 -12.93 -41.35
C GLN H 574 -16.41 -13.41 -40.72
N ALA H 575 -16.33 -14.74 -40.56
CA ALA H 575 -15.15 -15.41 -40.02
C ALA H 575 -15.21 -16.88 -40.39
N SER H 576 -14.02 -17.49 -40.57
CA SER H 576 -13.87 -18.92 -40.86
C SER H 576 -14.54 -19.39 -42.16
N GLY H 577 -14.85 -18.45 -43.04
CA GLY H 577 -15.59 -18.74 -44.27
C GLY H 577 -17.09 -18.90 -44.02
N LYS H 578 -17.55 -18.39 -42.89
CA LYS H 578 -18.96 -18.44 -42.50
C LYS H 578 -19.43 -17.00 -42.32
N SER H 579 -20.75 -16.81 -42.28
CA SER H 579 -21.30 -15.48 -42.05
C SER H 579 -22.60 -15.49 -41.26
N TRP H 580 -22.79 -14.44 -40.48
CA TRP H 580 -24.01 -14.23 -39.71
C TRP H 580 -24.49 -12.81 -39.91
N ARG H 581 -25.79 -12.61 -39.76
CA ARG H 581 -26.31 -11.26 -39.69
C ARG H 581 -25.72 -10.62 -38.44
N PHE H 582 -25.59 -9.30 -38.46
CA PHE H 582 -25.07 -8.58 -37.30
C PHE H 582 -25.78 -9.05 -36.03
N ALA H 583 -27.11 -9.14 -36.10
CA ALA H 583 -27.96 -9.58 -34.99
C ALA H 583 -27.64 -11.01 -34.54
N GLU H 584 -27.32 -11.87 -35.51
CA GLU H 584 -26.95 -13.26 -35.25
C GLU H 584 -25.65 -13.38 -34.47
N ILE H 585 -24.95 -12.28 -34.31
CA ILE H 585 -23.73 -12.23 -33.52
C ILE H 585 -23.97 -11.57 -32.15
N VAL H 586 -24.63 -10.41 -32.17
CA VAL H 586 -24.92 -9.62 -30.96
C VAL H 586 -25.74 -10.37 -29.91
N ALA H 587 -26.78 -11.09 -30.36
CA ALA H 587 -27.62 -11.86 -29.43
C ALA H 587 -26.80 -12.93 -28.72
N ALA H 588 -25.94 -13.62 -29.47
CA ALA H 588 -25.07 -14.66 -28.92
C ALA H 588 -23.99 -14.07 -28.03
N ALA H 589 -23.56 -12.84 -28.34
CA ALA H 589 -22.60 -12.10 -27.53
C ALA H 589 -23.26 -11.61 -26.25
N TYR H 590 -24.57 -11.44 -26.30
CA TYR H 590 -25.37 -11.22 -25.09
C TYR H 590 -25.47 -12.53 -24.32
N MET H 591 -25.68 -13.63 -25.05
CA MET H 591 -25.75 -14.96 -24.46
C MET H 591 -24.47 -15.34 -23.73
N ALA H 592 -23.34 -14.81 -24.20
CA ALA H 592 -22.05 -15.06 -23.54
C ALA H 592 -21.67 -13.93 -22.58
N ARG H 593 -22.64 -13.06 -22.29
CA ARG H 593 -22.47 -11.93 -21.36
C ARG H 593 -21.25 -11.06 -21.66
N ILE H 594 -21.03 -10.79 -22.95
CA ILE H 594 -20.02 -9.86 -23.42
C ILE H 594 -20.74 -8.50 -23.51
N SER H 595 -20.23 -7.49 -22.82
CA SER H 595 -20.88 -6.17 -22.81
C SER H 595 -21.10 -5.59 -24.20
N LEU H 596 -22.14 -4.76 -24.33
CA LEU H 596 -22.42 -4.09 -25.59
C LEU H 596 -22.74 -2.61 -25.37
N SER H 597 -21.82 -1.95 -24.67
CA SER H 597 -21.95 -0.55 -24.33
C SER H 597 -20.54 -0.01 -24.15
N ALA H 598 -20.22 1.06 -24.86
CA ALA H 598 -18.90 1.66 -24.75
C ALA H 598 -18.99 3.16 -24.72
N THR H 599 -18.10 3.78 -23.94
CA THR H 599 -17.84 5.20 -24.06
C THR H 599 -16.80 5.38 -25.17
N GLY H 600 -16.71 6.59 -25.69
CA GLY H 600 -15.71 6.92 -26.72
C GLY H 600 -15.10 8.27 -26.44
N PHE H 601 -13.79 8.41 -26.69
CA PHE H 601 -13.11 9.65 -26.34
C PHE H 601 -12.00 10.00 -27.31
N TYR H 602 -11.91 11.28 -27.64
CA TYR H 602 -10.86 11.79 -28.52
C TYR H 602 -10.42 13.22 -28.17
N ALA H 603 -9.11 13.42 -28.08
CA ALA H 603 -8.50 14.73 -27.87
C ALA H 603 -7.48 15.02 -28.97
N THR H 604 -7.67 16.12 -29.69
CA THR H 604 -6.83 16.48 -30.85
C THR H 604 -5.35 16.59 -30.50
N PRO H 605 -4.48 15.87 -31.23
CA PRO H 605 -3.05 15.91 -30.96
C PRO H 605 -2.37 17.20 -31.48
N LYS H 606 -1.07 17.29 -31.22
CA LYS H 606 -0.15 18.22 -31.91
C LYS H 606 -0.37 19.72 -31.65
N LEU H 607 -1.34 20.04 -30.80
CA LEU H 607 -1.64 21.43 -30.49
C LEU H 607 -0.88 21.92 -29.27
N SER H 608 -0.05 22.94 -29.48
CA SER H 608 0.63 23.62 -28.38
C SER H 608 1.11 25.00 -28.80
N TRP H 609 0.42 26.03 -28.33
CA TRP H 609 0.81 27.40 -28.66
C TRP H 609 0.72 28.35 -27.46
N ASP H 610 1.56 29.39 -27.51
CA ASP H 610 1.66 30.39 -26.47
C ASP H 610 1.00 31.68 -26.93
N ARG H 611 -0.31 31.76 -26.72
CA ARG H 611 -1.14 32.92 -27.07
C ARG H 611 -0.44 34.26 -26.83
N LEU H 612 0.02 34.46 -25.59
CA LEU H 612 0.65 35.71 -25.15
C LEU H 612 1.94 36.01 -25.92
N ARG H 613 2.72 34.97 -26.18
CA ARG H 613 3.94 35.07 -26.98
C ARG H 613 3.62 35.09 -28.48
N GLY H 614 2.42 34.65 -28.84
CA GLY H 614 1.98 34.55 -30.23
C GLY H 614 2.78 33.55 -31.05
N GLN H 615 3.12 32.42 -30.43
CA GLN H 615 4.02 31.43 -31.02
C GLN H 615 3.52 30.01 -30.82
N GLY H 616 3.73 29.16 -31.82
CA GLY H 616 3.41 27.73 -31.70
C GLY H 616 2.45 27.20 -32.74
N ARG H 617 1.89 26.02 -32.46
CA ARG H 617 0.89 25.40 -33.32
C ARG H 617 -0.44 25.29 -32.58
N PRO H 618 -1.34 26.27 -32.77
CA PRO H 618 -2.69 26.22 -32.23
C PRO H 618 -3.65 25.33 -33.02
N PHE H 619 -3.37 25.15 -34.32
CA PHE H 619 -4.23 24.40 -35.22
C PHE H 619 -3.63 23.07 -35.64
N LEU H 620 -4.49 22.09 -35.89
CA LEU H 620 -4.04 20.79 -36.39
C LEU H 620 -3.83 20.85 -37.90
N TYR H 621 -4.62 21.70 -38.57
CA TYR H 621 -4.55 21.88 -40.03
C TYR H 621 -5.36 23.10 -40.50
N PHE H 622 -5.27 23.41 -41.79
CA PHE H 622 -6.01 24.51 -42.39
C PHE H 622 -6.96 24.02 -43.47
N ALA H 623 -8.09 24.69 -43.60
CA ALA H 623 -9.08 24.41 -44.64
C ALA H 623 -8.98 25.44 -45.76
N TYR H 624 -9.03 24.97 -47.00
CA TYR H 624 -8.85 25.86 -48.14
C TYR H 624 -10.09 25.99 -49.01
N GLY H 625 -10.00 26.85 -50.01
CA GLY H 625 -11.11 27.08 -50.93
C GLY H 625 -11.09 28.47 -51.51
N ALA H 626 -11.65 28.62 -52.70
CA ALA H 626 -11.74 29.90 -53.36
C ALA H 626 -13.18 30.18 -53.84
N ALA H 627 -13.46 31.45 -54.10
CA ALA H 627 -14.76 31.87 -54.62
C ALA H 627 -14.59 33.04 -55.57
N ILE H 628 -15.26 32.95 -56.73
CA ILE H 628 -15.26 34.02 -57.73
C ILE H 628 -16.67 34.58 -57.86
N THR H 629 -16.82 35.88 -57.65
CA THR H 629 -18.14 36.52 -57.66
C THR H 629 -18.27 37.59 -58.73
N GLU H 630 -19.39 37.55 -59.45
CA GLU H 630 -19.76 38.60 -60.40
C GLU H 630 -20.91 39.41 -59.79
N VAL H 631 -20.88 40.72 -60.01
CA VAL H 631 -21.89 41.63 -59.45
C VAL H 631 -22.20 42.81 -60.37
N VAL H 632 -23.39 43.37 -60.23
CA VAL H 632 -23.78 44.61 -60.94
C VAL H 632 -24.10 45.75 -59.99
N ILE H 633 -23.62 46.94 -60.33
CA ILE H 633 -23.93 48.13 -59.55
C ILE H 633 -24.62 49.22 -60.40
N ASP H 634 -25.73 49.71 -59.88
CA ASP H 634 -26.42 50.88 -60.45
C ASP H 634 -25.79 52.15 -59.87
N ARG H 635 -25.11 52.90 -60.73
CA ARG H 635 -24.27 54.03 -60.32
C ARG H 635 -25.02 55.24 -59.77
N LEU H 636 -26.32 55.29 -60.00
CA LEU H 636 -27.15 56.42 -59.55
C LEU H 636 -27.59 56.31 -58.09
N THR H 637 -27.88 55.10 -57.64
CA THR H 637 -28.39 54.86 -56.28
C THR H 637 -27.50 53.93 -55.46
N GLY H 638 -26.62 53.19 -56.13
CA GLY H 638 -25.78 52.22 -55.45
C GLY H 638 -26.42 50.84 -55.34
N GLU H 639 -27.64 50.72 -55.86
CA GLU H 639 -28.34 49.44 -55.91
C GLU H 639 -27.48 48.40 -56.64
N ASN H 640 -27.44 47.20 -56.08
CA ASN H 640 -26.50 46.19 -56.54
C ASN H 640 -26.91 44.78 -56.17
N ARG H 641 -26.46 43.81 -56.97
CA ARG H 641 -26.72 42.42 -56.66
C ARG H 641 -25.70 41.46 -57.29
N ILE H 642 -25.59 40.28 -56.70
CA ILE H 642 -24.80 39.18 -57.25
C ILE H 642 -25.41 38.71 -58.58
N LEU H 643 -24.58 38.10 -59.43
CA LEU H 643 -25.07 37.48 -60.65
C LEU H 643 -24.63 36.03 -60.73
N ARG H 644 -23.39 35.76 -60.31
CA ARG H 644 -22.83 34.42 -60.38
C ARG H 644 -21.72 34.18 -59.37
N THR H 645 -21.61 32.94 -58.91
CA THR H 645 -20.53 32.50 -58.03
C THR H 645 -20.02 31.10 -58.45
N ASP H 646 -18.70 30.97 -58.46
CA ASP H 646 -18.08 29.65 -58.58
C ASP H 646 -17.19 29.40 -57.37
N ILE H 647 -17.42 28.27 -56.71
CA ILE H 647 -16.67 27.91 -55.51
C ILE H 647 -15.96 26.56 -55.71
N LEU H 648 -14.75 26.43 -55.17
CA LEU H 648 -14.08 25.13 -55.07
C LEU H 648 -13.46 24.96 -53.68
N HIS H 649 -14.28 24.65 -52.69
CA HIS H 649 -13.84 24.55 -51.29
C HIS H 649 -13.27 23.17 -50.96
N ASP H 650 -12.33 23.14 -50.01
CA ASP H 650 -11.70 21.90 -49.56
C ASP H 650 -12.33 21.35 -48.28
N ALA H 651 -12.97 20.18 -48.42
CA ALA H 651 -13.59 19.49 -47.29
C ALA H 651 -12.82 18.24 -46.91
N GLY H 652 -11.63 18.08 -47.50
CA GLY H 652 -10.84 16.87 -47.35
C GLY H 652 -11.56 15.70 -47.97
N ALA H 653 -11.45 14.54 -47.33
CA ALA H 653 -12.25 13.38 -47.72
C ALA H 653 -13.62 13.51 -47.05
N SER H 654 -14.54 14.16 -47.74
CA SER H 654 -15.85 14.51 -47.20
C SER H 654 -16.58 13.35 -46.52
N LEU H 655 -17.15 13.63 -45.35
CA LEU H 655 -17.96 12.65 -44.64
C LEU H 655 -19.33 12.54 -45.31
N ASN H 656 -19.87 13.68 -45.72
CA ASN H 656 -21.10 13.73 -46.49
C ASN H 656 -21.03 14.81 -47.55
N PRO H 657 -20.69 14.42 -48.79
CA PRO H 657 -20.56 15.36 -49.90
C PRO H 657 -21.77 16.31 -50.02
N ALA H 658 -22.97 15.76 -50.09
CA ALA H 658 -24.17 16.57 -50.23
C ALA H 658 -24.27 17.62 -49.13
N LEU H 659 -24.14 17.17 -47.87
CA LEU H 659 -24.20 18.05 -46.70
C LEU H 659 -23.09 19.11 -46.71
N ASP H 660 -21.89 18.70 -47.13
CA ASP H 660 -20.73 19.59 -47.20
C ASP H 660 -20.94 20.67 -48.26
N ILE H 661 -21.51 20.27 -49.40
CA ILE H 661 -21.85 21.20 -50.47
C ILE H 661 -22.90 22.21 -49.99
N GLY H 662 -23.88 21.70 -49.25
CA GLY H 662 -24.91 22.53 -48.64
C GLY H 662 -24.33 23.58 -47.72
N GLN H 663 -23.55 23.12 -46.73
CA GLN H 663 -22.87 24.01 -45.79
C GLN H 663 -22.22 25.20 -46.52
N ILE H 664 -21.34 24.89 -47.46
CA ILE H 664 -20.67 25.89 -48.28
C ILE H 664 -21.65 26.90 -48.87
N GLU H 665 -22.69 26.42 -49.55
CA GLU H 665 -23.74 27.26 -50.14
C GLU H 665 -24.27 28.30 -49.15
N GLY H 666 -24.65 27.84 -47.96
CA GLY H 666 -25.22 28.71 -46.93
C GLY H 666 -24.19 29.62 -46.28
N ALA H 667 -22.99 29.08 -46.05
CA ALA H 667 -21.88 29.83 -45.48
C ALA H 667 -21.53 31.01 -46.37
N TYR H 668 -21.39 30.75 -47.67
CA TYR H 668 -21.07 31.80 -48.63
C TYR H 668 -22.12 32.91 -48.63
N VAL H 669 -23.39 32.52 -48.62
CA VAL H 669 -24.50 33.47 -48.58
C VAL H 669 -24.43 34.33 -47.32
N GLN H 670 -24.18 33.70 -46.17
CA GLN H 670 -24.10 34.39 -44.89
C GLN H 670 -22.85 35.28 -44.80
N GLY H 671 -21.82 34.91 -45.55
CA GLY H 671 -20.59 35.69 -45.60
C GLY H 671 -20.85 37.00 -46.32
N ALA H 672 -21.45 36.88 -47.51
CA ALA H 672 -21.79 38.02 -48.33
C ALA H 672 -22.83 38.90 -47.62
N GLY H 673 -23.83 38.25 -47.03
CA GLY H 673 -24.87 38.94 -46.25
C GLY H 673 -24.31 39.84 -45.16
N TRP H 674 -23.15 39.45 -44.63
CA TRP H 674 -22.43 40.23 -43.63
C TRP H 674 -21.77 41.45 -44.26
N LEU H 675 -21.38 41.32 -45.52
CA LEU H 675 -20.65 42.38 -46.21
C LEU H 675 -21.51 43.12 -47.25
N THR H 676 -22.81 42.87 -47.25
CA THR H 676 -23.74 43.57 -48.14
C THR H 676 -24.87 44.30 -47.42
N THR H 677 -25.99 43.62 -47.16
CA THR H 677 -27.18 44.31 -46.69
C THR H 677 -27.44 44.22 -45.18
N GLU H 678 -26.63 43.44 -44.48
CA GLU H 678 -26.74 43.36 -43.02
C GLU H 678 -25.94 44.48 -42.37
N GLU H 679 -26.62 45.36 -41.67
CA GLU H 679 -25.93 46.47 -41.02
C GLU H 679 -26.51 46.76 -39.63
N LEU H 680 -25.62 46.90 -38.64
CA LEU H 680 -26.00 47.27 -37.29
C LEU H 680 -25.83 48.76 -37.07
N VAL H 681 -26.89 49.40 -36.55
CA VAL H 681 -26.91 50.85 -36.37
C VAL H 681 -27.42 51.23 -34.98
N TRP H 682 -26.55 51.86 -34.20
CA TRP H 682 -26.93 52.40 -32.89
C TRP H 682 -27.09 53.91 -32.98
N ASP H 683 -28.11 54.44 -32.31
CA ASP H 683 -28.31 55.88 -32.21
C ASP H 683 -27.31 56.49 -31.22
N HIS H 684 -27.42 57.79 -30.99
CA HIS H 684 -26.48 58.55 -30.16
C HIS H 684 -26.51 58.18 -28.66
N CYS H 685 -27.47 57.35 -28.27
CA CYS H 685 -27.61 56.91 -26.88
C CYS H 685 -27.28 55.43 -26.69
N GLY H 686 -26.82 54.79 -27.76
CA GLY H 686 -26.56 53.36 -27.74
C GLY H 686 -27.83 52.52 -27.86
N ARG H 687 -28.87 53.11 -28.42
CA ARG H 687 -30.12 52.38 -28.69
C ARG H 687 -30.05 51.73 -30.05
N LEU H 688 -30.07 50.40 -30.08
CA LEU H 688 -30.00 49.67 -31.34
C LEU H 688 -31.24 49.94 -32.19
N MET H 689 -31.07 50.75 -33.24
CA MET H 689 -32.15 51.12 -34.16
C MET H 689 -32.56 49.96 -35.08
N THR H 690 -31.59 49.09 -35.34
CA THR H 690 -31.82 47.91 -36.16
C THR H 690 -32.05 46.71 -35.26
N HIS H 691 -33.20 46.68 -34.59
CA HIS H 691 -33.52 45.64 -33.60
C HIS H 691 -34.67 44.71 -34.02
N ALA H 692 -35.07 44.79 -35.28
CA ALA H 692 -36.12 43.95 -35.82
C ALA H 692 -35.68 43.39 -37.17
N PRO H 693 -36.40 42.38 -37.71
CA PRO H 693 -36.17 41.97 -39.10
C PRO H 693 -36.58 43.03 -40.13
N SER H 694 -37.43 43.98 -39.73
CA SER H 694 -37.88 45.06 -40.61
C SER H 694 -36.75 46.06 -40.93
N THR H 695 -35.74 46.10 -40.05
CA THR H 695 -34.62 47.05 -40.17
C THR H 695 -33.24 46.39 -40.33
N TYR H 696 -33.07 45.17 -39.82
CA TYR H 696 -31.88 44.36 -40.10
C TYR H 696 -32.21 43.38 -41.23
N LYS H 697 -31.41 43.41 -42.29
CA LYS H 697 -31.83 42.75 -43.55
C LYS H 697 -30.90 41.63 -44.01
N ILE H 698 -31.08 40.42 -43.46
CA ILE H 698 -30.32 39.24 -43.90
C ILE H 698 -30.66 38.85 -45.35
N PRO H 699 -29.79 38.08 -46.02
CA PRO H 699 -30.06 37.71 -47.41
C PRO H 699 -31.37 36.96 -47.56
N ALA H 700 -32.24 37.45 -48.43
CA ALA H 700 -33.56 36.86 -48.65
C ALA H 700 -33.64 36.19 -50.02
N PHE H 701 -34.49 35.16 -50.13
CA PHE H 701 -34.47 34.23 -51.28
C PHE H 701 -33.83 34.74 -52.56
N SER H 702 -34.48 35.69 -53.22
CA SER H 702 -34.04 36.16 -54.53
C SER H 702 -32.63 36.76 -54.54
N ASP H 703 -31.97 36.78 -53.39
CA ASP H 703 -30.59 37.28 -53.27
C ASP H 703 -29.55 36.25 -53.70
N ARG H 704 -29.93 34.97 -53.69
CA ARG H 704 -29.06 33.87 -54.12
C ARG H 704 -28.34 34.18 -55.43
N PRO H 705 -27.02 33.90 -55.49
CA PRO H 705 -26.22 34.07 -56.70
C PRO H 705 -26.88 33.38 -57.88
N ARG H 706 -27.41 34.17 -58.82
CA ARG H 706 -28.23 33.66 -59.92
C ARG H 706 -27.60 32.44 -60.62
N ILE H 707 -26.26 32.37 -60.58
CA ILE H 707 -25.54 31.15 -60.93
C ILE H 707 -24.64 30.75 -59.76
N PHE H 708 -24.79 29.52 -59.28
CA PHE H 708 -24.20 29.10 -58.00
C PHE H 708 -23.42 27.78 -58.11
N ASN H 709 -22.30 27.80 -58.85
CA ASN H 709 -21.52 26.58 -59.07
C ASN H 709 -20.57 26.25 -57.93
N VAL H 710 -21.06 25.48 -56.97
CA VAL H 710 -20.27 25.08 -55.81
C VAL H 710 -19.68 23.69 -56.01
N ALA H 711 -18.35 23.64 -56.07
CA ALA H 711 -17.62 22.39 -56.23
C ALA H 711 -16.85 22.04 -54.95
N LEU H 712 -16.21 20.88 -54.94
CA LEU H 712 -15.46 20.45 -53.78
C LEU H 712 -14.08 19.97 -54.16
N TRP H 713 -13.08 20.40 -53.38
CA TRP H 713 -11.73 19.89 -53.51
C TRP H 713 -11.64 18.56 -52.78
N ASP H 714 -11.62 17.47 -53.55
CA ASP H 714 -11.58 16.12 -52.99
C ASP H 714 -10.16 15.58 -52.98
N GLN H 715 -9.50 15.81 -51.85
CA GLN H 715 -8.16 15.26 -51.57
C GLN H 715 -8.07 15.00 -50.07
N PRO H 716 -7.76 13.74 -49.68
CA PRO H 716 -7.73 13.30 -48.28
C PRO H 716 -6.81 14.17 -47.43
N ASN H 717 -7.22 14.41 -46.19
CA ASN H 717 -6.45 15.23 -45.25
C ASN H 717 -5.12 14.58 -44.86
N ARG H 718 -4.06 15.39 -44.92
CA ARG H 718 -2.71 14.99 -44.53
C ARG H 718 -2.66 14.47 -43.10
N GLU H 719 -3.39 15.14 -42.22
CA GLU H 719 -3.48 14.74 -40.82
C GLU H 719 -4.46 13.58 -40.65
N GLU H 720 -4.36 12.90 -39.52
CA GLU H 720 -5.22 11.75 -39.23
C GLU H 720 -6.56 12.15 -38.61
N THR H 721 -7.32 12.97 -39.34
CA THR H 721 -8.66 13.41 -38.91
C THR H 721 -9.71 12.38 -39.34
N ILE H 722 -10.84 12.35 -38.63
CA ILE H 722 -11.89 11.34 -38.87
C ILE H 722 -12.14 11.03 -40.36
N PHE H 723 -11.77 9.81 -40.77
CA PHE H 723 -11.90 9.35 -42.16
C PHE H 723 -11.33 10.34 -43.17
N ARG H 724 -10.13 10.86 -42.87
CA ARG H 724 -9.38 11.81 -43.71
C ARG H 724 -10.17 13.08 -44.04
N SER H 725 -11.27 13.30 -43.30
CA SER H 725 -12.18 14.42 -43.57
C SER H 725 -11.59 15.77 -43.20
N LYS H 726 -12.41 16.82 -43.29
CA LYS H 726 -11.96 18.17 -42.99
C LYS H 726 -13.12 19.01 -42.47
N ALA H 727 -12.91 19.72 -41.37
CA ALA H 727 -13.93 20.63 -40.82
C ALA H 727 -14.41 21.58 -41.91
N VAL H 728 -15.73 21.69 -42.06
CA VAL H 728 -16.29 22.43 -43.18
C VAL H 728 -17.36 23.46 -42.75
N GLY H 729 -17.42 23.73 -41.45
CA GLY H 729 -18.39 24.68 -40.88
C GLY H 729 -18.11 26.16 -41.12
N GLU H 730 -17.07 26.69 -40.47
CA GLU H 730 -16.68 28.11 -40.58
C GLU H 730 -15.88 28.44 -41.85
N PRO H 731 -14.90 27.58 -42.25
CA PRO H 731 -14.09 27.93 -43.41
C PRO H 731 -14.84 28.59 -44.58
N PRO H 732 -15.93 27.97 -45.08
CA PRO H 732 -16.50 28.55 -46.31
C PRO H 732 -17.33 29.82 -46.10
N PHE H 733 -17.37 30.32 -44.86
CA PHE H 733 -17.99 31.64 -44.59
C PHE H 733 -17.15 32.74 -45.22
N LEU H 734 -15.83 32.62 -45.06
CA LEU H 734 -14.85 33.58 -45.59
C LEU H 734 -14.80 33.65 -47.11
N LEU H 735 -15.57 32.78 -47.78
CA LEU H 735 -15.77 32.86 -49.22
C LEU H 735 -16.58 34.09 -49.62
N GLY H 736 -17.35 34.62 -48.65
CA GLY H 736 -18.19 35.80 -48.86
C GLY H 736 -17.41 37.06 -49.21
N ILE H 737 -16.19 37.14 -48.71
CA ILE H 737 -15.26 38.21 -49.04
C ILE H 737 -15.23 38.43 -50.55
N SER H 738 -15.28 37.32 -51.30
CA SER H 738 -15.36 37.36 -52.76
C SER H 738 -16.37 38.39 -53.28
N ALA H 739 -17.56 38.40 -52.69
CA ALA H 739 -18.64 39.28 -53.12
C ALA H 739 -18.36 40.75 -52.86
N PHE H 740 -17.70 41.02 -51.72
CA PHE H 740 -17.32 42.38 -51.35
C PHE H 740 -16.22 42.89 -52.27
N LEU H 741 -15.20 42.06 -52.45
CA LEU H 741 -14.06 42.40 -53.28
C LEU H 741 -14.47 42.70 -54.72
N ALA H 742 -15.37 41.87 -55.26
CA ALA H 742 -15.91 42.03 -56.60
C ALA H 742 -16.81 43.26 -56.69
N LEU H 743 -17.49 43.56 -55.58
CA LEU H 743 -18.31 44.76 -55.49
C LEU H 743 -17.41 45.99 -55.54
N HIS H 744 -16.28 45.93 -54.84
CA HIS H 744 -15.22 46.95 -54.93
C HIS H 744 -14.65 47.09 -56.35
N ASP H 745 -14.50 45.95 -57.03
CA ASP H 745 -14.00 45.90 -58.41
C ASP H 745 -14.92 46.63 -59.39
N ALA H 746 -16.22 46.60 -59.10
CA ALA H 746 -17.23 47.33 -59.87
C ALA H 746 -17.05 48.83 -59.68
N CYS H 747 -16.72 49.23 -58.45
CA CYS H 747 -16.47 50.62 -58.11
C CYS H 747 -15.21 51.19 -58.73
N ALA H 748 -14.16 50.37 -58.79
CA ALA H 748 -12.91 50.74 -59.44
C ALA H 748 -13.10 51.05 -60.93
N ALA H 749 -14.19 50.55 -61.50
CA ALA H 749 -14.49 50.72 -62.93
C ALA H 749 -15.22 52.03 -63.23
N CYS H 750 -15.43 52.84 -62.20
CA CYS H 750 -16.16 54.11 -62.33
C CYS H 750 -15.24 55.30 -62.47
N GLY H 751 -13.99 55.13 -62.05
CA GLY H 751 -12.99 56.19 -62.15
C GLY H 751 -11.57 55.75 -61.81
N PRO H 752 -10.60 56.65 -62.01
CA PRO H 752 -9.18 56.36 -61.76
C PRO H 752 -8.81 56.30 -60.27
N HIS H 753 -9.71 56.75 -59.41
CA HIS H 753 -9.44 56.84 -57.97
C HIS H 753 -9.75 55.54 -57.20
N TRP H 754 -9.06 55.39 -56.08
CA TRP H 754 -9.33 54.34 -55.11
C TRP H 754 -10.69 54.61 -54.47
N PRO H 755 -11.63 53.66 -54.58
CA PRO H 755 -13.02 53.81 -54.13
C PRO H 755 -13.21 53.87 -52.62
N ASP H 756 -12.34 53.19 -51.87
CA ASP H 756 -12.45 53.07 -50.40
C ASP H 756 -13.85 52.61 -49.92
N LEU H 757 -14.29 51.48 -50.47
CA LEU H 757 -15.58 50.88 -50.12
C LEU H 757 -15.53 50.26 -48.72
N GLN H 758 -16.52 50.64 -47.90
CA GLN H 758 -16.60 50.18 -46.51
C GLN H 758 -17.52 48.97 -46.37
N ALA H 759 -17.32 48.22 -45.29
CA ALA H 759 -18.15 47.05 -44.97
C ALA H 759 -19.06 47.34 -43.76
N PRO H 760 -20.37 47.06 -43.89
CA PRO H 760 -21.02 46.41 -45.02
C PRO H 760 -21.23 47.36 -46.20
N ALA H 761 -21.03 46.85 -47.42
CA ALA H 761 -21.26 47.61 -48.62
C ALA H 761 -22.76 47.65 -48.96
N THR H 762 -23.50 48.40 -48.15
CA THR H 762 -24.92 48.67 -48.39
C THR H 762 -25.02 49.60 -49.61
N PRO H 763 -26.20 49.69 -50.26
CA PRO H 763 -26.34 50.52 -51.47
C PRO H 763 -25.75 51.92 -51.33
N GLU H 764 -25.92 52.52 -50.14
CA GLU H 764 -25.34 53.82 -49.82
C GLU H 764 -23.81 53.78 -49.81
N ALA H 765 -23.26 52.85 -49.05
CA ALA H 765 -21.81 52.64 -48.97
C ALA H 765 -21.20 52.30 -50.32
N VAL H 766 -21.99 51.67 -51.19
CA VAL H 766 -21.58 51.35 -52.57
C VAL H 766 -21.54 52.63 -53.41
N LEU H 767 -22.60 53.42 -53.32
CA LEU H 767 -22.66 54.70 -54.03
C LEU H 767 -21.54 55.66 -53.61
N ALA H 768 -21.25 55.68 -52.30
CA ALA H 768 -20.19 56.52 -51.75
C ALA H 768 -18.82 56.17 -52.34
N ALA H 769 -18.58 54.87 -52.55
CA ALA H 769 -17.36 54.38 -53.19
C ALA H 769 -17.35 54.64 -54.70
N VAL H 770 -18.49 54.41 -55.34
CA VAL H 770 -18.67 54.73 -56.76
C VAL H 770 -18.27 56.19 -57.01
N ARG H 771 -18.75 57.09 -56.15
CA ARG H 771 -18.52 58.52 -56.32
C ARG H 771 -17.11 58.95 -55.93
N ARG H 772 -16.40 58.09 -55.19
CA ARG H 772 -15.00 58.36 -54.85
C ARG H 772 -14.10 58.20 -56.07
N ALA H 773 -14.26 57.10 -56.81
CA ALA H 773 -13.51 56.83 -58.05
C ALA H 773 -13.83 57.87 -59.13
N GLU H 774 -15.11 58.19 -59.25
CA GLU H 774 -15.56 59.32 -60.06
C GLU H 774 -14.86 60.60 -59.61
N GLY H 775 -14.92 60.87 -58.30
CA GLY H 775 -14.27 62.05 -57.71
C GLY H 775 -15.24 63.20 -57.47
N ARG H 776 -16.16 62.99 -56.53
CA ARG H 776 -17.18 64.00 -56.22
C ARG H 776 -17.43 64.13 -54.71
N ALA H 777 -17.68 65.37 -54.27
CA ALA H 777 -17.91 65.72 -52.85
C ALA H 777 -16.84 65.17 -51.89
FE1 FES I . 20.52 2.46 28.13
FE2 FES I . 20.20 -0.52 27.93
S1 FES I . 19.98 1.11 26.49
S2 FES I . 21.10 0.79 29.42
FE1 FES J . 22.70 7.26 17.30
FE2 FES J . 24.74 9.48 16.98
S1 FES J . 24.43 7.56 15.98
S2 FES J . 22.68 9.42 17.73
PA FAD K . 23.13 22.59 7.99
O1A FAD K . 24.60 22.79 8.05
O2A FAD K . 22.55 21.25 8.29
O5B FAD K . 22.62 23.06 6.52
C5B FAD K . 21.43 22.53 5.89
C4B FAD K . 21.19 23.20 4.52
O4B FAD K . 21.18 24.65 4.66
C3B FAD K . 22.31 22.88 3.53
O3B FAD K . 21.79 22.87 2.20
C2B FAD K . 23.27 24.05 3.71
O2B FAD K . 24.01 24.25 2.50
C1B FAD K . 22.30 25.21 3.91
N9A FAD K . 22.86 26.37 4.70
C8A FAD K . 23.21 26.35 5.99
N7A FAD K . 23.64 27.55 6.37
C5A FAD K . 23.57 28.36 5.32
C6A FAD K . 23.87 29.70 5.12
N6A FAD K . 24.35 30.43 6.12
N1A FAD K . 23.67 30.23 3.90
C2A FAD K . 23.19 29.50 2.90
N3A FAD K . 22.89 28.21 3.05
C4A FAD K . 23.07 27.62 4.25
N1 FAD K . 14.71 20.95 12.15
C2 FAD K . 13.72 21.75 12.75
O2 FAD K . 13.25 22.70 12.14
N3 FAD K . 13.28 21.46 14.04
C4 FAD K . 13.83 20.37 14.73
O4 FAD K . 13.44 20.11 15.87
C4X FAD K . 14.83 19.58 14.14
N5 FAD K . 15.35 18.49 14.84
C5X FAD K . 16.37 17.70 14.27
C6 FAD K . 16.90 16.65 15.02
C7 FAD K . 17.90 15.84 14.48
C7M FAD K . 18.45 14.69 15.33
C8 FAD K . 18.38 16.10 13.19
C8M FAD K . 19.49 15.24 12.56
C9 FAD K . 17.84 17.17 12.45
C9A FAD K . 16.84 17.98 12.98
N10 FAD K . 16.27 19.06 12.23
C10 FAD K . 15.27 19.86 12.84
C1' FAD K . 16.71 19.32 10.82
C2' FAD K . 17.26 20.75 10.57
O2' FAD K . 17.12 21.13 9.19
C3' FAD K . 18.73 20.94 10.93
O3' FAD K . 19.11 20.06 12.00
C4' FAD K . 19.04 22.39 11.35
O4' FAD K . 17.85 23.10 11.68
C5' FAD K . 19.79 23.13 10.24
O5' FAD K . 20.83 23.93 10.82
P FAD K . 22.39 23.58 10.54
O1P FAD K . 22.62 22.17 10.94
O2P FAD K . 23.27 24.63 11.08
O3P FAD K . 22.44 23.70 8.94
P XAX L . 15.71 -13.12 32.70
MO XAX L . 11.76 -12.25 26.50
N1 XAX L . 16.26 -5.87 30.67
O1 XAX L . 10.75 -14.04 26.49
C2 XAX L . 17.18 -5.21 29.91
N2 XAX L . 17.96 -4.29 30.52
O2 XAX L . 12.82 -12.82 25.29
N3 XAX L . 17.33 -5.46 28.59
S3 XAX L . 10.40 -11.75 25.05
C4 XAX L . 16.58 -6.38 27.94
O4 XAX L . 16.75 -6.58 26.73
N5 XAX L . 14.68 -8.13 28.13
C6 XAX L . 13.78 -8.81 28.86
C7 XAX L . 13.72 -8.57 30.36
N8 XAX L . 14.53 -7.46 30.88
C9 XAX L . 15.56 -7.13 28.70
C1' XAX L . 13.27 -9.95 28.37
S1' XAX L . 12.42 -10.03 26.94
C10 XAX L . 15.44 -6.82 30.13
O1P XAX L . 14.44 -12.75 33.44
C2' XAX L . 13.46 -11.07 29.08
S2' XAX L . 12.85 -12.51 28.54
O2P XAX L . 16.96 -13.23 33.54
C3' XAX L . 14.23 -10.92 30.31
O3' XAX L . 14.04 -9.75 31.13
O3P XAX L . 15.55 -14.24 31.71
C4' XAX L . 15.26 -11.77 30.51
O4' XAX L . 15.95 -11.83 31.78
BA BA M . 13.03 -5.62 15.60
N1 HPA N . 8.90 -16.50 25.99
C2 HPA N . 9.79 -16.57 24.91
N3 HPA N . 9.77 -17.66 24.05
C4 HPA N . 8.89 -18.69 24.25
C5 HPA N . 8.00 -18.65 25.33
C6 HPA N . 8.02 -17.55 26.21
O6 HPA N . 7.23 -17.51 27.17
N7 HPA N . 7.26 -19.78 25.29
C8 HPA N . 7.65 -20.52 24.22
N9 HPA N . 8.65 -19.84 23.59
FE1 FES O . 58.23 -33.30 12.01
FE2 FES O . 57.10 -32.60 14.71
S1 FES O . 58.82 -31.86 13.55
S2 FES O . 56.24 -33.46 12.91
FE1 FES P . 63.70 -23.42 8.31
FE2 FES P . 63.73 -21.17 6.23
S1 FES P . 63.74 -21.23 8.43
S2 FES P . 64.33 -23.29 6.21
PA FAD Q . 75.52 -15.64 -2.98
O1A FAD Q . 75.28 -16.06 -1.60
O2A FAD Q . 74.40 -15.05 -3.75
O5B FAD Q . 76.72 -14.57 -2.98
C5B FAD Q . 77.85 -14.71 -2.11
C4B FAD Q . 78.92 -13.62 -2.40
O4B FAD Q . 79.40 -13.83 -3.77
C3B FAD Q . 78.35 -12.19 -2.37
O3B FAD Q . 79.34 -11.30 -1.83
C2B FAD Q . 78.07 -11.87 -3.84
O2B FAD Q . 78.20 -10.46 -4.05
C1B FAD Q . 79.21 -12.61 -4.54
N9A FAD Q . 79.02 -13.12 -5.91
C8A FAD Q . 78.06 -13.95 -6.34
N7A FAD Q . 78.24 -14.24 -7.64
C5A FAD Q . 79.33 -13.57 -8.02
C6A FAD Q . 80.03 -13.45 -9.24
N6A FAD Q . 79.60 -14.09 -10.32
N1A FAD Q . 81.13 -12.69 -9.28
C2A FAD Q . 81.57 -12.04 -8.22
N3A FAD Q . 80.94 -12.13 -7.05
C4A FAD Q . 79.82 -12.88 -6.93
N1 FAD Q . 78.83 -23.65 1.53
C2 FAD Q . 79.72 -24.70 1.29
O2 FAD Q . 80.80 -24.45 0.75
N3 FAD Q . 79.37 -26.01 1.68
C4 FAD Q . 78.13 -26.26 2.30
O4 FAD Q . 77.84 -27.41 2.63
C4X FAD Q . 77.24 -25.19 2.53
N5 FAD Q . 76.00 -25.41 3.16
C5X FAD Q . 75.10 -24.35 3.32
C6 FAD Q . 73.85 -24.60 3.87
C7 FAD Q . 72.94 -23.56 4.04
C7M FAD Q . 71.57 -23.87 4.65
C8 FAD Q . 73.29 -22.27 3.65
C8M FAD Q . 72.33 -21.08 3.80
C9 FAD Q . 74.54 -22.02 3.09
C9A FAD Q . 75.45 -23.06 2.93
N10 FAD Q . 76.72 -22.82 2.36
C10 FAD Q . 77.59 -23.90 2.15
C1' FAD Q . 77.10 -21.45 1.93
C2' FAD Q . 77.57 -21.39 0.47
O2' FAD Q . 78.67 -20.48 0.37
C3' FAD Q . 76.47 -20.94 -0.49
O3' FAD Q . 75.35 -21.82 -0.36
C4' FAD Q . 76.94 -20.93 -1.95
O4' FAD Q . 78.19 -21.59 -2.08
C5' FAD Q . 77.08 -19.52 -2.47
O5' FAD Q . 76.52 -19.41 -3.79
P FAD Q . 75.43 -18.27 -4.10
O1P FAD Q . 75.09 -18.33 -5.54
O2P FAD Q . 74.34 -18.38 -3.10
O3P FAD Q . 76.20 -16.88 -3.80
P XAX R . 51.92 -38.32 26.78
MO XAX R . 58.21 -34.88 28.93
N1 XAX R . 56.03 -36.89 20.64
O1 XAX R . 57.95 -35.16 30.95
C2 XAX R . 55.86 -35.84 19.80
N2 XAX R . 55.53 -36.08 18.51
O2 XAX R . 57.78 -33.24 29.08
N3 XAX R . 56.03 -34.56 20.21
S3 XAX R . 60.12 -34.43 29.50
C4 XAX R . 56.36 -34.25 21.48
O4 XAX R . 56.50 -33.06 21.83
N5 XAX R . 56.93 -35.15 23.82
C6 XAX R . 57.19 -36.18 24.63
C7 XAX R . 56.66 -37.53 24.23
N8 XAX R . 56.54 -37.75 22.79
C9 XAX R . 56.56 -35.35 22.44
C1' XAX R . 57.30 -35.92 25.92
S1' XAX R . 58.59 -35.11 26.64
C10 XAX R . 56.37 -36.71 21.94
O1P XAX R . 52.79 -39.56 26.68
C2' XAX R . 56.29 -36.32 26.68
S2' XAX R . 56.30 -36.03 28.31
O2P XAX R . 50.63 -38.34 25.99
C3' XAX R . 55.17 -37.00 26.06
O3' XAX R . 55.38 -37.75 24.82
O3P XAX R . 51.85 -37.75 28.18
C4' XAX R . 53.97 -36.75 26.57
O4' XAX R . 52.77 -37.24 25.95
BA BA S . 65.48 -25.27 24.86
N1 HPA T . 58.49 -35.80 34.26
C2 HPA T . 58.30 -34.54 33.72
N3 HPA T . 58.01 -33.47 34.55
C4 HPA T . 57.91 -33.64 35.90
C5 HPA T . 58.11 -34.91 36.46
C6 HPA T . 58.40 -36.00 35.62
O6 HPA T . 58.58 -37.12 36.10
N7 HPA T . 57.96 -34.80 37.80
C8 HPA T . 57.68 -33.50 38.09
N9 HPA T . 57.65 -32.79 36.92
FE1 FES U . -43.89 1.22 3.76
FE2 FES U . -42.57 0.28 1.22
S1 FES U . -44.66 0.49 1.85
S2 FES U . -41.86 1.45 2.94
FE1 FES V . -54.80 3.95 1.32
FE2 FES V . -57.29 5.77 1.18
S1 FES V . -56.08 4.70 -0.31
S2 FES V . -56.30 4.62 2.79
PA FAD W . -71.78 7.50 6.54
O1A FAD W . -70.87 6.65 5.74
O2A FAD W . -71.66 8.98 6.46
O5B FAD W . -73.30 7.08 6.17
C5B FAD W . -73.68 5.69 6.19
C4B FAD W . -75.12 5.42 5.64
O4B FAD W . -76.07 5.54 6.72
C3B FAD W . -75.67 6.28 4.48
O3B FAD W . -76.56 5.47 3.71
C2B FAD W . -76.46 7.37 5.18
O2B FAD W . -77.61 7.73 4.39
C1B FAD W . -76.92 6.73 6.48
N9A FAD W . -76.77 7.66 7.63
C8A FAD W . -75.63 8.21 8.06
N7A FAD W . -75.89 8.98 9.11
C5A FAD W . -77.19 8.91 9.36
C6A FAD W . -78.03 9.50 10.31
N6A FAD W . -77.52 10.31 11.24
N1A FAD W . -79.35 9.23 10.28
C2A FAD W . -79.86 8.42 9.36
N3A FAD W . -79.09 7.85 8.43
C4A FAD W . -77.76 8.08 8.41
N1 FAD W . -67.76 -1.00 10.63
C2 FAD W . -67.74 -1.82 11.76
O2 FAD W . -68.77 -2.03 12.39
N3 FAD W . -66.53 -2.40 12.17
C4 FAD W . -65.35 -2.15 11.44
O4 FAD W . -64.30 -2.66 11.80
C4X FAD W . -65.39 -1.34 10.31
N5 FAD W . -64.22 -1.09 9.56
C5X FAD W . -64.23 -0.20 8.47
C6 FAD W . -63.04 0.07 7.82
C7 FAD W . -63.02 0.95 6.74
C7M FAD W . -61.70 1.26 6.05
C8 FAD W . -64.22 1.55 6.34
C8M FAD W . -64.24 2.52 5.15
C9 FAD W . -65.42 1.26 6.99
C9A FAD W . -65.43 0.39 8.08
N10 FAD W . -66.62 0.06 8.75
C10 FAD W . -66.58 -0.76 9.90
C1' FAD W . -67.93 0.49 8.21
C2' FAD W . -68.67 1.32 9.25
O2' FAD W . -70.03 0.87 9.35
C3' FAD W . -68.60 2.79 8.88
O3' FAD W . -67.21 3.19 8.86
C4' FAD W . -69.36 3.66 9.88
O4' FAD W . -69.98 2.85 10.87
C5' FAD W . -70.41 4.50 9.18
O5' FAD W . -70.53 5.75 9.85
P FAD W . -70.44 7.15 9.05
O1P FAD W . -70.64 8.25 10.03
O2P FAD W . -69.23 7.15 8.20
O3P FAD W . -71.76 7.03 8.10
P XAX X . -31.60 -7.06 -4.74
MO XAX X . -37.38 -11.13 -6.60
N1 XAX X . -37.20 -4.86 -0.49
O1 XAX X . -36.43 -12.46 -7.84
C2 XAX X . -38.14 -3.89 -0.63
N2 XAX X . -38.21 -2.90 0.28
O2 XAX X . -38.18 -10.51 -7.99
N3 XAX X . -39.04 -3.88 -1.67
S3 XAX X . -38.76 -12.63 -6.40
C4 XAX X . -39.03 -4.83 -2.62
O4 XAX X . -39.85 -4.80 -3.54
N5 XAX X . -37.89 -7.00 -3.44
C6 XAX X . -37.11 -8.05 -3.23
C7 XAX X . -36.00 -7.92 -2.21
N8 XAX X . -36.16 -6.84 -1.24
C9 XAX X . -38.02 -5.91 -2.51
C1' XAX X . -36.96 -8.89 -4.24
S1' XAX X . -38.17 -9.91 -4.77
C10 XAX X . -37.09 -5.87 -1.37
O1P XAX X . -31.62 -7.88 -3.46
C2' XAX X . -35.77 -8.88 -4.85
S2' XAX X . -35.48 -9.87 -6.14
O2P XAX X . -30.68 -5.88 -4.73
C3' XAX X . -34.80 -7.94 -4.30
O3' XAX X . -34.71 -7.81 -2.85
O3P XAX X . -31.61 -7.87 -6.01
C4' XAX X . -34.23 -7.04 -5.12
O4' XAX X . -33.03 -6.33 -4.71
BA BA Y . -49.98 -9.03 -8.19
N1 HPA Z . -35.05 -15.38 -8.98
C2 HPA Z . -35.89 -14.31 -9.31
N3 HPA Z . -36.30 -14.09 -10.62
C4 HPA Z . -35.87 -14.94 -11.60
C5 HPA Z . -35.03 -16.02 -11.30
C6 HPA Z . -34.62 -16.24 -9.98
O6 HPA Z . -33.90 -17.19 -9.70
N7 HPA Z . -34.79 -16.70 -12.46
C8 HPA Z . -35.44 -16.05 -13.45
N9 HPA Z . -36.10 -14.98 -12.94
FE1 FES AA . -33.43 27.70 -42.85
FE2 FES AA . -32.27 26.76 -40.25
S1 FES AA . -33.64 28.39 -40.78
S2 FES AA . -32.72 25.75 -42.15
FE1 FES BA . -41.94 35.64 -38.57
FE2 FES BA . -45.00 35.33 -39.02
S1 FES BA . -43.61 34.75 -37.43
S2 FES BA . -43.31 36.08 -40.23
PA FAD CA . -54.71 47.18 -42.07
O1A FAD CA . -53.41 46.78 -41.50
O2A FAD CA . -55.92 46.36 -41.80
O5B FAD CA . -55.01 48.69 -41.56
C5B FAD CA . -54.06 49.78 -41.64
C4B FAD CA . -54.67 51.11 -41.14
O4B FAD CA . -55.69 51.58 -42.05
C3B FAD CA . -55.36 50.99 -39.77
O3B FAD CA . -55.33 52.26 -39.13
C2B FAD CA . -56.78 50.62 -40.17
O2B FAD CA . -57.68 50.98 -39.14
C1B FAD CA . -57.00 51.50 -41.39
N9A FAD CA . -57.94 51.00 -42.45
C8A FAD CA . -57.96 49.77 -42.97
N7A FAD CA . -58.92 49.70 -43.90
C5A FAD CA . -59.51 50.89 -43.99
C6A FAD CA . -60.54 51.41 -44.76
N6A FAD CA . -61.17 50.65 -45.66
N1A FAD CA . -60.92 52.68 -44.59
C2A FAD CA . -60.31 53.46 -43.70
N3A FAD CA . -59.32 53.00 -42.94
C4A FAD CA . -58.89 51.72 -43.06
N1 FAD CA . -46.43 49.00 -46.45
C2 FAD CA . -46.01 49.60 -47.64
O2 FAD CA . -46.57 50.62 -48.03
N3 FAD CA . -44.97 49.01 -48.38
C4 FAD CA . -44.35 47.83 -47.93
O4 FAD CA . -43.44 47.34 -48.59
C4X FAD CA . -44.78 47.23 -46.72
N5 FAD CA . -44.17 46.06 -46.23
C5X FAD CA . -44.69 45.41 -45.09
C6 FAD CA . -44.16 44.18 -44.69
C7 FAD CA . -44.67 43.54 -43.56
C7M FAD CA . -44.07 42.19 -43.14
C8 FAD CA . -45.71 44.12 -42.83
C8M FAD CA . -46.31 43.45 -41.58
C9 FAD CA . -46.24 45.34 -43.24
C9A FAD CA . -45.73 46.00 -44.37
N10 FAD CA . -46.26 47.24 -44.77
C10 FAD CA . -45.82 47.82 -45.98
C1' FAD CA . -47.26 47.95 -43.92
C2' FAD CA . -48.53 48.32 -44.70
O2' FAD CA . -49.04 49.59 -44.28
C3' FAD CA . -49.65 47.28 -44.58
O3' FAD CA . -49.09 45.96 -44.56
C4' FAD CA . -50.68 47.39 -45.72
O4' FAD CA . -50.17 48.17 -46.80
C5' FAD CA . -51.99 47.99 -45.21
O5' FAD CA . -53.10 47.26 -45.73
P FAD CA . -53.99 46.35 -44.75
O1P FAD CA . -55.17 45.81 -45.48
O2P FAD CA . -53.11 45.41 -44.04
O3P FAD CA . -54.56 47.45 -43.68
P XAX DA . -19.56 21.58 -36.58
MO XAX DA . -19.06 28.57 -34.20
N1 XAX DA . -24.93 25.49 -40.02
O1 XAX DA . -17.22 28.44 -33.26
C2 XAX DA . -26.24 25.65 -39.69
N2 XAX DA . -27.18 25.13 -40.52
O2 XAX DA . -19.86 28.60 -32.70
N3 XAX DA . -26.62 26.29 -38.56
S3 XAX DA . -18.56 30.56 -34.12
C4 XAX DA . -25.73 26.82 -37.68
O4 XAX DA . -26.11 27.41 -36.65
N5 XAX DA . -23.23 27.20 -37.17
C6 XAX DA . -21.93 27.08 -37.49
C7 XAX DA . -21.55 26.25 -38.71
N8 XAX DA . -22.65 25.81 -39.57
C9 XAX DA . -24.29 26.67 -38.00
C1' XAX DA . -21.01 27.27 -36.55
S1' XAX DA . -20.79 28.74 -35.76
C10 XAX DA . -23.95 25.97 -39.24
O1P XAX DA . -18.42 22.14 -37.39
C2' XAX DA . -20.26 26.22 -36.22
S2' XAX DA . -19.09 26.40 -35.05
O2P XAX DA . -20.05 20.21 -36.99
C3' XAX DA . -20.53 24.99 -36.95
O3' XAX DA . -20.76 25.09 -38.38
O3P XAX DA . -19.42 21.75 -35.09
C4' XAX DA . -20.84 23.88 -36.30
O4' XAX DA . -20.76 22.60 -36.97
BA BA EA . -27.60 37.57 -31.24
N1 HPA FA . -15.08 29.16 -31.74
C2 HPA FA . -15.57 29.18 -30.45
N3 HPA FA . -14.69 29.15 -29.37
C4 HPA FA . -13.33 29.09 -29.57
C5 HPA FA . -12.83 29.06 -30.88
C6 HPA FA . -13.71 29.11 -31.96
O6 HPA FA . -13.27 29.08 -33.11
N7 HPA FA . -11.47 29.01 -30.79
C8 HPA FA . -11.14 29.00 -29.48
N9 HPA FA . -12.27 29.05 -28.73
#